data_6U2T
#
_entry.id   6U2T
#
_cell.length_a   103.940
_cell.length_b   140.931
_cell.length_c   376.401
_cell.angle_alpha   90.000
_cell.angle_beta   90.000
_cell.angle_gamma   90.000
#
_symmetry.space_group_name_H-M   'P 21 21 21'
#
loop_
_entity.id
_entity.type
_entity.pdbx_description
1 polymer 'Phosphoenolpyruvate carboxylase'
2 non-polymer D-MALATE
3 non-polymer 'SULFATE ION'
4 non-polymer GLYCEROL
5 water water
#
_entity_poly.entity_id   1
_entity_poly.type   'polypeptide(L)'
_entity_poly.pdbx_seq_one_letter_code
;MASTKAPGPGEKHHSIDAQLRQLVPGKVSEDDKLIEYDALLVDRFLNILQDLHGPSLREFVQECYEVSADYEGKGDTTKL
GELGAKLTGLAPADAILVASSILHMLNLANLAEEVQIAHRRRNSKLKKGGFADEGSATTESDIEETLKRLVSEVGKSPEE
VFEALKNQTVDLVFTAHPTQSARRSLLQKNARIRNCLTQLNAKDITDDDKQELDEALQREIQAAFRTDEIRRAQPTPQDE
MRYGMSYIHETVWKGVPKFLRRVDTALKNIGINERLPYNVSLIRFSSWMGGDRDGNPRVTPEVTRDVCLLARMMAANLYI
DQIEELMFELSMWRCNDELRVRAEELHSSSGSKVTKYYIEFWKQIPPNEPYRVILGHVRDKLYNTRERARHLLASGVSEI
SAESSFTSIEEFLEPLELCYKSLCDCGDKAIADGSLLDLLRQVFTFGLSLVKLDIRQESERHTDVIDAITTHLGIGSYRE
WSEDKRQEWLLSELRGKRPLLPPDLPQTEEIADVIGAFHVLAELPPDSFGPYIISMATAPSDVLAVELLQRECGVRQPLP
VVPLFERLADLQSAPASVERLFSVDWYMDRIKGKQQVMVGYSDSGKDAGRLSAAWQLYRAQEEMAQVAKRYGVKLTLFHG
RGGTVGRGGGPTHLAILSQPPDTINGSIRVTVQGEVIEFCFGEEHLCFQTLQRFTAATLEHGMHPPVSPKPEWRKLMDEM
AVVATEEYRSVVVKEARFVEYFRSATPETEYGRMNIGSRPAKRRPGGGITTLRAIPWIFSWTQTRFHLPVWLGVGAAFKF
AIDKDVRNFQVLKEMYNEWPFFRVTLDLLEMVFAKGDPGIAGLYDELLVAEELKPFGKQLRDKYVETQQLLLQIAGHKDI
LEGDPFLKQGLVLRNPYITTLNVFQAYTLKRIRDPNFKVTPQPPLSKEFADENKPAGLVKLNPASEYPPGLEDTLILTMK
GIAAGMQNTG
;
_entity_poly.pdbx_strand_id   A,B,C,D
#
loop_
_chem_comp.id
_chem_comp.type
_chem_comp.name
_chem_comp.formula
GOL non-polymer GLYCEROL 'C3 H8 O3'
MLT non-polymer D-MALATE 'C4 H6 O5'
SO4 non-polymer 'SULFATE ION' 'O4 S -2'
#
# COMPACT_ATOMS: atom_id res chain seq x y z
N LYS A 12 -27.21 -17.26 54.05
CA LYS A 12 -27.67 -16.43 52.93
C LYS A 12 -28.22 -15.07 53.41
N HIS A 13 -28.39 -14.89 54.72
CA HIS A 13 -29.20 -13.78 55.18
C HIS A 13 -28.42 -12.68 55.89
N HIS A 14 -27.68 -12.97 56.96
CA HIS A 14 -27.08 -11.94 57.78
C HIS A 14 -25.97 -11.17 57.06
N SER A 15 -25.75 -9.92 57.51
CA SER A 15 -24.69 -9.04 57.04
C SER A 15 -23.36 -9.36 57.73
N ILE A 16 -22.27 -8.90 57.11
CA ILE A 16 -20.94 -9.14 57.68
C ILE A 16 -20.48 -7.99 58.56
N ASP A 17 -21.30 -6.96 58.77
CA ASP A 17 -20.83 -5.79 59.50
C ASP A 17 -20.82 -5.99 61.01
N ALA A 18 -21.64 -6.89 61.53
CA ALA A 18 -21.56 -7.24 62.96
C ALA A 18 -20.15 -7.68 63.31
N GLN A 19 -19.56 -8.55 62.50
CA GLN A 19 -18.21 -9.01 62.77
C GLN A 19 -17.20 -7.88 62.67
N LEU A 20 -17.43 -6.91 61.78
CA LEU A 20 -16.47 -5.81 61.66
C LEU A 20 -16.55 -4.87 62.87
N ARG A 21 -17.76 -4.62 63.37
CA ARG A 21 -17.89 -3.73 64.53
C ARG A 21 -17.23 -4.33 65.77
N GLN A 22 -17.18 -5.66 65.85
CA GLN A 22 -16.44 -6.29 66.96
C GLN A 22 -14.95 -5.97 66.88
N LEU A 23 -14.44 -5.76 65.67
CA LEU A 23 -13.01 -5.48 65.46
C LEU A 23 -12.69 -4.04 65.82
N VAL A 24 -13.49 -3.10 65.31
CA VAL A 24 -13.31 -1.68 65.56
C VAL A 24 -14.60 -1.12 66.14
N PRO A 25 -14.79 -1.12 67.44
CA PRO A 25 -15.94 -0.40 68.00
C PRO A 25 -15.71 1.10 67.97
N GLY A 26 -16.46 1.81 67.13
CA GLY A 26 -16.37 3.26 67.17
C GLY A 26 -15.78 3.83 65.90
N LYS A 27 -16.22 5.03 65.54
CA LYS A 27 -15.71 5.73 64.38
C LYS A 27 -14.42 6.46 64.72
N VAL A 28 -13.49 6.48 63.76
CA VAL A 28 -12.25 7.25 63.90
C VAL A 28 -12.43 8.71 63.52
N SER A 29 -13.49 9.03 62.79
CA SER A 29 -13.81 10.41 62.42
C SER A 29 -15.32 10.50 62.34
N GLU A 30 -15.82 11.72 62.18
CA GLU A 30 -17.26 11.84 61.95
C GLU A 30 -17.64 11.19 60.63
N ASP A 31 -16.90 11.48 59.56
CA ASP A 31 -17.25 10.94 58.25
C ASP A 31 -16.67 9.55 58.03
N ASP A 32 -16.34 8.83 59.10
CA ASP A 32 -15.92 7.44 58.99
C ASP A 32 -17.11 6.59 58.53
N LYS A 33 -16.98 6.00 57.35
CA LYS A 33 -17.98 5.06 56.83
C LYS A 33 -17.33 3.79 56.32
N LEU A 34 -16.13 3.45 56.81
CA LEU A 34 -15.37 2.34 56.24
C LEU A 34 -16.07 1.01 56.46
N ILE A 35 -16.66 0.81 57.64
CA ILE A 35 -17.36 -0.45 57.89
C ILE A 35 -18.63 -0.54 57.07
N GLU A 36 -19.35 0.58 56.94
CA GLU A 36 -20.51 0.61 56.04
C GLU A 36 -20.12 0.21 54.63
N TYR A 37 -19.02 0.79 54.13
CA TYR A 37 -18.57 0.49 52.77
C TYR A 37 -18.15 -0.98 52.64
N ASP A 38 -17.37 -1.48 53.60
CA ASP A 38 -16.95 -2.87 53.58
C ASP A 38 -18.16 -3.81 53.54
N ALA A 39 -19.20 -3.48 54.32
CA ALA A 39 -20.39 -4.31 54.34
C ALA A 39 -21.14 -4.23 53.01
N LEU A 40 -21.29 -3.03 52.46
CA LEU A 40 -22.00 -2.85 51.20
C LEU A 40 -21.37 -3.71 50.10
N LEU A 41 -20.05 -3.66 49.96
CA LEU A 41 -19.38 -4.42 48.90
C LEU A 41 -19.43 -5.91 49.17
N VAL A 42 -19.08 -6.33 50.39
CA VAL A 42 -18.94 -7.76 50.66
C VAL A 42 -20.30 -8.45 50.69
N ASP A 43 -21.31 -7.81 51.29
CA ASP A 43 -22.65 -8.39 51.30
C ASP A 43 -23.14 -8.64 49.87
N ARG A 44 -22.92 -7.68 48.98
CA ARG A 44 -23.31 -7.87 47.59
C ARG A 44 -22.49 -8.96 46.92
N PHE A 45 -21.19 -9.03 47.22
CA PHE A 45 -20.37 -10.12 46.68
C PHE A 45 -20.91 -11.47 47.09
N LEU A 46 -21.21 -11.63 48.38
CA LEU A 46 -21.68 -12.92 48.88
C LEU A 46 -23.01 -13.31 48.24
N ASN A 47 -23.88 -12.32 48.01
CA ASN A 47 -25.13 -12.60 47.31
C ASN A 47 -24.87 -13.06 45.87
N ILE A 48 -23.88 -12.46 45.21
CA ILE A 48 -23.48 -12.92 43.88
C ILE A 48 -22.94 -14.33 43.96
N LEU A 49 -22.07 -14.59 44.95
CA LEU A 49 -21.53 -15.93 45.16
C LEU A 49 -22.64 -16.96 45.25
N GLN A 50 -23.66 -16.67 46.07
CA GLN A 50 -24.76 -17.61 46.24
C GLN A 50 -25.56 -17.78 44.96
N ASP A 51 -25.85 -16.69 44.26
CA ASP A 51 -26.60 -16.77 43.02
C ASP A 51 -25.88 -17.67 42.01
N LEU A 52 -24.56 -17.62 42.00
CA LEU A 52 -23.78 -18.34 41.01
C LEU A 52 -23.43 -19.76 41.44
N HIS A 53 -23.20 -19.99 42.73
CA HIS A 53 -22.66 -21.26 43.19
C HIS A 53 -23.47 -21.91 44.31
N GLY A 54 -24.65 -21.38 44.63
CA GLY A 54 -25.52 -22.01 45.59
C GLY A 54 -25.35 -21.47 46.99
N PRO A 55 -26.33 -21.73 47.85
CA PRO A 55 -26.25 -21.16 49.20
C PRO A 55 -25.16 -21.79 50.04
N SER A 56 -24.99 -23.11 49.97
CA SER A 56 -24.09 -23.80 50.90
C SER A 56 -22.68 -23.22 50.90
N LEU A 57 -22.11 -23.01 49.70
CA LEU A 57 -20.74 -22.49 49.64
C LEU A 57 -20.69 -21.03 50.09
N ARG A 58 -21.75 -20.27 49.81
CA ARG A 58 -21.82 -18.90 50.33
C ARG A 58 -21.74 -18.91 51.84
N GLU A 59 -22.50 -19.79 52.49
CA GLU A 59 -22.46 -19.86 53.95
C GLU A 59 -21.13 -20.39 54.45
N PHE A 60 -20.55 -21.36 53.73
CA PHE A 60 -19.19 -21.80 54.07
C PHE A 60 -18.22 -20.64 54.04
N VAL A 61 -18.25 -19.86 52.96
CA VAL A 61 -17.32 -18.75 52.80
C VAL A 61 -17.51 -17.72 53.90
N GLN A 62 -18.78 -17.38 54.19
CA GLN A 62 -19.04 -16.40 55.24
C GLN A 62 -18.66 -16.95 56.62
N GLU A 63 -18.82 -18.25 56.84
CA GLU A 63 -18.42 -18.83 58.12
C GLU A 63 -16.91 -18.75 58.30
N CYS A 64 -16.14 -19.01 57.22
CA CYS A 64 -14.70 -18.78 57.25
C CYS A 64 -14.38 -17.37 57.72
N TYR A 65 -15.07 -16.39 57.13
CA TYR A 65 -14.83 -15.00 57.51
C TYR A 65 -15.20 -14.74 58.96
N GLU A 66 -16.29 -15.36 59.43
CA GLU A 66 -16.73 -15.14 60.81
C GLU A 66 -15.75 -15.76 61.80
N VAL A 67 -15.30 -16.98 61.54
CA VAL A 67 -14.33 -17.63 62.41
C VAL A 67 -13.07 -16.79 62.53
N SER A 68 -12.53 -16.36 61.38
CA SER A 68 -11.30 -15.57 61.37
C SER A 68 -11.48 -14.21 62.02
N ALA A 69 -12.68 -13.63 61.91
CA ALA A 69 -12.93 -12.35 62.57
C ALA A 69 -12.99 -12.52 64.08
N ASP A 70 -13.61 -13.60 64.54
CA ASP A 70 -13.61 -13.90 65.97
C ASP A 70 -12.19 -14.04 66.50
N TYR A 71 -11.30 -14.64 65.71
CA TYR A 71 -9.96 -14.93 66.21
C TYR A 71 -9.20 -13.67 66.59
N GLU A 72 -9.35 -12.60 65.81
CA GLU A 72 -8.63 -11.37 66.11
C GLU A 72 -9.02 -10.85 67.49
N GLY A 73 -10.30 -10.95 67.84
CA GLY A 73 -10.75 -10.49 69.14
C GLY A 73 -10.35 -11.39 70.29
N LYS A 74 -10.22 -12.70 70.02
CA LYS A 74 -9.88 -13.69 71.04
C LYS A 74 -8.78 -14.61 70.49
N GLY A 75 -7.53 -14.17 70.62
CA GLY A 75 -6.39 -14.88 70.06
C GLY A 75 -6.22 -16.32 70.51
N ASP A 76 -7.07 -17.20 70.01
CA ASP A 76 -7.12 -18.60 70.44
C ASP A 76 -7.04 -19.49 69.21
N THR A 77 -5.93 -20.23 69.09
CA THR A 77 -5.59 -20.91 67.84
C THR A 77 -6.58 -22.00 67.46
N THR A 78 -7.22 -22.63 68.45
CA THR A 78 -7.95 -23.87 68.15
C THR A 78 -9.07 -23.62 67.15
N LYS A 79 -9.73 -22.46 67.22
CA LYS A 79 -10.77 -22.16 66.25
C LYS A 79 -10.21 -22.08 64.83
N LEU A 80 -8.92 -21.73 64.69
CA LEU A 80 -8.28 -21.76 63.37
C LEU A 80 -8.13 -23.19 62.89
N GLY A 81 -7.72 -24.10 63.79
CA GLY A 81 -7.63 -25.51 63.44
C GLY A 81 -8.95 -26.10 63.02
N GLU A 82 -10.01 -25.79 63.74
CA GLU A 82 -11.37 -26.13 63.26
C GLU A 82 -11.50 -25.79 61.80
N LEU A 83 -11.15 -24.55 61.45
CA LEU A 83 -11.39 -24.06 60.11
C LEU A 83 -10.52 -24.81 59.10
N GLY A 84 -9.24 -25.03 59.46
CA GLY A 84 -8.34 -25.73 58.56
C GLY A 84 -8.81 -27.14 58.25
N ALA A 85 -9.38 -27.82 59.25
CA ALA A 85 -9.98 -29.12 59.01
C ALA A 85 -11.04 -29.05 57.92
N LYS A 86 -11.95 -28.08 58.03
CA LYS A 86 -12.99 -27.91 57.02
C LYS A 86 -12.39 -27.59 55.67
N LEU A 87 -11.37 -26.72 55.63
CA LEU A 87 -10.82 -26.27 54.36
C LEU A 87 -10.14 -27.40 53.59
N THR A 88 -9.35 -28.22 54.30
CA THR A 88 -8.61 -29.28 53.61
C THR A 88 -9.53 -30.32 53.01
N GLY A 89 -10.71 -30.50 53.59
CA GLY A 89 -11.63 -31.49 53.06
C GLY A 89 -12.35 -31.09 51.80
N LEU A 90 -12.31 -29.82 51.41
CA LEU A 90 -13.00 -29.37 50.21
C LEU A 90 -12.43 -30.03 48.97
N ALA A 91 -13.32 -30.38 48.03
CA ALA A 91 -12.90 -30.88 46.73
C ALA A 91 -12.05 -29.82 46.03
N PRO A 92 -11.19 -30.23 45.09
CA PRO A 92 -10.29 -29.24 44.45
C PRO A 92 -11.01 -28.01 43.92
N ALA A 93 -12.08 -28.20 43.15
CA ALA A 93 -12.81 -27.07 42.58
C ALA A 93 -13.31 -26.12 43.66
N ASP A 94 -13.87 -26.67 44.74
CA ASP A 94 -14.37 -25.83 45.82
C ASP A 94 -13.25 -25.10 46.54
N ALA A 95 -12.06 -25.71 46.61
CA ALA A 95 -10.95 -25.08 47.31
C ALA A 95 -10.48 -23.82 46.58
N ILE A 96 -10.32 -23.91 45.25
CA ILE A 96 -10.00 -22.73 44.46
C ILE A 96 -11.10 -21.69 44.60
N LEU A 97 -12.35 -22.13 44.62
CA LEU A 97 -13.48 -21.21 44.66
C LEU A 97 -13.53 -20.45 45.98
N VAL A 98 -13.23 -21.14 47.09
CA VAL A 98 -13.29 -20.48 48.39
C VAL A 98 -12.08 -19.56 48.58
N ALA A 99 -10.90 -20.01 48.14
CA ALA A 99 -9.71 -19.18 48.23
C ALA A 99 -9.85 -17.91 47.40
N SER A 100 -10.33 -18.05 46.16
CA SER A 100 -10.49 -16.88 45.30
C SER A 100 -11.58 -15.96 45.83
N SER A 101 -12.64 -16.53 46.41
CA SER A 101 -13.68 -15.70 47.03
C SER A 101 -13.10 -14.83 48.13
N ILE A 102 -12.33 -15.44 49.04
CA ILE A 102 -11.70 -14.69 50.12
C ILE A 102 -10.77 -13.62 49.56
N LEU A 103 -10.08 -13.93 48.47
CA LEU A 103 -9.22 -12.96 47.81
C LEU A 103 -10.04 -11.78 47.29
N HIS A 104 -11.14 -12.06 46.61
CA HIS A 104 -11.96 -10.99 46.04
C HIS A 104 -12.55 -10.11 47.14
N MET A 105 -12.93 -10.70 48.26
CA MET A 105 -13.44 -9.90 49.36
C MET A 105 -12.37 -8.99 49.94
N LEU A 106 -11.13 -9.47 50.02
CA LEU A 106 -10.03 -8.62 50.47
C LEU A 106 -9.82 -7.46 49.50
N ASN A 107 -9.90 -7.72 48.20
CA ASN A 107 -9.79 -6.65 47.21
C ASN A 107 -10.86 -5.60 47.44
N LEU A 108 -12.13 -6.03 47.53
CA LEU A 108 -13.22 -5.10 47.77
C LEU A 108 -12.99 -4.25 49.02
N ALA A 109 -12.54 -4.89 50.10
CA ALA A 109 -12.26 -4.14 51.33
C ALA A 109 -11.18 -3.10 51.11
N ASN A 110 -10.16 -3.44 50.30
CA ASN A 110 -9.11 -2.48 50.00
C ASN A 110 -9.65 -1.33 49.17
N LEU A 111 -10.59 -1.61 48.26
CA LEU A 111 -11.20 -0.55 47.47
C LEU A 111 -11.98 0.41 48.37
N ALA A 112 -12.74 -0.12 49.31
CA ALA A 112 -13.46 0.73 50.26
C ALA A 112 -12.48 1.55 51.10
N GLU A 113 -11.38 0.94 51.53
CA GLU A 113 -10.35 1.67 52.25
C GLU A 113 -9.82 2.82 51.40
N GLU A 114 -9.67 2.60 50.09
CA GLU A 114 -9.21 3.66 49.20
C GLU A 114 -10.22 4.79 49.12
N VAL A 115 -11.49 4.46 48.89
CA VAL A 115 -12.54 5.46 48.81
C VAL A 115 -12.57 6.32 50.07
N GLN A 116 -12.43 5.68 51.23
CA GLN A 116 -12.51 6.40 52.49
C GLN A 116 -11.34 7.37 52.66
N ILE A 117 -10.13 6.94 52.31
CA ILE A 117 -8.97 7.83 52.39
C ILE A 117 -9.15 9.00 51.45
N ALA A 118 -9.61 8.73 50.22
CA ALA A 118 -9.66 9.76 49.19
C ALA A 118 -10.64 10.87 49.54
N HIS A 119 -11.72 10.53 50.26
CA HIS A 119 -12.81 11.48 50.49
C HIS A 119 -12.96 11.88 51.94
N ARG A 120 -11.95 11.62 52.78
CA ARG A 120 -12.03 11.98 54.19
C ARG A 120 -11.73 13.46 54.35
N ARG A 121 -12.65 14.19 54.99
CA ARG A 121 -12.50 15.63 55.20
C ARG A 121 -11.30 15.91 56.10
N ARG A 122 -10.39 16.76 55.65
CA ARG A 122 -9.26 17.17 56.48
C ARG A 122 -9.77 17.97 57.69
N ASN A 123 -9.28 17.62 58.87
CA ASN A 123 -9.75 18.20 60.13
C ASN A 123 -8.53 18.70 60.90
N SER A 124 -8.27 20.00 60.82
CA SER A 124 -7.09 20.59 61.42
C SER A 124 -7.07 20.48 62.94
N LYS A 125 -8.21 20.19 63.57
CA LYS A 125 -8.23 20.01 65.01
C LYS A 125 -7.41 18.80 65.45
N LEU A 126 -7.09 17.90 64.52
CA LEU A 126 -6.28 16.72 64.81
C LEU A 126 -4.80 17.06 64.92
N LYS A 127 -4.37 18.19 64.37
CA LYS A 127 -2.97 18.56 64.41
C LYS A 127 -2.56 19.00 65.81
N LYS A 128 -1.39 18.54 66.25
CA LYS A 128 -0.80 18.99 67.49
C LYS A 128 0.46 19.80 67.30
N GLY A 129 0.81 20.14 66.06
CA GLY A 129 2.02 20.87 65.76
C GLY A 129 3.24 19.99 65.76
N GLY A 130 4.29 20.46 65.10
CA GLY A 130 5.55 19.75 65.08
C GLY A 130 5.60 18.65 64.04
N PHE A 131 6.73 17.93 64.03
CA PHE A 131 7.02 17.01 62.94
C PHE A 131 6.13 15.77 62.97
N ALA A 132 5.60 15.41 64.15
CA ALA A 132 4.79 14.20 64.24
C ALA A 132 3.53 14.31 63.40
N ASP A 133 3.04 15.53 63.19
CA ASP A 133 1.85 15.73 62.37
C ASP A 133 2.04 15.21 60.95
N GLU A 134 3.28 15.16 60.47
CA GLU A 134 3.55 14.81 59.08
C GLU A 134 3.57 13.30 58.83
N GLY A 135 3.31 12.49 59.85
CA GLY A 135 3.35 11.05 59.72
C GLY A 135 2.05 10.39 59.32
N SER A 136 0.97 11.16 59.13
CA SER A 136 -0.31 10.61 58.70
C SER A 136 -0.99 11.60 57.77
N ALA A 137 -1.73 11.06 56.79
CA ALA A 137 -2.46 11.91 55.87
C ALA A 137 -3.56 12.70 56.57
N THR A 138 -4.02 12.24 57.73
CA THR A 138 -5.06 12.95 58.47
C THR A 138 -4.53 14.25 59.09
N THR A 139 -3.22 14.41 59.20
CA THR A 139 -2.63 15.55 59.88
C THR A 139 -1.53 16.26 59.11
N GLU A 140 -1.03 15.68 58.01
CA GLU A 140 0.11 16.25 57.30
C GLU A 140 -0.25 17.58 56.64
N SER A 141 0.78 18.33 56.28
CA SER A 141 0.61 19.63 55.62
C SER A 141 0.53 19.43 54.11
N ASP A 142 -0.44 20.10 53.48
CA ASP A 142 -0.47 20.15 52.03
C ASP A 142 0.60 21.12 51.53
N ILE A 143 0.68 21.30 50.21
CA ILE A 143 1.82 22.04 49.64
C ILE A 143 1.79 23.50 50.07
N GLU A 144 0.61 24.11 50.19
CA GLU A 144 0.57 25.53 50.53
C GLU A 144 0.78 25.76 52.01
N GLU A 145 0.25 24.85 52.85
CA GLU A 145 0.57 24.89 54.28
C GLU A 145 2.08 24.79 54.49
N THR A 146 2.74 23.93 53.71
CA THR A 146 4.19 23.85 53.77
C THR A 146 4.84 25.15 53.31
N LEU A 147 4.32 25.75 52.24
CA LEU A 147 4.85 27.02 51.76
C LEU A 147 4.68 28.13 52.81
N LYS A 148 3.51 28.19 53.43
CA LYS A 148 3.27 29.19 54.47
C LYS A 148 4.24 29.00 55.65
N ARG A 149 4.48 27.76 56.06
CA ARG A 149 5.38 27.51 57.17
C ARG A 149 6.79 28.00 56.84
N LEU A 150 7.27 27.67 55.64
CA LEU A 150 8.62 28.06 55.25
C LEU A 150 8.78 29.58 55.25
N VAL A 151 7.73 30.30 54.86
CA VAL A 151 7.82 31.76 54.82
C VAL A 151 7.78 32.34 56.24
N SER A 152 6.80 31.92 57.04
CA SER A 152 6.53 32.61 58.30
C SER A 152 7.25 31.99 59.49
N GLU A 153 7.27 30.66 59.61
CA GLU A 153 7.90 30.05 60.77
C GLU A 153 9.41 29.91 60.58
N VAL A 154 9.84 29.46 59.40
CA VAL A 154 11.28 29.29 59.16
C VAL A 154 11.90 30.61 58.72
N GLY A 155 11.14 31.48 58.06
CA GLY A 155 11.62 32.80 57.71
C GLY A 155 12.26 32.94 56.35
N LYS A 156 11.95 32.05 55.42
CA LYS A 156 12.44 32.20 54.06
C LYS A 156 11.54 33.16 53.29
N SER A 157 12.11 33.81 52.29
CA SER A 157 11.33 34.72 51.47
C SER A 157 10.56 33.94 50.42
N PRO A 158 9.43 34.48 49.96
CA PRO A 158 8.70 33.83 48.85
C PRO A 158 9.59 33.55 47.65
N GLU A 159 10.51 34.47 47.33
CA GLU A 159 11.39 34.26 46.19
C GLU A 159 12.41 33.15 46.44
N GLU A 160 12.86 32.98 47.69
CA GLU A 160 13.71 31.85 48.02
C GLU A 160 12.96 30.53 47.83
N VAL A 161 11.71 30.48 48.31
CA VAL A 161 10.90 29.28 48.16
C VAL A 161 10.62 29.01 46.70
N PHE A 162 10.33 30.06 45.93
CA PHE A 162 10.00 29.92 44.51
C PHE A 162 11.16 29.34 43.73
N GLU A 163 12.39 29.76 44.05
CA GLU A 163 13.55 29.26 43.33
C GLU A 163 14.00 27.89 43.85
N ALA A 164 13.72 27.58 45.11
CA ALA A 164 13.92 26.21 45.58
C ALA A 164 13.07 25.24 44.76
N LEU A 165 11.80 25.61 44.53
CA LEU A 165 10.93 24.76 43.72
C LEU A 165 11.45 24.65 42.29
N LYS A 166 11.87 25.78 41.71
CA LYS A 166 12.39 25.77 40.33
C LYS A 166 13.55 24.81 40.16
N ASN A 167 14.27 24.52 41.25
CA ASN A 167 15.45 23.66 41.21
C ASN A 167 15.19 22.28 41.78
N GLN A 168 13.95 21.96 42.12
CA GLN A 168 13.62 20.69 42.75
C GLN A 168 13.36 19.62 41.71
N THR A 169 13.73 18.38 42.04
CA THR A 169 13.37 17.24 41.20
C THR A 169 13.23 16.00 42.08
N VAL A 170 12.04 15.42 42.06
CA VAL A 170 11.76 14.15 42.74
C VAL A 170 11.49 13.10 41.67
N ASP A 171 12.25 12.01 41.74
CA ASP A 171 12.26 10.96 40.74
C ASP A 171 11.65 9.70 41.38
N LEU A 172 10.48 9.31 40.90
CA LEU A 172 9.81 8.11 41.41
C LEU A 172 10.04 6.96 40.44
N VAL A 173 10.48 5.83 40.97
CA VAL A 173 10.97 4.71 40.17
C VAL A 173 10.03 3.53 40.35
N PHE A 174 9.37 3.12 39.27
CA PHE A 174 8.47 1.99 39.29
C PHE A 174 9.26 0.68 39.19
N THR A 175 8.88 -0.29 40.02
CA THR A 175 9.44 -1.64 39.99
C THR A 175 8.31 -2.65 39.97
N ALA A 176 8.55 -3.76 39.30
CA ALA A 176 7.52 -4.77 39.08
C ALA A 176 6.93 -5.26 40.39
N HIS A 177 5.64 -5.61 40.33
CA HIS A 177 4.95 -6.15 41.50
C HIS A 177 5.22 -7.64 41.62
N PRO A 178 5.73 -8.12 42.76
CA PRO A 178 6.13 -9.54 42.84
C PRO A 178 5.02 -10.54 42.55
N THR A 179 3.77 -10.25 42.90
CA THR A 179 2.73 -11.27 42.87
C THR A 179 1.50 -10.93 42.04
N GLN A 180 1.28 -9.67 41.68
CA GLN A 180 0.04 -9.28 41.01
C GLN A 180 0.36 -8.46 39.76
N SER A 181 -0.47 -8.63 38.74
CA SER A 181 -0.17 -8.11 37.42
C SER A 181 -0.56 -6.63 37.27
N ALA A 182 -1.79 -6.30 37.63
CA ALA A 182 -2.39 -4.97 37.48
C ALA A 182 -2.70 -4.65 36.02
N ARG A 183 -3.49 -5.52 35.39
CA ARG A 183 -4.01 -5.26 34.06
C ARG A 183 -4.81 -3.96 34.03
N ARG A 184 -4.71 -3.23 32.92
CA ARG A 184 -5.40 -1.95 32.81
C ARG A 184 -6.91 -2.12 32.89
N SER A 185 -7.43 -3.21 32.33
CA SER A 185 -8.86 -3.45 32.38
C SER A 185 -9.34 -3.73 33.79
N LEU A 186 -8.46 -4.24 34.66
CA LEU A 186 -8.83 -4.45 36.06
C LEU A 186 -8.79 -3.14 36.84
N LEU A 187 -7.83 -2.27 36.54
CA LEU A 187 -7.80 -0.95 37.16
C LEU A 187 -9.06 -0.17 36.85
N GLN A 188 -9.70 -0.44 35.71
CA GLN A 188 -10.91 0.28 35.35
C GLN A 188 -12.15 -0.33 35.99
N LYS A 189 -12.14 -1.66 36.22
CA LYS A 189 -13.18 -2.26 37.04
C LYS A 189 -13.12 -1.72 38.46
N ASN A 190 -11.91 -1.64 39.03
CA ASN A 190 -11.72 -1.02 40.33
C ASN A 190 -12.36 0.37 40.39
N ALA A 191 -12.05 1.20 39.38
CA ALA A 191 -12.53 2.57 39.39
C ALA A 191 -14.05 2.64 39.34
N ARG A 192 -14.67 1.75 38.55
CA ARG A 192 -16.12 1.77 38.46
C ARG A 192 -16.76 1.31 39.77
N ILE A 193 -16.11 0.39 40.48
CA ILE A 193 -16.60 -0.01 41.79
C ILE A 193 -16.46 1.15 42.79
N ARG A 194 -15.31 1.83 42.75
CA ARG A 194 -15.13 2.99 43.63
C ARG A 194 -16.12 4.10 43.30
N ASN A 195 -16.34 4.36 42.01
CA ASN A 195 -17.27 5.42 41.60
C ASN A 195 -18.70 5.09 42.01
N CYS A 196 -19.15 3.86 41.74
CA CYS A 196 -20.48 3.46 42.19
C CYS A 196 -20.63 3.63 43.70
N LEU A 197 -19.56 3.33 44.45
CA LEU A 197 -19.62 3.44 45.90
C LEU A 197 -19.79 4.89 46.35
N THR A 198 -18.97 5.82 45.82
CA THR A 198 -19.09 7.21 46.23
C THR A 198 -20.43 7.81 45.78
N GLN A 199 -20.85 7.50 44.54
CA GLN A 199 -22.09 8.08 44.03
C GLN A 199 -23.30 7.58 44.81
N LEU A 200 -23.29 6.30 45.19
CA LEU A 200 -24.38 5.73 45.99
C LEU A 200 -24.60 6.52 47.28
N ASN A 201 -23.51 6.93 47.92
CA ASN A 201 -23.59 7.62 49.20
C ASN A 201 -23.53 9.14 49.06
N ALA A 202 -23.99 9.66 47.93
CA ALA A 202 -24.10 11.09 47.75
C ALA A 202 -25.30 11.63 48.53
N LYS A 203 -25.32 12.95 48.71
CA LYS A 203 -26.24 13.62 49.63
C LYS A 203 -27.71 13.31 49.33
N ASP A 204 -28.33 14.07 48.44
CA ASP A 204 -29.76 13.95 48.17
C ASP A 204 -29.95 13.24 46.84
N ILE A 205 -29.70 11.92 46.86
CA ILE A 205 -29.76 11.07 45.68
C ILE A 205 -31.18 10.53 45.54
N THR A 206 -31.63 10.41 44.29
CA THR A 206 -33.00 9.93 44.02
C THR A 206 -33.11 8.44 44.34
N ASP A 207 -34.34 8.01 44.64
CA ASP A 207 -34.61 6.59 44.78
C ASP A 207 -34.18 5.83 43.52
N ASP A 208 -34.55 6.34 42.35
CA ASP A 208 -34.29 5.62 41.11
C ASP A 208 -32.81 5.65 40.76
N ASP A 209 -32.15 6.78 40.98
CA ASP A 209 -30.70 6.83 40.82
C ASP A 209 -30.02 5.81 41.70
N LYS A 210 -30.43 5.74 42.97
CA LYS A 210 -29.83 4.80 43.91
C LYS A 210 -30.10 3.36 43.50
N GLN A 211 -31.33 3.07 43.05
CA GLN A 211 -31.66 1.74 42.55
C GLN A 211 -30.73 1.34 41.40
N GLU A 212 -30.55 2.25 40.44
CA GLU A 212 -29.73 1.93 39.27
C GLU A 212 -28.25 1.84 39.63
N LEU A 213 -27.77 2.72 40.50
CA LEU A 213 -26.38 2.64 40.93
C LEU A 213 -26.11 1.35 41.68
N ASP A 214 -27.08 0.90 42.49
CA ASP A 214 -26.94 -0.38 43.17
C ASP A 214 -26.79 -1.52 42.16
N GLU A 215 -27.64 -1.54 41.14
CA GLU A 215 -27.56 -2.58 40.12
C GLU A 215 -26.22 -2.52 39.39
N ALA A 216 -25.72 -1.30 39.14
CA ALA A 216 -24.41 -1.17 38.50
C ALA A 216 -23.31 -1.73 39.38
N LEU A 217 -23.34 -1.39 40.67
CA LEU A 217 -22.34 -1.89 41.60
C LEU A 217 -22.32 -3.42 41.65
N GLN A 218 -23.50 -4.02 41.82
CA GLN A 218 -23.60 -5.48 41.77
C GLN A 218 -23.04 -6.03 40.47
N ARG A 219 -23.28 -5.32 39.37
CA ARG A 219 -22.81 -5.74 38.06
C ARG A 219 -21.29 -5.70 37.96
N GLU A 220 -20.67 -4.65 38.50
CA GLU A 220 -19.23 -4.51 38.42
C GLU A 220 -18.51 -5.50 39.33
N ILE A 221 -19.06 -5.76 40.51
CA ILE A 221 -18.47 -6.75 41.40
C ILE A 221 -18.47 -8.13 40.74
N GLN A 222 -19.60 -8.49 40.13
CA GLN A 222 -19.67 -9.78 39.44
C GLN A 222 -18.67 -9.86 38.30
N ALA A 223 -18.50 -8.76 37.55
CA ALA A 223 -17.58 -8.76 36.43
C ALA A 223 -16.14 -8.96 36.89
N ALA A 224 -15.79 -8.39 38.04
CA ALA A 224 -14.45 -8.61 38.58
C ALA A 224 -14.27 -10.04 39.07
N PHE A 225 -15.35 -10.66 39.57
CA PHE A 225 -15.30 -12.01 40.07
C PHE A 225 -15.19 -13.05 38.96
N ARG A 226 -15.64 -12.72 37.75
CA ARG A 226 -15.73 -13.67 36.66
C ARG A 226 -14.60 -13.50 35.63
N THR A 227 -13.48 -12.92 36.03
CA THR A 227 -12.36 -12.69 35.13
C THR A 227 -11.07 -13.16 35.80
N ASP A 228 -10.46 -14.20 35.21
CA ASP A 228 -9.07 -14.60 35.51
C ASP A 228 -8.73 -15.85 34.68
N ALA A 233 1.12 -19.47 33.18
CA ALA A 233 2.42 -18.99 32.73
C ALA A 233 2.69 -17.57 33.22
N GLN A 234 3.91 -17.34 33.67
CA GLN A 234 4.35 -16.01 34.07
C GLN A 234 4.35 -15.08 32.86
N PRO A 235 4.27 -13.77 33.09
CA PRO A 235 4.31 -12.84 31.95
C PRO A 235 5.73 -12.58 31.47
N THR A 236 5.81 -12.27 30.18
CA THR A 236 7.01 -11.72 29.58
C THR A 236 7.53 -10.55 30.43
N PRO A 237 8.84 -10.26 30.38
CA PRO A 237 9.27 -8.97 30.93
C PRO A 237 8.71 -7.79 30.15
N GLN A 238 8.41 -7.99 28.87
CA GLN A 238 7.71 -6.98 28.09
C GLN A 238 6.29 -6.76 28.60
N ASP A 239 5.56 -7.85 28.84
CA ASP A 239 4.20 -7.74 29.37
C ASP A 239 4.20 -7.15 30.76
N GLU A 240 5.14 -7.59 31.61
CA GLU A 240 5.24 -7.06 32.96
C GLU A 240 5.53 -5.57 32.96
N MET A 241 6.23 -5.08 31.93
CA MET A 241 6.43 -3.65 31.79
C MET A 241 5.16 -2.95 31.33
N ARG A 242 4.44 -3.53 30.37
CA ARG A 242 3.17 -2.96 29.93
C ARG A 242 2.20 -2.81 31.09
N TYR A 243 2.21 -3.77 32.01
CA TYR A 243 1.31 -3.72 33.15
C TYR A 243 1.79 -2.74 34.21
N GLY A 244 3.10 -2.51 34.30
CA GLY A 244 3.61 -1.51 35.22
C GLY A 244 3.27 -0.10 34.80
N MET A 245 3.05 0.12 33.50
CA MET A 245 2.72 1.43 32.97
C MET A 245 1.22 1.75 33.05
N SER A 246 0.41 0.83 33.56
CA SER A 246 -1.02 1.06 33.63
C SER A 246 -1.35 2.25 34.51
N TYR A 247 -0.68 2.38 35.65
CA TYR A 247 -0.98 3.48 36.57
C TYR A 247 -0.63 4.83 35.97
N ILE A 248 0.31 4.87 35.02
CA ILE A 248 0.61 6.11 34.35
C ILE A 248 -0.51 6.50 33.41
N HIS A 249 -1.09 5.53 32.72
CA HIS A 249 -2.22 5.82 31.84
C HIS A 249 -3.47 6.22 32.62
N GLU A 250 -3.67 5.64 33.80
CA GLU A 250 -4.94 5.79 34.50
C GLU A 250 -4.99 6.99 35.44
N THR A 251 -3.89 7.34 36.10
CA THR A 251 -3.96 8.50 36.98
C THR A 251 -2.81 9.48 36.81
N VAL A 252 -1.59 8.98 36.65
CA VAL A 252 -0.42 9.86 36.77
C VAL A 252 -0.32 10.81 35.58
N TRP A 253 -0.71 10.37 34.39
CA TRP A 253 -0.64 11.23 33.21
C TRP A 253 -1.45 12.50 33.41
N LYS A 254 -2.74 12.35 33.75
CA LYS A 254 -3.55 13.51 34.05
C LYS A 254 -3.22 14.11 35.41
N GLY A 255 -2.58 13.35 36.30
CA GLY A 255 -2.44 13.81 37.68
C GLY A 255 -1.40 14.89 37.87
N VAL A 256 -0.28 14.78 37.15
CA VAL A 256 0.84 15.71 37.35
C VAL A 256 0.49 17.12 36.90
N PRO A 257 -0.22 17.33 35.77
CA PRO A 257 -0.66 18.70 35.49
C PRO A 257 -1.58 19.27 36.54
N LYS A 258 -2.47 18.43 37.09
CA LYS A 258 -3.37 18.89 38.15
C LYS A 258 -2.60 19.30 39.39
N PHE A 259 -1.54 18.55 39.75
CA PHE A 259 -0.78 18.92 40.94
C PHE A 259 0.05 20.16 40.70
N LEU A 260 0.71 20.25 39.53
CA LEU A 260 1.49 21.45 39.21
C LEU A 260 0.62 22.69 39.21
N ARG A 261 -0.66 22.55 38.85
CA ARG A 261 -1.58 23.69 38.93
C ARG A 261 -1.83 24.09 40.38
N ARG A 262 -1.87 23.10 41.28
CA ARG A 262 -2.02 23.41 42.70
C ARG A 262 -0.79 24.14 43.22
N VAL A 263 0.39 23.76 42.74
CA VAL A 263 1.61 24.45 43.14
C VAL A 263 1.56 25.91 42.69
N ASP A 264 1.00 26.17 41.51
CA ASP A 264 0.75 27.55 41.07
C ASP A 264 -0.13 28.28 42.07
N THR A 265 -1.25 27.65 42.44
CA THR A 265 -2.18 28.28 43.37
C THR A 265 -1.52 28.59 44.70
N ALA A 266 -0.70 27.66 45.20
CA ALA A 266 0.01 27.88 46.45
C ALA A 266 0.99 29.04 46.34
N LEU A 267 1.72 29.13 45.22
CA LEU A 267 2.66 30.22 45.02
C LEU A 267 1.94 31.57 45.01
N LYS A 268 0.77 31.63 44.39
CA LYS A 268 -0.03 32.84 44.44
C LYS A 268 -0.33 33.23 45.89
N ASN A 269 -0.66 32.24 46.72
CA ASN A 269 -1.11 32.48 48.08
C ASN A 269 0.03 32.73 49.08
N ILE A 270 1.26 32.85 48.60
CA ILE A 270 2.34 33.42 49.40
C ILE A 270 2.98 34.63 48.72
N GLY A 271 2.38 35.13 47.64
CA GLY A 271 2.77 36.39 47.05
C GLY A 271 3.55 36.30 45.75
N ILE A 272 3.76 35.10 45.21
CA ILE A 272 4.44 34.95 43.93
C ILE A 272 3.39 35.08 42.83
N ASN A 273 3.55 36.09 41.97
CA ASN A 273 2.59 36.37 40.91
C ASN A 273 3.07 35.87 39.56
N GLU A 274 3.41 34.60 39.50
CA GLU A 274 3.72 33.89 38.27
C GLU A 274 3.61 32.40 38.55
N ARG A 275 3.27 31.65 37.52
CA ARG A 275 3.19 30.22 37.68
C ARG A 275 4.58 29.60 37.68
N LEU A 276 4.69 28.40 38.23
CA LEU A 276 5.90 27.62 38.07
C LEU A 276 6.21 27.50 36.57
N PRO A 277 7.41 27.87 36.13
CA PRO A 277 7.72 27.78 34.70
C PRO A 277 7.51 26.35 34.20
N TYR A 278 6.94 26.24 33.00
CA TYR A 278 6.52 24.92 32.54
C TYR A 278 7.69 23.99 32.23
N ASN A 279 8.91 24.52 32.14
CA ASN A 279 10.09 23.69 31.91
C ASN A 279 10.72 23.18 33.20
N VAL A 280 10.03 23.30 34.33
CA VAL A 280 10.53 22.80 35.61
C VAL A 280 10.09 21.36 35.76
N SER A 281 11.06 20.44 35.84
CA SER A 281 10.78 19.02 36.04
C SER A 281 10.69 18.76 37.53
N LEU A 282 9.55 19.14 38.11
CA LEU A 282 9.34 19.00 39.55
C LEU A 282 9.20 17.55 39.96
N ILE A 283 8.65 16.71 39.07
CA ILE A 283 8.48 15.28 39.32
C ILE A 283 8.82 14.53 38.04
N ARG A 284 9.65 13.49 38.14
CA ARG A 284 9.95 12.63 37.01
C ARG A 284 9.67 11.19 37.40
N PHE A 285 9.61 10.33 36.38
CA PHE A 285 9.24 8.93 36.59
C PHE A 285 10.23 8.03 35.87
N SER A 286 10.71 7.01 36.57
CA SER A 286 11.66 6.06 36.04
C SER A 286 11.12 4.65 36.23
N SER A 287 11.81 3.69 35.61
CA SER A 287 11.35 2.30 35.66
C SER A 287 12.55 1.37 35.72
N TRP A 288 12.37 0.26 36.44
CA TRP A 288 13.34 -0.81 36.49
C TRP A 288 12.98 -1.97 35.58
N MET A 289 11.77 -1.98 35.04
CA MET A 289 11.24 -3.12 34.32
C MET A 289 11.85 -3.18 32.93
N GLY A 290 12.66 -4.21 32.68
CA GLY A 290 13.45 -4.32 31.47
C GLY A 290 14.86 -3.80 31.60
N GLY A 291 15.19 -3.14 32.70
CA GLY A 291 16.53 -2.61 32.89
C GLY A 291 17.29 -3.27 34.02
N ASP A 292 16.58 -3.68 35.06
CA ASP A 292 17.19 -4.43 36.16
C ASP A 292 17.39 -5.86 35.72
N ARG A 293 18.64 -6.29 35.63
CA ARG A 293 18.97 -7.68 35.30
C ARG A 293 19.82 -8.34 36.37
N ASP A 294 19.93 -7.73 37.55
CA ASP A 294 20.64 -8.31 38.69
C ASP A 294 20.06 -9.67 39.05
N GLY A 295 20.82 -10.74 38.80
CA GLY A 295 20.35 -12.09 39.08
C GLY A 295 19.04 -12.41 38.39
N ASN A 296 18.89 -11.99 37.14
CA ASN A 296 17.61 -12.11 36.43
C ASN A 296 17.92 -12.33 34.95
N PRO A 297 18.30 -13.57 34.57
CA PRO A 297 18.78 -13.79 33.21
C PRO A 297 17.72 -13.69 32.13
N ARG A 298 16.43 -13.61 32.47
CA ARG A 298 15.43 -13.41 31.42
C ARG A 298 15.40 -11.97 30.90
N VAL A 299 16.05 -11.04 31.60
CA VAL A 299 16.16 -9.66 31.14
C VAL A 299 17.38 -9.58 30.25
N THR A 300 17.19 -9.83 28.96
CA THR A 300 18.27 -9.85 27.99
C THR A 300 18.47 -8.47 27.37
N PRO A 301 19.52 -8.29 26.56
CA PRO A 301 19.60 -7.06 25.77
C PRO A 301 18.35 -6.79 24.93
N GLU A 302 17.78 -7.83 24.32
CA GLU A 302 16.60 -7.62 23.47
C GLU A 302 15.41 -7.12 24.29
N VAL A 303 15.24 -7.65 25.51
CA VAL A 303 14.16 -7.18 26.37
C VAL A 303 14.32 -5.69 26.65
N THR A 304 15.55 -5.24 26.88
CA THR A 304 15.79 -3.82 27.14
C THR A 304 15.46 -2.97 25.92
N ARG A 305 15.94 -3.39 24.75
CA ARG A 305 15.58 -2.69 23.51
C ARG A 305 14.07 -2.63 23.31
N ASP A 306 13.36 -3.68 23.74
CA ASP A 306 11.92 -3.74 23.50
C ASP A 306 11.16 -2.78 24.40
N VAL A 307 11.44 -2.80 25.70
CA VAL A 307 10.68 -1.95 26.63
C VAL A 307 10.94 -0.48 26.36
N CYS A 308 12.11 -0.16 25.81
CA CYS A 308 12.39 1.23 25.42
C CYS A 308 11.50 1.64 24.25
N LEU A 309 11.39 0.78 23.24
CA LEU A 309 10.54 1.10 22.10
C LEU A 309 9.06 1.05 22.47
N LEU A 310 8.68 0.13 23.36
CA LEU A 310 7.30 0.08 23.82
C LEU A 310 6.91 1.36 24.54
N ALA A 311 7.82 1.89 25.37
CA ALA A 311 7.53 3.14 26.08
C ALA A 311 7.31 4.28 25.11
N ARG A 312 8.09 4.34 24.04
CA ARG A 312 7.97 5.43 23.08
C ARG A 312 6.65 5.35 22.31
N MET A 313 6.13 4.14 22.09
CA MET A 313 4.80 4.02 21.48
C MET A 313 3.72 4.50 22.43
N MET A 314 3.81 4.09 23.70
CA MET A 314 2.83 4.53 24.70
C MET A 314 2.81 6.04 24.84
N ALA A 315 3.99 6.66 24.89
CA ALA A 315 4.07 8.12 24.95
C ALA A 315 3.43 8.74 23.71
N ALA A 316 3.78 8.24 22.53
CA ALA A 316 3.25 8.81 21.29
C ALA A 316 1.73 8.78 21.25
N ASN A 317 1.13 7.69 21.75
CA ASN A 317 -0.33 7.60 21.70
C ASN A 317 -0.99 8.47 22.76
N LEU A 318 -0.37 8.59 23.94
CA LEU A 318 -0.88 9.52 24.95
C LEU A 318 -0.84 10.95 24.44
N TYR A 319 0.26 11.32 23.77
CA TYR A 319 0.39 12.67 23.24
C TYR A 319 -0.59 12.91 22.09
N ILE A 320 -0.76 11.92 21.21
CA ILE A 320 -1.71 12.07 20.10
C ILE A 320 -3.10 12.38 20.63
N ASP A 321 -3.49 11.74 21.74
CA ASP A 321 -4.80 12.02 22.32
C ASP A 321 -4.86 13.43 22.89
N GLN A 322 -3.87 13.81 23.70
CA GLN A 322 -3.82 15.18 24.23
C GLN A 322 -3.86 16.22 23.12
N ILE A 323 -3.09 15.99 22.05
CA ILE A 323 -3.00 16.97 20.98
C ILE A 323 -4.34 17.10 20.26
N GLU A 324 -5.04 15.98 20.07
CA GLU A 324 -6.31 16.03 19.36
C GLU A 324 -7.37 16.73 20.20
N GLU A 325 -7.40 16.47 21.51
CA GLU A 325 -8.26 17.26 22.39
C GLU A 325 -7.93 18.73 22.32
N LEU A 326 -6.64 19.06 22.21
CA LEU A 326 -6.23 20.46 22.16
C LEU A 326 -6.60 21.12 20.83
N MET A 327 -6.53 20.36 19.74
CA MET A 327 -6.96 20.88 18.44
C MET A 327 -8.42 21.31 18.48
N PHE A 328 -9.28 20.46 19.05
CA PHE A 328 -10.69 20.80 19.19
C PHE A 328 -10.87 22.14 19.89
N GLU A 329 -10.08 22.40 20.92
CA GLU A 329 -10.29 23.59 21.74
C GLU A 329 -9.77 24.84 21.04
N LEU A 330 -8.58 24.78 20.47
CA LEU A 330 -7.89 25.96 19.96
C LEU A 330 -8.38 26.29 18.55
N SER A 331 -9.60 26.83 18.50
CA SER A 331 -10.21 27.27 17.25
C SER A 331 -9.93 28.72 16.93
N MET A 332 -9.13 29.41 17.75
CA MET A 332 -8.86 30.83 17.56
C MET A 332 -8.29 31.09 16.18
N TRP A 333 -8.46 32.33 15.71
CA TRP A 333 -7.87 32.77 14.46
C TRP A 333 -6.79 33.83 14.64
N ARG A 334 -6.73 34.48 15.79
CA ARG A 334 -5.72 35.50 16.06
C ARG A 334 -4.42 34.83 16.49
N CYS A 335 -3.34 35.15 15.79
CA CYS A 335 -2.02 34.61 16.09
C CYS A 335 -0.98 35.68 15.77
N ASN A 336 0.25 35.43 16.22
CA ASN A 336 1.33 36.35 15.88
C ASN A 336 1.91 36.00 14.52
N ASP A 337 2.94 36.73 14.11
CA ASP A 337 3.47 36.59 12.76
C ASP A 337 4.22 35.28 12.59
N GLU A 338 5.02 34.89 13.59
CA GLU A 338 5.79 33.65 13.49
C GLU A 338 4.87 32.45 13.29
N LEU A 339 3.70 32.44 13.95
CA LEU A 339 2.80 31.31 13.79
C LEU A 339 2.05 31.37 12.47
N ARG A 340 1.64 32.58 12.05
CA ARG A 340 0.91 32.69 10.78
C ARG A 340 1.77 32.27 9.60
N VAL A 341 3.05 32.66 9.61
CA VAL A 341 3.92 32.26 8.51
C VAL A 341 4.11 30.75 8.48
N ARG A 342 4.27 30.13 9.65
CA ARG A 342 4.45 28.69 9.69
C ARG A 342 3.17 27.96 9.27
N ALA A 343 2.00 28.49 9.66
CA ALA A 343 0.75 27.83 9.29
C ALA A 343 0.51 27.91 7.79
N GLU A 344 0.86 29.04 7.17
CA GLU A 344 0.76 29.15 5.72
C GLU A 344 1.68 28.14 5.04
N GLU A 345 2.88 27.96 5.59
CA GLU A 345 3.85 27.04 4.99
C GLU A 345 3.34 25.61 4.98
N LEU A 346 2.57 25.22 5.99
CA LEU A 346 1.95 23.90 6.03
C LEU A 346 0.60 23.99 5.31
N HIS A 347 0.66 23.96 3.98
CA HIS A 347 -0.54 24.03 3.15
C HIS A 347 -0.23 23.59 1.73
N ILE A 365 -7.90 21.46 8.80
CA ILE A 365 -7.99 21.71 7.37
C ILE A 365 -8.10 23.21 6.99
N PRO A 366 -9.00 23.98 7.63
CA PRO A 366 -9.20 25.38 7.21
C PRO A 366 -8.02 26.25 7.61
N PRO A 367 -7.58 27.15 6.71
CA PRO A 367 -6.39 27.98 7.00
C PRO A 367 -6.65 29.12 7.99
N ASN A 368 -7.90 29.41 8.33
CA ASN A 368 -8.20 30.46 9.29
C ASN A 368 -8.26 29.94 10.73
N GLU A 369 -7.78 28.72 10.97
CA GLU A 369 -7.63 28.16 12.32
C GLU A 369 -6.18 27.71 12.47
N PRO A 370 -5.26 28.66 12.62
CA PRO A 370 -3.83 28.32 12.49
C PRO A 370 -3.32 27.39 13.57
N TYR A 371 -3.82 27.52 14.81
CA TYR A 371 -3.38 26.61 15.86
C TYR A 371 -3.72 25.17 15.54
N ARG A 372 -4.84 24.94 14.84
CA ARG A 372 -5.17 23.59 14.42
C ARG A 372 -4.23 23.08 13.35
N VAL A 373 -3.71 23.97 12.51
CA VAL A 373 -2.81 23.53 11.44
C VAL A 373 -1.45 23.13 12.02
N ILE A 374 -0.93 23.93 12.96
CA ILE A 374 0.32 23.56 13.62
C ILE A 374 0.16 22.23 14.35
N LEU A 375 -0.86 22.13 15.21
CA LEU A 375 -1.03 20.93 16.01
C LEU A 375 -1.36 19.71 15.15
N GLY A 376 -2.03 19.92 14.02
CA GLY A 376 -2.26 18.81 13.09
C GLY A 376 -0.95 18.26 12.54
N HIS A 377 0.02 19.14 12.30
CA HIS A 377 1.34 18.70 11.87
C HIS A 377 2.05 17.94 13.00
N VAL A 378 2.02 18.50 14.21
CA VAL A 378 2.62 17.83 15.36
C VAL A 378 2.03 16.44 15.52
N ARG A 379 0.71 16.30 15.36
CA ARG A 379 0.09 14.98 15.45
C ARG A 379 0.60 14.05 14.36
N ASP A 380 0.75 14.57 13.14
CA ASP A 380 1.30 13.77 12.05
C ASP A 380 2.67 13.22 12.44
N LYS A 381 3.56 14.09 12.93
CA LYS A 381 4.90 13.64 13.29
C LYS A 381 4.87 12.69 14.49
N LEU A 382 3.89 12.86 15.39
CA LEU A 382 3.76 11.91 16.50
C LEU A 382 3.31 10.54 15.99
N TYR A 383 2.43 10.52 14.97
CA TYR A 383 2.01 9.25 14.40
C TYR A 383 3.20 8.52 13.76
N ASN A 384 4.06 9.26 13.07
CA ASN A 384 5.26 8.66 12.50
C ASN A 384 6.20 8.19 13.60
N THR A 385 6.39 9.00 14.64
CA THR A 385 7.16 8.59 15.80
C THR A 385 6.70 7.24 16.32
N ARG A 386 5.37 7.06 16.41
CA ARG A 386 4.83 5.80 16.91
C ARG A 386 5.08 4.66 15.94
N GLU A 387 4.79 4.87 14.65
CA GLU A 387 4.93 3.79 13.68
C GLU A 387 6.40 3.39 13.52
N ARG A 388 7.32 4.36 13.56
CA ARG A 388 8.73 4.04 13.48
C ARG A 388 9.15 3.11 14.62
N ALA A 389 8.70 3.42 15.84
CA ALA A 389 9.00 2.56 16.98
C ALA A 389 8.37 1.18 16.79
N ARG A 390 7.13 1.12 16.30
CA ARG A 390 6.48 -0.17 16.06
C ARG A 390 7.28 -1.01 15.08
N HIS A 391 7.78 -0.39 14.00
CA HIS A 391 8.55 -1.13 13.02
C HIS A 391 9.87 -1.62 13.60
N LEU A 392 10.61 -0.73 14.26
CA LEU A 392 11.85 -1.13 14.92
C LEU A 392 11.61 -2.27 15.90
N LEU A 393 10.45 -2.26 16.58
CA LEU A 393 10.13 -3.30 17.53
C LEU A 393 9.95 -4.64 16.85
N ALA A 394 9.20 -4.67 15.73
CA ALA A 394 8.89 -5.92 15.06
C ALA A 394 10.07 -6.41 14.22
N SER A 395 10.46 -5.63 13.21
CA SER A 395 11.47 -6.07 12.26
C SER A 395 12.90 -5.74 12.70
N GLY A 396 13.08 -4.76 13.59
CA GLY A 396 14.39 -4.24 13.88
C GLY A 396 14.85 -3.15 12.94
N VAL A 397 13.97 -2.68 12.06
CA VAL A 397 14.36 -1.74 11.01
C VAL A 397 13.14 -0.92 10.61
N SER A 398 13.36 0.37 10.31
CA SER A 398 12.26 1.25 9.94
C SER A 398 12.62 2.13 8.74
N GLU A 399 11.79 2.05 7.70
CA GLU A 399 11.89 2.92 6.52
C GLU A 399 11.16 4.23 6.72
N ILE A 400 10.54 4.45 7.88
CA ILE A 400 10.04 5.76 8.28
C ILE A 400 11.21 6.56 8.80
N SER A 401 11.49 7.68 8.16
CA SER A 401 12.69 8.45 8.47
C SER A 401 12.57 9.11 9.83
N ALA A 402 13.71 9.23 10.53
CA ALA A 402 13.74 9.98 11.77
C ALA A 402 13.47 11.47 11.53
N GLU A 403 13.63 11.95 10.30
CA GLU A 403 13.31 13.34 9.99
C GLU A 403 11.81 13.57 10.05
N SER A 404 11.03 12.62 9.56
CA SER A 404 9.57 12.74 9.55
C SER A 404 8.94 12.49 10.91
N SER A 405 9.74 12.22 11.94
CA SER A 405 9.25 11.98 13.29
C SER A 405 9.98 12.90 14.26
N PHE A 406 9.65 12.78 15.54
CA PHE A 406 10.29 13.56 16.59
C PHE A 406 11.41 12.74 17.21
N THR A 407 12.65 13.22 17.05
CA THR A 407 13.82 12.52 17.55
C THR A 407 14.27 13.03 18.92
N SER A 408 14.06 14.31 19.20
CA SER A 408 14.45 14.89 20.48
C SER A 408 13.25 15.58 21.11
N ILE A 409 13.32 15.72 22.43
CA ILE A 409 12.30 16.48 23.16
C ILE A 409 12.25 17.91 22.66
N GLU A 410 13.38 18.46 22.22
CA GLU A 410 13.45 19.87 21.85
C GLU A 410 12.62 20.15 20.60
N GLU A 411 12.71 19.31 19.57
CA GLU A 411 11.96 19.54 18.35
C GLU A 411 10.48 19.24 18.51
N PHE A 412 10.12 18.43 19.51
CA PHE A 412 8.71 18.28 19.88
C PHE A 412 8.16 19.58 20.46
N LEU A 413 8.93 20.24 21.32
CA LEU A 413 8.44 21.42 22.04
C LEU A 413 8.44 22.67 21.19
N GLU A 414 9.30 22.74 20.17
CA GLU A 414 9.38 23.94 19.33
C GLU A 414 8.01 24.38 18.83
N PRO A 415 7.21 23.54 18.18
CA PRO A 415 5.88 24.03 17.74
C PRO A 415 4.94 24.30 18.90
N LEU A 416 5.04 23.55 19.99
CA LEU A 416 4.16 23.80 21.13
C LEU A 416 4.46 25.13 21.79
N GLU A 417 5.74 25.45 21.97
CA GLU A 417 6.10 26.74 22.55
C GLU A 417 5.77 27.89 21.60
N LEU A 418 5.79 27.62 20.30
CA LEU A 418 5.37 28.64 19.33
C LEU A 418 3.88 28.93 19.49
N CYS A 419 3.07 27.90 19.73
CA CYS A 419 1.65 28.12 19.99
C CYS A 419 1.44 28.90 21.27
N TYR A 420 2.23 28.59 22.31
CA TYR A 420 2.09 29.27 23.60
C TYR A 420 2.48 30.74 23.48
N LYS A 421 3.61 31.03 22.84
CA LYS A 421 4.04 32.42 22.66
C LYS A 421 3.02 33.20 21.84
N SER A 422 2.48 32.59 20.78
CA SER A 422 1.53 33.29 19.92
C SER A 422 0.28 33.66 20.70
N LEU A 423 -0.26 32.74 21.49
CA LEU A 423 -1.43 33.05 22.30
C LEU A 423 -1.14 34.18 23.28
N CYS A 424 0.05 34.16 23.89
CA CYS A 424 0.41 35.21 24.84
C CYS A 424 0.57 36.55 24.13
N ASP A 425 1.19 36.56 22.95
CA ASP A 425 1.39 37.81 22.21
C ASP A 425 0.08 38.46 21.81
N CYS A 426 -1.00 37.69 21.68
CA CYS A 426 -2.31 38.21 21.32
C CYS A 426 -3.19 38.47 22.53
N GLY A 427 -2.63 38.47 23.74
CA GLY A 427 -3.42 38.68 24.92
C GLY A 427 -4.28 37.51 25.34
N ASP A 428 -3.96 36.31 24.88
CA ASP A 428 -4.72 35.11 25.23
C ASP A 428 -3.92 34.18 26.15
N LYS A 429 -3.03 34.76 26.96
CA LYS A 429 -2.25 33.96 27.90
C LYS A 429 -3.15 33.12 28.80
N ALA A 430 -4.34 33.63 29.14
CA ALA A 430 -5.26 32.87 29.97
C ALA A 430 -5.68 31.57 29.30
N ILE A 431 -5.91 31.61 27.98
CA ILE A 431 -6.21 30.38 27.25
C ILE A 431 -4.98 29.47 27.22
N ALA A 432 -3.81 30.06 26.94
CA ALA A 432 -2.57 29.30 26.89
C ALA A 432 -2.32 28.57 28.21
N ASP A 433 -2.59 29.23 29.32
CA ASP A 433 -2.39 28.65 30.64
C ASP A 433 -3.42 27.59 31.00
N GLY A 434 -4.21 27.13 30.03
CA GLY A 434 -5.12 26.02 30.28
C GLY A 434 -4.57 24.71 29.78
N SER A 435 -5.18 24.16 28.72
CA SER A 435 -4.80 22.83 28.27
C SER A 435 -3.39 22.82 27.68
N LEU A 436 -3.00 23.88 26.99
CA LEU A 436 -1.68 23.93 26.38
C LEU A 436 -0.59 23.94 27.44
N LEU A 437 -0.83 24.61 28.57
CA LEU A 437 0.14 24.57 29.66
C LEU A 437 0.19 23.20 30.32
N ASP A 438 -0.95 22.51 30.40
CA ASP A 438 -0.96 21.12 30.87
C ASP A 438 -0.06 20.26 29.99
N LEU A 439 -0.21 20.40 28.66
CA LEU A 439 0.55 19.57 27.74
C LEU A 439 2.05 19.84 27.87
N LEU A 440 2.44 21.12 27.93
CA LEU A 440 3.85 21.45 28.06
C LEU A 440 4.44 20.87 29.34
N ARG A 441 3.68 20.91 30.43
CA ARG A 441 4.14 20.28 31.67
C ARG A 441 4.22 18.77 31.53
N GLN A 442 3.33 18.17 30.72
CA GLN A 442 3.44 16.74 30.45
C GLN A 442 4.69 16.44 29.64
N VAL A 443 5.02 17.29 28.67
CA VAL A 443 6.21 17.03 27.86
C VAL A 443 7.46 17.09 28.73
N PHE A 444 7.52 18.08 29.63
CA PHE A 444 8.70 18.24 30.47
C PHE A 444 8.73 17.25 31.62
N THR A 445 7.61 16.60 31.93
CA THR A 445 7.59 15.57 32.95
C THR A 445 7.88 14.18 32.38
N PHE A 446 7.28 13.87 31.25
CA PHE A 446 7.31 12.52 30.69
C PHE A 446 8.24 12.35 29.50
N GLY A 447 8.53 13.43 28.76
CA GLY A 447 9.39 13.30 27.61
C GLY A 447 8.73 12.46 26.53
N LEU A 448 9.57 11.90 25.66
CA LEU A 448 9.09 11.07 24.57
C LEU A 448 9.05 9.59 24.91
N SER A 449 9.37 9.23 26.16
CA SER A 449 9.41 7.83 26.57
C SER A 449 8.67 7.57 27.88
N LEU A 450 7.89 8.53 28.37
CA LEU A 450 7.13 8.41 29.62
C LEU A 450 8.07 8.24 30.82
N VAL A 451 8.91 7.21 30.79
CA VAL A 451 9.81 6.89 31.89
C VAL A 451 11.22 6.73 31.35
N LYS A 452 12.20 7.00 32.20
CA LYS A 452 13.60 6.73 31.92
C LYS A 452 13.97 5.40 32.56
N LEU A 453 14.66 4.55 31.82
CA LEU A 453 14.95 3.19 32.26
C LEU A 453 16.27 3.17 33.03
N ASP A 454 16.22 2.63 34.25
CA ASP A 454 17.44 2.33 34.99
C ASP A 454 17.98 0.96 34.56
N ILE A 455 19.28 0.87 34.40
CA ILE A 455 19.97 -0.40 34.17
C ILE A 455 20.64 -0.83 35.46
N ARG A 456 20.56 -2.12 35.78
CA ARG A 456 21.22 -2.62 36.98
C ARG A 456 21.83 -4.00 36.73
N GLN A 457 23.06 -4.17 37.22
CA GLN A 457 23.81 -5.41 37.08
C GLN A 457 24.75 -5.55 38.27
N GLU A 458 25.11 -6.79 38.57
CA GLU A 458 25.96 -7.10 39.72
C GLU A 458 27.43 -6.85 39.39
N SER A 459 28.17 -6.33 40.38
CA SER A 459 29.54 -5.90 40.13
C SER A 459 30.43 -7.06 39.69
N GLU A 460 30.23 -8.25 40.27
CA GLU A 460 31.07 -9.39 39.91
C GLU A 460 30.89 -9.80 38.46
N ARG A 461 29.74 -9.49 37.85
CA ARG A 461 29.56 -9.77 36.43
C ARG A 461 30.42 -8.85 35.57
N HIS A 462 30.67 -7.63 36.04
CA HIS A 462 31.61 -6.74 35.34
C HIS A 462 33.03 -7.22 35.53
N THR A 463 33.37 -7.66 36.74
CA THR A 463 34.70 -8.22 37.00
C THR A 463 34.97 -9.39 36.08
N ASP A 464 33.97 -10.26 35.89
CA ASP A 464 34.12 -11.40 34.98
C ASP A 464 34.52 -10.94 33.58
N VAL A 465 33.88 -9.88 33.08
CA VAL A 465 34.19 -9.40 31.74
C VAL A 465 35.61 -8.89 31.67
N ILE A 466 36.02 -8.12 32.68
CA ILE A 466 37.34 -7.50 32.65
C ILE A 466 38.44 -8.55 32.82
N ASP A 467 38.19 -9.55 33.68
CA ASP A 467 39.13 -10.67 33.78
C ASP A 467 39.27 -11.40 32.45
N ALA A 468 38.15 -11.60 31.74
CA ALA A 468 38.21 -12.20 30.41
C ALA A 468 39.10 -11.38 29.48
N ILE A 469 39.02 -10.06 29.57
CA ILE A 469 39.81 -9.20 28.70
C ILE A 469 41.29 -9.29 29.06
N THR A 470 41.61 -9.18 30.35
CA THR A 470 43.01 -9.12 30.76
C THR A 470 43.72 -10.45 30.49
N THR A 471 43.03 -11.57 30.68
CA THR A 471 43.65 -12.86 30.40
C THR A 471 43.83 -13.07 28.91
N HIS A 472 42.84 -12.66 28.11
CA HIS A 472 42.94 -12.84 26.66
C HIS A 472 44.05 -11.98 26.07
N LEU A 473 44.25 -10.78 26.62
CA LEU A 473 45.37 -9.94 26.21
C LEU A 473 46.69 -10.38 26.82
N GLY A 474 46.66 -11.22 27.86
CA GLY A 474 47.86 -11.77 28.42
C GLY A 474 48.56 -10.90 29.45
N ILE A 475 47.87 -9.95 30.04
CA ILE A 475 48.48 -9.08 31.06
C ILE A 475 48.07 -9.49 32.47
N GLY A 476 47.45 -10.65 32.64
CA GLY A 476 47.15 -11.20 33.94
C GLY A 476 45.67 -11.33 34.18
N SER A 477 45.33 -11.56 35.45
CA SER A 477 43.95 -11.79 35.88
C SER A 477 43.50 -10.60 36.72
N TYR A 478 42.58 -9.80 36.16
CA TYR A 478 42.04 -8.66 36.90
C TYR A 478 41.38 -9.10 38.20
N ARG A 479 40.83 -10.31 38.24
CA ARG A 479 40.16 -10.77 39.46
C ARG A 479 41.16 -10.99 40.60
N GLU A 480 42.36 -11.48 40.27
CA GLU A 480 43.35 -11.72 41.31
C GLU A 480 43.95 -10.44 41.86
N TRP A 481 43.80 -9.32 41.14
CA TRP A 481 44.44 -8.08 41.56
C TRP A 481 43.75 -7.47 42.77
N SER A 482 44.54 -6.83 43.61
CA SER A 482 44.01 -6.06 44.73
C SER A 482 43.21 -4.87 44.22
N GLU A 483 42.44 -4.26 45.12
CA GLU A 483 41.64 -3.09 44.75
C GLU A 483 42.52 -1.96 44.24
N ASP A 484 43.65 -1.71 44.89
CA ASP A 484 44.53 -0.63 44.46
C ASP A 484 45.14 -0.91 43.10
N LYS A 485 45.53 -2.16 42.83
CA LYS A 485 46.05 -2.51 41.51
C LYS A 485 44.98 -2.38 40.44
N ARG A 486 43.74 -2.78 40.76
CA ARG A 486 42.64 -2.63 39.81
C ARG A 486 42.45 -1.17 39.43
N GLN A 487 42.37 -0.28 40.43
CA GLN A 487 42.21 1.15 40.16
C GLN A 487 43.36 1.68 39.30
N GLU A 488 44.60 1.29 39.63
CA GLU A 488 45.76 1.74 38.87
C GLU A 488 45.63 1.36 37.40
N TRP A 489 45.22 0.12 37.12
CA TRP A 489 45.12 -0.34 35.74
C TRP A 489 43.94 0.31 35.03
N LEU A 490 42.77 0.32 35.68
CA LEU A 490 41.59 0.93 35.09
C LEU A 490 41.85 2.38 34.72
N LEU A 491 42.52 3.12 35.61
CA LEU A 491 42.77 4.53 35.36
C LEU A 491 43.75 4.75 34.22
N SER A 492 44.73 3.86 34.06
CA SER A 492 45.65 3.98 32.93
C SER A 492 44.95 3.70 31.61
N GLU A 493 43.94 2.82 31.63
CA GLU A 493 43.15 2.58 30.44
C GLU A 493 42.22 3.75 30.17
N LEU A 494 41.54 4.23 31.21
CA LEU A 494 40.59 5.32 31.03
C LEU A 494 41.30 6.59 30.57
N ARG A 495 42.53 6.81 31.06
CA ARG A 495 43.30 7.98 30.63
C ARG A 495 43.99 7.78 29.29
N GLY A 496 44.27 6.53 28.90
CA GLY A 496 44.89 6.29 27.62
C GLY A 496 43.93 6.49 26.47
N LYS A 497 44.49 6.50 25.26
CA LYS A 497 43.71 6.76 24.06
C LYS A 497 43.58 5.54 23.15
N ARG A 498 44.02 4.36 23.59
CA ARG A 498 43.98 3.16 22.77
C ARG A 498 42.84 2.25 23.22
N PRO A 499 42.03 1.74 22.29
CA PRO A 499 40.92 0.86 22.67
C PRO A 499 41.42 -0.44 23.29
N LEU A 500 40.49 -1.16 23.87
CA LEU A 500 40.83 -2.28 24.74
C LEU A 500 40.05 -3.55 24.45
N LEU A 501 38.76 -3.44 24.18
CA LEU A 501 37.90 -4.61 23.99
C LEU A 501 38.03 -5.14 22.57
N PRO A 502 38.59 -6.33 22.39
CA PRO A 502 38.68 -6.93 21.06
C PRO A 502 37.35 -7.58 20.68
N PRO A 503 36.90 -7.40 19.43
CA PRO A 503 35.67 -8.07 19.00
C PRO A 503 35.82 -9.57 18.98
N ASP A 504 37.06 -10.06 19.02
CA ASP A 504 37.49 -11.44 19.04
C ASP A 504 37.27 -12.09 20.41
N LEU A 505 36.96 -11.30 21.45
CA LEU A 505 37.05 -11.80 22.83
C LEU A 505 36.21 -13.05 23.03
N PRO A 506 36.79 -14.15 23.52
CA PRO A 506 35.98 -15.35 23.86
C PRO A 506 35.03 -15.03 25.00
N GLN A 507 33.77 -15.43 24.83
CA GLN A 507 32.69 -14.95 25.68
C GLN A 507 31.88 -16.12 26.23
N THR A 508 31.67 -16.11 27.55
CA THR A 508 30.66 -16.95 28.17
C THR A 508 29.28 -16.41 27.80
N GLU A 509 28.24 -17.14 28.22
CA GLU A 509 26.89 -16.62 28.05
C GLU A 509 26.69 -15.35 28.88
N GLU A 510 27.21 -15.33 30.10
CA GLU A 510 27.02 -14.20 30.98
C GLU A 510 27.83 -12.99 30.52
N ILE A 511 29.07 -13.22 30.09
CA ILE A 511 29.89 -12.13 29.57
C ILE A 511 29.27 -11.56 28.30
N ALA A 512 28.73 -12.42 27.45
CA ALA A 512 28.06 -11.96 26.24
C ALA A 512 26.79 -11.17 26.58
N ASP A 513 26.13 -11.50 27.70
CA ASP A 513 24.95 -10.74 28.10
C ASP A 513 25.34 -9.34 28.57
N VAL A 514 26.46 -9.22 29.29
CA VAL A 514 26.92 -7.92 29.75
C VAL A 514 27.33 -7.04 28.57
N ILE A 515 28.21 -7.56 27.72
CA ILE A 515 28.62 -6.83 26.52
C ILE A 515 27.40 -6.48 25.67
N GLY A 516 26.53 -7.46 25.45
CA GLY A 516 25.36 -7.23 24.61
C GLY A 516 24.45 -6.15 25.17
N ALA A 517 24.35 -6.07 26.49
CA ALA A 517 23.55 -5.02 27.11
C ALA A 517 24.15 -3.65 26.84
N PHE A 518 25.46 -3.52 27.02
CA PHE A 518 26.13 -2.25 26.71
C PHE A 518 25.97 -1.89 25.24
N HIS A 519 26.01 -2.89 24.34
CA HIS A 519 25.82 -2.63 22.92
C HIS A 519 24.43 -2.10 22.63
N VAL A 520 23.42 -2.55 23.37
CA VAL A 520 22.07 -2.04 23.20
C VAL A 520 22.01 -0.58 23.66
N LEU A 521 22.59 -0.30 24.84
CA LEU A 521 22.63 1.07 25.35
C LEU A 521 23.28 2.01 24.35
N ALA A 522 24.34 1.57 23.68
CA ALA A 522 25.01 2.41 22.71
C ALA A 522 24.13 2.71 21.50
N GLU A 523 23.20 1.82 21.18
CA GLU A 523 22.39 1.95 19.97
C GLU A 523 21.12 2.77 20.16
N LEU A 524 20.65 2.90 21.39
CA LEU A 524 19.39 3.58 21.69
C LEU A 524 19.63 5.04 22.07
N PRO A 525 18.63 5.89 21.94
CA PRO A 525 18.80 7.31 22.27
C PRO A 525 19.12 7.50 23.74
N PRO A 526 20.02 8.42 24.08
CA PRO A 526 20.40 8.61 25.49
C PRO A 526 19.25 9.00 26.41
N ASP A 527 18.21 9.64 25.88
CA ASP A 527 17.09 10.04 26.75
C ASP A 527 16.18 8.88 27.12
N SER A 528 16.46 7.67 26.64
CA SER A 528 15.72 6.49 27.07
C SER A 528 16.13 6.01 28.46
N PHE A 529 17.29 6.45 28.95
CA PHE A 529 17.91 5.83 30.10
C PHE A 529 18.15 6.83 31.23
N GLY A 530 18.23 6.29 32.43
CA GLY A 530 18.79 6.99 33.55
C GLY A 530 20.15 6.42 33.89
N PRO A 531 20.33 6.00 35.14
CA PRO A 531 21.64 5.51 35.57
C PRO A 531 21.87 4.05 35.26
N TYR A 532 23.15 3.67 35.33
CA TYR A 532 23.57 2.27 35.38
C TYR A 532 23.95 1.96 36.83
N ILE A 533 23.19 1.08 37.47
CA ILE A 533 23.34 0.79 38.89
C ILE A 533 24.14 -0.49 39.07
N ILE A 534 25.10 -0.46 40.00
CA ILE A 534 25.98 -1.59 40.26
C ILE A 534 25.52 -2.22 41.58
N SER A 535 24.82 -3.35 41.48
CA SER A 535 24.47 -4.10 42.67
C SER A 535 25.73 -4.60 43.37
N MET A 536 25.65 -4.67 44.69
CA MET A 536 26.73 -5.21 45.53
C MET A 536 28.05 -4.49 45.25
N ALA A 537 27.98 -3.17 45.10
CA ALA A 537 29.17 -2.36 44.95
C ALA A 537 29.92 -2.28 46.27
N THR A 538 31.24 -2.44 46.21
CA THR A 538 32.07 -2.44 47.40
C THR A 538 33.25 -1.48 47.36
N ALA A 539 33.66 -1.00 46.19
CA ALA A 539 34.91 -0.26 46.09
C ALA A 539 34.90 0.56 44.81
N PRO A 540 35.72 1.60 44.71
CA PRO A 540 35.73 2.44 43.50
C PRO A 540 35.96 1.69 42.21
N SER A 541 36.70 0.58 42.23
CA SER A 541 36.98 -0.14 40.99
C SER A 541 35.69 -0.65 40.35
N ASP A 542 34.67 -0.96 41.16
CA ASP A 542 33.39 -1.37 40.63
C ASP A 542 32.79 -0.29 39.74
N VAL A 543 32.93 0.98 40.15
CA VAL A 543 32.36 2.08 39.37
C VAL A 543 33.19 2.30 38.10
N LEU A 544 34.50 2.46 38.25
CA LEU A 544 35.34 2.75 37.10
C LEU A 544 35.43 1.56 36.13
N ALA A 545 35.17 0.34 36.60
CA ALA A 545 35.06 -0.79 35.67
C ALA A 545 33.93 -0.57 34.68
N VAL A 546 32.77 -0.15 35.18
CA VAL A 546 31.62 0.05 34.31
C VAL A 546 31.87 1.23 33.36
N GLU A 547 32.54 2.28 33.84
CA GLU A 547 32.90 3.39 32.98
C GLU A 547 33.76 2.93 31.82
N LEU A 548 34.72 2.04 32.08
CA LEU A 548 35.57 1.53 31.02
C LEU A 548 34.77 0.64 30.06
N LEU A 549 33.92 -0.23 30.59
CA LEU A 549 33.12 -1.11 29.74
C LEU A 549 32.16 -0.30 28.86
N GLN A 550 31.50 0.70 29.45
CA GLN A 550 30.62 1.59 28.69
C GLN A 550 31.35 2.16 27.48
N ARG A 551 32.55 2.68 27.69
CA ARG A 551 33.28 3.33 26.60
C ARG A 551 33.75 2.31 25.57
N GLU A 552 34.33 1.20 26.02
CA GLU A 552 34.87 0.22 25.10
C GLU A 552 33.78 -0.52 24.33
N CYS A 553 32.54 -0.50 24.81
CA CYS A 553 31.42 -1.04 24.06
C CYS A 553 30.73 0.01 23.20
N GLY A 554 31.21 1.24 23.22
CA GLY A 554 30.76 2.25 22.28
C GLY A 554 29.62 3.13 22.74
N VAL A 555 29.36 3.22 24.05
CA VAL A 555 28.31 4.11 24.56
C VAL A 555 28.89 5.52 24.56
N ARG A 556 28.53 6.32 23.55
CA ARG A 556 29.17 7.62 23.38
C ARG A 556 28.60 8.68 24.31
N GLN A 557 27.34 8.55 24.73
CA GLN A 557 26.81 9.34 25.85
C GLN A 557 26.67 8.40 27.04
N PRO A 558 27.69 8.31 27.89
CA PRO A 558 27.66 7.29 28.95
C PRO A 558 26.59 7.57 30.00
N LEU A 559 26.10 6.50 30.58
CA LEU A 559 25.14 6.59 31.67
C LEU A 559 25.86 6.92 32.97
N PRO A 560 25.26 7.72 33.84
CA PRO A 560 25.84 7.89 35.19
C PRO A 560 25.88 6.55 35.90
N VAL A 561 26.99 6.29 36.57
CA VAL A 561 27.24 5.02 37.24
C VAL A 561 26.94 5.20 38.72
N VAL A 562 26.07 4.35 39.25
CA VAL A 562 25.54 4.48 40.60
C VAL A 562 25.88 3.22 41.39
N PRO A 563 26.68 3.31 42.44
CA PRO A 563 26.95 2.13 43.26
C PRO A 563 25.82 1.89 44.26
N LEU A 564 25.42 0.63 44.38
CA LEU A 564 24.43 0.21 45.37
C LEU A 564 25.17 -0.46 46.52
N PHE A 565 25.25 0.24 47.65
CA PHE A 565 25.96 -0.26 48.82
C PHE A 565 24.98 -1.01 49.71
N GLU A 566 25.10 -2.34 49.74
CA GLU A 566 24.11 -3.21 50.34
C GLU A 566 24.48 -3.70 51.72
N ARG A 567 25.68 -4.22 51.91
CA ARG A 567 26.08 -4.76 53.20
C ARG A 567 26.58 -3.66 54.12
N LEU A 568 26.55 -3.95 55.43
CA LEU A 568 26.91 -2.95 56.42
C LEU A 568 28.32 -2.44 56.22
N ALA A 569 29.26 -3.33 55.92
CA ALA A 569 30.64 -2.93 55.68
C ALA A 569 30.73 -1.99 54.48
N ASP A 570 29.98 -2.28 53.41
CA ASP A 570 30.03 -1.43 52.22
C ASP A 570 29.48 -0.04 52.51
N LEU A 571 28.44 0.04 53.34
CA LEU A 571 27.93 1.35 53.76
C LEU A 571 28.97 2.09 54.60
N GLN A 572 29.68 1.37 55.47
CA GLN A 572 30.67 2.00 56.33
C GLN A 572 31.81 2.60 55.52
N SER A 573 32.22 1.93 54.44
CA SER A 573 33.32 2.39 53.60
C SER A 573 32.83 3.21 52.40
N ALA A 574 31.53 3.39 52.25
CA ALA A 574 31.02 4.20 51.14
C ALA A 574 31.56 5.62 51.09
N PRO A 575 31.66 6.36 52.21
CA PRO A 575 32.26 7.71 52.10
C PRO A 575 33.70 7.70 51.64
N ALA A 576 34.47 6.67 52.01
CA ALA A 576 35.83 6.55 51.50
C ALA A 576 35.83 6.25 50.00
N SER A 577 34.96 5.34 49.57
CA SER A 577 34.89 5.00 48.16
C SER A 577 34.48 6.19 47.31
N VAL A 578 33.52 6.97 47.79
CA VAL A 578 33.07 8.14 47.05
C VAL A 578 34.16 9.22 47.05
N GLU A 579 34.92 9.34 48.14
CA GLU A 579 36.02 10.31 48.18
C GLU A 579 37.13 9.91 47.20
N ARG A 580 37.45 8.62 47.11
CA ARG A 580 38.47 8.18 46.17
C ARG A 580 38.06 8.48 44.74
N LEU A 581 36.80 8.21 44.40
CA LEU A 581 36.30 8.53 43.06
C LEU A 581 36.37 10.02 42.80
N PHE A 582 35.90 10.83 43.74
CA PHE A 582 35.93 12.28 43.57
C PHE A 582 37.33 12.84 43.52
N SER A 583 38.34 12.09 43.97
CA SER A 583 39.72 12.56 43.95
C SER A 583 40.45 12.19 42.66
N VAL A 584 39.77 11.55 41.72
CA VAL A 584 40.38 11.11 40.46
C VAL A 584 40.00 12.12 39.38
N ASP A 585 41.02 12.74 38.78
CA ASP A 585 40.79 13.80 37.80
C ASP A 585 39.86 13.34 36.67
N TRP A 586 40.11 12.13 36.15
CA TRP A 586 39.28 11.63 35.05
C TRP A 586 37.81 11.53 35.46
N TYR A 587 37.55 10.97 36.65
CA TYR A 587 36.17 10.75 37.07
C TYR A 587 35.45 12.08 37.31
N MET A 588 36.13 13.06 37.92
CA MET A 588 35.50 14.37 38.11
C MET A 588 35.15 15.00 36.77
N ASP A 589 36.03 14.87 35.78
CA ASP A 589 35.72 15.34 34.44
C ASP A 589 34.48 14.64 33.88
N ARG A 590 34.32 13.35 34.18
CA ARG A 590 33.20 12.59 33.63
C ARG A 590 31.89 12.99 34.27
N ILE A 591 31.84 13.09 35.61
CA ILE A 591 30.56 13.26 36.27
C ILE A 591 30.06 14.70 36.31
N LYS A 592 30.93 15.69 36.06
CA LYS A 592 30.52 17.10 36.03
C LYS A 592 29.70 17.46 37.28
N GLY A 593 30.33 17.29 38.42
CA GLY A 593 29.74 17.72 39.68
C GLY A 593 28.41 17.11 40.05
N LYS A 594 28.10 15.91 39.57
CA LYS A 594 26.86 15.23 39.92
C LYS A 594 27.12 13.75 40.11
N GLN A 595 26.70 13.21 41.25
CA GLN A 595 26.87 11.79 41.56
C GLN A 595 25.61 11.26 42.23
N GLN A 596 25.16 10.09 41.78
CA GLN A 596 24.04 9.40 42.40
C GLN A 596 24.55 8.16 43.13
N VAL A 597 24.02 7.92 44.32
CA VAL A 597 24.32 6.73 45.12
C VAL A 597 23.01 6.11 45.55
N MET A 598 22.93 4.78 45.47
CA MET A 598 21.75 4.05 45.90
C MET A 598 22.01 3.36 47.24
N VAL A 599 20.98 3.34 48.08
CA VAL A 599 21.04 2.68 49.38
C VAL A 599 19.82 1.77 49.51
N GLY A 600 20.02 0.59 50.09
CA GLY A 600 18.95 -0.37 50.22
C GLY A 600 18.63 -0.74 51.65
N TYR A 601 17.35 -0.71 52.00
CA TYR A 601 16.92 -1.01 53.37
C TYR A 601 16.75 -2.51 53.60
N SER A 602 15.95 -3.16 52.76
CA SER A 602 15.80 -4.61 52.85
C SER A 602 17.15 -5.30 52.66
N ASP A 603 18.00 -4.76 51.78
CA ASP A 603 19.31 -5.34 51.55
C ASP A 603 20.17 -5.29 52.81
N SER A 604 20.39 -4.09 53.35
CA SER A 604 21.24 -3.95 54.52
C SER A 604 20.62 -4.59 55.74
N GLY A 605 19.29 -4.59 55.84
CA GLY A 605 18.63 -5.23 56.96
C GLY A 605 18.82 -6.73 56.98
N LYS A 606 18.96 -7.34 55.79
CA LYS A 606 19.22 -8.77 55.74
C LYS A 606 20.63 -9.09 56.23
N ASP A 607 21.54 -8.13 56.14
CA ASP A 607 22.93 -8.37 56.54
C ASP A 607 23.07 -8.35 58.06
N ALA A 608 22.47 -7.36 58.73
CA ALA A 608 22.73 -7.16 60.15
C ALA A 608 21.49 -6.82 60.96
N GLY A 609 20.29 -6.96 60.42
CA GLY A 609 19.10 -6.55 61.13
C GLY A 609 18.75 -5.10 60.86
N ARG A 610 17.48 -4.77 61.10
CA ARG A 610 16.94 -3.50 60.64
C ARG A 610 17.48 -2.33 61.46
N LEU A 611 17.63 -2.50 62.77
CA LEU A 611 18.07 -1.37 63.60
C LEU A 611 19.49 -0.96 63.26
N SER A 612 20.40 -1.93 63.14
CA SER A 612 21.77 -1.61 62.80
C SER A 612 21.88 -1.07 61.39
N ALA A 613 21.07 -1.59 60.46
CA ALA A 613 21.07 -1.06 59.10
C ALA A 613 20.55 0.37 59.08
N ALA A 614 19.52 0.67 59.86
CA ALA A 614 18.96 2.02 59.90
C ALA A 614 20.00 3.03 60.34
N TRP A 615 20.77 2.70 61.38
CA TRP A 615 21.71 3.67 61.94
C TRP A 615 22.92 3.86 61.05
N GLN A 616 23.47 2.78 60.50
CA GLN A 616 24.59 2.91 59.57
C GLN A 616 24.16 3.68 58.32
N LEU A 617 22.93 3.47 57.87
CA LEU A 617 22.42 4.21 56.71
C LEU A 617 22.40 5.70 57.01
N TYR A 618 22.00 6.08 58.23
CA TYR A 618 22.00 7.50 58.59
C TYR A 618 23.42 8.05 58.55
N ARG A 619 24.36 7.37 59.20
CA ARG A 619 25.74 7.86 59.24
C ARG A 619 26.33 7.92 57.85
N ALA A 620 26.15 6.86 57.06
CA ALA A 620 26.67 6.85 55.70
C ALA A 620 26.15 8.03 54.90
N GLN A 621 24.88 8.39 55.09
CA GLN A 621 24.31 9.51 54.35
C GLN A 621 24.97 10.82 54.73
N GLU A 622 25.17 11.05 56.03
CA GLU A 622 25.71 12.34 56.45
C GLU A 622 27.19 12.49 56.14
N GLU A 623 27.93 11.38 56.13
CA GLU A 623 29.35 11.46 55.79
C GLU A 623 29.56 11.53 54.28
N MET A 624 28.73 10.83 53.50
CA MET A 624 28.79 10.96 52.05
C MET A 624 28.47 12.38 51.60
N ALA A 625 27.47 13.00 52.22
CA ALA A 625 27.17 14.40 51.92
C ALA A 625 28.34 15.30 52.27
N GLN A 626 29.04 14.99 53.37
CA GLN A 626 30.21 15.77 53.76
C GLN A 626 31.31 15.66 52.72
N VAL A 627 31.55 14.44 52.24
CA VAL A 627 32.54 14.24 51.17
C VAL A 627 32.13 15.03 49.93
N ALA A 628 30.86 14.94 49.56
CA ALA A 628 30.38 15.63 48.36
C ALA A 628 30.53 17.14 48.48
N LYS A 629 30.19 17.70 49.65
CA LYS A 629 30.31 19.13 49.85
C LYS A 629 31.74 19.61 49.71
N ARG A 630 32.70 18.83 50.23
CA ARG A 630 34.10 19.23 50.16
C ARG A 630 34.59 19.25 48.71
N TYR A 631 34.12 18.33 47.88
CA TYR A 631 34.60 18.19 46.52
C TYR A 631 33.72 18.89 45.50
N GLY A 632 32.71 19.64 45.95
CA GLY A 632 31.86 20.38 45.04
C GLY A 632 30.89 19.54 44.22
N VAL A 633 30.57 18.34 44.69
CA VAL A 633 29.72 17.41 43.95
C VAL A 633 28.33 17.43 44.56
N LYS A 634 27.31 17.49 43.70
CA LYS A 634 25.91 17.42 44.13
C LYS A 634 25.52 15.94 44.20
N LEU A 635 25.30 15.45 45.41
CA LEU A 635 25.08 14.03 45.65
C LEU A 635 23.58 13.75 45.80
N THR A 636 23.05 12.88 44.93
CA THR A 636 21.66 12.48 44.96
C THR A 636 21.55 11.04 45.45
N LEU A 637 20.67 10.81 46.41
CA LEU A 637 20.46 9.48 46.96
C LEU A 637 19.22 8.84 46.34
N PHE A 638 19.32 7.54 46.08
CA PHE A 638 18.25 6.74 45.51
C PHE A 638 17.87 5.68 46.54
N HIS A 639 16.62 5.74 47.00
CA HIS A 639 16.17 4.94 48.14
C HIS A 639 15.49 3.67 47.65
N GLY A 640 16.12 2.53 47.91
CA GLY A 640 15.60 1.26 47.48
C GLY A 640 14.39 0.80 48.28
N ARG A 641 13.92 -0.40 47.93
CA ARG A 641 12.72 -0.96 48.54
C ARG A 641 12.92 -1.18 50.04
N GLY A 642 11.79 -1.33 50.73
CA GLY A 642 11.80 -1.66 52.14
C GLY A 642 12.09 -0.50 53.07
N GLY A 643 12.05 0.74 52.58
CA GLY A 643 12.44 1.86 53.40
C GLY A 643 11.28 2.54 54.08
N THR A 644 11.63 3.47 54.97
CA THR A 644 10.62 4.35 55.53
C THR A 644 10.11 5.31 54.48
N VAL A 645 11.02 5.94 53.74
CA VAL A 645 10.62 6.63 52.51
C VAL A 645 10.19 5.60 51.48
N GLY A 646 9.02 5.80 50.89
CA GLY A 646 8.41 4.78 50.06
C GLY A 646 7.32 3.99 50.74
N ARG A 647 7.03 4.26 52.01
CA ARG A 647 5.83 3.73 52.64
C ARG A 647 4.60 4.36 52.01
N GLY A 648 3.46 3.69 52.18
CA GLY A 648 2.22 4.18 51.61
C GLY A 648 1.61 5.27 52.47
N GLY A 649 1.27 6.40 51.85
CA GLY A 649 0.54 7.43 52.55
C GLY A 649 1.45 8.36 53.34
N GLY A 650 0.88 8.94 54.41
CA GLY A 650 1.57 9.94 55.19
C GLY A 650 2.96 9.61 55.68
N PRO A 651 3.23 8.38 56.14
CA PRO A 651 4.56 8.08 56.70
C PRO A 651 5.74 8.51 55.84
N THR A 652 5.59 8.48 54.50
CA THR A 652 6.66 8.93 53.63
C THR A 652 6.96 10.41 53.82
N HIS A 653 5.94 11.22 54.08
CA HIS A 653 6.14 12.65 54.33
C HIS A 653 7.13 12.87 55.47
N LEU A 654 6.88 12.24 56.62
CA LEU A 654 7.79 12.40 57.75
C LEU A 654 9.14 11.75 57.49
N ALA A 655 9.14 10.61 56.81
CA ALA A 655 10.38 9.89 56.54
C ALA A 655 11.35 10.78 55.76
N ILE A 656 10.86 11.47 54.74
CA ILE A 656 11.73 12.37 53.98
C ILE A 656 12.20 13.53 54.84
N LEU A 657 11.30 14.09 55.65
CA LEU A 657 11.70 15.17 56.55
C LEU A 657 12.74 14.71 57.57
N SER A 658 12.83 13.41 57.83
CA SER A 658 13.70 12.87 58.87
C SER A 658 15.11 12.57 58.38
N GLN A 659 15.36 12.65 57.07
CA GLN A 659 16.67 12.28 56.56
C GLN A 659 17.72 13.30 57.02
N PRO A 660 18.99 12.90 57.08
CA PRO A 660 20.01 13.75 57.68
C PRO A 660 20.05 15.12 56.99
N PRO A 661 20.38 16.17 57.73
CA PRO A 661 20.39 17.51 57.14
C PRO A 661 21.32 17.61 55.94
N ASP A 662 20.88 18.38 54.93
CA ASP A 662 21.68 18.72 53.76
C ASP A 662 22.05 17.50 52.92
N THR A 663 21.23 16.46 52.95
CA THR A 663 21.45 15.30 52.09
C THR A 663 20.50 15.23 50.90
N ILE A 664 19.52 16.12 50.82
CA ILE A 664 18.56 16.14 49.71
C ILE A 664 18.79 17.32 48.80
N ASN A 665 18.62 18.54 49.33
CA ASN A 665 18.89 19.77 48.58
C ASN A 665 18.22 19.78 47.21
N GLY A 666 16.97 19.33 47.17
CA GLY A 666 16.15 19.40 45.98
C GLY A 666 16.29 18.26 45.00
N SER A 667 16.94 17.16 45.38
CA SER A 667 17.17 16.06 44.46
C SER A 667 17.11 14.74 45.20
N ILE A 668 16.16 13.89 44.85
CA ILE A 668 15.98 12.61 45.52
C ILE A 668 15.29 11.65 44.56
N ARG A 669 15.66 10.38 44.64
CA ARG A 669 14.99 9.30 43.93
C ARG A 669 14.47 8.29 44.94
N VAL A 670 13.23 7.81 44.73
CA VAL A 670 12.57 6.87 45.62
C VAL A 670 11.91 5.80 44.77
N THR A 671 12.08 4.53 45.15
CA THR A 671 11.35 3.48 44.46
C THR A 671 9.92 3.40 44.95
N VAL A 672 9.01 3.19 44.02
CA VAL A 672 7.60 2.96 44.31
C VAL A 672 7.40 1.45 44.30
N GLN A 673 7.38 0.85 45.49
CA GLN A 673 7.21 -0.60 45.58
C GLN A 673 5.89 -1.02 44.97
N GLY A 674 5.90 -2.16 44.28
CA GLY A 674 4.68 -2.70 43.72
C GLY A 674 3.62 -2.96 44.78
N GLU A 675 4.06 -3.22 46.03
CA GLU A 675 3.11 -3.55 47.09
C GLU A 675 2.28 -2.35 47.50
N VAL A 676 2.76 -1.13 47.27
CA VAL A 676 2.04 0.08 47.66
C VAL A 676 1.57 0.89 46.47
N ILE A 677 1.84 0.46 45.24
CA ILE A 677 1.57 1.33 44.09
C ILE A 677 0.08 1.53 43.87
N GLU A 678 -0.74 0.54 44.23
CA GLU A 678 -2.19 0.69 44.09
C GLU A 678 -2.73 1.75 45.04
N PHE A 679 -2.30 1.73 46.30
CA PHE A 679 -2.75 2.72 47.25
C PHE A 679 -2.17 4.10 46.96
N CYS A 680 -1.04 4.17 46.26
CA CYS A 680 -0.41 5.47 46.01
C CYS A 680 -0.96 6.12 44.75
N PHE A 681 -1.27 5.32 43.74
CA PHE A 681 -1.62 5.86 42.43
C PHE A 681 -2.87 5.26 41.80
N GLY A 682 -3.62 4.40 42.50
CA GLY A 682 -4.76 3.77 41.85
C GLY A 682 -5.96 4.68 41.69
N GLU A 683 -6.02 5.76 42.48
CA GLU A 683 -7.17 6.64 42.53
C GLU A 683 -6.71 8.08 42.41
N GLU A 684 -7.47 8.87 41.66
CA GLU A 684 -7.20 10.28 41.38
C GLU A 684 -6.66 11.03 42.59
N HIS A 685 -7.42 11.04 43.68
CA HIS A 685 -7.05 11.85 44.83
C HIS A 685 -5.83 11.28 45.55
N LEU A 686 -5.74 9.95 45.64
CA LEU A 686 -4.57 9.34 46.24
C LEU A 686 -3.31 9.68 45.44
N CYS A 687 -3.41 9.66 44.11
CA CYS A 687 -2.29 10.08 43.26
C CYS A 687 -1.88 11.50 43.60
N PHE A 688 -2.85 12.41 43.65
CA PHE A 688 -2.59 13.81 43.98
C PHE A 688 -1.87 13.93 45.32
N GLN A 689 -2.38 13.26 46.34
CA GLN A 689 -1.77 13.34 47.66
C GLN A 689 -0.35 12.78 47.67
N THR A 690 -0.09 11.75 46.87
CA THR A 690 1.26 11.19 46.80
C THR A 690 2.23 12.20 46.20
N LEU A 691 1.88 12.75 45.03
CA LEU A 691 2.72 13.76 44.40
C LEU A 691 2.95 14.94 45.32
N GLN A 692 1.91 15.37 46.04
CA GLN A 692 2.04 16.47 46.96
C GLN A 692 2.96 16.12 48.12
N ARG A 693 2.85 14.90 48.64
CA ARG A 693 3.68 14.44 49.75
C ARG A 693 5.16 14.57 49.40
N PHE A 694 5.58 13.90 48.33
CA PHE A 694 6.98 13.93 47.94
C PHE A 694 7.46 15.34 47.66
N THR A 695 6.63 16.14 46.99
CA THR A 695 7.02 17.50 46.63
C THR A 695 7.18 18.37 47.88
N ALA A 696 6.20 18.30 48.79
CA ALA A 696 6.26 19.14 49.99
C ALA A 696 7.40 18.73 50.90
N ALA A 697 7.53 17.44 51.19
CA ALA A 697 8.55 16.97 52.12
C ALA A 697 9.95 17.28 51.60
N THR A 698 10.20 17.02 50.32
CA THR A 698 11.50 17.31 49.73
C THR A 698 11.82 18.81 49.81
N LEU A 699 10.84 19.66 49.53
CA LEU A 699 11.07 21.09 49.52
C LEU A 699 11.40 21.60 50.92
N GLU A 700 10.64 21.17 51.92
CA GLU A 700 10.83 21.67 53.27
C GLU A 700 12.18 21.24 53.84
N HIS A 701 12.57 19.99 53.59
CA HIS A 701 13.82 19.48 54.16
C HIS A 701 15.01 20.34 53.75
N GLY A 702 15.03 20.80 52.50
CA GLY A 702 16.14 21.59 52.02
C GLY A 702 16.29 22.94 52.71
N MET A 703 15.21 23.48 53.27
CA MET A 703 15.24 24.76 53.96
C MET A 703 14.91 24.65 55.44
N HIS A 704 14.59 23.45 55.92
CA HIS A 704 14.17 23.24 57.30
C HIS A 704 14.54 21.83 57.72
N PRO A 705 15.81 21.56 57.98
CA PRO A 705 16.25 20.19 58.30
C PRO A 705 15.78 19.77 59.69
N PRO A 706 15.78 18.48 59.98
CA PRO A 706 15.48 18.03 61.34
C PRO A 706 16.63 18.38 62.29
N VAL A 707 16.38 18.21 63.59
CA VAL A 707 17.40 18.53 64.57
C VAL A 707 18.58 17.57 64.42
N SER A 708 19.78 18.09 64.63
CA SER A 708 20.95 17.24 64.62
C SER A 708 20.95 16.37 65.88
N PRO A 709 21.37 15.11 65.78
CA PRO A 709 21.36 14.23 66.95
C PRO A 709 22.32 14.74 68.01
N LYS A 710 21.89 14.63 69.30
CA LYS A 710 22.85 15.06 70.30
C LYS A 710 23.73 13.86 70.71
N PRO A 711 24.98 14.11 71.14
CA PRO A 711 25.92 12.99 71.37
C PRO A 711 25.36 11.83 72.17
N GLU A 712 24.52 12.07 73.18
CA GLU A 712 23.92 10.96 73.92
C GLU A 712 23.18 10.02 72.99
N TRP A 713 22.45 10.57 72.02
CA TRP A 713 21.70 9.75 71.10
C TRP A 713 22.62 8.92 70.21
N ARG A 714 23.68 9.54 69.68
CA ARG A 714 24.61 8.83 68.81
C ARG A 714 25.27 7.68 69.55
N LYS A 715 25.77 7.94 70.76
CA LYS A 715 26.41 6.89 71.55
C LYS A 715 25.45 5.73 71.80
N LEU A 716 24.20 6.03 72.14
CA LEU A 716 23.23 4.97 72.39
C LEU A 716 22.94 4.18 71.12
N MET A 717 22.73 4.86 70.00
CA MET A 717 22.53 4.15 68.74
C MET A 717 23.74 3.27 68.42
N ASP A 718 24.95 3.79 68.65
CA ASP A 718 26.15 3.00 68.43
C ASP A 718 26.12 1.71 69.26
N GLU A 719 25.87 1.84 70.56
CA GLU A 719 25.88 0.68 71.44
C GLU A 719 24.77 -0.30 71.11
N MET A 720 23.56 0.22 70.84
CA MET A 720 22.45 -0.66 70.51
C MET A 720 22.66 -1.38 69.20
N ALA A 721 23.33 -0.74 68.23
CA ALA A 721 23.61 -1.39 66.96
C ALA A 721 24.48 -2.63 67.14
N VAL A 722 25.49 -2.54 68.02
CA VAL A 722 26.35 -3.70 68.29
C VAL A 722 25.52 -4.86 68.80
N VAL A 723 24.66 -4.59 69.79
CA VAL A 723 23.87 -5.65 70.40
C VAL A 723 22.86 -6.22 69.40
N ALA A 724 22.24 -5.36 68.60
CA ALA A 724 21.22 -5.81 67.66
C ALA A 724 21.81 -6.68 66.56
N THR A 725 22.93 -6.24 65.98
CA THR A 725 23.63 -7.08 65.00
C THR A 725 23.99 -8.43 65.59
N GLU A 726 24.56 -8.42 66.81
CA GLU A 726 24.99 -9.66 67.44
C GLU A 726 23.84 -10.63 67.59
N GLU A 727 22.70 -10.16 68.07
CA GLU A 727 21.57 -11.06 68.26
C GLU A 727 20.90 -11.43 66.95
N TYR A 728 20.88 -10.53 65.97
CA TYR A 728 20.40 -10.91 64.63
C TYR A 728 21.24 -12.04 64.06
N ARG A 729 22.57 -11.89 64.08
CA ARG A 729 23.44 -12.93 63.54
C ARG A 729 23.38 -14.18 64.40
N SER A 730 23.05 -14.05 65.69
CA SER A 730 22.96 -15.24 66.54
C SER A 730 21.86 -16.18 66.10
N VAL A 731 20.79 -15.63 65.54
CA VAL A 731 19.69 -16.45 65.06
C VAL A 731 19.87 -16.79 63.58
N VAL A 732 20.34 -15.83 62.79
CA VAL A 732 20.34 -15.93 61.33
C VAL A 732 21.55 -16.70 60.81
N VAL A 733 22.74 -16.48 61.37
CA VAL A 733 23.98 -16.97 60.80
C VAL A 733 24.57 -18.12 61.63
N LYS A 734 24.66 -17.94 62.95
CA LYS A 734 25.48 -18.82 63.78
C LYS A 734 24.71 -19.97 64.43
N GLU A 735 23.41 -20.08 64.20
CA GLU A 735 22.63 -21.21 64.71
C GLU A 735 22.42 -22.22 63.58
N ALA A 736 22.91 -23.44 63.79
CA ALA A 736 23.04 -24.40 62.70
C ALA A 736 21.70 -24.83 62.13
N ARG A 737 20.65 -24.84 62.95
CA ARG A 737 19.35 -25.33 62.51
C ARG A 737 18.43 -24.24 61.97
N PHE A 738 18.95 -23.02 61.74
CA PHE A 738 18.10 -21.93 61.30
C PHE A 738 17.48 -22.20 59.93
N VAL A 739 18.30 -22.64 58.97
CA VAL A 739 17.80 -22.82 57.61
C VAL A 739 16.76 -23.92 57.56
N GLU A 740 16.95 -24.97 58.37
CA GLU A 740 15.96 -26.06 58.42
C GLU A 740 14.64 -25.57 58.98
N TYR A 741 14.68 -24.72 60.02
CA TYR A 741 13.45 -24.11 60.52
C TYR A 741 12.80 -23.23 59.46
N PHE A 742 13.60 -22.35 58.85
CA PHE A 742 13.12 -21.42 57.85
C PHE A 742 12.40 -22.15 56.71
N ARG A 743 13.01 -23.24 56.22
CA ARG A 743 12.40 -23.99 55.12
C ARG A 743 11.13 -24.72 55.52
N SER A 744 10.85 -24.86 56.82
CA SER A 744 9.63 -25.50 57.28
C SER A 744 8.57 -24.51 57.75
N ALA A 745 8.96 -23.47 58.49
CA ALA A 745 8.00 -22.53 59.04
C ALA A 745 7.46 -21.55 58.01
N THR A 746 8.11 -21.43 56.86
CA THR A 746 7.73 -20.52 55.79
C THR A 746 7.40 -21.29 54.54
N PRO A 747 6.72 -20.66 53.57
CA PRO A 747 6.53 -21.32 52.28
C PRO A 747 7.62 -20.97 51.27
N GLU A 748 8.85 -20.67 51.73
CA GLU A 748 9.89 -20.23 50.80
C GLU A 748 10.08 -21.24 49.67
N THR A 749 10.41 -22.48 50.02
CA THR A 749 10.76 -23.47 48.99
C THR A 749 9.71 -23.53 47.91
N GLU A 750 8.43 -23.49 48.29
CA GLU A 750 7.35 -23.48 47.31
C GLU A 750 7.36 -22.18 46.51
N TYR A 751 7.63 -21.05 47.17
CA TYR A 751 7.71 -19.76 46.48
C TYR A 751 8.77 -19.79 45.39
N GLY A 752 9.89 -20.47 45.64
CA GLY A 752 10.93 -20.56 44.64
C GLY A 752 10.58 -21.50 43.51
N ARG A 753 10.12 -22.71 43.85
CA ARG A 753 9.85 -23.72 42.83
C ARG A 753 8.72 -23.30 41.90
N MET A 754 7.80 -22.47 42.38
CA MET A 754 6.73 -21.94 41.54
C MET A 754 7.10 -20.64 40.84
N ASN A 755 8.33 -20.14 41.05
CA ASN A 755 8.82 -18.94 40.36
C ASN A 755 7.86 -17.77 40.53
N ILE A 756 7.34 -17.61 41.75
CA ILE A 756 6.41 -16.53 42.03
C ILE A 756 7.08 -15.16 41.90
N GLY A 757 8.39 -15.11 42.12
CA GLY A 757 9.14 -13.89 41.92
C GLY A 757 9.65 -13.67 40.51
N SER A 758 9.35 -14.59 39.58
CA SER A 758 9.79 -14.48 38.18
C SER A 758 11.29 -14.28 38.08
N ARG A 759 12.03 -14.82 39.04
CA ARG A 759 13.41 -14.52 39.32
C ARG A 759 13.98 -15.63 40.19
N PRO A 760 15.23 -16.05 40.00
CA PRO A 760 15.83 -16.99 40.96
C PRO A 760 15.86 -16.39 42.36
N ALA A 761 15.51 -17.21 43.34
CA ALA A 761 15.44 -16.78 44.72
C ALA A 761 16.82 -16.64 45.35
N LYS A 762 17.85 -17.20 44.71
CA LYS A 762 19.17 -17.27 45.31
C LYS A 762 20.21 -17.08 44.20
N ARG A 763 21.43 -16.68 44.59
CA ARG A 763 22.47 -16.45 43.59
C ARG A 763 23.23 -17.75 43.30
N ARG A 764 23.67 -18.48 44.39
CA ARG A 764 24.29 -19.79 44.29
C ARG A 764 23.31 -20.88 44.69
N PRO A 765 23.36 -22.07 44.08
CA PRO A 765 22.44 -23.13 44.48
C PRO A 765 22.58 -23.53 45.94
N GLY A 766 23.66 -23.14 46.60
CA GLY A 766 23.85 -23.35 48.02
C GLY A 766 24.18 -22.03 48.71
N GLY A 767 25.14 -22.10 49.63
CA GLY A 767 25.42 -20.97 50.50
C GLY A 767 24.52 -20.98 51.71
N GLY A 768 24.68 -19.95 52.53
CA GLY A 768 23.84 -19.78 53.71
C GLY A 768 22.50 -19.19 53.35
N ILE A 769 21.98 -18.38 54.27
CA ILE A 769 20.91 -17.45 53.92
C ILE A 769 21.48 -16.18 53.32
N THR A 770 22.79 -15.95 53.50
CA THR A 770 23.48 -14.81 52.90
C THR A 770 23.40 -14.82 51.37
N THR A 771 23.16 -15.98 50.77
CA THR A 771 23.05 -16.04 49.31
C THR A 771 21.64 -15.76 48.84
N LEU A 772 20.64 -16.02 49.69
CA LEU A 772 19.26 -15.68 49.38
C LEU A 772 19.11 -14.18 49.19
N ARG A 773 18.23 -13.77 48.27
CA ARG A 773 18.03 -12.34 48.05
C ARG A 773 16.89 -11.80 48.92
N ALA A 774 16.80 -10.47 48.95
CA ALA A 774 16.00 -9.80 49.97
C ALA A 774 14.51 -10.08 49.79
N ILE A 775 14.02 -10.00 48.57
CA ILE A 775 12.59 -10.14 48.29
C ILE A 775 12.08 -11.47 48.87
N PRO A 776 12.71 -12.62 48.55
CA PRO A 776 12.27 -13.87 49.18
C PRO A 776 12.40 -13.88 50.69
N TRP A 777 13.46 -13.25 51.23
CA TRP A 777 13.66 -13.18 52.67
C TRP A 777 12.47 -12.51 53.35
N ILE A 778 12.09 -11.32 52.87
CA ILE A 778 10.95 -10.62 53.45
C ILE A 778 9.66 -11.35 53.11
N PHE A 779 9.47 -11.74 51.85
CA PHE A 779 8.22 -12.37 51.42
C PHE A 779 7.87 -13.56 52.31
N SER A 780 8.81 -14.48 52.50
CA SER A 780 8.47 -15.74 53.16
C SER A 780 8.05 -15.52 54.61
N TRP A 781 8.71 -14.57 55.29
CA TRP A 781 8.40 -14.35 56.69
C TRP A 781 7.14 -13.52 56.92
N THR A 782 6.73 -12.70 55.95
CA THR A 782 5.46 -12.00 56.09
C THR A 782 4.27 -12.84 55.67
N GLN A 783 4.47 -13.87 54.85
CA GLN A 783 3.38 -14.79 54.55
C GLN A 783 2.86 -15.44 55.83
N THR A 784 3.75 -15.74 56.77
CA THR A 784 3.40 -16.40 58.02
C THR A 784 3.05 -15.41 59.13
N ARG A 785 2.95 -14.11 58.81
CA ARG A 785 2.58 -13.05 59.74
C ARG A 785 3.59 -12.87 60.88
N PHE A 786 4.82 -13.34 60.70
CA PHE A 786 5.82 -13.30 61.76
C PHE A 786 6.80 -12.14 61.62
N HIS A 787 7.29 -11.88 60.40
CA HIS A 787 8.04 -10.66 60.07
C HIS A 787 9.38 -10.57 60.77
N LEU A 788 10.02 -11.70 61.03
CA LEU A 788 11.33 -11.72 61.67
C LEU A 788 12.37 -10.79 61.05
N PRO A 789 12.51 -10.66 59.72
CA PRO A 789 13.55 -9.76 59.18
C PRO A 789 13.39 -8.30 59.59
N VAL A 790 12.20 -7.89 60.01
CA VAL A 790 11.97 -6.48 60.30
C VAL A 790 12.36 -6.13 61.74
N TRP A 791 12.09 -7.02 62.69
CA TRP A 791 12.25 -6.66 64.10
C TRP A 791 13.38 -7.37 64.83
N LEU A 792 13.85 -8.54 64.37
CA LEU A 792 14.86 -9.25 65.14
C LEU A 792 16.08 -8.38 65.32
N GLY A 793 16.48 -8.21 66.59
CA GLY A 793 17.64 -7.42 66.93
C GLY A 793 17.21 -6.25 67.79
N VAL A 794 16.01 -5.74 67.49
CA VAL A 794 15.51 -4.57 68.20
C VAL A 794 15.27 -4.88 69.67
N GLY A 795 14.70 -6.06 69.96
CA GLY A 795 14.42 -6.41 71.34
C GLY A 795 15.68 -6.43 72.20
N ALA A 796 16.70 -7.17 71.74
CA ALA A 796 17.96 -7.22 72.48
C ALA A 796 18.54 -5.83 72.70
N ALA A 797 18.45 -4.97 71.69
CA ALA A 797 19.03 -3.63 71.79
C ALA A 797 18.29 -2.76 72.79
N PHE A 798 16.96 -2.82 72.77
CA PHE A 798 16.17 -2.00 73.70
C PHE A 798 16.41 -2.43 75.15
N LYS A 799 16.32 -3.75 75.41
CA LYS A 799 16.53 -4.24 76.77
C LYS A 799 17.95 -3.96 77.25
N PHE A 800 18.95 -4.21 76.39
CA PHE A 800 20.33 -3.90 76.76
C PHE A 800 20.47 -2.45 77.19
N ALA A 801 19.93 -1.54 76.38
CA ALA A 801 20.07 -0.11 76.67
C ALA A 801 19.41 0.25 77.98
N ILE A 802 18.20 -0.24 78.22
CA ILE A 802 17.46 0.13 79.43
C ILE A 802 18.16 -0.44 80.67
N ASP A 803 18.62 -1.69 80.59
CA ASP A 803 19.18 -2.38 81.75
C ASP A 803 20.58 -1.89 82.08
N LYS A 804 21.30 -1.29 81.14
CA LYS A 804 22.64 -0.89 81.54
C LYS A 804 22.69 0.47 82.21
N ASP A 805 21.61 1.26 82.16
CA ASP A 805 21.58 2.52 82.91
C ASP A 805 20.13 2.95 83.07
N VAL A 806 19.73 3.23 84.30
CA VAL A 806 18.37 3.68 84.60
C VAL A 806 17.98 4.88 83.73
N ARG A 807 18.96 5.72 83.38
CA ARG A 807 18.64 6.94 82.65
C ARG A 807 18.22 6.64 81.21
N ASN A 808 18.67 5.51 80.67
CA ASN A 808 18.53 5.25 79.25
C ASN A 808 17.08 5.12 78.83
N PHE A 809 16.22 4.61 79.70
CA PHE A 809 14.83 4.46 79.32
C PHE A 809 14.18 5.80 78.99
N GLN A 810 14.41 6.82 79.81
CA GLN A 810 13.86 8.15 79.54
C GLN A 810 14.49 8.80 78.32
N VAL A 811 15.77 8.52 78.05
CA VAL A 811 16.41 9.12 76.89
C VAL A 811 15.91 8.45 75.61
N LEU A 812 15.49 7.18 75.70
CA LEU A 812 14.93 6.50 74.53
C LEU A 812 13.59 7.09 74.13
N LYS A 813 12.72 7.33 75.12
CA LYS A 813 11.43 7.94 74.80
C LYS A 813 11.59 9.41 74.40
N GLU A 814 12.58 10.09 74.98
CA GLU A 814 12.88 11.43 74.51
C GLU A 814 13.29 11.40 73.05
N MET A 815 14.13 10.43 72.66
CA MET A 815 14.47 10.23 71.25
C MET A 815 13.23 10.03 70.40
N TYR A 816 12.31 9.18 70.86
CA TYR A 816 11.13 8.86 70.05
C TYR A 816 10.32 10.10 69.73
N ASN A 817 10.29 11.07 70.64
CA ASN A 817 9.44 12.24 70.48
C ASN A 817 10.17 13.48 70.00
N GLU A 818 11.51 13.47 69.95
CA GLU A 818 12.26 14.62 69.47
C GLU A 818 13.20 14.32 68.30
N TRP A 819 13.46 13.06 67.97
CA TRP A 819 14.38 12.73 66.88
C TRP A 819 13.61 12.07 65.76
N PRO A 820 13.31 12.79 64.67
CA PRO A 820 12.53 12.19 63.57
C PRO A 820 13.09 10.88 63.04
N PHE A 821 14.42 10.75 62.93
CA PHE A 821 15.00 9.48 62.46
C PHE A 821 14.55 8.32 63.34
N PHE A 822 14.68 8.47 64.66
CA PHE A 822 14.28 7.41 65.56
C PHE A 822 12.77 7.19 65.53
N ARG A 823 12.00 8.27 65.54
CA ARG A 823 10.55 8.14 65.44
C ARG A 823 10.15 7.35 64.20
N VAL A 824 10.69 7.75 63.05
CA VAL A 824 10.30 7.13 61.78
C VAL A 824 10.70 5.65 61.76
N THR A 825 11.91 5.34 62.23
CA THR A 825 12.36 3.96 62.31
C THR A 825 11.41 3.12 63.15
N LEU A 826 11.04 3.63 64.32
CA LEU A 826 10.21 2.84 65.24
C LEU A 826 8.78 2.72 64.73
N ASP A 827 8.26 3.77 64.08
CA ASP A 827 6.90 3.71 63.53
C ASP A 827 6.79 2.61 62.48
N LEU A 828 7.85 2.40 61.69
CA LEU A 828 7.88 1.28 60.76
C LEU A 828 7.69 -0.04 61.49
N LEU A 829 8.41 -0.24 62.60
CA LEU A 829 8.28 -1.47 63.36
C LEU A 829 6.87 -1.61 63.93
N GLU A 830 6.29 -0.51 64.39
CA GLU A 830 4.94 -0.56 64.95
C GLU A 830 3.93 -1.01 63.89
N MET A 831 4.04 -0.46 62.68
CA MET A 831 3.13 -0.85 61.60
C MET A 831 3.28 -2.33 61.28
N VAL A 832 4.50 -2.85 61.28
CA VAL A 832 4.71 -4.25 60.95
C VAL A 832 4.14 -5.14 62.04
N PHE A 833 4.24 -4.72 63.30
CA PHE A 833 3.70 -5.53 64.39
C PHE A 833 2.18 -5.58 64.35
N ALA A 834 1.54 -4.48 63.90
CA ALA A 834 0.09 -4.49 63.70
C ALA A 834 -0.31 -5.50 62.63
N LYS A 835 0.58 -5.75 61.68
CA LYS A 835 0.35 -6.73 60.64
C LYS A 835 0.79 -8.13 61.04
N GLY A 836 1.39 -8.29 62.21
CA GLY A 836 1.87 -9.58 62.67
C GLY A 836 0.94 -10.24 63.66
N ASP A 837 1.08 -11.57 63.78
CA ASP A 837 0.30 -12.35 64.72
C ASP A 837 1.05 -13.61 65.10
N PRO A 838 1.60 -13.68 66.32
CA PRO A 838 2.36 -14.87 66.71
C PRO A 838 1.54 -16.15 66.71
N GLY A 839 0.23 -16.05 66.97
CA GLY A 839 -0.61 -17.24 66.92
C GLY A 839 -0.61 -17.87 65.54
N ILE A 840 -0.78 -17.06 64.50
CA ILE A 840 -0.73 -17.57 63.14
C ILE A 840 0.63 -18.20 62.85
N ALA A 841 1.70 -17.51 63.25
CA ALA A 841 3.04 -18.06 63.07
C ALA A 841 3.18 -19.40 63.77
N GLY A 842 2.73 -19.48 65.03
CA GLY A 842 2.76 -20.74 65.74
C GLY A 842 1.93 -21.82 65.07
N LEU A 843 0.86 -21.42 64.37
CA LEU A 843 0.06 -22.38 63.63
C LEU A 843 0.86 -22.99 62.49
N TYR A 844 1.62 -22.17 61.75
CA TYR A 844 2.55 -22.72 60.77
C TYR A 844 3.53 -23.67 61.43
N ASP A 845 4.04 -23.29 62.60
CA ASP A 845 4.98 -24.13 63.34
C ASP A 845 4.40 -25.50 63.64
N GLU A 846 3.27 -25.54 64.36
CA GLU A 846 2.79 -26.81 64.90
C GLU A 846 2.54 -27.84 63.81
N LEU A 847 2.22 -27.39 62.60
CA LEU A 847 1.87 -28.36 61.56
C LEU A 847 3.02 -28.64 60.61
N LEU A 848 4.02 -27.76 60.52
CA LEU A 848 5.04 -27.89 59.50
C LEU A 848 6.46 -28.11 60.01
N VAL A 849 6.76 -27.83 61.29
CA VAL A 849 8.12 -28.00 61.78
C VAL A 849 8.23 -29.26 62.63
N ALA A 850 9.39 -29.91 62.55
CA ALA A 850 9.63 -31.13 63.30
C ALA A 850 9.67 -30.86 64.80
N GLU A 851 9.31 -31.88 65.58
CA GLU A 851 9.29 -31.76 67.04
C GLU A 851 10.57 -31.14 67.57
N GLU A 852 11.72 -31.54 67.01
CA GLU A 852 13.00 -31.13 67.56
C GLU A 852 13.18 -29.63 67.51
N LEU A 853 12.58 -28.96 66.52
CA LEU A 853 12.81 -27.54 66.33
C LEU A 853 11.67 -26.66 66.83
N LYS A 854 10.55 -27.25 67.25
CA LYS A 854 9.46 -26.45 67.81
C LYS A 854 9.90 -25.58 68.98
N PRO A 855 10.72 -26.03 69.94
CA PRO A 855 11.19 -25.11 70.99
C PRO A 855 11.97 -23.92 70.45
N PHE A 856 12.70 -24.11 69.34
CA PHE A 856 13.37 -22.99 68.71
C PHE A 856 12.37 -21.96 68.21
N GLY A 857 11.28 -22.42 67.61
CA GLY A 857 10.24 -21.51 67.14
C GLY A 857 9.63 -20.67 68.25
N LYS A 858 9.31 -21.30 69.40
CA LYS A 858 8.76 -20.56 70.55
C LYS A 858 9.80 -19.64 71.16
N GLN A 859 11.09 -19.98 71.06
CA GLN A 859 12.14 -19.04 71.44
C GLN A 859 12.05 -17.78 70.59
N LEU A 860 11.90 -17.94 69.29
CA LEU A 860 11.76 -16.79 68.39
C LEU A 860 10.51 -15.99 68.71
N ARG A 861 9.38 -16.69 68.91
CA ARG A 861 8.15 -16.01 69.28
C ARG A 861 8.28 -15.30 70.62
N ASP A 862 9.11 -15.83 71.52
CA ASP A 862 9.41 -15.10 72.74
C ASP A 862 10.16 -13.81 72.44
N LYS A 863 11.09 -13.85 71.49
CA LYS A 863 11.79 -12.63 71.08
C LYS A 863 10.81 -11.63 70.46
N TYR A 864 9.83 -12.12 69.70
CA TYR A 864 8.81 -11.25 69.12
C TYR A 864 8.07 -10.49 70.21
N VAL A 865 7.45 -11.23 71.14
CA VAL A 865 6.69 -10.61 72.23
C VAL A 865 7.55 -9.63 73.03
N GLU A 866 8.83 -9.93 73.24
CA GLU A 866 9.60 -9.01 74.06
C GLU A 866 9.94 -7.73 73.29
N THR A 867 10.21 -7.88 71.98
CA THR A 867 10.47 -6.70 71.15
C THR A 867 9.24 -5.78 71.07
N GLN A 868 8.06 -6.38 70.91
CA GLN A 868 6.85 -5.58 70.72
C GLN A 868 6.55 -4.74 71.97
N GLN A 869 6.58 -5.37 73.14
CA GLN A 869 6.21 -4.65 74.36
C GLN A 869 7.28 -3.63 74.76
N LEU A 870 8.56 -3.95 74.52
CA LEU A 870 9.59 -2.95 74.67
C LEU A 870 9.40 -1.80 73.68
N LEU A 871 8.98 -2.14 72.46
CA LEU A 871 8.67 -1.10 71.48
C LEU A 871 7.52 -0.21 71.96
N LEU A 872 6.57 -0.79 72.70
CA LEU A 872 5.39 -0.02 73.08
C LEU A 872 5.68 0.93 74.24
N GLN A 873 6.62 0.55 75.10
CA GLN A 873 6.88 1.33 76.30
C GLN A 873 7.69 2.59 75.94
N ILE A 874 8.79 2.42 75.19
CA ILE A 874 9.26 3.52 74.37
C ILE A 874 8.09 3.90 73.47
N ALA A 875 7.93 5.21 73.23
CA ALA A 875 6.79 5.77 72.50
C ALA A 875 5.55 5.90 73.39
N GLY A 876 5.52 5.21 74.52
CA GLY A 876 4.44 5.34 75.48
C GLY A 876 3.06 5.01 74.93
N HIS A 877 2.91 3.84 74.32
CA HIS A 877 1.62 3.35 73.85
C HIS A 877 1.26 2.09 74.62
N LYS A 878 -0.01 1.98 75.01
CA LYS A 878 -0.47 0.72 75.57
C LYS A 878 -0.87 -0.26 74.47
N ASP A 879 -1.37 0.25 73.33
CA ASP A 879 -1.77 -0.59 72.22
C ASP A 879 -0.94 -0.26 70.98
N ILE A 880 -0.84 -1.26 70.09
CA ILE A 880 -0.14 -1.07 68.82
C ILE A 880 -0.87 -0.01 68.00
N LEU A 881 -0.10 0.94 67.44
CA LEU A 881 -0.61 1.97 66.56
C LEU A 881 -1.61 2.89 67.25
N GLU A 882 -1.47 3.03 68.58
CA GLU A 882 -2.32 3.95 69.33
C GLU A 882 -2.18 5.39 68.84
N GLY A 883 -1.05 5.73 68.22
CA GLY A 883 -0.85 7.06 67.68
C GLY A 883 -1.47 7.31 66.33
N ASP A 884 -1.96 6.27 65.66
CA ASP A 884 -2.61 6.40 64.35
C ASP A 884 -3.82 5.49 64.31
N PRO A 885 -4.94 5.91 64.89
CA PRO A 885 -6.15 5.06 64.87
C PRO A 885 -6.69 4.83 63.47
N PHE A 886 -6.44 5.75 62.54
CA PHE A 886 -6.89 5.55 61.17
C PHE A 886 -6.18 4.38 60.52
N LEU A 887 -4.85 4.33 60.65
CA LEU A 887 -4.09 3.20 60.11
C LEU A 887 -4.46 1.90 60.81
N LYS A 888 -4.62 1.96 62.14
CA LYS A 888 -5.01 0.78 62.91
C LYS A 888 -6.32 0.19 62.38
N GLN A 889 -7.32 1.04 62.19
CA GLN A 889 -8.61 0.58 61.68
C GLN A 889 -8.48 -0.03 60.29
N GLY A 890 -7.74 0.62 59.40
CA GLY A 890 -7.60 0.11 58.06
C GLY A 890 -6.88 -1.23 58.01
N LEU A 891 -5.84 -1.38 58.82
CA LEU A 891 -5.11 -2.65 58.81
C LEU A 891 -5.98 -3.76 59.40
N VAL A 892 -6.68 -3.49 60.50
CA VAL A 892 -7.41 -4.51 61.23
C VAL A 892 -8.56 -5.08 60.39
N LEU A 893 -9.18 -4.26 59.54
CA LEU A 893 -10.33 -4.72 58.77
C LEU A 893 -9.93 -5.63 57.63
N ARG A 894 -8.63 -5.76 57.34
CA ARG A 894 -8.17 -6.69 56.32
C ARG A 894 -7.97 -8.10 56.88
N ASN A 895 -7.68 -8.22 58.18
CA ASN A 895 -7.17 -9.49 58.70
C ASN A 895 -8.15 -10.67 58.63
N PRO A 896 -9.48 -10.49 58.74
CA PRO A 896 -10.35 -11.66 58.56
C PRO A 896 -10.09 -12.42 57.28
N TYR A 897 -9.90 -11.71 56.17
CA TYR A 897 -9.59 -12.36 54.91
C TYR A 897 -8.17 -12.92 54.90
N ILE A 898 -7.21 -12.15 55.42
CA ILE A 898 -5.82 -12.60 55.46
C ILE A 898 -5.69 -13.86 56.30
N THR A 899 -6.16 -13.82 57.55
CA THR A 899 -6.01 -14.97 58.45
C THR A 899 -6.66 -16.21 57.87
N THR A 900 -7.80 -16.05 57.20
CA THR A 900 -8.43 -17.20 56.52
C THR A 900 -7.47 -17.82 55.52
N LEU A 901 -6.84 -16.99 54.69
CA LEU A 901 -5.86 -17.51 53.74
C LEU A 901 -4.63 -18.07 54.45
N ASN A 902 -4.30 -17.54 55.63
CA ASN A 902 -3.18 -18.07 56.40
C ASN A 902 -3.40 -19.54 56.75
N VAL A 903 -4.55 -19.85 57.37
CA VAL A 903 -4.81 -21.23 57.76
C VAL A 903 -4.97 -22.11 56.52
N PHE A 904 -5.57 -21.56 55.45
CA PHE A 904 -5.65 -22.29 54.19
C PHE A 904 -4.26 -22.61 53.66
N GLN A 905 -3.31 -21.67 53.81
CA GLN A 905 -1.96 -21.90 53.33
C GLN A 905 -1.24 -22.96 54.15
N ALA A 906 -1.24 -22.80 55.48
CA ALA A 906 -0.51 -23.72 56.35
C ALA A 906 -0.96 -25.16 56.13
N TYR A 907 -2.26 -25.38 56.07
CA TYR A 907 -2.76 -26.74 55.83
C TYR A 907 -2.49 -27.20 54.40
N THR A 908 -2.46 -26.27 53.45
CA THR A 908 -2.14 -26.65 52.08
C THR A 908 -0.68 -27.06 51.94
N LEU A 909 0.21 -26.41 52.68
CA LEU A 909 1.62 -26.80 52.67
C LEU A 909 1.79 -28.21 53.22
N LYS A 910 1.12 -28.51 54.35
CA LYS A 910 1.28 -29.82 54.97
C LYS A 910 0.80 -30.94 54.04
N ARG A 911 -0.28 -30.68 53.28
CA ARG A 911 -0.71 -31.65 52.28
C ARG A 911 0.29 -31.76 51.15
N ILE A 912 0.83 -30.63 50.70
CA ILE A 912 1.81 -30.63 49.62
C ILE A 912 3.07 -31.38 50.02
N ARG A 913 3.47 -31.27 51.28
CA ARG A 913 4.75 -31.81 51.74
C ARG A 913 4.68 -33.22 52.31
N ASP A 914 3.52 -33.65 52.80
CA ASP A 914 3.41 -34.94 53.50
C ASP A 914 2.36 -35.84 52.85
N PRO A 915 2.76 -36.89 52.14
CA PRO A 915 1.77 -37.82 51.56
C PRO A 915 0.97 -38.58 52.60
N ASN A 916 1.41 -38.62 53.85
CA ASN A 916 0.74 -39.42 54.86
C ASN A 916 -0.28 -38.66 55.68
N PHE A 917 -0.26 -37.32 55.64
CA PHE A 917 -1.32 -36.58 56.31
C PHE A 917 -2.64 -36.81 55.60
N LYS A 918 -3.63 -37.30 56.35
CA LYS A 918 -4.89 -37.72 55.78
C LYS A 918 -5.95 -36.64 55.93
N VAL A 919 -6.80 -36.53 54.91
CA VAL A 919 -7.88 -35.57 54.86
C VAL A 919 -9.18 -36.31 54.58
N THR A 920 -10.28 -35.78 55.14
CA THR A 920 -11.63 -36.30 54.93
C THR A 920 -12.24 -35.62 53.71
N PRO A 921 -12.26 -36.26 52.54
CA PRO A 921 -12.84 -35.59 51.36
C PRO A 921 -14.33 -35.36 51.49
N GLN A 922 -14.74 -34.09 51.69
CA GLN A 922 -16.15 -33.71 51.78
C GLN A 922 -16.78 -33.62 50.39
N PRO A 923 -18.09 -33.89 50.27
CA PRO A 923 -18.75 -33.86 48.96
C PRO A 923 -18.85 -32.44 48.41
N PRO A 924 -19.03 -32.28 47.10
CA PRO A 924 -18.90 -30.96 46.48
C PRO A 924 -20.01 -30.00 46.89
N LEU A 925 -19.78 -28.72 46.59
CA LEU A 925 -20.62 -27.61 47.04
C LEU A 925 -20.89 -26.63 45.90
N SER A 926 -21.08 -27.16 44.69
CA SER A 926 -21.21 -26.37 43.45
C SER A 926 -20.32 -25.12 43.43
N GLU A 946 3.18 -31.09 38.31
CA GLU A 946 2.81 -30.18 39.39
C GLU A 946 2.84 -30.87 40.75
N TYR A 947 1.84 -30.54 41.57
CA TYR A 947 1.58 -31.15 42.87
C TYR A 947 0.24 -31.88 42.78
N PRO A 948 -0.25 -32.53 43.84
CA PRO A 948 -1.57 -33.19 43.78
C PRO A 948 -2.69 -32.22 43.41
N PRO A 949 -3.87 -32.74 43.04
CA PRO A 949 -4.87 -31.89 42.38
C PRO A 949 -5.29 -30.69 43.21
N GLY A 950 -5.29 -29.53 42.57
CA GLY A 950 -5.80 -28.30 43.14
C GLY A 950 -4.87 -27.60 44.11
N LEU A 951 -3.96 -28.36 44.71
CA LEU A 951 -3.13 -27.81 45.79
C LEU A 951 -2.26 -26.65 45.31
N GLU A 952 -1.72 -26.74 44.08
CA GLU A 952 -0.87 -25.66 43.61
C GLU A 952 -1.68 -24.39 43.38
N ASP A 953 -2.85 -24.51 42.75
CA ASP A 953 -3.70 -23.34 42.53
C ASP A 953 -4.06 -22.69 43.87
N THR A 954 -4.52 -23.49 44.83
CA THR A 954 -4.85 -22.96 46.16
C THR A 954 -3.68 -22.19 46.75
N LEU A 955 -2.48 -22.77 46.71
CA LEU A 955 -1.32 -22.15 47.35
C LEU A 955 -0.97 -20.82 46.68
N ILE A 956 -1.03 -20.76 45.35
CA ILE A 956 -0.80 -19.49 44.65
C ILE A 956 -1.80 -18.45 45.13
N LEU A 957 -3.06 -18.85 45.26
CA LEU A 957 -4.11 -17.93 45.65
C LEU A 957 -3.87 -17.38 47.05
N THR A 958 -3.46 -18.24 47.99
CA THR A 958 -3.15 -17.77 49.33
C THR A 958 -1.96 -16.83 49.32
N MET A 959 -0.92 -17.16 48.54
CA MET A 959 0.25 -16.29 48.46
C MET A 959 -0.12 -14.91 47.91
N LYS A 960 -0.87 -14.89 46.80
CA LYS A 960 -1.33 -13.62 46.24
C LYS A 960 -2.15 -12.83 47.26
N GLY A 961 -3.09 -13.49 47.93
CA GLY A 961 -3.97 -12.79 48.84
C GLY A 961 -3.27 -12.26 50.08
N ILE A 962 -2.42 -13.09 50.69
CA ILE A 962 -1.68 -12.64 51.87
C ILE A 962 -0.78 -11.47 51.51
N ALA A 963 -0.09 -11.55 50.36
CA ALA A 963 0.74 -10.42 49.93
C ALA A 963 -0.10 -9.18 49.69
N ALA A 964 -1.27 -9.35 49.07
CA ALA A 964 -2.15 -8.21 48.83
C ALA A 964 -2.58 -7.56 50.15
N GLY A 965 -2.85 -8.37 51.18
CA GLY A 965 -3.27 -7.82 52.45
C GLY A 965 -2.14 -7.21 53.25
N MET A 966 -0.93 -7.76 53.11
CA MET A 966 0.20 -7.32 53.91
C MET A 966 0.93 -6.12 53.33
N GLN A 967 0.88 -5.94 52.02
CA GLN A 967 1.50 -4.80 51.30
C GLN A 967 2.95 -4.66 51.76
N ASN A 968 3.39 -3.48 52.20
CA ASN A 968 4.79 -3.25 52.53
C ASN A 968 5.08 -3.60 53.99
N THR A 969 6.16 -4.36 54.21
CA THR A 969 6.63 -4.67 55.55
C THR A 969 8.04 -4.17 55.64
N GLY A 970 9.04 -5.03 55.41
CA GLY A 970 10.43 -4.62 55.46
C GLY A 970 11.10 -4.65 54.10
N LYS B 12 -16.09 49.37 34.94
CA LYS B 12 -15.21 48.28 35.37
C LYS B 12 -15.65 47.73 36.72
N HIS B 13 -16.54 48.46 37.39
CA HIS B 13 -16.69 48.26 38.82
C HIS B 13 -17.82 47.33 39.23
N HIS B 14 -19.09 47.71 39.04
CA HIS B 14 -20.18 47.03 39.72
C HIS B 14 -20.76 45.88 38.90
N SER B 15 -21.44 44.97 39.62
CA SER B 15 -22.00 43.75 39.03
C SER B 15 -23.29 44.06 38.26
N ILE B 16 -23.67 43.11 37.39
CA ILE B 16 -24.87 43.27 36.58
C ILE B 16 -26.11 42.70 37.24
N ASP B 17 -26.00 42.18 38.46
CA ASP B 17 -27.15 41.49 39.06
C ASP B 17 -28.20 42.45 39.61
N ALA B 18 -27.82 43.68 39.94
CA ALA B 18 -28.81 44.66 40.38
C ALA B 18 -29.89 44.84 39.33
N GLN B 19 -29.49 44.98 38.07
CA GLN B 19 -30.45 45.19 37.00
C GLN B 19 -31.34 43.96 36.78
N LEU B 20 -30.84 42.76 37.09
CA LEU B 20 -31.66 41.57 36.94
C LEU B 20 -32.64 41.41 38.10
N ARG B 21 -32.22 41.71 39.33
CA ARG B 21 -33.14 41.70 40.46
C ARG B 21 -34.33 42.63 40.19
N GLN B 22 -34.08 43.75 39.51
CA GLN B 22 -35.13 44.70 39.19
C GLN B 22 -36.24 44.06 38.36
N LEU B 23 -35.91 43.05 37.55
CA LEU B 23 -36.93 42.45 36.70
C LEU B 23 -37.60 41.26 37.34
N VAL B 24 -36.84 40.39 38.02
CA VAL B 24 -37.46 39.37 38.85
C VAL B 24 -36.89 39.48 40.27
N PRO B 25 -37.62 40.07 41.19
CA PRO B 25 -37.09 40.23 42.55
C PRO B 25 -36.96 38.93 43.30
N GLY B 26 -38.01 38.12 43.29
CA GLY B 26 -38.11 36.94 44.14
C GLY B 26 -37.62 35.66 43.50
N LYS B 27 -37.26 34.70 44.36
CA LYS B 27 -36.89 33.37 43.92
C LYS B 27 -38.13 32.56 43.58
N VAL B 28 -38.07 31.83 42.46
CA VAL B 28 -39.20 30.97 42.08
C VAL B 28 -39.17 29.61 42.78
N SER B 29 -38.06 29.25 43.40
CA SER B 29 -37.98 28.05 44.21
C SER B 29 -36.85 28.22 45.21
N GLU B 30 -36.75 27.26 46.15
CA GLU B 30 -35.69 27.31 47.15
C GLU B 30 -34.32 27.35 46.50
N ASP B 31 -34.09 26.50 45.51
CA ASP B 31 -32.79 26.37 44.86
C ASP B 31 -32.66 27.25 43.61
N ASP B 32 -33.47 28.30 43.51
CA ASP B 32 -33.36 29.24 42.41
C ASP B 32 -32.09 30.09 42.58
N LYS B 33 -31.11 29.89 41.68
CA LYS B 33 -29.89 30.66 41.69
C LYS B 33 -29.61 31.29 40.34
N LEU B 34 -30.66 31.48 39.53
CA LEU B 34 -30.46 31.85 38.13
C LEU B 34 -29.79 33.20 37.98
N ILE B 35 -30.23 34.19 38.76
CA ILE B 35 -29.63 35.52 38.66
C ILE B 35 -28.18 35.48 39.14
N GLU B 36 -27.93 34.78 40.25
CA GLU B 36 -26.56 34.61 40.71
C GLU B 36 -25.67 34.02 39.62
N TYR B 37 -26.19 33.04 38.88
CA TYR B 37 -25.42 32.40 37.82
C TYR B 37 -25.22 33.36 36.65
N ASP B 38 -26.29 34.01 36.19
CA ASP B 38 -26.15 35.00 35.13
C ASP B 38 -25.11 36.06 35.48
N ALA B 39 -25.10 36.48 36.74
CA ALA B 39 -24.13 37.50 37.17
C ALA B 39 -22.72 36.94 37.20
N LEU B 40 -22.55 35.72 37.70
CA LEU B 40 -21.24 35.09 37.70
C LEU B 40 -20.62 35.11 36.30
N LEU B 41 -21.39 34.64 35.31
CA LEU B 41 -20.85 34.51 33.95
C LEU B 41 -20.64 35.87 33.30
N VAL B 42 -21.63 36.77 33.42
CA VAL B 42 -21.53 38.03 32.69
C VAL B 42 -20.51 38.97 33.34
N ASP B 43 -20.41 38.96 34.67
CA ASP B 43 -19.39 39.77 35.33
C ASP B 43 -17.99 39.33 34.89
N ARG B 44 -17.78 38.02 34.77
CA ARG B 44 -16.48 37.52 34.32
C ARG B 44 -16.24 37.85 32.85
N PHE B 45 -17.29 37.77 32.03
CA PHE B 45 -17.13 38.14 30.62
C PHE B 45 -16.74 39.59 30.48
N LEU B 46 -17.44 40.48 31.19
CA LEU B 46 -17.16 41.91 31.08
C LEU B 46 -15.74 42.23 31.52
N ASN B 47 -15.21 41.50 32.51
CA ASN B 47 -13.84 41.70 32.92
C ASN B 47 -12.87 41.25 31.84
N ILE B 48 -13.20 40.17 31.15
CA ILE B 48 -12.41 39.73 30.00
C ILE B 48 -12.47 40.77 28.89
N LEU B 49 -13.67 41.28 28.61
CA LEU B 49 -13.85 42.31 27.59
C LEU B 49 -12.96 43.52 27.88
N GLN B 50 -12.92 43.94 29.15
CA GLN B 50 -12.07 45.06 29.52
C GLN B 50 -10.59 44.70 29.37
N ASP B 51 -10.20 43.51 29.82
CA ASP B 51 -8.80 43.11 29.77
C ASP B 51 -8.26 43.14 28.35
N LEU B 52 -9.08 42.81 27.36
CA LEU B 52 -8.62 42.73 25.98
C LEU B 52 -8.90 43.99 25.18
N HIS B 53 -9.94 44.76 25.52
CA HIS B 53 -10.35 45.89 24.68
C HIS B 53 -10.41 47.22 25.42
N GLY B 54 -10.14 47.25 26.72
CA GLY B 54 -10.07 48.50 27.44
C GLY B 54 -11.31 48.80 28.26
N PRO B 55 -11.18 49.70 29.23
CA PRO B 55 -12.32 50.00 30.10
C PRO B 55 -13.45 50.73 29.39
N SER B 56 -13.11 51.65 28.47
CA SER B 56 -14.15 52.40 27.75
C SER B 56 -15.18 51.47 27.13
N LEU B 57 -14.71 50.50 26.34
CA LEU B 57 -15.63 49.62 25.65
C LEU B 57 -16.44 48.76 26.61
N ARG B 58 -15.79 48.24 27.65
CA ARG B 58 -16.51 47.48 28.67
C ARG B 58 -17.65 48.32 29.25
N GLU B 59 -17.36 49.57 29.61
CA GLU B 59 -18.38 50.42 30.22
C GLU B 59 -19.46 50.81 29.22
N PHE B 60 -19.11 50.92 27.94
CA PHE B 60 -20.14 51.16 26.93
C PHE B 60 -21.08 49.97 26.83
N VAL B 61 -20.52 48.76 26.81
CA VAL B 61 -21.34 47.56 26.68
C VAL B 61 -22.22 47.38 27.91
N GLN B 62 -21.68 47.60 29.12
CA GLN B 62 -22.50 47.46 30.31
C GLN B 62 -23.58 48.54 30.37
N GLU B 63 -23.26 49.75 29.92
CA GLU B 63 -24.28 50.81 29.88
C GLU B 63 -25.41 50.45 28.92
N CYS B 64 -25.08 49.82 27.78
CA CYS B 64 -26.12 49.31 26.89
C CYS B 64 -27.05 48.35 27.62
N TYR B 65 -26.46 47.42 28.38
CA TYR B 65 -27.24 46.41 29.08
C TYR B 65 -28.18 47.04 30.10
N GLU B 66 -27.68 48.00 30.89
CA GLU B 66 -28.49 48.61 31.93
C GLU B 66 -29.60 49.46 31.34
N VAL B 67 -29.32 50.20 30.26
CA VAL B 67 -30.37 50.98 29.60
C VAL B 67 -31.51 50.08 29.18
N SER B 68 -31.18 48.97 28.52
CA SER B 68 -32.20 48.02 28.08
C SER B 68 -32.89 47.36 29.27
N ALA B 69 -32.14 47.03 30.31
CA ALA B 69 -32.74 46.42 31.50
C ALA B 69 -33.69 47.38 32.20
N ASP B 70 -33.37 48.67 32.20
CA ASP B 70 -34.29 49.66 32.75
C ASP B 70 -35.54 49.81 31.89
N TYR B 71 -35.42 49.59 30.58
CA TYR B 71 -36.58 49.77 29.71
C TYR B 71 -37.66 48.74 30.00
N GLU B 72 -37.25 47.51 30.31
CA GLU B 72 -38.21 46.45 30.62
C GLU B 72 -39.11 46.85 31.78
N GLY B 73 -38.52 47.42 32.83
CA GLY B 73 -39.30 47.81 33.99
C GLY B 73 -40.13 49.06 33.77
N LYS B 74 -39.67 49.95 32.90
CA LYS B 74 -40.36 51.22 32.65
C LYS B 74 -40.52 51.39 31.14
N GLY B 75 -41.52 50.74 30.55
CA GLY B 75 -41.67 50.76 29.10
C GLY B 75 -41.76 52.12 28.44
N ASP B 76 -40.64 52.83 28.30
CA ASP B 76 -40.60 54.20 27.80
C ASP B 76 -39.57 54.26 26.67
N THR B 77 -40.04 54.56 25.45
CA THR B 77 -39.20 54.38 24.26
C THR B 77 -38.03 55.36 24.22
N THR B 78 -38.17 56.54 24.84
CA THR B 78 -37.13 57.55 24.83
C THR B 78 -35.77 56.97 25.21
N LYS B 79 -35.74 56.21 26.30
CA LYS B 79 -34.58 55.40 26.67
C LYS B 79 -33.88 54.80 25.46
N LEU B 80 -34.64 54.09 24.62
CA LEU B 80 -34.00 53.29 23.58
C LEU B 80 -33.47 54.18 22.47
N GLY B 81 -34.16 55.29 22.19
CA GLY B 81 -33.72 56.18 21.12
C GLY B 81 -32.36 56.78 21.39
N GLU B 82 -32.11 57.22 22.63
CA GLU B 82 -30.80 57.76 22.96
C GLU B 82 -29.72 56.69 22.88
N LEU B 83 -30.05 55.47 23.31
CA LEU B 83 -29.11 54.35 23.13
C LEU B 83 -28.77 54.14 21.66
N GLY B 84 -29.79 54.19 20.79
CA GLY B 84 -29.54 54.00 19.37
C GLY B 84 -28.67 55.08 18.78
N ALA B 85 -28.83 56.33 19.25
CA ALA B 85 -27.92 57.39 18.86
C ALA B 85 -26.48 57.02 19.18
N LYS B 86 -26.26 56.50 20.39
CA LYS B 86 -24.91 56.07 20.77
C LYS B 86 -24.42 54.94 19.87
N LEU B 87 -25.30 53.98 19.55
CA LEU B 87 -24.86 52.79 18.82
C LEU B 87 -24.48 53.13 17.39
N THR B 88 -25.28 53.95 16.71
CA THR B 88 -24.95 54.34 15.34
C THR B 88 -23.66 55.16 15.27
N GLY B 89 -23.26 55.81 16.37
CA GLY B 89 -22.03 56.58 16.34
C GLY B 89 -20.78 55.74 16.30
N LEU B 90 -20.86 54.47 16.69
CA LEU B 90 -19.68 53.63 16.79
C LEU B 90 -19.02 53.42 15.43
N ALA B 91 -17.69 53.44 15.42
CA ALA B 91 -16.92 53.05 14.25
C ALA B 91 -17.23 51.60 13.90
N PRO B 92 -17.00 51.19 12.65
CA PRO B 92 -17.37 49.82 12.24
C PRO B 92 -16.82 48.73 13.15
N ALA B 93 -15.53 48.78 13.49
CA ALA B 93 -14.94 47.71 14.30
C ALA B 93 -15.55 47.68 15.70
N ASP B 94 -15.86 48.86 16.27
CA ASP B 94 -16.49 48.88 17.58
C ASP B 94 -17.90 48.32 17.52
N ALA B 95 -18.62 48.55 16.42
CA ALA B 95 -20.00 48.11 16.32
C ALA B 95 -20.10 46.60 16.33
N ILE B 96 -19.26 45.94 15.51
CA ILE B 96 -19.19 44.48 15.54
C ILE B 96 -18.88 44.01 16.95
N LEU B 97 -17.94 44.67 17.60
CA LEU B 97 -17.44 44.22 18.89
C LEU B 97 -18.47 44.40 19.99
N VAL B 98 -19.31 45.41 19.90
CA VAL B 98 -20.35 45.59 20.91
C VAL B 98 -21.52 44.63 20.65
N ALA B 99 -21.94 44.49 19.39
CA ALA B 99 -23.02 43.57 19.08
C ALA B 99 -22.65 42.13 19.41
N SER B 100 -21.43 41.71 19.06
CA SER B 100 -20.99 40.36 19.38
C SER B 100 -20.90 40.17 20.88
N SER B 101 -20.46 41.19 21.62
CA SER B 101 -20.41 41.11 23.08
C SER B 101 -21.80 40.88 23.66
N ILE B 102 -22.78 41.68 23.22
CA ILE B 102 -24.15 41.48 23.67
C ILE B 102 -24.61 40.06 23.34
N LEU B 103 -24.24 39.56 22.16
CA LEU B 103 -24.59 38.20 21.77
C LEU B 103 -24.00 37.19 22.73
N HIS B 104 -22.70 37.29 23.02
CA HIS B 104 -22.05 36.33 23.90
C HIS B 104 -22.67 36.33 25.29
N MET B 105 -23.06 37.51 25.77
CA MET B 105 -23.68 37.58 27.08
C MET B 105 -25.03 36.88 27.08
N LEU B 106 -25.81 37.04 26.01
CA LEU B 106 -27.06 36.28 25.88
C LEU B 106 -26.79 34.78 25.89
N ASN B 107 -25.74 34.35 25.19
CA ASN B 107 -25.37 32.93 25.21
C ASN B 107 -25.06 32.47 26.63
N LEU B 108 -24.30 33.27 27.39
CA LEU B 108 -23.97 32.92 28.76
C LEU B 108 -25.24 32.83 29.61
N ALA B 109 -26.15 33.79 29.45
CA ALA B 109 -27.40 33.75 30.19
C ALA B 109 -28.20 32.50 29.86
N ASN B 110 -28.17 32.07 28.59
CA ASN B 110 -28.86 30.85 28.20
C ASN B 110 -28.20 29.63 28.83
N LEU B 111 -26.87 29.64 28.95
CA LEU B 111 -26.18 28.52 29.57
C LEU B 111 -26.55 28.38 31.04
N ALA B 112 -26.64 29.52 31.75
CA ALA B 112 -27.04 29.47 33.15
C ALA B 112 -28.48 29.01 33.29
N GLU B 113 -29.34 29.42 32.37
CA GLU B 113 -30.72 28.92 32.34
C GLU B 113 -30.74 27.41 32.15
N GLU B 114 -29.82 26.88 31.34
CA GLU B 114 -29.73 25.44 31.12
C GLU B 114 -29.31 24.72 32.39
N VAL B 115 -28.26 25.23 33.04
CA VAL B 115 -27.81 24.69 34.31
C VAL B 115 -28.96 24.69 35.32
N GLN B 116 -29.72 25.79 35.37
CA GLN B 116 -30.76 25.94 36.37
C GLN B 116 -31.88 24.92 36.17
N ILE B 117 -32.31 24.72 34.92
CA ILE B 117 -33.36 23.74 34.64
C ILE B 117 -32.86 22.33 34.90
N ALA B 118 -31.60 22.05 34.54
CA ALA B 118 -31.07 20.69 34.63
C ALA B 118 -31.00 20.21 36.07
N HIS B 119 -30.68 21.11 37.00
CA HIS B 119 -30.40 20.74 38.39
C HIS B 119 -31.48 21.23 39.35
N ARG B 120 -32.65 21.61 38.86
CA ARG B 120 -33.72 22.03 39.73
C ARG B 120 -34.32 20.81 40.42
N ARG B 121 -34.32 20.82 41.76
CA ARG B 121 -34.87 19.69 42.50
C ARG B 121 -36.38 19.64 42.34
N ARG B 122 -36.89 18.48 41.94
CA ARG B 122 -38.32 18.31 41.78
C ARG B 122 -39.03 18.45 43.12
N ASN B 123 -40.18 19.15 43.10
CA ASN B 123 -40.91 19.52 44.31
C ASN B 123 -42.38 19.17 44.08
N SER B 124 -42.78 17.98 44.53
CA SER B 124 -44.13 17.49 44.27
C SER B 124 -45.22 18.35 44.90
N LYS B 125 -44.89 19.13 45.93
CA LYS B 125 -45.89 20.00 46.55
C LYS B 125 -46.43 21.03 45.57
N LEU B 126 -45.74 21.27 44.45
CA LEU B 126 -46.23 22.18 43.44
C LEU B 126 -47.35 21.57 42.59
N LYS B 127 -47.55 20.27 42.66
CA LYS B 127 -48.57 19.62 41.84
C LYS B 127 -49.96 19.87 42.40
N LYS B 128 -50.89 20.19 41.51
CA LYS B 128 -52.29 20.37 41.89
C LYS B 128 -53.18 19.28 41.32
N GLY B 129 -52.61 18.25 40.70
CA GLY B 129 -53.40 17.18 40.10
C GLY B 129 -54.03 17.59 38.79
N GLY B 130 -54.30 16.64 37.91
CA GLY B 130 -54.94 16.95 36.64
C GLY B 130 -53.96 17.29 35.53
N PHE B 131 -54.51 17.53 34.34
CA PHE B 131 -53.69 17.68 33.15
C PHE B 131 -52.82 18.93 33.20
N ALA B 132 -53.19 19.93 33.99
CA ALA B 132 -52.45 21.19 33.98
C ALA B 132 -51.04 21.01 34.54
N ASP B 133 -50.85 20.05 35.44
CA ASP B 133 -49.52 19.73 35.96
C ASP B 133 -48.52 19.39 34.85
N GLU B 134 -48.99 18.87 33.72
CA GLU B 134 -48.11 18.39 32.67
C GLU B 134 -47.62 19.50 31.74
N GLY B 135 -47.98 20.75 32.00
CA GLY B 135 -47.55 21.83 31.15
C GLY B 135 -46.21 22.44 31.46
N SER B 136 -45.61 22.07 32.58
CA SER B 136 -44.33 22.62 33.01
C SER B 136 -43.47 21.50 33.57
N ALA B 137 -42.16 21.63 33.38
CA ALA B 137 -41.24 20.61 33.90
C ALA B 137 -41.21 20.61 35.43
N THR B 138 -41.60 21.72 36.07
CA THR B 138 -41.61 21.78 37.51
C THR B 138 -42.74 20.96 38.13
N THR B 139 -43.73 20.57 37.34
CA THR B 139 -44.87 19.82 37.85
C THR B 139 -45.19 18.54 37.09
N GLU B 140 -44.58 18.31 35.93
CA GLU B 140 -44.95 17.19 35.07
C GLU B 140 -44.54 15.86 35.71
N SER B 141 -45.14 14.78 35.21
CA SER B 141 -44.88 13.44 35.71
C SER B 141 -43.65 12.84 35.02
N ASP B 142 -42.75 12.26 35.80
CA ASP B 142 -41.67 11.45 35.24
C ASP B 142 -42.26 10.22 34.56
N ILE B 143 -41.41 9.32 34.09
CA ILE B 143 -41.96 8.11 33.48
C ILE B 143 -42.55 7.20 34.55
N GLU B 144 -41.92 7.14 35.73
CA GLU B 144 -42.44 6.28 36.78
C GLU B 144 -43.77 6.79 37.33
N GLU B 145 -43.91 8.11 37.59
CA GLU B 145 -45.21 8.61 38.03
C GLU B 145 -46.28 8.42 36.96
N THR B 146 -45.89 8.45 35.69
CA THR B 146 -46.85 8.17 34.64
C THR B 146 -47.32 6.72 34.70
N LEU B 147 -46.40 5.77 34.89
CA LEU B 147 -46.79 4.37 35.01
C LEU B 147 -47.68 4.15 36.23
N LYS B 148 -47.33 4.76 37.36
CA LYS B 148 -48.12 4.56 38.57
C LYS B 148 -49.51 5.17 38.42
N ARG B 149 -49.61 6.32 37.74
CA ARG B 149 -50.92 6.93 37.54
C ARG B 149 -51.79 6.08 36.62
N LEU B 150 -51.21 5.54 35.55
CA LEU B 150 -51.97 4.66 34.67
C LEU B 150 -52.50 3.43 35.40
N VAL B 151 -51.75 2.93 36.39
CA VAL B 151 -52.18 1.74 37.11
C VAL B 151 -53.24 2.09 38.15
N SER B 152 -52.99 3.13 38.95
CA SER B 152 -53.81 3.41 40.12
C SER B 152 -54.85 4.50 39.91
N GLU B 153 -54.57 5.47 39.04
CA GLU B 153 -55.54 6.54 38.81
C GLU B 153 -56.48 6.22 37.65
N VAL B 154 -55.93 5.68 36.56
CA VAL B 154 -56.75 5.27 35.44
C VAL B 154 -57.25 3.82 35.60
N GLY B 155 -56.47 2.96 36.24
CA GLY B 155 -56.92 1.61 36.49
C GLY B 155 -56.55 0.60 35.44
N LYS B 156 -55.43 0.80 34.73
CA LYS B 156 -54.95 -0.21 33.81
C LYS B 156 -54.04 -1.19 34.53
N SER B 157 -53.89 -2.36 33.95
CA SER B 157 -53.02 -3.33 34.59
C SER B 157 -51.57 -3.08 34.21
N PRO B 158 -50.63 -3.48 35.07
CA PRO B 158 -49.21 -3.37 34.70
C PRO B 158 -48.87 -4.03 33.38
N GLU B 159 -49.45 -5.19 33.08
N GLU B 159 -49.48 -5.19 33.11
CA GLU B 159 -49.13 -5.87 31.82
CA GLU B 159 -49.21 -5.91 31.87
C GLU B 159 -49.74 -5.15 30.63
C GLU B 159 -49.74 -5.15 30.66
N GLU B 160 -50.86 -4.44 30.82
CA GLU B 160 -51.37 -3.56 29.76
C GLU B 160 -50.35 -2.48 29.43
N VAL B 161 -49.83 -1.82 30.47
CA VAL B 161 -48.88 -0.73 30.28
C VAL B 161 -47.61 -1.25 29.62
N PHE B 162 -47.10 -2.38 30.11
CA PHE B 162 -45.93 -3.00 29.51
C PHE B 162 -46.14 -3.30 28.04
N GLU B 163 -47.32 -3.81 27.68
CA GLU B 163 -47.62 -4.10 26.28
C GLU B 163 -47.68 -2.83 25.45
N ALA B 164 -48.22 -1.75 26.02
CA ALA B 164 -48.28 -0.48 25.29
C ALA B 164 -46.89 0.05 25.00
N LEU B 165 -45.98 -0.06 25.96
CA LEU B 165 -44.61 0.39 25.76
C LEU B 165 -43.94 -0.40 24.64
N LYS B 166 -44.10 -1.73 24.66
CA LYS B 166 -43.50 -2.58 23.63
C LYS B 166 -43.91 -2.15 22.23
N ASN B 167 -45.11 -1.58 22.08
CA ASN B 167 -45.66 -1.23 20.79
C ASN B 167 -45.53 0.26 20.47
N GLN B 168 -44.82 1.02 21.30
CA GLN B 168 -44.75 2.47 21.16
C GLN B 168 -43.51 2.89 20.40
N THR B 169 -43.68 3.88 19.52
CA THR B 169 -42.56 4.50 18.82
C THR B 169 -42.79 6.00 18.70
N VAL B 170 -41.90 6.78 19.29
CA VAL B 170 -41.81 8.22 19.06
C VAL B 170 -40.60 8.47 18.20
N ASP B 171 -40.77 9.20 17.10
CA ASP B 171 -39.69 9.50 16.17
C ASP B 171 -39.49 11.00 16.12
N LEU B 172 -38.31 11.44 16.53
CA LEU B 172 -37.95 12.86 16.57
C LEU B 172 -37.16 13.18 15.30
N VAL B 173 -37.55 14.28 14.65
CA VAL B 173 -37.02 14.64 13.34
C VAL B 173 -36.23 15.94 13.46
N PHE B 174 -34.94 15.88 13.20
CA PHE B 174 -34.09 17.06 13.25
C PHE B 174 -34.23 17.86 11.96
N THR B 175 -34.30 19.18 12.11
CA THR B 175 -34.27 20.11 10.99
C THR B 175 -33.23 21.18 11.27
N ALA B 176 -32.67 21.74 10.19
CA ALA B 176 -31.54 22.65 10.31
C ALA B 176 -31.91 23.89 11.12
N HIS B 177 -30.90 24.46 11.77
CA HIS B 177 -31.08 25.72 12.49
C HIS B 177 -30.98 26.88 11.51
N PRO B 178 -32.02 27.72 11.39
CA PRO B 178 -32.00 28.78 10.38
C PRO B 178 -30.81 29.73 10.47
N THR B 179 -30.32 30.03 11.68
CA THR B 179 -29.36 31.10 11.84
C THR B 179 -28.04 30.71 12.49
N GLN B 180 -27.96 29.58 13.20
CA GLN B 180 -26.81 29.29 14.04
C GLN B 180 -26.20 27.93 13.70
N SER B 181 -24.88 27.84 13.88
CA SER B 181 -24.11 26.70 13.38
C SER B 181 -24.32 25.45 14.22
N ALA B 182 -23.95 25.52 15.50
CA ALA B 182 -23.87 24.36 16.42
C ALA B 182 -22.70 23.45 16.05
N ARG B 183 -21.52 24.05 15.93
CA ARG B 183 -20.30 23.26 15.77
C ARG B 183 -20.07 22.41 17.02
N ARG B 184 -19.43 21.26 16.82
CA ARG B 184 -19.21 20.35 17.94
C ARG B 184 -18.21 20.91 18.94
N SER B 185 -17.21 21.67 18.47
CA SER B 185 -16.27 22.29 19.39
C SER B 185 -16.94 23.38 20.23
N LEU B 186 -17.98 24.03 19.69
CA LEU B 186 -18.72 25.02 20.46
C LEU B 186 -19.56 24.36 21.54
N LEU B 187 -20.24 23.26 21.19
CA LEU B 187 -21.02 22.51 22.19
C LEU B 187 -20.15 22.07 23.36
N GLN B 188 -18.87 21.82 23.11
CA GLN B 188 -18.00 21.35 24.18
C GLN B 188 -17.48 22.51 25.03
N LYS B 189 -17.28 23.68 24.42
CA LYS B 189 -17.04 24.88 25.21
C LYS B 189 -18.23 25.17 26.12
N ASN B 190 -19.44 25.11 25.56
CA ASN B 190 -20.65 25.23 26.35
C ASN B 190 -20.64 24.29 27.54
N ALA B 191 -20.31 23.01 27.29
CA ALA B 191 -20.35 22.00 28.36
C ALA B 191 -19.36 22.33 29.47
N ARG B 192 -18.16 22.78 29.10
CA ARG B 192 -17.16 23.09 30.11
C ARG B 192 -17.56 24.29 30.95
N ILE B 193 -18.19 25.29 30.33
CA ILE B 193 -18.70 26.43 31.09
C ILE B 193 -19.75 25.96 32.09
N ARG B 194 -20.72 25.16 31.62
CA ARG B 194 -21.76 24.65 32.50
C ARG B 194 -21.16 23.80 33.62
N ASN B 195 -20.17 22.97 33.29
CA ASN B 195 -19.55 22.11 34.30
C ASN B 195 -18.80 22.94 35.34
N CYS B 196 -18.04 23.94 34.91
CA CYS B 196 -17.39 24.85 35.84
C CYS B 196 -18.41 25.53 36.74
N LEU B 197 -19.56 25.93 36.17
CA LEU B 197 -20.58 26.62 36.93
C LEU B 197 -21.11 25.74 38.07
N THR B 198 -21.49 24.51 37.75
CA THR B 198 -22.08 23.63 38.78
C THR B 198 -21.03 23.20 39.80
N GLN B 199 -19.81 22.90 39.35
CA GLN B 199 -18.77 22.48 40.29
C GLN B 199 -18.37 23.61 41.22
N LEU B 200 -18.34 24.84 40.70
CA LEU B 200 -18.02 26.02 41.51
C LEU B 200 -19.02 26.19 42.66
N ASN B 201 -20.29 25.86 42.42
CA ASN B 201 -21.34 26.01 43.41
C ASN B 201 -21.70 24.68 44.08
N ALA B 202 -20.75 23.74 44.12
CA ALA B 202 -20.90 22.57 44.95
C ALA B 202 -20.69 22.94 46.41
N LYS B 203 -21.23 22.14 47.32
CA LYS B 203 -21.11 22.48 48.74
C LYS B 203 -19.88 21.84 49.36
N ASP B 204 -19.30 22.56 50.32
CA ASP B 204 -18.08 22.17 51.03
C ASP B 204 -16.90 22.07 50.07
N ILE B 205 -16.84 22.97 49.09
CA ILE B 205 -15.72 23.07 48.17
C ILE B 205 -14.56 23.77 48.87
N THR B 206 -13.35 23.32 48.57
CA THR B 206 -12.17 23.90 49.18
C THR B 206 -11.79 25.21 48.51
N ASP B 207 -11.06 26.06 49.24
CA ASP B 207 -10.67 27.36 48.71
C ASP B 207 -9.84 27.21 47.44
N ASP B 208 -8.92 26.24 47.42
CA ASP B 208 -8.03 26.09 46.27
C ASP B 208 -8.77 25.50 45.07
N ASP B 209 -9.67 24.55 45.31
CA ASP B 209 -10.52 24.05 44.23
C ASP B 209 -11.38 25.16 43.64
N LYS B 210 -11.94 26.01 44.50
CA LYS B 210 -12.76 27.12 44.03
C LYS B 210 -11.91 28.12 43.24
N GLN B 211 -10.71 28.41 43.72
CA GLN B 211 -9.80 29.30 43.01
C GLN B 211 -9.52 28.79 41.60
N GLU B 212 -9.22 27.50 41.46
CA GLU B 212 -8.82 26.95 40.17
C GLU B 212 -10.02 26.81 39.24
N LEU B 213 -11.18 26.44 39.78
CA LEU B 213 -12.39 26.38 38.96
C LEU B 213 -12.74 27.76 38.43
N ASP B 214 -12.61 28.79 39.27
CA ASP B 214 -12.84 30.16 38.82
C ASP B 214 -11.94 30.51 37.65
N GLU B 215 -10.64 30.26 37.81
CA GLU B 215 -9.70 30.48 36.71
C GLU B 215 -10.10 29.70 35.47
N ALA B 216 -10.54 28.46 35.65
CA ALA B 216 -10.99 27.65 34.52
C ALA B 216 -12.18 28.30 33.83
N LEU B 217 -13.17 28.73 34.61
CA LEU B 217 -14.37 29.33 34.05
C LEU B 217 -14.05 30.63 33.29
N GLN B 218 -13.19 31.47 33.87
CA GLN B 218 -12.69 32.64 33.16
C GLN B 218 -12.06 32.25 31.83
N ARG B 219 -11.27 31.17 31.85
CA ARG B 219 -10.54 30.74 30.66
C ARG B 219 -11.47 30.23 29.57
N GLU B 220 -12.54 29.53 29.97
CA GLU B 220 -13.46 28.98 28.98
C GLU B 220 -14.34 30.07 28.38
N ILE B 221 -14.77 31.04 29.19
CA ILE B 221 -15.55 32.15 28.65
C ILE B 221 -14.72 32.90 27.61
N GLN B 222 -13.44 33.15 27.91
CA GLN B 222 -12.57 33.83 26.95
C GLN B 222 -12.41 33.01 25.68
N ALA B 223 -12.27 31.69 25.81
CA ALA B 223 -12.10 30.84 24.65
C ALA B 223 -13.32 30.93 23.73
N ALA B 224 -14.52 30.98 24.30
CA ALA B 224 -15.72 31.14 23.48
C ALA B 224 -15.78 32.50 22.83
N PHE B 225 -15.21 33.52 23.48
CA PHE B 225 -15.28 34.89 22.99
C PHE B 225 -14.32 35.12 21.82
N ARG B 226 -13.20 34.39 21.78
CA ARG B 226 -12.18 34.57 20.75
C ARG B 226 -12.27 33.51 19.65
N THR B 227 -13.46 32.97 19.43
CA THR B 227 -13.73 32.05 18.32
C THR B 227 -14.83 32.66 17.47
N ASP B 228 -14.52 32.93 16.21
CA ASP B 228 -15.45 33.57 15.29
C ASP B 228 -16.77 32.79 15.17
N ALA B 233 -18.76 32.76 4.41
CA ALA B 233 -19.54 31.90 3.52
C ALA B 233 -20.53 31.05 4.30
N GLN B 234 -21.71 30.84 3.73
CA GLN B 234 -22.69 29.95 4.33
C GLN B 234 -22.22 28.50 4.16
N PRO B 235 -22.68 27.59 5.03
CA PRO B 235 -22.21 26.21 4.94
C PRO B 235 -22.90 25.42 3.83
N THR B 236 -22.15 24.44 3.32
CA THR B 236 -22.73 23.46 2.42
C THR B 236 -23.96 22.83 3.08
N PRO B 237 -24.84 22.20 2.29
CA PRO B 237 -25.85 21.34 2.93
C PRO B 237 -25.23 20.15 3.62
N GLN B 238 -24.08 19.69 3.12
CA GLN B 238 -23.33 18.63 3.79
C GLN B 238 -22.82 19.08 5.16
N ASP B 239 -22.15 20.25 5.23
CA ASP B 239 -21.68 20.74 6.52
C ASP B 239 -22.85 21.02 7.46
N GLU B 240 -23.90 21.64 6.92
CA GLU B 240 -25.11 21.88 7.71
C GLU B 240 -25.63 20.59 8.33
N MET B 241 -25.45 19.46 7.65
CA MET B 241 -25.95 18.19 8.17
C MET B 241 -25.08 17.68 9.31
N ARG B 242 -23.76 17.76 9.17
CA ARG B 242 -22.88 17.28 10.22
C ARG B 242 -22.86 18.22 11.42
N TYR B 243 -23.21 19.49 11.22
CA TYR B 243 -23.47 20.35 12.37
C TYR B 243 -24.74 19.94 13.09
N GLY B 244 -25.74 19.47 12.35
CA GLY B 244 -26.98 19.03 12.98
C GLY B 244 -26.84 17.72 13.74
N MET B 245 -25.85 16.91 13.36
CA MET B 245 -25.62 15.63 14.03
C MET B 245 -24.82 15.78 15.33
N SER B 246 -24.31 16.98 15.63
CA SER B 246 -23.44 17.14 16.79
C SER B 246 -24.17 16.82 18.08
N TYR B 247 -25.44 17.17 18.17
CA TYR B 247 -26.20 16.85 19.38
C TYR B 247 -26.34 15.36 19.59
N ILE B 248 -26.33 14.58 18.50
CA ILE B 248 -26.36 13.13 18.63
C ILE B 248 -25.07 12.62 19.23
N HIS B 249 -23.92 13.13 18.75
CA HIS B 249 -22.65 12.73 19.33
C HIS B 249 -22.52 13.15 20.79
N GLU B 250 -23.08 14.31 21.15
CA GLU B 250 -22.79 14.90 22.45
C GLU B 250 -23.69 14.39 23.57
N THR B 251 -24.99 14.22 23.34
CA THR B 251 -25.84 13.78 24.44
C THR B 251 -26.75 12.61 24.07
N VAL B 252 -27.29 12.58 22.86
CA VAL B 252 -28.35 11.63 22.55
C VAL B 252 -27.81 10.21 22.48
N TRP B 253 -26.58 10.05 21.98
CA TRP B 253 -26.03 8.70 21.82
C TRP B 253 -25.94 8.00 23.16
N LYS B 254 -25.35 8.66 24.16
CA LYS B 254 -25.33 8.09 25.51
C LYS B 254 -26.66 8.21 26.22
N GLY B 255 -27.53 9.12 25.78
CA GLY B 255 -28.74 9.41 26.53
C GLY B 255 -29.83 8.37 26.33
N VAL B 256 -29.93 7.83 25.12
CA VAL B 256 -30.96 6.81 24.85
C VAL B 256 -30.84 5.60 25.76
N PRO B 257 -29.64 5.02 25.96
CA PRO B 257 -29.56 3.89 26.91
C PRO B 257 -29.85 4.29 28.35
N LYS B 258 -29.44 5.50 28.76
CA LYS B 258 -29.75 5.96 30.10
C LYS B 258 -31.26 6.00 30.33
N PHE B 259 -32.00 6.59 29.38
CA PHE B 259 -33.44 6.71 29.56
C PHE B 259 -34.14 5.35 29.54
N LEU B 260 -33.73 4.47 28.61
CA LEU B 260 -34.33 3.15 28.55
C LEU B 260 -34.08 2.38 29.84
N ARG B 261 -32.93 2.59 30.47
CA ARG B 261 -32.68 1.97 31.77
C ARG B 261 -33.64 2.52 32.82
N ARG B 262 -34.01 3.80 32.73
CA ARG B 262 -34.99 4.36 33.65
C ARG B 262 -36.38 3.76 33.41
N VAL B 263 -36.70 3.48 32.15
CA VAL B 263 -37.96 2.80 31.84
C VAL B 263 -37.99 1.43 32.50
N ASP B 264 -36.85 0.73 32.50
CA ASP B 264 -36.75 -0.54 33.21
C ASP B 264 -37.03 -0.35 34.70
N THR B 265 -36.38 0.63 35.31
CA THR B 265 -36.61 0.92 36.73
C THR B 265 -38.07 1.21 37.01
N ALA B 266 -38.71 2.00 36.14
CA ALA B 266 -40.12 2.32 36.32
C ALA B 266 -40.99 1.07 36.24
N LEU B 267 -40.73 0.21 35.26
CA LEU B 267 -41.50 -1.02 35.13
C LEU B 267 -41.37 -1.88 36.38
N LYS B 268 -40.16 -2.00 36.93
CA LYS B 268 -39.96 -2.78 38.14
C LYS B 268 -40.82 -2.25 39.28
N ASN B 269 -40.96 -0.93 39.38
CA ASN B 269 -41.65 -0.31 40.50
C ASN B 269 -43.17 -0.28 40.32
N ILE B 270 -43.72 -0.87 39.26
CA ILE B 270 -45.14 -1.13 39.16
C ILE B 270 -45.46 -2.61 39.06
N GLY B 271 -44.45 -3.47 39.18
CA GLY B 271 -44.68 -4.90 39.29
C GLY B 271 -44.21 -5.74 38.12
N ILE B 272 -43.67 -5.14 37.06
CA ILE B 272 -43.16 -5.90 35.92
C ILE B 272 -41.71 -6.26 36.22
N ASN B 273 -41.43 -7.56 36.26
CA ASN B 273 -40.10 -8.00 36.65
C ASN B 273 -39.31 -8.52 35.45
N GLU B 274 -39.28 -7.70 34.39
CA GLU B 274 -38.37 -7.90 33.28
C GLU B 274 -38.11 -6.53 32.68
N ARG B 275 -36.97 -6.39 32.03
CA ARG B 275 -36.66 -5.13 31.38
C ARG B 275 -37.45 -5.01 30.09
N LEU B 276 -37.57 -3.78 29.61
CA LEU B 276 -38.07 -3.56 28.26
C LEU B 276 -37.18 -4.33 27.29
N PRO B 277 -37.75 -5.18 26.43
CA PRO B 277 -36.92 -5.95 25.50
C PRO B 277 -36.06 -5.02 24.65
N TYR B 278 -34.80 -5.41 24.46
CA TYR B 278 -33.86 -4.51 23.81
C TYR B 278 -34.16 -4.28 22.34
N ASN B 279 -35.09 -5.03 21.74
CA ASN B 279 -35.46 -4.84 20.36
C ASN B 279 -36.65 -3.89 20.20
N VAL B 280 -37.06 -3.23 21.27
CA VAL B 280 -38.17 -2.28 21.22
C VAL B 280 -37.61 -0.92 20.82
N SER B 281 -38.10 -0.38 19.70
CA SER B 281 -37.68 0.94 19.23
C SER B 281 -38.62 1.98 19.83
N LEU B 282 -38.41 2.25 21.12
CA LEU B 282 -39.22 3.24 21.83
C LEU B 282 -39.01 4.63 21.26
N ILE B 283 -37.79 4.94 20.84
CA ILE B 283 -37.43 6.26 20.31
C ILE B 283 -36.62 6.06 19.05
N ARG B 284 -36.93 6.81 18.01
N ARG B 284 -36.95 6.84 18.01
CA ARG B 284 -36.09 6.81 16.82
CA ARG B 284 -36.30 6.85 16.72
C ARG B 284 -35.85 8.24 16.39
C ARG B 284 -35.85 8.26 16.40
N PHE B 285 -34.87 8.40 15.50
CA PHE B 285 -34.41 9.72 15.09
C PHE B 285 -34.34 9.82 13.58
N SER B 286 -34.82 10.94 13.07
CA SER B 286 -34.87 11.20 11.64
C SER B 286 -34.26 12.56 11.36
N SER B 287 -34.01 12.82 10.08
CA SER B 287 -33.39 14.06 9.67
C SER B 287 -34.03 14.56 8.38
N TRP B 288 -34.09 15.88 8.25
CA TRP B 288 -34.49 16.53 7.01
C TRP B 288 -33.30 17.10 6.25
N MET B 289 -32.11 17.05 6.83
CA MET B 289 -30.95 17.80 6.34
C MET B 289 -30.30 17.03 5.19
N GLY B 290 -30.47 17.54 3.98
CA GLY B 290 -30.09 16.83 2.78
C GLY B 290 -31.23 16.08 2.12
N GLY B 291 -32.40 16.04 2.75
CA GLY B 291 -33.56 15.38 2.17
C GLY B 291 -34.64 16.35 1.77
N ASP B 292 -34.92 17.33 2.63
CA ASP B 292 -35.89 18.37 2.28
C ASP B 292 -35.32 19.24 1.17
N ARG B 293 -36.00 19.26 0.03
CA ARG B 293 -35.63 20.12 -1.09
C ARG B 293 -36.79 21.00 -1.53
N ASP B 294 -37.82 21.13 -0.70
CA ASP B 294 -38.94 22.01 -1.01
C ASP B 294 -38.47 23.45 -1.16
N GLY B 295 -38.52 23.98 -2.38
CA GLY B 295 -38.04 25.33 -2.63
C GLY B 295 -36.60 25.55 -2.21
N ASN B 296 -35.73 24.61 -2.55
CA ASN B 296 -34.32 24.65 -2.11
C ASN B 296 -33.49 23.97 -3.20
N PRO B 297 -33.10 24.71 -4.23
CA PRO B 297 -32.49 24.07 -5.41
C PRO B 297 -31.10 23.50 -5.15
N ARG B 298 -30.33 24.10 -4.24
CA ARG B 298 -29.28 23.33 -3.59
C ARG B 298 -29.94 22.44 -2.56
N VAL B 299 -29.36 21.25 -2.38
CA VAL B 299 -30.00 19.99 -1.98
C VAL B 299 -30.30 19.28 -3.30
N THR B 300 -29.24 18.89 -3.98
CA THR B 300 -29.31 18.15 -5.23
C THR B 300 -29.40 16.66 -4.94
N PRO B 301 -29.59 15.82 -5.96
CA PRO B 301 -29.44 14.38 -5.74
C PRO B 301 -28.14 13.98 -5.06
N GLU B 302 -27.01 14.62 -5.41
CA GLU B 302 -25.75 14.20 -4.82
C GLU B 302 -25.61 14.66 -3.38
N VAL B 303 -26.19 15.81 -3.03
CA VAL B 303 -26.27 16.21 -1.63
C VAL B 303 -26.92 15.10 -0.82
N THR B 304 -28.03 14.55 -1.32
CA THR B 304 -28.73 13.49 -0.62
C THR B 304 -27.86 12.24 -0.50
N ARG B 305 -27.23 11.83 -1.60
CA ARG B 305 -26.31 10.70 -1.55
C ARG B 305 -25.19 10.96 -0.54
N ASP B 306 -24.74 12.21 -0.44
CA ASP B 306 -23.62 12.54 0.45
C ASP B 306 -24.01 12.41 1.91
N VAL B 307 -25.08 13.09 2.34
CA VAL B 307 -25.46 13.05 3.75
C VAL B 307 -25.83 11.65 4.19
N CYS B 308 -26.24 10.78 3.26
CA CYS B 308 -26.51 9.40 3.62
C CYS B 308 -25.22 8.66 3.98
N LEU B 309 -24.18 8.83 3.15
CA LEU B 309 -22.91 8.16 3.43
C LEU B 309 -22.20 8.79 4.63
N LEU B 310 -22.33 10.11 4.79
CA LEU B 310 -21.76 10.76 5.97
C LEU B 310 -22.40 10.22 7.25
N ALA B 311 -23.71 9.98 7.23
CA ALA B 311 -24.38 9.43 8.40
C ALA B 311 -23.83 8.04 8.74
N ARG B 312 -23.58 7.21 7.72
CA ARG B 312 -23.10 5.87 7.96
C ARG B 312 -21.68 5.87 8.49
N MET B 313 -20.85 6.83 8.07
CA MET B 313 -19.53 6.96 8.64
C MET B 313 -19.60 7.33 10.12
N MET B 314 -20.43 8.33 10.45
CA MET B 314 -20.58 8.74 11.83
C MET B 314 -21.05 7.60 12.71
N ALA B 315 -22.02 6.82 12.22
CA ALA B 315 -22.50 5.68 12.98
C ALA B 315 -21.39 4.66 13.22
N ALA B 316 -20.64 4.33 12.16
CA ALA B 316 -19.55 3.36 12.30
C ALA B 316 -18.52 3.83 13.33
N ASN B 317 -18.24 5.14 13.35
CA ASN B 317 -17.30 5.67 14.32
C ASN B 317 -17.83 5.52 15.74
N LEU B 318 -19.10 5.88 15.94
CA LEU B 318 -19.68 5.77 17.28
C LEU B 318 -19.71 4.32 17.76
N TYR B 319 -20.06 3.39 16.87
CA TYR B 319 -20.10 1.98 17.25
C TYR B 319 -18.69 1.45 17.55
N ILE B 320 -17.71 1.85 16.73
CA ILE B 320 -16.34 1.38 16.96
C ILE B 320 -15.86 1.77 18.35
N ASP B 321 -16.21 2.97 18.80
CA ASP B 321 -15.82 3.40 20.14
C ASP B 321 -16.54 2.60 21.21
N GLN B 322 -17.86 2.42 21.06
CA GLN B 322 -18.62 1.63 22.02
C GLN B 322 -18.10 0.20 22.10
N ILE B 323 -17.80 -0.40 20.94
CA ILE B 323 -17.33 -1.79 20.93
C ILE B 323 -15.98 -1.90 21.62
N GLU B 324 -15.09 -0.95 21.39
CA GLU B 324 -13.76 -1.02 21.99
C GLU B 324 -13.83 -0.90 23.51
N GLU B 325 -14.66 0.02 24.02
CA GLU B 325 -14.87 0.09 25.46
C GLU B 325 -15.48 -1.21 25.99
N LEU B 326 -16.36 -1.83 25.20
CA LEU B 326 -16.99 -3.07 25.63
C LEU B 326 -15.99 -4.23 25.63
N MET B 327 -15.07 -4.24 24.67
CA MET B 327 -14.04 -5.27 24.65
C MET B 327 -13.17 -5.20 25.90
N PHE B 328 -12.76 -3.99 26.27
CA PHE B 328 -12.03 -3.79 27.52
C PHE B 328 -12.74 -4.46 28.68
N GLU B 329 -14.07 -4.29 28.74
CA GLU B 329 -14.82 -4.76 29.90
C GLU B 329 -14.98 -6.28 29.90
N LEU B 330 -15.28 -6.87 28.75
CA LEU B 330 -15.72 -8.27 28.70
C LEU B 330 -14.52 -9.21 28.63
N SER B 331 -13.80 -9.29 29.74
CA SER B 331 -12.61 -10.13 29.87
C SER B 331 -12.95 -11.59 30.17
N MET B 332 -14.23 -11.93 30.33
CA MET B 332 -14.61 -13.26 30.80
C MET B 332 -14.07 -14.36 29.88
N TRP B 333 -13.90 -15.55 30.46
CA TRP B 333 -13.52 -16.72 29.68
C TRP B 333 -14.62 -17.77 29.55
N ARG B 334 -15.65 -17.73 30.41
CA ARG B 334 -16.73 -18.70 30.33
C ARG B 334 -17.79 -18.24 29.34
N CYS B 335 -18.12 -19.12 28.40
CA CYS B 335 -19.07 -18.82 27.34
C CYS B 335 -19.80 -20.10 27.00
N ASN B 336 -20.86 -19.97 26.22
CA ASN B 336 -21.58 -21.16 25.80
C ASN B 336 -20.88 -21.80 24.60
N ASP B 337 -21.47 -22.87 24.08
CA ASP B 337 -20.84 -23.61 23.00
C ASP B 337 -20.80 -22.81 21.71
N GLU B 338 -21.95 -22.24 21.31
CA GLU B 338 -22.05 -21.48 20.07
C GLU B 338 -20.96 -20.42 19.97
N LEU B 339 -20.73 -19.68 21.06
CA LEU B 339 -19.73 -18.62 21.02
C LEU B 339 -18.32 -19.20 21.00
N ARG B 340 -18.06 -20.23 21.82
CA ARG B 340 -16.73 -20.85 21.83
C ARG B 340 -16.36 -21.35 20.44
N VAL B 341 -17.32 -21.95 19.72
CA VAL B 341 -17.04 -22.46 18.40
C VAL B 341 -16.68 -21.33 17.44
N ARG B 342 -17.48 -20.26 17.44
CA ARG B 342 -17.23 -19.17 16.51
C ARG B 342 -15.96 -18.41 16.87
N ALA B 343 -15.64 -18.32 18.17
CA ALA B 343 -14.39 -17.69 18.58
C ALA B 343 -13.19 -18.50 18.12
N GLU B 344 -13.28 -19.83 18.18
CA GLU B 344 -12.21 -20.68 17.68
C GLU B 344 -12.03 -20.47 16.18
N GLU B 345 -13.13 -20.40 15.44
CA GLU B 345 -13.08 -20.23 13.99
C GLU B 345 -12.39 -18.92 13.61
N LEU B 346 -12.46 -17.92 14.49
CA LEU B 346 -11.79 -16.63 14.27
C LEU B 346 -10.42 -16.68 14.94
N HIS B 347 -9.49 -17.39 14.30
CA HIS B 347 -8.13 -17.52 14.81
C HIS B 347 -7.21 -18.18 13.77
N ILE B 365 -6.45 -10.37 21.09
CA ILE B 365 -5.71 -11.46 20.46
C ILE B 365 -5.80 -12.86 21.14
N PRO B 366 -5.82 -12.95 22.47
CA PRO B 366 -5.72 -14.27 23.13
C PRO B 366 -7.02 -15.05 23.00
N PRO B 367 -6.93 -16.37 22.77
CA PRO B 367 -8.14 -17.17 22.54
C PRO B 367 -8.93 -17.49 23.80
N ASN B 368 -8.37 -17.27 24.99
CA ASN B 368 -9.11 -17.46 26.23
C ASN B 368 -9.93 -16.23 26.60
N GLU B 369 -10.06 -15.28 25.67
CA GLU B 369 -10.88 -14.08 25.85
C GLU B 369 -11.92 -14.07 24.74
N PRO B 370 -12.86 -15.03 24.75
CA PRO B 370 -13.71 -15.21 23.57
C PRO B 370 -14.53 -13.97 23.21
N TYR B 371 -15.15 -13.31 24.19
CA TYR B 371 -15.95 -12.14 23.89
C TYR B 371 -15.13 -11.05 23.20
N ARG B 372 -13.85 -10.93 23.54
CA ARG B 372 -12.99 -9.99 22.84
C ARG B 372 -12.73 -10.44 21.40
N VAL B 373 -12.65 -11.75 21.17
CA VAL B 373 -12.42 -12.24 19.81
C VAL B 373 -13.59 -11.87 18.91
N ILE B 374 -14.82 -12.11 19.39
CA ILE B 374 -15.99 -11.82 18.57
C ILE B 374 -16.11 -10.32 18.33
N LEU B 375 -16.05 -9.53 19.40
CA LEU B 375 -16.20 -8.09 19.26
C LEU B 375 -15.06 -7.48 18.44
N GLY B 376 -13.87 -8.05 18.52
CA GLY B 376 -12.80 -7.61 17.64
C GLY B 376 -13.15 -7.78 16.17
N HIS B 377 -13.77 -8.91 15.83
CA HIS B 377 -14.21 -9.12 14.46
C HIS B 377 -15.29 -8.11 14.07
N VAL B 378 -16.24 -7.88 14.97
CA VAL B 378 -17.27 -6.87 14.73
C VAL B 378 -16.64 -5.52 14.47
N ARG B 379 -15.62 -5.16 15.25
CA ARG B 379 -14.95 -3.88 15.03
C ARG B 379 -14.29 -3.83 13.67
N ASP B 380 -13.66 -4.93 13.26
CA ASP B 380 -13.05 -4.99 11.93
C ASP B 380 -14.07 -4.70 10.84
N LYS B 381 -15.22 -5.37 10.90
CA LYS B 381 -16.26 -5.15 9.89
C LYS B 381 -16.83 -3.74 9.97
N LEU B 382 -16.86 -3.15 11.16
CA LEU B 382 -17.29 -1.75 11.27
C LEU B 382 -16.29 -0.81 10.63
N TYR B 383 -14.99 -1.08 10.82
CA TYR B 383 -13.96 -0.29 10.15
C TYR B 383 -14.12 -0.37 8.63
N ASN B 384 -14.37 -1.57 8.11
CA ASN B 384 -14.61 -1.72 6.68
C ASN B 384 -15.85 -0.96 6.25
N THR B 385 -16.94 -1.08 7.00
CA THR B 385 -18.16 -0.34 6.69
C THR B 385 -17.89 1.15 6.57
N ARG B 386 -17.10 1.70 7.51
CA ARG B 386 -16.77 3.12 7.45
C ARG B 386 -15.94 3.44 6.21
N GLU B 387 -14.86 2.70 5.99
CA GLU B 387 -13.96 3.00 4.88
C GLU B 387 -14.69 2.86 3.55
N ARG B 388 -15.53 1.84 3.40
CA ARG B 388 -16.34 1.71 2.19
C ARG B 388 -17.19 2.95 1.98
N ALA B 389 -17.82 3.45 3.04
CA ALA B 389 -18.63 4.66 2.92
C ALA B 389 -17.78 5.86 2.54
N ARG B 390 -16.58 5.97 3.12
CA ARG B 390 -15.69 7.08 2.78
C ARG B 390 -15.28 7.01 1.32
N HIS B 391 -15.00 5.81 0.81
CA HIS B 391 -14.62 5.67 -0.59
C HIS B 391 -15.77 6.01 -1.52
N LEU B 392 -16.97 5.48 -1.22
CA LEU B 392 -18.14 5.82 -2.02
C LEU B 392 -18.41 7.31 -2.01
N LEU B 393 -18.07 8.00 -0.93
CA LEU B 393 -18.32 9.43 -0.85
C LEU B 393 -17.34 10.22 -1.73
N ALA B 394 -16.07 9.82 -1.73
CA ALA B 394 -15.05 10.57 -2.46
C ALA B 394 -15.09 10.26 -3.96
N SER B 395 -14.89 8.99 -4.30
CA SER B 395 -14.76 8.63 -5.70
C SER B 395 -16.05 8.15 -6.33
N GLY B 396 -17.04 7.75 -5.52
CA GLY B 396 -18.26 7.13 -6.00
C GLY B 396 -18.18 5.62 -6.12
N VAL B 397 -17.09 5.02 -5.67
CA VAL B 397 -16.78 3.62 -5.95
C VAL B 397 -15.86 3.11 -4.86
N SER B 398 -15.99 1.82 -4.53
CA SER B 398 -15.22 1.25 -3.41
C SER B 398 -14.83 -0.18 -3.75
N GLU B 399 -13.53 -0.46 -3.71
CA GLU B 399 -13.03 -1.83 -3.83
C GLU B 399 -13.25 -2.64 -2.56
N ILE B 400 -13.74 -2.02 -1.49
CA ILE B 400 -14.02 -2.73 -0.24
C ILE B 400 -15.35 -3.44 -0.37
N SER B 401 -15.32 -4.77 -0.29
CA SER B 401 -16.51 -5.58 -0.56
C SER B 401 -17.58 -5.33 0.49
N ALA B 402 -18.85 -5.41 0.05
CA ALA B 402 -19.96 -5.38 0.99
C ALA B 402 -19.97 -6.61 1.90
N GLU B 403 -19.34 -7.71 1.47
CA GLU B 403 -19.27 -8.89 2.32
C GLU B 403 -18.37 -8.66 3.52
N SER B 404 -17.28 -7.93 3.35
CA SER B 404 -16.36 -7.65 4.44
C SER B 404 -16.87 -6.57 5.38
N SER B 405 -18.06 -6.02 5.14
CA SER B 405 -18.64 -4.98 5.97
C SER B 405 -20.04 -5.39 6.39
N PHE B 406 -20.69 -4.52 7.15
CA PHE B 406 -22.07 -4.72 7.58
C PHE B 406 -22.99 -3.98 6.62
N THR B 407 -23.89 -4.72 5.97
CA THR B 407 -24.85 -4.13 5.06
C THR B 407 -26.25 -4.04 5.63
N SER B 408 -26.57 -4.86 6.63
CA SER B 408 -27.90 -4.88 7.23
C SER B 408 -27.77 -4.84 8.75
N ILE B 409 -28.81 -4.31 9.40
CA ILE B 409 -28.82 -4.30 10.86
C ILE B 409 -28.85 -5.72 11.41
N GLU B 410 -29.37 -6.67 10.64
CA GLU B 410 -29.51 -8.03 11.12
C GLU B 410 -28.15 -8.71 11.28
N GLU B 411 -27.24 -8.50 10.32
CA GLU B 411 -25.93 -9.15 10.41
C GLU B 411 -25.03 -8.44 11.41
N PHE B 412 -25.25 -7.15 11.65
CA PHE B 412 -24.58 -6.48 12.77
C PHE B 412 -25.05 -7.05 14.10
N LEU B 413 -26.34 -7.35 14.20
CA LEU B 413 -26.91 -7.79 15.48
C LEU B 413 -26.50 -9.23 15.82
N GLU B 414 -26.30 -10.07 14.81
CA GLU B 414 -26.06 -11.50 15.06
C GLU B 414 -24.93 -11.76 16.04
N PRO B 415 -23.72 -11.20 15.88
CA PRO B 415 -22.68 -11.47 16.87
C PRO B 415 -22.92 -10.82 18.22
N LEU B 416 -23.65 -9.70 18.27
CA LEU B 416 -23.91 -9.05 19.55
C LEU B 416 -24.92 -9.83 20.36
N GLU B 417 -25.99 -10.33 19.73
CA GLU B 417 -26.95 -11.14 20.44
C GLU B 417 -26.35 -12.49 20.81
N LEU B 418 -25.37 -12.98 20.04
CA LEU B 418 -24.64 -14.18 20.43
C LEU B 418 -23.90 -13.96 21.73
N CYS B 419 -23.22 -12.83 21.85
CA CYS B 419 -22.57 -12.47 23.11
C CYS B 419 -23.58 -12.41 24.25
N TYR B 420 -24.72 -11.76 24.01
CA TYR B 420 -25.73 -11.60 25.06
C TYR B 420 -26.22 -12.96 25.55
N LYS B 421 -26.62 -13.84 24.62
CA LYS B 421 -27.16 -15.13 25.01
C LYS B 421 -26.08 -15.97 25.70
N SER B 422 -24.84 -15.87 25.24
CA SER B 422 -23.75 -16.62 25.88
C SER B 422 -23.58 -16.20 27.33
N LEU B 423 -23.56 -14.88 27.59
CA LEU B 423 -23.43 -14.40 28.96
C LEU B 423 -24.61 -14.86 29.81
N CYS B 424 -25.82 -14.83 29.25
CA CYS B 424 -26.99 -15.30 29.99
C CYS B 424 -26.88 -16.79 30.28
N ASP B 425 -26.44 -17.57 29.29
CA ASP B 425 -26.37 -19.02 29.47
C ASP B 425 -25.40 -19.42 30.56
N CYS B 426 -24.41 -18.58 30.84
CA CYS B 426 -23.43 -18.86 31.88
C CYS B 426 -23.78 -18.23 33.22
N GLY B 427 -25.03 -17.77 33.39
CA GLY B 427 -25.40 -17.13 34.63
C GLY B 427 -24.86 -15.74 34.81
N ASP B 428 -24.47 -15.07 33.73
CA ASP B 428 -23.91 -13.72 33.80
C ASP B 428 -24.83 -12.68 33.15
N LYS B 429 -26.14 -12.93 33.20
CA LYS B 429 -27.11 -11.99 32.65
C LYS B 429 -26.94 -10.60 33.25
N ALA B 430 -26.52 -10.52 34.51
CA ALA B 430 -26.28 -9.23 35.14
C ALA B 430 -25.21 -8.45 34.40
N ILE B 431 -24.15 -9.13 33.95
CA ILE B 431 -23.11 -8.46 33.18
C ILE B 431 -23.63 -8.08 31.81
N ALA B 432 -24.43 -8.95 31.19
CA ALA B 432 -25.00 -8.67 29.88
C ALA B 432 -25.89 -7.43 29.93
N ASP B 433 -26.63 -7.27 31.02
CA ASP B 433 -27.58 -6.16 31.13
C ASP B 433 -26.90 -4.84 31.44
N GLY B 434 -25.57 -4.80 31.45
CA GLY B 434 -24.86 -3.54 31.57
C GLY B 434 -24.53 -2.93 30.22
N SER B 435 -23.24 -2.84 29.90
CA SER B 435 -22.82 -2.10 28.71
C SER B 435 -23.31 -2.78 27.43
N LEU B 436 -23.32 -4.12 27.40
CA LEU B 436 -23.75 -4.82 26.19
C LEU B 436 -25.22 -4.55 25.90
N LEU B 437 -26.06 -4.49 26.94
CA LEU B 437 -27.46 -4.15 26.74
C LEU B 437 -27.61 -2.72 26.25
N ASP B 438 -26.78 -1.80 26.76
CA ASP B 438 -26.75 -0.44 26.23
C ASP B 438 -26.46 -0.44 24.74
N LEU B 439 -25.51 -1.27 24.30
CA LEU B 439 -25.12 -1.27 22.89
C LEU B 439 -26.23 -1.83 22.01
N LEU B 440 -26.88 -2.92 22.44
CA LEU B 440 -28.00 -3.46 21.67
C LEU B 440 -29.12 -2.44 21.56
N ARG B 441 -29.39 -1.70 22.64
CA ARG B 441 -30.41 -0.66 22.58
C ARG B 441 -30.01 0.47 21.64
N GLN B 442 -28.71 0.78 21.56
CA GLN B 442 -28.26 1.77 20.59
C GLN B 442 -28.45 1.27 19.17
N VAL B 443 -28.15 0.00 18.93
CA VAL B 443 -28.32 -0.57 17.58
C VAL B 443 -29.76 -0.48 17.13
N PHE B 444 -30.69 -0.85 18.02
CA PHE B 444 -32.11 -0.82 17.69
C PHE B 444 -32.70 0.57 17.69
N THR B 445 -31.99 1.56 18.21
CA THR B 445 -32.44 2.95 18.17
C THR B 445 -31.88 3.69 16.95
N PHE B 446 -30.59 3.51 16.67
CA PHE B 446 -29.89 4.30 15.67
C PHE B 446 -29.62 3.56 14.38
N GLY B 447 -29.55 2.23 14.42
CA GLY B 447 -29.27 1.51 13.20
C GLY B 447 -27.84 1.73 12.73
N LEU B 448 -27.63 1.54 11.44
CA LEU B 448 -26.32 1.76 10.83
C LEU B 448 -26.16 3.15 10.25
N SER B 449 -27.16 4.03 10.39
CA SER B 449 -27.09 5.36 9.81
C SER B 449 -27.54 6.45 10.78
N LEU B 450 -27.55 6.15 12.08
CA LEU B 450 -27.94 7.12 13.11
C LEU B 450 -29.36 7.63 12.92
N VAL B 451 -29.62 8.28 11.79
CA VAL B 451 -30.95 8.82 11.49
C VAL B 451 -31.39 8.29 10.13
N LYS B 452 -32.70 8.25 9.94
CA LYS B 452 -33.29 8.02 8.63
C LYS B 452 -33.66 9.36 8.00
N LEU B 453 -33.41 9.48 6.70
CA LEU B 453 -33.60 10.75 6.00
C LEU B 453 -35.01 10.82 5.43
N ASP B 454 -35.69 11.92 5.71
CA ASP B 454 -36.95 12.24 5.04
C ASP B 454 -36.65 12.99 3.75
N ILE B 455 -37.37 12.62 2.69
CA ILE B 455 -37.36 13.35 1.44
C ILE B 455 -38.63 14.19 1.37
N ARG B 456 -38.49 15.43 0.88
CA ARG B 456 -39.65 16.28 0.70
C ARG B 456 -39.51 17.11 -0.56
N GLN B 457 -40.61 17.27 -1.28
CA GLN B 457 -40.64 18.01 -2.53
C GLN B 457 -42.07 18.46 -2.78
N GLU B 458 -42.20 19.61 -3.44
CA GLU B 458 -43.50 20.20 -3.71
C GLU B 458 -44.26 19.40 -4.76
N SER B 459 -45.60 19.39 -4.64
CA SER B 459 -46.43 18.56 -5.51
C SER B 459 -46.41 19.04 -6.95
N GLU B 460 -46.32 20.35 -7.18
CA GLU B 460 -46.30 20.85 -8.55
C GLU B 460 -45.06 20.42 -9.31
N ARG B 461 -43.96 20.15 -8.61
CA ARG B 461 -42.77 19.65 -9.28
C ARG B 461 -42.99 18.25 -9.85
N HIS B 462 -43.73 17.42 -9.12
CA HIS B 462 -44.10 16.10 -9.64
C HIS B 462 -45.06 16.24 -10.82
N THR B 463 -46.03 17.15 -10.72
CA THR B 463 -46.93 17.40 -11.84
C THR B 463 -46.17 17.84 -13.07
N ASP B 464 -45.13 18.67 -12.88
CA ASP B 464 -44.31 19.11 -14.01
C ASP B 464 -43.67 17.92 -14.72
N VAL B 465 -43.16 16.96 -13.95
CA VAL B 465 -42.50 15.81 -14.54
C VAL B 465 -43.50 14.98 -15.35
N ILE B 466 -44.67 14.73 -14.77
CA ILE B 466 -45.66 13.87 -15.41
C ILE B 466 -46.26 14.55 -16.63
N ASP B 467 -46.41 15.88 -16.59
CA ASP B 467 -46.87 16.58 -17.78
C ASP B 467 -45.83 16.54 -18.89
N ALA B 468 -44.55 16.52 -18.53
CA ALA B 468 -43.52 16.34 -19.55
C ALA B 468 -43.57 14.93 -20.14
N ILE B 469 -43.97 13.95 -19.34
CA ILE B 469 -44.06 12.57 -19.84
C ILE B 469 -45.25 12.42 -20.78
N THR B 470 -46.42 12.92 -20.37
CA THR B 470 -47.62 12.71 -21.17
C THR B 470 -47.58 13.51 -22.47
N THR B 471 -47.02 14.72 -22.46
CA THR B 471 -46.92 15.47 -23.71
C THR B 471 -45.91 14.85 -24.66
N HIS B 472 -44.79 14.35 -24.13
CA HIS B 472 -43.79 13.71 -24.97
C HIS B 472 -44.33 12.42 -25.58
N LEU B 473 -45.15 11.68 -24.84
CA LEU B 473 -45.78 10.49 -25.38
C LEU B 473 -46.98 10.80 -26.26
N GLY B 474 -47.43 12.05 -26.29
CA GLY B 474 -48.58 12.40 -27.10
C GLY B 474 -49.92 12.03 -26.49
N ILE B 475 -49.96 11.76 -25.19
CA ILE B 475 -51.22 11.44 -24.52
C ILE B 475 -52.01 12.68 -24.14
N GLY B 476 -51.40 13.86 -24.19
CA GLY B 476 -52.01 15.08 -23.73
C GLY B 476 -51.27 15.67 -22.57
N SER B 477 -51.92 16.59 -21.88
CA SER B 477 -51.31 17.38 -20.80
C SER B 477 -51.90 16.93 -19.47
N TYR B 478 -51.08 16.25 -18.65
CA TYR B 478 -51.52 15.85 -17.32
C TYR B 478 -51.92 17.06 -16.48
N ARG B 479 -51.26 18.21 -16.70
CA ARG B 479 -51.58 19.40 -15.93
C ARG B 479 -53.01 19.88 -16.21
N GLU B 480 -53.46 19.74 -17.46
CA GLU B 480 -54.80 20.23 -17.83
C GLU B 480 -55.92 19.34 -17.30
N TRP B 481 -55.61 18.08 -16.96
CA TRP B 481 -56.67 17.15 -16.57
C TRP B 481 -57.25 17.49 -15.20
N SER B 482 -58.54 17.20 -15.05
CA SER B 482 -59.19 17.30 -13.75
C SER B 482 -58.61 16.26 -12.78
N GLU B 483 -58.91 16.45 -11.50
CA GLU B 483 -58.40 15.51 -10.49
C GLU B 483 -58.89 14.10 -10.74
N ASP B 484 -60.17 13.96 -11.13
CA ASP B 484 -60.71 12.63 -11.43
C ASP B 484 -60.00 11.99 -12.61
N LYS B 485 -59.77 12.77 -13.68
CA LYS B 485 -59.06 12.22 -14.84
C LYS B 485 -57.64 11.84 -14.48
N ARG B 486 -56.97 12.65 -13.66
CA ARG B 486 -55.63 12.32 -13.20
C ARG B 486 -55.60 10.98 -12.47
N GLN B 487 -56.50 10.81 -11.49
CA GLN B 487 -56.55 9.56 -10.75
C GLN B 487 -56.84 8.38 -11.66
N GLU B 488 -57.77 8.56 -12.61
CA GLU B 488 -58.08 7.49 -13.56
C GLU B 488 -56.83 7.08 -14.34
N TRP B 489 -56.07 8.05 -14.84
CA TRP B 489 -54.89 7.72 -15.64
C TRP B 489 -53.79 7.11 -14.78
N LEU B 490 -53.50 7.73 -13.62
CA LEU B 490 -52.45 7.22 -12.76
C LEU B 490 -52.73 5.78 -12.34
N LEU B 491 -53.98 5.47 -12.02
CA LEU B 491 -54.31 4.12 -11.56
C LEU B 491 -54.23 3.10 -12.68
N SER B 492 -54.54 3.49 -13.91
CA SER B 492 -54.38 2.55 -15.02
C SER B 492 -52.91 2.30 -15.33
N GLU B 493 -52.04 3.27 -15.01
CA GLU B 493 -50.61 3.05 -15.16
C GLU B 493 -50.05 2.19 -14.04
N LEU B 494 -50.41 2.51 -12.80
CA LEU B 494 -49.91 1.73 -11.67
C LEU B 494 -50.43 0.29 -11.72
N ARG B 495 -51.64 0.10 -12.23
CA ARG B 495 -52.17 -1.25 -12.38
C ARG B 495 -51.59 -1.97 -13.59
N GLY B 496 -51.19 -1.23 -14.62
CA GLY B 496 -50.58 -1.84 -15.77
C GLY B 496 -49.21 -2.37 -15.46
N LYS B 497 -48.66 -3.11 -16.43
CA LYS B 497 -47.35 -3.73 -16.26
C LYS B 497 -46.33 -3.22 -17.27
N ARG B 498 -46.64 -2.19 -18.04
CA ARG B 498 -45.72 -1.64 -19.04
C ARG B 498 -45.08 -0.36 -18.52
N PRO B 499 -43.75 -0.22 -18.65
CA PRO B 499 -43.07 0.99 -18.15
C PRO B 499 -43.51 2.24 -18.89
N LEU B 500 -43.10 3.38 -18.35
CA LEU B 500 -43.66 4.66 -18.77
C LEU B 500 -42.60 5.70 -19.12
N LEU B 501 -41.60 5.87 -18.25
CA LEU B 501 -40.64 6.96 -18.36
C LEU B 501 -39.61 6.71 -19.46
N PRO B 502 -39.67 7.43 -20.57
CA PRO B 502 -38.69 7.24 -21.64
C PRO B 502 -37.33 7.76 -21.22
N PRO B 503 -36.25 7.04 -21.57
CA PRO B 503 -34.92 7.49 -21.16
C PRO B 503 -34.46 8.75 -21.86
N ASP B 504 -34.99 9.03 -23.04
CA ASP B 504 -34.65 10.24 -23.80
C ASP B 504 -35.65 11.36 -23.59
N LEU B 505 -36.37 11.35 -22.47
CA LEU B 505 -37.32 12.41 -22.18
C LEU B 505 -36.59 13.75 -22.10
N PRO B 506 -37.08 14.78 -22.78
CA PRO B 506 -36.46 16.11 -22.66
C PRO B 506 -36.76 16.72 -21.29
N GLN B 507 -35.70 17.06 -20.57
CA GLN B 507 -35.82 17.43 -19.16
C GLN B 507 -35.29 18.85 -18.94
N THR B 508 -36.09 19.67 -18.27
CA THR B 508 -35.60 20.92 -17.71
C THR B 508 -34.72 20.61 -16.50
N GLU B 509 -34.00 21.64 -16.03
CA GLU B 509 -33.18 21.49 -14.83
C GLU B 509 -34.02 20.97 -13.67
N GLU B 510 -35.21 21.55 -13.49
CA GLU B 510 -36.07 21.16 -12.37
C GLU B 510 -36.54 19.72 -12.52
N ILE B 511 -36.99 19.35 -13.72
CA ILE B 511 -37.47 17.99 -13.95
C ILE B 511 -36.34 17.00 -13.75
N ALA B 512 -35.14 17.32 -14.26
CA ALA B 512 -33.99 16.45 -14.08
C ALA B 512 -33.67 16.27 -12.59
N ASP B 513 -33.88 17.31 -11.79
CA ASP B 513 -33.59 17.21 -10.36
C ASP B 513 -34.56 16.26 -9.67
N VAL B 514 -35.84 16.30 -10.06
CA VAL B 514 -36.81 15.37 -9.49
C VAL B 514 -36.46 13.93 -9.88
N ILE B 515 -36.27 13.69 -11.18
CA ILE B 515 -35.94 12.35 -11.65
C ILE B 515 -34.60 11.89 -11.07
N GLY B 516 -33.61 12.77 -11.06
CA GLY B 516 -32.33 12.42 -10.47
C GLY B 516 -32.44 12.05 -9.00
N ALA B 517 -33.24 12.81 -8.25
CA ALA B 517 -33.43 12.49 -6.84
C ALA B 517 -33.99 11.09 -6.65
N PHE B 518 -35.05 10.75 -7.39
CA PHE B 518 -35.59 9.40 -7.34
C PHE B 518 -34.55 8.36 -7.72
N HIS B 519 -33.69 8.70 -8.69
CA HIS B 519 -32.64 7.76 -9.09
C HIS B 519 -31.65 7.52 -7.96
N VAL B 520 -31.37 8.54 -7.15
CA VAL B 520 -30.50 8.36 -6.00
C VAL B 520 -31.18 7.48 -4.96
N LEU B 521 -32.47 7.68 -4.74
CA LEU B 521 -33.22 6.84 -3.80
C LEU B 521 -33.15 5.38 -4.22
N ALA B 522 -33.21 5.10 -5.52
CA ALA B 522 -33.16 3.72 -6.00
C ALA B 522 -31.78 3.10 -5.76
N GLU B 523 -30.73 3.92 -5.75
CA GLU B 523 -29.37 3.41 -5.64
C GLU B 523 -28.92 3.20 -4.20
N LEU B 524 -29.60 3.79 -3.23
CA LEU B 524 -29.13 3.73 -1.84
C LEU B 524 -29.92 2.70 -1.05
N PRO B 525 -29.35 2.20 0.05
CA PRO B 525 -30.04 1.18 0.86
C PRO B 525 -31.36 1.70 1.40
N PRO B 526 -32.42 0.89 1.37
CA PRO B 526 -33.72 1.33 1.89
C PRO B 526 -33.69 1.85 3.33
N ASP B 527 -32.87 1.27 4.21
CA ASP B 527 -32.90 1.72 5.59
C ASP B 527 -32.23 3.09 5.78
N SER B 528 -31.76 3.72 4.71
CA SER B 528 -31.26 5.09 4.81
C SER B 528 -32.38 6.11 4.85
N PHE B 529 -33.59 5.72 4.48
CA PHE B 529 -34.67 6.68 4.26
C PHE B 529 -35.87 6.39 5.15
N GLY B 530 -36.64 7.44 5.39
CA GLY B 530 -37.97 7.30 5.90
C GLY B 530 -38.98 7.57 4.80
N PRO B 531 -39.82 8.57 5.00
CA PRO B 531 -40.90 8.85 4.05
C PRO B 531 -40.53 9.89 3.00
N TYR B 532 -41.29 9.84 1.90
CA TYR B 532 -41.29 10.89 0.89
C TYR B 532 -42.49 11.79 1.14
N ILE B 533 -42.22 13.02 1.57
CA ILE B 533 -43.26 13.98 1.97
C ILE B 533 -43.57 14.90 0.81
N ILE B 534 -44.85 15.14 0.56
CA ILE B 534 -45.32 15.98 -0.53
C ILE B 534 -45.78 17.31 0.07
N SER B 535 -44.98 18.36 -0.11
CA SER B 535 -45.42 19.68 0.31
C SER B 535 -46.57 20.16 -0.57
N MET B 536 -47.47 20.93 0.04
CA MET B 536 -48.60 21.52 -0.68
C MET B 536 -49.48 20.44 -1.32
N ALA B 537 -49.63 19.32 -0.62
CA ALA B 537 -50.50 18.25 -1.09
C ALA B 537 -51.95 18.69 -1.02
N THR B 538 -52.71 18.44 -2.10
CA THR B 538 -54.08 18.88 -2.18
C THR B 538 -55.10 17.78 -2.43
N ALA B 539 -54.68 16.62 -2.93
CA ALA B 539 -55.61 15.67 -3.51
C ALA B 539 -54.90 14.33 -3.68
N PRO B 540 -55.68 13.23 -3.76
CA PRO B 540 -55.04 11.91 -3.90
C PRO B 540 -54.09 11.79 -5.06
N SER B 541 -54.31 12.51 -6.16
CA SER B 541 -53.41 12.40 -7.31
C SER B 541 -51.99 12.82 -6.96
N ASP B 542 -51.84 13.73 -5.98
CA ASP B 542 -50.50 14.09 -5.54
C ASP B 542 -49.76 12.89 -4.97
N VAL B 543 -50.46 12.09 -4.16
CA VAL B 543 -49.83 10.91 -3.56
C VAL B 543 -49.57 9.85 -4.63
N LEU B 544 -50.55 9.62 -5.50
CA LEU B 544 -50.42 8.56 -6.49
C LEU B 544 -49.34 8.90 -7.52
N ALA B 545 -49.18 10.19 -7.83
CA ALA B 545 -48.17 10.58 -8.80
C ALA B 545 -46.76 10.25 -8.30
N VAL B 546 -46.52 10.43 -7.00
CA VAL B 546 -45.21 10.09 -6.45
C VAL B 546 -45.01 8.58 -6.46
N GLU B 547 -46.07 7.81 -6.24
CA GLU B 547 -45.94 6.36 -6.31
C GLU B 547 -45.57 5.89 -7.72
N LEU B 548 -46.07 6.57 -8.74
CA LEU B 548 -45.74 6.20 -10.11
C LEU B 548 -44.32 6.59 -10.48
N LEU B 549 -43.92 7.82 -10.15
CA LEU B 549 -42.56 8.27 -10.42
C LEU B 549 -41.56 7.39 -9.68
N GLN B 550 -41.84 7.10 -8.42
CA GLN B 550 -40.96 6.24 -7.63
C GLN B 550 -40.74 4.90 -8.31
N ARG B 551 -41.82 4.30 -8.82
CA ARG B 551 -41.67 3.04 -9.54
C ARG B 551 -40.94 3.24 -10.86
N GLU B 552 -41.34 4.24 -11.64
CA GLU B 552 -40.78 4.42 -12.97
C GLU B 552 -39.32 4.81 -12.96
N CYS B 553 -38.83 5.35 -11.83
CA CYS B 553 -37.42 5.67 -11.68
C CYS B 553 -36.64 4.55 -11.01
N GLY B 554 -37.26 3.40 -10.77
CA GLY B 554 -36.55 2.21 -10.35
C GLY B 554 -36.38 2.01 -8.86
N VAL B 555 -37.12 2.72 -8.02
CA VAL B 555 -37.06 2.51 -6.58
C VAL B 555 -37.78 1.20 -6.28
N ARG B 556 -37.01 0.14 -5.99
CA ARG B 556 -37.62 -1.17 -5.90
C ARG B 556 -38.24 -1.45 -4.54
N GLN B 557 -37.73 -0.83 -3.46
CA GLN B 557 -38.50 -0.78 -2.21
C GLN B 557 -38.97 0.65 -2.03
N PRO B 558 -40.17 0.99 -2.50
CA PRO B 558 -40.61 2.39 -2.50
C PRO B 558 -40.61 2.99 -1.09
N LEU B 559 -40.53 4.30 -1.04
CA LEU B 559 -40.69 4.99 0.23
C LEU B 559 -42.17 5.22 0.51
N PRO B 560 -42.58 5.20 1.78
CA PRO B 560 -43.95 5.61 2.10
C PRO B 560 -44.17 7.07 1.76
N VAL B 561 -45.24 7.33 1.03
CA VAL B 561 -45.59 8.67 0.59
C VAL B 561 -46.55 9.28 1.60
N VAL B 562 -46.21 10.46 2.12
CA VAL B 562 -47.03 11.16 3.11
C VAL B 562 -47.37 12.54 2.57
N PRO B 563 -48.64 12.92 2.57
CA PRO B 563 -49.00 14.27 2.15
C PRO B 563 -48.82 15.26 3.28
N LEU B 564 -48.44 16.48 2.91
CA LEU B 564 -48.39 17.60 3.84
C LEU B 564 -49.53 18.55 3.47
N PHE B 565 -50.57 18.57 4.30
CA PHE B 565 -51.72 19.45 4.08
C PHE B 565 -51.46 20.74 4.84
N GLU B 566 -51.30 21.83 4.11
CA GLU B 566 -50.86 23.10 4.69
C GLU B 566 -51.94 24.18 4.70
N ARG B 567 -52.59 24.45 3.58
CA ARG B 567 -53.67 25.42 3.60
C ARG B 567 -54.90 24.81 4.24
N LEU B 568 -55.75 25.66 4.81
CA LEU B 568 -56.88 25.13 5.56
C LEU B 568 -57.86 24.41 4.65
N ALA B 569 -58.05 24.91 3.43
CA ALA B 569 -58.86 24.17 2.46
C ALA B 569 -58.34 22.75 2.27
N ASP B 570 -57.02 22.59 2.29
CA ASP B 570 -56.46 21.25 2.15
C ASP B 570 -56.68 20.43 3.41
N LEU B 571 -56.71 21.07 4.58
CA LEU B 571 -56.97 20.33 5.81
C LEU B 571 -58.44 19.90 5.89
N GLN B 572 -59.35 20.75 5.42
CA GLN B 572 -60.78 20.37 5.44
C GLN B 572 -61.05 19.18 4.51
N SER B 573 -60.39 19.12 3.37
CA SER B 573 -60.59 18.02 2.44
C SER B 573 -59.64 16.86 2.68
N ALA B 574 -58.68 17.01 3.59
CA ALA B 574 -57.75 15.92 3.93
C ALA B 574 -58.46 14.60 4.25
N PRO B 575 -59.53 14.56 5.07
CA PRO B 575 -60.18 13.26 5.30
C PRO B 575 -60.78 12.64 4.06
N ALA B 576 -61.35 13.45 3.15
CA ALA B 576 -61.85 12.89 1.91
C ALA B 576 -60.69 12.37 1.05
N SER B 577 -59.55 13.07 1.09
CA SER B 577 -58.39 12.62 0.33
C SER B 577 -57.91 11.26 0.80
N VAL B 578 -57.74 11.09 2.12
CA VAL B 578 -57.22 9.82 2.63
C VAL B 578 -58.27 8.71 2.47
N GLU B 579 -59.57 9.05 2.49
CA GLU B 579 -60.56 8.02 2.27
C GLU B 579 -60.55 7.55 0.82
N ARG B 580 -60.35 8.46 -0.13
CA ARG B 580 -60.24 8.06 -1.53
C ARG B 580 -59.02 7.16 -1.75
N LEU B 581 -57.88 7.52 -1.14
CA LEU B 581 -56.69 6.68 -1.26
C LEU B 581 -56.93 5.31 -0.64
N PHE B 582 -57.51 5.28 0.56
CA PHE B 582 -57.79 4.03 1.25
C PHE B 582 -58.84 3.19 0.52
N SER B 583 -59.57 3.76 -0.43
CA SER B 583 -60.60 3.02 -1.17
C SER B 583 -60.10 2.51 -2.51
N VAL B 584 -58.80 2.63 -2.78
CA VAL B 584 -58.20 2.17 -4.02
C VAL B 584 -57.43 0.88 -3.73
N ASP B 585 -57.79 -0.20 -4.43
CA ASP B 585 -57.21 -1.51 -4.15
C ASP B 585 -55.70 -1.49 -4.25
N TRP B 586 -55.17 -0.84 -5.28
CA TRP B 586 -53.72 -0.81 -5.48
C TRP B 586 -53.02 -0.15 -4.30
N TYR B 587 -53.55 0.99 -3.85
CA TYR B 587 -52.89 1.74 -2.78
C TYR B 587 -52.97 1.01 -1.45
N MET B 588 -54.10 0.37 -1.17
CA MET B 588 -54.20 -0.43 0.05
C MET B 588 -53.19 -1.57 0.04
N ASP B 589 -52.99 -2.19 -1.12
CA ASP B 589 -51.97 -3.23 -1.24
C ASP B 589 -50.57 -2.67 -1.02
N ARG B 590 -50.34 -1.42 -1.43
N ARG B 590 -50.34 -1.42 -1.43
CA ARG B 590 -49.01 -0.84 -1.28
CA ARG B 590 -49.02 -0.82 -1.30
C ARG B 590 -48.72 -0.50 0.17
C ARG B 590 -48.72 -0.50 0.17
N ILE B 591 -49.63 0.21 0.84
CA ILE B 591 -49.33 0.72 2.18
C ILE B 591 -49.44 -0.33 3.28
N LYS B 592 -50.11 -1.44 3.03
CA LYS B 592 -50.22 -2.54 3.99
C LYS B 592 -50.66 -2.04 5.36
N GLY B 593 -51.77 -1.30 5.38
CA GLY B 593 -52.40 -0.92 6.63
C GLY B 593 -51.71 0.14 7.44
N LYS B 594 -50.82 0.92 6.84
CA LYS B 594 -50.15 2.00 7.55
C LYS B 594 -50.05 3.23 6.66
N GLN B 595 -50.40 4.39 7.21
CA GLN B 595 -50.31 5.65 6.49
C GLN B 595 -49.82 6.74 7.42
N GLN B 596 -48.91 7.57 6.92
CA GLN B 596 -48.42 8.74 7.64
C GLN B 596 -48.94 9.99 6.96
N VAL B 597 -49.39 10.96 7.77
CA VAL B 597 -49.84 12.26 7.28
C VAL B 597 -49.11 13.34 8.05
N MET B 598 -48.70 14.39 7.37
CA MET B 598 -48.01 15.50 7.99
C MET B 598 -48.92 16.73 8.04
N VAL B 599 -48.88 17.42 9.18
CA VAL B 599 -49.64 18.64 9.41
C VAL B 599 -48.67 19.74 9.86
N GLY B 600 -48.91 20.96 9.39
CA GLY B 600 -48.03 22.08 9.66
C GLY B 600 -48.76 23.19 10.38
N TYR B 601 -48.15 23.70 11.45
CA TYR B 601 -48.77 24.75 12.23
C TYR B 601 -48.47 26.12 11.64
N SER B 602 -47.19 26.45 11.46
CA SER B 602 -46.81 27.71 10.82
C SER B 602 -47.38 27.80 9.40
N ASP B 603 -47.45 26.68 8.68
CA ASP B 603 -47.98 26.69 7.33
C ASP B 603 -49.46 27.07 7.33
N SER B 604 -50.27 26.33 8.09
CA SER B 604 -51.71 26.63 8.14
C SER B 604 -51.97 28.00 8.75
N GLY B 605 -51.17 28.39 9.74
CA GLY B 605 -51.35 29.68 10.36
C GLY B 605 -51.15 30.83 9.39
N LYS B 606 -50.17 30.71 8.50
CA LYS B 606 -49.94 31.76 7.51
C LYS B 606 -51.13 31.88 6.56
N ASP B 607 -51.92 30.81 6.39
CA ASP B 607 -53.05 30.85 5.49
C ASP B 607 -54.19 31.68 6.07
N ALA B 608 -54.60 31.37 7.30
CA ALA B 608 -55.79 32.03 7.84
C ALA B 608 -55.68 32.40 9.31
N GLY B 609 -54.48 32.52 9.85
CA GLY B 609 -54.41 32.85 11.27
C GLY B 609 -54.32 31.61 12.14
N ARG B 610 -53.71 31.79 13.32
CA ARG B 610 -53.35 30.63 14.14
C ARG B 610 -54.58 29.97 14.76
N LEU B 611 -55.53 30.78 15.24
CA LEU B 611 -56.69 30.20 15.92
C LEU B 611 -57.51 29.33 14.98
N SER B 612 -57.77 29.82 13.76
CA SER B 612 -58.51 29.02 12.80
C SER B 612 -57.71 27.78 12.38
N ALA B 613 -56.39 27.92 12.29
CA ALA B 613 -55.55 26.78 11.95
C ALA B 613 -55.60 25.72 13.03
N ALA B 614 -55.49 26.14 14.30
CA ALA B 614 -55.54 25.20 15.42
C ALA B 614 -56.82 24.39 15.39
N TRP B 615 -57.96 25.05 15.19
CA TRP B 615 -59.24 24.35 15.23
C TRP B 615 -59.46 23.48 14.00
N GLN B 616 -59.04 23.96 12.83
CA GLN B 616 -59.12 23.13 11.63
C GLN B 616 -58.23 21.89 11.77
N LEU B 617 -57.05 22.07 12.37
CA LEU B 617 -56.15 20.95 12.60
C LEU B 617 -56.78 19.93 13.53
N TYR B 618 -57.45 20.39 14.58
CA TYR B 618 -58.08 19.45 15.52
C TYR B 618 -59.11 18.60 14.81
N ARG B 619 -60.00 19.23 14.05
CA ARG B 619 -61.07 18.48 13.40
C ARG B 619 -60.53 17.57 12.31
N ALA B 620 -59.51 18.01 11.58
CA ALA B 620 -58.91 17.16 10.56
C ALA B 620 -58.28 15.93 11.18
N GLN B 621 -57.69 16.07 12.37
CA GLN B 621 -57.06 14.93 13.02
C GLN B 621 -58.09 13.89 13.46
N GLU B 622 -59.19 14.33 14.07
CA GLU B 622 -60.20 13.38 14.50
C GLU B 622 -60.93 12.77 13.30
N GLU B 623 -61.10 13.53 12.22
CA GLU B 623 -61.79 12.99 11.05
C GLU B 623 -60.91 12.04 10.26
N MET B 624 -59.60 12.27 10.23
CA MET B 624 -58.70 11.34 9.56
C MET B 624 -58.56 10.04 10.36
N ALA B 625 -58.49 10.14 11.69
CA ALA B 625 -58.46 8.95 12.53
C ALA B 625 -59.73 8.12 12.35
N GLN B 626 -60.86 8.78 12.12
CA GLN B 626 -62.11 8.05 11.91
C GLN B 626 -62.10 7.33 10.57
N VAL B 627 -61.68 8.01 9.50
CA VAL B 627 -61.48 7.33 8.22
C VAL B 627 -60.54 6.15 8.38
N ALA B 628 -59.41 6.38 9.03
CA ALA B 628 -58.41 5.34 9.21
C ALA B 628 -58.99 4.13 9.95
N LYS B 629 -59.76 4.38 11.00
CA LYS B 629 -60.36 3.27 11.74
C LYS B 629 -61.36 2.50 10.90
N ARG B 630 -62.09 3.20 10.00
CA ARG B 630 -63.09 2.53 9.19
C ARG B 630 -62.46 1.60 8.16
N TYR B 631 -61.27 1.94 7.66
CA TYR B 631 -60.60 1.15 6.63
C TYR B 631 -59.49 0.27 7.18
N GLY B 632 -59.34 0.20 8.50
CA GLY B 632 -58.34 -0.66 9.11
C GLY B 632 -56.91 -0.20 8.92
N VAL B 633 -56.69 1.10 8.76
CA VAL B 633 -55.35 1.65 8.53
C VAL B 633 -54.87 2.32 9.81
N LYS B 634 -53.58 2.12 10.10
CA LYS B 634 -52.94 2.73 11.27
C LYS B 634 -52.35 4.07 10.84
N LEU B 635 -52.92 5.16 11.33
CA LEU B 635 -52.59 6.51 10.89
C LEU B 635 -51.58 7.14 11.86
N THR B 636 -50.44 7.56 11.33
CA THR B 636 -49.41 8.24 12.12
C THR B 636 -49.32 9.68 11.67
N LEU B 637 -49.45 10.60 12.63
CA LEU B 637 -49.33 12.01 12.34
C LEU B 637 -47.90 12.50 12.60
N PHE B 638 -47.44 13.36 11.71
CA PHE B 638 -46.11 13.97 11.78
C PHE B 638 -46.33 15.47 11.99
N HIS B 639 -45.83 16.00 13.10
CA HIS B 639 -46.11 17.37 13.51
C HIS B 639 -44.95 18.27 13.09
N GLY B 640 -45.24 19.26 12.26
CA GLY B 640 -44.22 20.13 11.73
C GLY B 640 -43.93 21.32 12.61
N ARG B 641 -43.08 22.20 12.08
CA ARG B 641 -42.66 23.45 12.71
C ARG B 641 -43.79 24.24 13.38
N GLY B 642 -43.46 24.93 14.47
CA GLY B 642 -44.35 25.95 14.99
C GLY B 642 -45.55 25.48 15.77
N GLY B 643 -45.53 24.25 16.29
CA GLY B 643 -46.67 23.70 16.99
C GLY B 643 -46.57 23.80 18.49
N THR B 644 -47.68 23.49 19.14
CA THR B 644 -47.65 23.25 20.59
C THR B 644 -46.82 22.01 20.89
N VAL B 645 -47.04 20.94 20.12
CA VAL B 645 -46.16 19.78 20.14
C VAL B 645 -44.84 20.18 19.49
N GLY B 646 -43.76 20.14 20.25
CA GLY B 646 -42.47 20.57 19.76
C GLY B 646 -41.95 21.82 20.44
N ARG B 647 -42.71 22.41 21.36
CA ARG B 647 -42.17 23.47 22.20
C ARG B 647 -41.07 22.90 23.10
N GLY B 648 -40.24 23.81 23.62
CA GLY B 648 -39.19 23.40 24.51
C GLY B 648 -39.73 23.11 25.91
N GLY B 649 -39.26 22.01 26.49
CA GLY B 649 -39.60 21.73 27.87
C GLY B 649 -41.02 21.21 28.05
N GLY B 650 -41.55 21.45 29.26
CA GLY B 650 -42.80 20.86 29.67
C GLY B 650 -43.99 21.00 28.74
N PRO B 651 -44.20 22.18 28.11
CA PRO B 651 -45.41 22.35 27.28
C PRO B 651 -45.65 21.25 26.25
N THR B 652 -44.59 20.62 25.72
CA THR B 652 -44.78 19.53 24.78
C THR B 652 -45.47 18.34 25.45
N HIS B 653 -45.22 18.12 26.74
CA HIS B 653 -45.87 17.03 27.46
C HIS B 653 -47.38 17.17 27.42
N LEU B 654 -47.91 18.34 27.80
CA LEU B 654 -49.35 18.54 27.76
C LEU B 654 -49.87 18.59 26.33
N ALA B 655 -49.10 19.19 25.42
CA ALA B 655 -49.53 19.32 24.03
C ALA B 655 -49.83 17.95 23.42
N ILE B 656 -48.98 16.97 23.69
CA ILE B 656 -49.25 15.61 23.21
C ILE B 656 -50.49 15.04 23.87
N LEU B 657 -50.58 15.20 25.20
CA LEU B 657 -51.76 14.71 25.91
C LEU B 657 -53.03 15.35 25.40
N SER B 658 -52.94 16.54 24.82
CA SER B 658 -54.10 17.29 24.35
C SER B 658 -54.56 16.90 22.95
N GLN B 659 -53.81 16.06 22.24
CA GLN B 659 -54.20 15.61 20.91
C GLN B 659 -55.58 14.95 20.96
N PRO B 660 -56.30 14.95 19.84
CA PRO B 660 -57.64 14.35 19.83
C PRO B 660 -57.56 12.88 20.22
N PRO B 661 -58.59 12.37 20.90
CA PRO B 661 -58.56 10.98 21.35
C PRO B 661 -58.36 10.00 20.18
N ASP B 662 -57.52 9.00 20.42
CA ASP B 662 -57.30 7.89 19.50
C ASP B 662 -56.66 8.33 18.19
N THR B 663 -55.79 9.34 18.25
CA THR B 663 -55.04 9.77 17.08
C THR B 663 -53.55 9.50 17.20
N ILE B 664 -53.09 8.97 18.32
CA ILE B 664 -51.69 8.60 18.51
C ILE B 664 -51.52 7.08 18.53
N ASN B 665 -52.12 6.41 19.52
CA ASN B 665 -52.05 4.96 19.68
C ASN B 665 -50.63 4.45 19.45
N GLY B 666 -49.69 5.05 20.17
CA GLY B 666 -48.32 4.59 20.21
C GLY B 666 -47.43 4.99 19.05
N SER B 667 -47.89 5.87 18.17
CA SER B 667 -47.13 6.20 16.95
C SER B 667 -47.25 7.68 16.66
N ILE B 668 -46.13 8.39 16.73
CA ILE B 668 -46.11 9.84 16.51
C ILE B 668 -44.73 10.25 16.03
N ARG B 669 -44.69 11.22 15.12
CA ARG B 669 -43.45 11.87 14.68
C ARG B 669 -43.55 13.36 14.96
N VAL B 670 -42.49 13.93 15.52
CA VAL B 670 -42.46 15.32 15.94
C VAL B 670 -41.20 15.99 15.40
N THR B 671 -41.34 17.22 14.91
CA THR B 671 -40.19 18.01 14.49
C THR B 671 -39.47 18.57 15.71
N VAL B 672 -38.15 18.39 15.74
CA VAL B 672 -37.29 19.09 16.70
C VAL B 672 -36.79 20.34 16.00
N GLN B 673 -37.45 21.47 16.26
CA GLN B 673 -37.04 22.73 15.65
C GLN B 673 -35.62 23.08 16.07
N GLY B 674 -34.86 23.65 15.14
CA GLY B 674 -33.52 24.10 15.48
C GLY B 674 -33.51 25.20 16.50
N GLU B 675 -34.63 25.93 16.62
CA GLU B 675 -34.73 27.00 17.62
C GLU B 675 -34.66 26.46 19.03
N VAL B 676 -35.12 25.22 19.25
CA VAL B 676 -35.22 24.65 20.60
C VAL B 676 -34.28 23.48 20.80
N ILE B 677 -33.45 23.14 19.81
CA ILE B 677 -32.66 21.92 19.93
C ILE B 677 -31.60 22.04 21.02
N GLU B 678 -31.05 23.24 21.22
CA GLU B 678 -30.05 23.42 22.26
C GLU B 678 -30.65 23.17 23.64
N PHE B 679 -31.84 23.71 23.89
CA PHE B 679 -32.48 23.54 25.20
C PHE B 679 -33.02 22.13 25.39
N CYS B 680 -33.26 21.40 24.31
CA CYS B 680 -33.79 20.03 24.43
C CYS B 680 -32.69 18.99 24.58
N PHE B 681 -31.56 19.17 23.87
CA PHE B 681 -30.55 18.13 23.79
C PHE B 681 -29.14 18.60 24.11
N GLY B 682 -28.95 19.86 24.48
CA GLY B 682 -27.61 20.38 24.65
C GLY B 682 -26.89 19.81 25.87
N GLU B 683 -27.64 19.47 26.91
CA GLU B 683 -27.05 19.01 28.16
C GLU B 683 -27.70 17.70 28.60
N GLU B 684 -26.86 16.82 29.14
CA GLU B 684 -27.18 15.49 29.65
C GLU B 684 -28.58 15.38 30.24
N HIS B 685 -28.89 16.19 31.26
CA HIS B 685 -30.15 16.06 31.97
C HIS B 685 -31.31 16.56 31.13
N LEU B 686 -31.10 17.64 30.37
CA LEU B 686 -32.17 18.14 29.50
C LEU B 686 -32.52 17.11 28.43
N CYS B 687 -31.51 16.46 27.85
CA CYS B 687 -31.77 15.36 26.93
C CYS B 687 -32.61 14.28 27.59
N PHE B 688 -32.23 13.85 28.79
CA PHE B 688 -33.00 12.87 29.54
C PHE B 688 -34.46 13.29 29.68
N GLN B 689 -34.69 14.53 30.11
CA GLN B 689 -36.06 14.99 30.35
C GLN B 689 -36.85 15.09 29.05
N THR B 690 -36.18 15.42 27.94
CA THR B 690 -36.87 15.50 26.67
C THR B 690 -37.38 14.13 26.23
N LEU B 691 -36.49 13.13 26.23
CA LEU B 691 -36.89 11.76 25.87
C LEU B 691 -37.98 11.25 26.79
N GLN B 692 -37.83 11.49 28.10
CA GLN B 692 -38.86 11.08 29.07
C GLN B 692 -40.19 11.72 28.74
N ARG B 693 -40.18 13.01 28.40
CA ARG B 693 -41.41 13.74 28.11
C ARG B 693 -42.19 13.08 26.98
N PHE B 694 -41.56 12.97 25.80
CA PHE B 694 -42.23 12.40 24.63
C PHE B 694 -42.72 10.99 24.92
N THR B 695 -41.92 10.19 25.63
CA THR B 695 -42.30 8.82 25.91
C THR B 695 -43.50 8.75 26.84
N ALA B 696 -43.47 9.52 27.93
CA ALA B 696 -44.54 9.47 28.93
C ALA B 696 -45.85 10.03 28.36
N ALA B 697 -45.79 11.17 27.68
CA ALA B 697 -47.00 11.79 27.13
C ALA B 697 -47.65 10.88 26.09
N THR B 698 -46.84 10.33 25.18
CA THR B 698 -47.36 9.43 24.15
C THR B 698 -48.01 8.20 24.77
N LEU B 699 -47.31 7.55 25.70
CA LEU B 699 -47.85 6.37 26.36
C LEU B 699 -49.19 6.65 27.02
N GLU B 700 -49.26 7.76 27.77
CA GLU B 700 -50.46 8.04 28.55
C GLU B 700 -51.65 8.36 27.65
N HIS B 701 -51.43 9.12 26.58
CA HIS B 701 -52.53 9.51 25.71
C HIS B 701 -53.27 8.30 25.16
N GLY B 702 -52.54 7.22 24.85
CA GLY B 702 -53.18 6.03 24.31
C GLY B 702 -54.12 5.35 25.28
N MET B 703 -53.92 5.57 26.59
CA MET B 703 -54.74 4.93 27.61
C MET B 703 -55.50 5.93 28.47
N HIS B 704 -55.30 7.23 28.27
CA HIS B 704 -55.97 8.26 29.06
C HIS B 704 -56.19 9.47 28.18
N PRO B 705 -57.14 9.39 27.25
CA PRO B 705 -57.33 10.49 26.30
C PRO B 705 -57.87 11.73 26.98
N PRO B 706 -57.71 12.90 26.37
CA PRO B 706 -58.33 14.11 26.93
C PRO B 706 -59.84 14.01 26.86
N VAL B 707 -60.50 14.97 27.51
CA VAL B 707 -61.95 15.03 27.47
C VAL B 707 -62.40 15.29 26.04
N SER B 708 -63.53 14.70 25.66
CA SER B 708 -64.10 14.99 24.37
C SER B 708 -64.77 16.36 24.41
N PRO B 709 -64.68 17.15 23.34
CA PRO B 709 -65.23 18.52 23.38
C PRO B 709 -66.74 18.52 23.50
N LYS B 710 -67.24 19.37 24.39
CA LYS B 710 -68.68 19.55 24.52
C LYS B 710 -69.24 20.27 23.29
N PRO B 711 -70.47 19.96 22.89
CA PRO B 711 -71.06 20.65 21.73
C PRO B 711 -70.99 22.16 21.81
N GLU B 712 -71.19 22.75 22.98
CA GLU B 712 -71.07 24.20 23.13
C GLU B 712 -69.67 24.67 22.77
N TRP B 713 -68.65 23.90 23.15
CA TRP B 713 -67.28 24.28 22.83
C TRP B 713 -67.04 24.25 21.33
N ARG B 714 -67.52 23.20 20.65
CA ARG B 714 -67.33 23.08 19.21
C ARG B 714 -68.00 24.23 18.47
N LYS B 715 -69.25 24.55 18.83
CA LYS B 715 -69.96 25.63 18.17
C LYS B 715 -69.25 26.96 18.37
N LEU B 716 -68.71 27.18 19.57
CA LEU B 716 -67.99 28.42 19.84
C LEU B 716 -66.69 28.49 19.04
N MET B 717 -65.99 27.36 18.92
CA MET B 717 -64.77 27.34 18.11
C MET B 717 -65.09 27.58 16.64
N ASP B 718 -66.19 27.00 16.14
CA ASP B 718 -66.59 27.21 14.75
C ASP B 718 -66.82 28.68 14.46
N GLU B 719 -67.55 29.36 15.35
CA GLU B 719 -67.89 30.76 15.12
C GLU B 719 -66.68 31.67 15.30
N MET B 720 -65.85 31.39 16.31
CA MET B 720 -64.63 32.17 16.47
C MET B 720 -63.67 31.97 15.30
N ALA B 721 -63.65 30.77 14.72
CA ALA B 721 -62.75 30.51 13.59
C ALA B 721 -63.11 31.37 12.38
N VAL B 722 -64.42 31.52 12.10
CA VAL B 722 -64.83 32.39 11.01
C VAL B 722 -64.34 33.82 11.24
N VAL B 723 -64.58 34.34 12.45
CA VAL B 723 -64.22 35.72 12.75
C VAL B 723 -62.71 35.91 12.69
N ALA B 724 -61.96 34.95 13.25
CA ALA B 724 -60.51 35.07 13.28
C ALA B 724 -59.93 35.08 11.87
N THR B 725 -60.40 34.16 11.01
CA THR B 725 -59.93 34.13 9.64
C THR B 725 -60.21 35.45 8.93
N GLU B 726 -61.43 35.96 9.06
CA GLU B 726 -61.79 37.19 8.38
C GLU B 726 -61.00 38.39 8.90
N GLU B 727 -60.66 38.40 10.19
CA GLU B 727 -59.82 39.48 10.71
C GLU B 727 -58.38 39.34 10.22
N TYR B 728 -57.87 38.11 10.17
CA TYR B 728 -56.52 37.88 9.68
C TYR B 728 -56.40 38.28 8.21
N ARG B 729 -57.37 37.86 7.39
CA ARG B 729 -57.30 38.15 5.95
C ARG B 729 -57.55 39.61 5.66
N SER B 730 -58.32 40.31 6.51
CA SER B 730 -58.55 41.73 6.31
C SER B 730 -57.25 42.53 6.44
N VAL B 731 -56.31 42.05 7.25
CA VAL B 731 -55.04 42.74 7.42
C VAL B 731 -54.00 42.25 6.41
N VAL B 732 -53.94 40.93 6.18
CA VAL B 732 -52.83 40.37 5.43
C VAL B 732 -53.13 40.24 3.93
N VAL B 733 -54.39 40.05 3.55
CA VAL B 733 -54.76 39.83 2.15
C VAL B 733 -55.46 41.05 1.56
N LYS B 734 -56.42 41.62 2.29
CA LYS B 734 -57.34 42.59 1.71
C LYS B 734 -56.94 44.05 1.95
N GLU B 735 -55.81 44.32 2.59
CA GLU B 735 -55.34 45.68 2.79
C GLU B 735 -54.18 45.92 1.84
N ALA B 736 -54.35 46.88 0.91
CA ALA B 736 -53.49 46.99 -0.25
C ALA B 736 -52.05 47.28 0.12
N ARG B 737 -51.81 47.98 1.23
CA ARG B 737 -50.48 48.44 1.57
C ARG B 737 -49.81 47.58 2.63
N PHE B 738 -50.34 46.38 2.89
CA PHE B 738 -49.75 45.54 3.93
C PHE B 738 -48.35 45.10 3.56
N VAL B 739 -48.11 44.77 2.29
CA VAL B 739 -46.77 44.33 1.89
C VAL B 739 -45.78 45.47 2.01
N GLU B 740 -46.21 46.69 1.69
CA GLU B 740 -45.32 47.84 1.85
C GLU B 740 -44.96 48.06 3.32
N TYR B 741 -45.95 47.98 4.21
CA TYR B 741 -45.69 48.05 5.63
C TYR B 741 -44.75 46.93 6.06
N PHE B 742 -45.08 45.69 5.69
CA PHE B 742 -44.30 44.52 6.08
C PHE B 742 -42.82 44.68 5.71
N ARG B 743 -42.55 45.16 4.49
CA ARG B 743 -41.17 45.28 4.02
C ARG B 743 -40.43 46.43 4.69
N SER B 744 -41.13 47.35 5.35
CA SER B 744 -40.49 48.45 6.07
C SER B 744 -40.36 48.17 7.56
N ALA B 745 -41.40 47.60 8.17
CA ALA B 745 -41.45 47.43 9.62
C ALA B 745 -40.66 46.23 10.11
N THR B 746 -40.21 45.34 9.22
CA THR B 746 -39.41 44.18 9.58
C THR B 746 -38.15 44.15 8.72
N PRO B 747 -37.17 43.32 9.08
CA PRO B 747 -35.98 43.18 8.22
C PRO B 747 -36.14 42.09 7.17
N GLU B 748 -37.35 41.91 6.63
CA GLU B 748 -37.59 40.78 5.73
C GLU B 748 -36.69 40.83 4.51
N THR B 749 -36.65 41.96 3.80
CA THR B 749 -35.91 42.00 2.55
C THR B 749 -34.42 41.81 2.78
N GLU B 750 -33.88 42.37 3.88
CA GLU B 750 -32.47 42.16 4.20
C GLU B 750 -32.20 40.69 4.51
N TYR B 751 -33.09 40.05 5.29
CA TYR B 751 -32.97 38.62 5.56
C TYR B 751 -32.94 37.82 4.27
N GLY B 752 -33.68 38.27 3.24
CA GLY B 752 -33.67 37.56 1.98
C GLY B 752 -32.38 37.74 1.20
N ARG B 753 -31.98 39.00 0.97
CA ARG B 753 -30.82 39.26 0.13
C ARG B 753 -29.51 38.81 0.75
N MET B 754 -29.47 38.63 2.07
CA MET B 754 -28.32 38.04 2.73
C MET B 754 -28.44 36.52 2.84
N ASN B 755 -29.54 35.95 2.35
CA ASN B 755 -29.80 34.52 2.36
C ASN B 755 -29.43 33.91 3.71
N ILE B 756 -29.94 34.53 4.77
CA ILE B 756 -29.73 34.04 6.12
C ILE B 756 -30.41 32.69 6.31
N GLY B 757 -31.46 32.41 5.55
CA GLY B 757 -32.18 31.16 5.62
C GLY B 757 -31.66 30.04 4.74
N SER B 758 -30.54 30.26 4.04
CA SER B 758 -29.92 29.25 3.18
C SER B 758 -30.88 28.76 2.11
N ARG B 759 -31.84 29.60 1.72
CA ARG B 759 -32.99 29.13 0.95
C ARG B 759 -33.79 30.31 0.41
N PRO B 760 -34.31 30.23 -0.82
CA PRO B 760 -35.18 31.30 -1.31
C PRO B 760 -36.36 31.54 -0.38
N ALA B 761 -36.72 32.82 -0.25
CA ALA B 761 -37.77 33.23 0.68
C ALA B 761 -39.15 33.18 0.04
N PRO B 765 -41.87 33.49 -6.87
CA PRO B 765 -41.09 34.28 -7.82
C PRO B 765 -41.36 35.77 -7.65
N GLY B 766 -42.44 36.07 -6.94
CA GLY B 766 -42.99 37.40 -6.90
C GLY B 766 -44.48 37.32 -7.07
N GLY B 767 -45.20 37.47 -5.96
CA GLY B 767 -46.65 37.43 -5.97
C GLY B 767 -47.19 38.23 -4.81
N GLY B 768 -48.11 37.67 -4.04
CA GLY B 768 -48.59 38.30 -2.84
C GLY B 768 -47.68 38.00 -1.67
N ILE B 769 -48.26 38.07 -0.46
CA ILE B 769 -47.61 37.45 0.69
C ILE B 769 -47.83 35.95 0.68
N THR B 770 -48.77 35.47 -0.13
CA THR B 770 -49.08 34.05 -0.23
C THR B 770 -47.95 33.25 -0.86
N THR B 771 -47.04 33.91 -1.59
CA THR B 771 -45.88 33.25 -2.17
C THR B 771 -44.69 33.23 -1.23
N LEU B 772 -44.75 33.95 -0.11
CA LEU B 772 -43.69 33.95 0.89
C LEU B 772 -43.80 32.68 1.74
N ARG B 773 -42.65 32.09 2.07
CA ARG B 773 -42.65 30.87 2.86
C ARG B 773 -42.90 31.18 4.34
N ALA B 774 -43.14 30.12 5.12
CA ALA B 774 -43.56 30.29 6.51
C ALA B 774 -42.41 30.76 7.38
N ILE B 775 -41.23 30.17 7.22
CA ILE B 775 -40.09 30.58 8.06
C ILE B 775 -39.80 32.07 7.95
N PRO B 776 -39.69 32.67 6.75
CA PRO B 776 -39.49 34.13 6.72
C PRO B 776 -40.64 34.92 7.30
N TRP B 777 -41.87 34.42 7.16
CA TRP B 777 -43.04 35.09 7.72
C TRP B 777 -42.95 35.16 9.24
N ILE B 778 -42.56 34.07 9.88
CA ILE B 778 -42.39 34.06 11.34
C ILE B 778 -41.13 34.82 11.74
N PHE B 779 -40.02 34.58 11.02
CA PHE B 779 -38.73 35.16 11.39
C PHE B 779 -38.79 36.68 11.41
N SER B 780 -39.36 37.29 10.36
CA SER B 780 -39.29 38.74 10.23
C SER B 780 -40.13 39.44 11.29
N TRP B 781 -41.28 38.88 11.63
CA TRP B 781 -42.11 39.48 12.67
C TRP B 781 -41.61 39.16 14.07
N THR B 782 -40.79 38.12 14.22
CA THR B 782 -40.22 37.81 15.51
C THR B 782 -39.02 38.72 15.82
N GLN B 783 -38.29 39.13 14.78
CA GLN B 783 -37.17 40.05 14.98
C GLN B 783 -37.61 41.36 15.61
N THR B 784 -38.80 41.84 15.22
CA THR B 784 -39.30 43.12 15.71
C THR B 784 -40.06 43.01 17.03
N ARG B 785 -40.09 41.83 17.63
CA ARG B 785 -40.77 41.57 18.91
C ARG B 785 -42.28 41.77 18.82
N PHE B 786 -42.86 41.67 17.62
CA PHE B 786 -44.28 41.92 17.43
C PHE B 786 -45.10 40.64 17.26
N HIS B 787 -44.60 39.68 16.48
CA HIS B 787 -45.16 38.33 16.41
C HIS B 787 -46.56 38.29 15.81
N LEU B 788 -46.89 39.25 14.94
CA LEU B 788 -48.17 39.28 14.26
C LEU B 788 -48.69 37.92 13.80
N PRO B 789 -47.91 37.05 13.13
CA PRO B 789 -48.49 35.79 12.64
C PRO B 789 -49.10 34.91 13.71
N VAL B 790 -48.62 34.99 14.95
CA VAL B 790 -49.07 34.04 15.96
C VAL B 790 -50.41 34.45 16.56
N TRP B 791 -50.64 35.75 16.76
CA TRP B 791 -51.82 36.19 17.49
C TRP B 791 -52.88 36.86 16.63
N LEU B 792 -52.53 37.38 15.45
CA LEU B 792 -53.49 38.14 14.65
C LEU B 792 -54.74 37.33 14.38
N GLY B 793 -55.89 37.91 14.72
CA GLY B 793 -57.19 37.27 14.58
C GLY B 793 -57.79 36.80 15.88
N VAL B 794 -56.95 36.49 16.87
CA VAL B 794 -57.44 35.88 18.10
C VAL B 794 -58.39 36.82 18.85
N GLY B 795 -58.14 38.14 18.77
CA GLY B 795 -58.87 39.07 19.60
C GLY B 795 -60.21 39.48 18.98
N ALA B 796 -60.26 39.61 17.65
CA ALA B 796 -61.54 39.69 16.99
C ALA B 796 -62.42 38.52 17.40
N ALA B 797 -61.83 37.33 17.51
CA ALA B 797 -62.59 36.14 17.84
C ALA B 797 -63.04 36.15 19.30
N PHE B 798 -62.14 36.50 20.22
CA PHE B 798 -62.52 36.54 21.63
C PHE B 798 -63.53 37.65 21.89
N LYS B 799 -63.25 38.85 21.38
CA LYS B 799 -64.20 39.96 21.51
C LYS B 799 -65.57 39.58 20.98
N PHE B 800 -65.60 38.99 19.77
CA PHE B 800 -66.88 38.61 19.17
C PHE B 800 -67.64 37.62 20.04
N ALA B 801 -66.95 36.59 20.52
CA ALA B 801 -67.61 35.54 21.31
C ALA B 801 -68.16 36.11 22.61
N ILE B 802 -67.37 36.92 23.31
CA ILE B 802 -67.83 37.49 24.57
C ILE B 802 -69.01 38.43 24.34
N ASP B 803 -68.90 39.29 23.32
CA ASP B 803 -69.93 40.27 23.03
C ASP B 803 -71.18 39.68 22.39
N LYS B 804 -71.13 38.44 21.91
CA LYS B 804 -72.31 37.81 21.29
C LYS B 804 -73.31 37.33 22.33
N ASP B 805 -72.84 36.96 23.52
CA ASP B 805 -73.69 36.33 24.52
C ASP B 805 -72.99 36.38 25.88
N VAL B 806 -73.74 36.75 26.93
CA VAL B 806 -73.09 36.92 28.23
C VAL B 806 -72.64 35.58 28.81
N ARG B 807 -73.28 34.48 28.41
CA ARG B 807 -72.83 33.17 28.89
C ARG B 807 -71.45 32.83 28.36
N ASN B 808 -71.05 33.42 27.24
CA ASN B 808 -69.90 32.90 26.49
C ASN B 808 -68.60 33.12 27.23
N PHE B 809 -68.42 34.28 27.88
CA PHE B 809 -67.20 34.52 28.65
C PHE B 809 -67.01 33.44 29.69
N GLN B 810 -68.06 33.07 30.40
CA GLN B 810 -67.94 31.98 31.36
C GLN B 810 -67.50 30.71 30.66
N VAL B 811 -68.09 30.41 29.49
CA VAL B 811 -67.76 29.17 28.78
C VAL B 811 -66.30 29.17 28.33
N LEU B 812 -65.79 30.32 27.87
CA LEU B 812 -64.39 30.39 27.45
C LEU B 812 -63.45 30.09 28.60
N LYS B 813 -63.78 30.59 29.79
CA LYS B 813 -62.96 30.30 30.97
C LYS B 813 -63.00 28.81 31.32
N GLU B 814 -64.17 28.16 31.19
CA GLU B 814 -64.25 26.73 31.46
C GLU B 814 -63.50 25.92 30.42
N MET B 815 -63.51 26.35 29.16
CA MET B 815 -62.70 25.68 28.15
C MET B 815 -61.23 25.76 28.49
N TYR B 816 -60.78 26.91 28.99
CA TYR B 816 -59.38 27.07 29.36
C TYR B 816 -58.99 26.15 30.51
N ASN B 817 -59.92 25.90 31.44
CA ASN B 817 -59.61 25.07 32.60
C ASN B 817 -59.91 23.59 32.38
N GLU B 818 -60.68 23.23 31.35
CA GLU B 818 -61.11 21.85 31.20
C GLU B 818 -60.77 21.22 29.86
N TRP B 819 -60.48 22.02 28.83
CA TRP B 819 -60.20 21.48 27.50
C TRP B 819 -58.71 21.60 27.20
N PRO B 820 -57.94 20.52 27.25
CA PRO B 820 -56.49 20.63 27.01
C PRO B 820 -56.14 21.26 25.67
N PHE B 821 -56.90 20.98 24.61
CA PHE B 821 -56.63 21.61 23.32
C PHE B 821 -56.66 23.13 23.44
N PHE B 822 -57.74 23.67 24.01
CA PHE B 822 -57.87 25.11 24.16
C PHE B 822 -56.78 25.66 25.08
N ARG B 823 -56.43 24.90 26.12
CA ARG B 823 -55.44 25.38 27.09
C ARG B 823 -54.06 25.52 26.44
N VAL B 824 -53.61 24.48 25.73
CA VAL B 824 -52.27 24.57 25.13
C VAL B 824 -52.25 25.58 23.99
N THR B 825 -53.37 25.72 23.26
CA THR B 825 -53.44 26.71 22.20
C THR B 825 -53.22 28.10 22.76
N LEU B 826 -53.89 28.43 23.86
CA LEU B 826 -53.75 29.75 24.45
C LEU B 826 -52.47 29.90 25.25
N ASP B 827 -51.92 28.80 25.78
CA ASP B 827 -50.65 28.89 26.50
C ASP B 827 -49.51 29.24 25.56
N LEU B 828 -49.56 28.75 24.32
CA LEU B 828 -48.61 29.18 23.31
C LEU B 828 -48.69 30.67 23.09
N LEU B 829 -49.91 31.19 22.87
CA LEU B 829 -50.09 32.63 22.68
C LEU B 829 -49.54 33.41 23.86
N GLU B 830 -49.77 32.92 25.10
CA GLU B 830 -49.27 33.60 26.28
C GLU B 830 -47.75 33.68 26.27
N MET B 831 -47.09 32.56 25.95
CA MET B 831 -45.64 32.54 25.88
C MET B 831 -45.12 33.52 24.84
N VAL B 832 -45.78 33.61 23.69
CA VAL B 832 -45.32 34.51 22.65
C VAL B 832 -45.54 35.96 23.04
N PHE B 833 -46.60 36.25 23.78
CA PHE B 833 -46.80 37.62 24.26
C PHE B 833 -45.74 38.01 25.28
N ALA B 834 -45.30 37.04 26.09
CA ALA B 834 -44.18 37.29 27.01
C ALA B 834 -42.95 37.73 26.24
N LYS B 835 -42.73 37.13 25.07
CA LYS B 835 -41.59 37.48 24.23
C LYS B 835 -41.84 38.71 23.37
N GLY B 836 -43.04 39.27 23.40
CA GLY B 836 -43.37 40.44 22.62
C GLY B 836 -43.24 41.72 23.41
N ASP B 837 -43.08 42.83 22.68
CA ASP B 837 -43.08 44.16 23.27
C ASP B 837 -43.49 45.16 22.21
N PRO B 838 -44.67 45.77 22.34
CA PRO B 838 -45.12 46.72 21.33
C PRO B 838 -44.27 47.96 21.23
N GLY B 839 -43.64 48.38 22.34
CA GLY B 839 -42.76 49.53 22.29
C GLY B 839 -41.62 49.32 21.31
N ILE B 840 -40.98 48.15 21.36
CA ILE B 840 -39.90 47.85 20.42
C ILE B 840 -40.43 47.82 19.00
N ALA B 841 -41.62 47.23 18.80
CA ALA B 841 -42.23 47.20 17.47
C ALA B 841 -42.52 48.62 17.00
N GLY B 842 -43.01 49.47 17.89
CA GLY B 842 -43.23 50.87 17.53
C GLY B 842 -41.94 51.59 17.20
N LEU B 843 -40.83 51.18 17.83
CA LEU B 843 -39.54 51.80 17.53
C LEU B 843 -39.11 51.51 16.10
N TYR B 844 -39.30 50.26 15.64
CA TYR B 844 -39.05 49.95 14.24
C TYR B 844 -39.91 50.82 13.33
N ASP B 845 -41.21 50.93 13.66
CA ASP B 845 -42.13 51.77 12.90
C ASP B 845 -41.62 53.20 12.77
N GLU B 846 -41.33 53.84 13.91
CA GLU B 846 -40.91 55.24 13.92
C GLU B 846 -39.70 55.45 13.02
N LEU B 847 -38.76 54.51 13.04
CA LEU B 847 -37.53 54.70 12.28
C LEU B 847 -37.71 54.37 10.80
N LEU B 848 -38.48 53.34 10.47
CA LEU B 848 -38.39 52.76 9.13
C LEU B 848 -39.68 52.83 8.30
N VAL B 849 -40.80 53.28 8.86
CA VAL B 849 -42.08 53.24 8.16
C VAL B 849 -42.44 54.66 7.71
N ALA B 850 -42.93 54.77 6.48
CA ALA B 850 -43.32 56.08 5.96
C ALA B 850 -44.52 56.63 6.71
N GLU B 851 -44.55 57.96 6.88
CA GLU B 851 -45.58 58.63 7.67
C GLU B 851 -46.99 58.19 7.30
N GLU B 852 -47.22 57.92 6.00
CA GLU B 852 -48.55 57.53 5.57
C GLU B 852 -48.99 56.21 6.18
N LEU B 853 -48.04 55.32 6.46
CA LEU B 853 -48.37 53.99 6.97
C LEU B 853 -48.27 53.88 8.48
N LYS B 854 -47.74 54.90 9.16
CA LYS B 854 -47.62 54.83 10.62
C LYS B 854 -48.96 54.67 11.33
N PRO B 855 -50.06 55.31 10.93
CA PRO B 855 -51.35 55.01 11.59
C PRO B 855 -51.77 53.57 11.42
N PHE B 856 -51.40 52.93 10.31
CA PHE B 856 -51.71 51.50 10.13
C PHE B 856 -50.98 50.66 11.18
N GLY B 857 -49.70 50.94 11.40
CA GLY B 857 -48.98 50.23 12.44
C GLY B 857 -49.58 50.43 13.81
N LYS B 858 -50.03 51.65 14.10
CA LYS B 858 -50.71 51.91 15.38
C LYS B 858 -51.99 51.11 15.49
N GLN B 859 -52.69 50.89 14.37
CA GLN B 859 -53.87 50.03 14.38
C GLN B 859 -53.49 48.58 14.70
N LEU B 860 -52.37 48.11 14.15
CA LEU B 860 -51.93 46.75 14.43
C LEU B 860 -51.51 46.59 15.89
N ARG B 861 -50.82 47.59 16.44
CA ARG B 861 -50.43 47.51 17.84
C ARG B 861 -51.64 47.61 18.76
N ASP B 862 -52.69 48.30 18.32
CA ASP B 862 -53.96 48.25 19.07
C ASP B 862 -54.51 46.84 19.09
N LYS B 863 -54.50 46.16 17.95
CA LYS B 863 -54.96 44.77 17.89
C LYS B 863 -54.11 43.88 18.81
N TYR B 864 -52.80 44.17 18.89
CA TYR B 864 -51.92 43.43 19.80
C TYR B 864 -52.40 43.59 21.24
N VAL B 865 -52.53 44.83 21.70
CA VAL B 865 -52.86 45.10 23.09
C VAL B 865 -54.22 44.52 23.44
N GLU B 866 -55.16 44.55 22.49
CA GLU B 866 -56.51 44.06 22.76
C GLU B 866 -56.55 42.54 22.88
N THR B 867 -55.81 41.83 22.01
CA THR B 867 -55.74 40.38 22.07
C THR B 867 -55.09 39.90 23.37
N GLN B 868 -53.99 40.55 23.76
CA GLN B 868 -53.32 40.21 25.00
C GLN B 868 -54.25 40.36 26.19
N GLN B 869 -54.90 41.51 26.30
CA GLN B 869 -55.81 41.77 27.42
C GLN B 869 -56.94 40.73 27.47
N LEU B 870 -57.53 40.42 26.31
CA LEU B 870 -58.60 39.43 26.27
C LEU B 870 -58.06 38.04 26.59
N LEU B 871 -56.86 37.72 26.11
CA LEU B 871 -56.23 36.45 26.44
C LEU B 871 -56.12 36.26 27.95
N LEU B 872 -55.62 37.28 28.65
CA LEU B 872 -55.43 37.18 30.08
C LEU B 872 -56.76 37.01 30.81
N GLN B 873 -57.82 37.64 30.31
CA GLN B 873 -59.12 37.53 30.96
C GLN B 873 -59.65 36.11 30.92
N ILE B 874 -59.56 35.45 29.76
CA ILE B 874 -60.04 34.08 29.64
C ILE B 874 -59.17 33.14 30.46
N ALA B 875 -57.87 33.40 30.53
CA ALA B 875 -56.96 32.59 31.36
C ALA B 875 -57.06 32.92 32.83
N GLY B 876 -57.75 33.98 33.21
CA GLY B 876 -57.87 34.34 34.61
C GLY B 876 -56.56 34.83 35.21
N HIS B 877 -55.74 35.50 34.41
CA HIS B 877 -54.42 35.95 34.83
C HIS B 877 -54.35 37.47 34.84
N LYS B 878 -53.65 38.03 35.83
CA LYS B 878 -53.40 39.46 35.85
C LYS B 878 -52.21 39.81 34.96
N ASP B 879 -51.20 38.95 34.91
CA ASP B 879 -50.03 39.20 34.11
C ASP B 879 -49.71 37.99 33.24
N ILE B 880 -49.00 38.26 32.14
CA ILE B 880 -48.46 37.25 31.28
C ILE B 880 -47.78 36.16 32.10
N LEU B 881 -48.05 34.89 31.74
CA LEU B 881 -47.36 33.73 32.26
C LEU B 881 -47.43 33.65 33.78
N GLU B 882 -48.46 34.25 34.37
CA GLU B 882 -48.69 34.13 35.80
C GLU B 882 -48.87 32.68 36.21
N GLY B 883 -49.24 31.80 35.27
CA GLY B 883 -49.42 30.39 35.59
C GLY B 883 -48.13 29.60 35.64
N ASP B 884 -47.05 30.13 35.08
CA ASP B 884 -45.75 29.46 35.09
C ASP B 884 -44.66 30.47 35.40
N PRO B 885 -44.42 30.77 36.68
CA PRO B 885 -43.38 31.74 37.04
C PRO B 885 -41.98 31.31 36.64
N PHE B 886 -41.73 30.01 36.48
CA PHE B 886 -40.42 29.56 36.05
C PHE B 886 -40.14 29.95 34.60
N LEU B 887 -41.12 29.76 33.72
CA LEU B 887 -40.96 30.20 32.34
C LEU B 887 -40.90 31.72 32.24
N LYS B 888 -41.71 32.42 33.04
CA LYS B 888 -41.69 33.87 33.05
C LYS B 888 -40.31 34.40 33.40
N GLN B 889 -39.72 33.88 34.48
CA GLN B 889 -38.40 34.34 34.90
C GLN B 889 -37.35 34.07 33.82
N GLY B 890 -37.37 32.87 33.24
CA GLY B 890 -36.37 32.53 32.24
C GLY B 890 -36.44 33.42 31.01
N LEU B 891 -37.64 33.78 30.59
CA LEU B 891 -37.78 34.62 29.40
C LEU B 891 -37.33 36.06 29.67
N VAL B 892 -37.73 36.64 30.80
CA VAL B 892 -37.48 38.07 31.02
C VAL B 892 -36.00 38.34 31.24
N LEU B 893 -35.26 37.39 31.82
CA LEU B 893 -33.83 37.60 32.02
C LEU B 893 -33.05 37.63 30.72
N ARG B 894 -33.67 37.26 29.60
CA ARG B 894 -33.01 37.38 28.30
C ARG B 894 -33.19 38.75 27.69
N ASN B 895 -34.26 39.45 28.05
CA ASN B 895 -34.64 40.66 27.32
C ASN B 895 -33.62 41.78 27.32
N PRO B 896 -32.81 42.01 28.37
CA PRO B 896 -31.81 43.10 28.27
C PRO B 896 -30.87 42.93 27.09
N TYR B 897 -30.44 41.70 26.79
CA TYR B 897 -29.56 41.49 25.64
C TYR B 897 -30.34 41.58 24.34
N ILE B 898 -31.53 40.98 24.30
CA ILE B 898 -32.35 41.02 23.08
C ILE B 898 -32.71 42.45 22.73
N THR B 899 -33.19 43.21 23.73
CA THR B 899 -33.65 44.58 23.47
C THR B 899 -32.52 45.46 22.96
N THR B 900 -31.32 45.29 23.52
CA THR B 900 -30.16 46.03 23.01
C THR B 900 -29.97 45.79 21.52
N LEU B 901 -30.01 44.51 21.11
CA LEU B 901 -29.86 44.18 19.71
C LEU B 901 -31.03 44.68 18.88
N ASN B 902 -32.24 44.72 19.45
CA ASN B 902 -33.38 45.31 18.76
C ASN B 902 -33.12 46.75 18.39
N VAL B 903 -32.67 47.55 19.38
CA VAL B 903 -32.33 48.95 19.12
C VAL B 903 -31.24 49.04 18.06
N PHE B 904 -30.15 48.28 18.23
CA PHE B 904 -29.07 48.23 17.25
C PHE B 904 -29.59 47.87 15.86
N GLN B 905 -30.50 46.88 15.79
CA GLN B 905 -31.00 46.44 14.48
C GLN B 905 -31.78 47.54 13.80
N ALA B 906 -32.76 48.13 14.51
CA ALA B 906 -33.64 49.14 13.90
C ALA B 906 -32.82 50.29 13.33
N TYR B 907 -31.86 50.79 14.09
CA TYR B 907 -31.06 51.91 13.61
C TYR B 907 -30.11 51.48 12.49
N THR B 908 -29.64 50.23 12.53
CA THR B 908 -28.75 49.75 11.47
C THR B 908 -29.49 49.64 10.14
N LEU B 909 -30.76 49.22 10.17
CA LEU B 909 -31.52 49.10 8.94
C LEU B 909 -31.78 50.46 8.29
N LYS B 910 -32.13 51.47 9.10
CA LYS B 910 -32.39 52.78 8.53
C LYS B 910 -31.12 53.37 7.93
N ARG B 911 -29.97 53.08 8.53
CA ARG B 911 -28.70 53.46 7.90
C ARG B 911 -28.50 52.68 6.60
N ILE B 912 -28.89 51.42 6.59
CA ILE B 912 -28.75 50.60 5.38
C ILE B 912 -29.68 51.09 4.29
N ARG B 913 -30.86 51.58 4.65
CA ARG B 913 -31.87 51.95 3.67
C ARG B 913 -31.90 53.43 3.30
N ASP B 914 -31.31 54.29 4.12
CA ASP B 914 -31.42 55.74 3.89
C ASP B 914 -30.05 56.40 3.84
N PRO B 915 -29.62 56.88 2.67
CA PRO B 915 -28.39 57.70 2.61
C PRO B 915 -28.51 59.07 3.30
N ASN B 916 -29.73 59.56 3.54
CA ASN B 916 -29.91 60.88 4.12
C ASN B 916 -29.87 60.90 5.65
N PHE B 917 -30.13 59.76 6.29
CA PHE B 917 -30.11 59.69 7.75
C PHE B 917 -28.69 59.91 8.26
N LYS B 918 -28.50 60.94 9.09
CA LYS B 918 -27.17 61.38 9.49
C LYS B 918 -26.78 60.83 10.85
N VAL B 919 -25.50 60.50 11.00
CA VAL B 919 -24.92 59.99 12.24
C VAL B 919 -23.62 60.75 12.49
N THR B 920 -23.38 61.11 13.74
CA THR B 920 -22.13 61.79 14.10
C THR B 920 -21.12 60.76 14.56
N PRO B 921 -20.08 60.47 13.79
CA PRO B 921 -19.17 59.36 14.11
C PRO B 921 -18.35 59.65 15.37
N GLN B 922 -18.50 58.80 16.37
CA GLN B 922 -17.75 58.90 17.62
C GLN B 922 -16.34 58.36 17.45
N PRO B 923 -15.40 58.82 18.27
CA PRO B 923 -14.01 58.30 18.20
C PRO B 923 -13.94 56.87 18.72
N PRO B 924 -12.93 56.10 18.32
CA PRO B 924 -12.92 54.66 18.62
C PRO B 924 -12.77 54.38 20.12
N LEU B 925 -12.92 53.10 20.46
CA LEU B 925 -12.92 52.64 21.86
C LEU B 925 -12.20 51.29 21.97
N SER B 926 -10.97 51.24 21.49
CA SER B 926 -10.17 50.02 21.62
C SER B 926 -8.69 50.35 21.78
N TYR B 947 -23.37 46.71 1.19
CA TYR B 947 -23.77 47.76 2.12
C TYR B 947 -22.54 48.50 2.69
N PRO B 948 -22.76 49.70 3.21
CA PRO B 948 -21.64 50.51 3.76
C PRO B 948 -20.87 49.76 4.83
N PRO B 949 -19.69 50.25 5.21
CA PRO B 949 -18.78 49.45 6.06
C PRO B 949 -19.41 49.09 7.40
N GLY B 950 -19.30 47.81 7.74
CA GLY B 950 -19.69 47.32 9.05
C GLY B 950 -21.17 47.04 9.20
N LEU B 951 -22.00 47.71 8.41
CA LEU B 951 -23.44 47.60 8.60
C LEU B 951 -23.94 46.19 8.34
N GLU B 952 -23.36 45.51 7.34
CA GLU B 952 -23.82 44.16 7.05
C GLU B 952 -23.51 43.21 8.20
N ASP B 953 -22.30 43.29 8.75
CA ASP B 953 -21.93 42.36 9.81
C ASP B 953 -22.69 42.65 11.10
N THR B 954 -22.94 43.93 11.43
CA THR B 954 -23.77 44.21 12.61
C THR B 954 -25.18 43.68 12.43
N LEU B 955 -25.71 43.78 11.22
CA LEU B 955 -27.09 43.35 10.99
C LEU B 955 -27.24 41.85 11.17
N ILE B 956 -26.32 41.06 10.60
CA ILE B 956 -26.40 39.62 10.78
C ILE B 956 -26.20 39.25 12.25
N LEU B 957 -25.39 40.03 12.97
CA LEU B 957 -25.17 39.76 14.38
C LEU B 957 -26.43 40.03 15.19
N THR B 958 -27.16 41.11 14.87
CA THR B 958 -28.43 41.35 15.55
C THR B 958 -29.43 40.24 15.22
N MET B 959 -29.51 39.84 13.96
CA MET B 959 -30.45 38.79 13.55
C MET B 959 -30.15 37.48 14.27
N LYS B 960 -28.87 37.10 14.36
CA LYS B 960 -28.52 35.88 15.05
C LYS B 960 -28.85 35.98 16.54
N GLY B 961 -28.50 37.10 17.16
CA GLY B 961 -28.74 37.25 18.59
C GLY B 961 -30.21 37.27 18.95
N ILE B 962 -31.00 38.06 18.22
CA ILE B 962 -32.44 38.13 18.51
C ILE B 962 -33.07 36.75 18.34
N ALA B 963 -32.74 36.05 17.24
CA ALA B 963 -33.28 34.71 17.03
C ALA B 963 -32.86 33.77 18.15
N ALA B 964 -31.61 33.88 18.60
CA ALA B 964 -31.15 33.02 19.69
C ALA B 964 -31.93 33.28 20.96
N GLY B 965 -32.28 34.53 21.22
CA GLY B 965 -33.02 34.84 22.44
C GLY B 965 -34.50 34.54 22.35
N MET B 966 -35.06 34.64 21.15
CA MET B 966 -36.49 34.43 20.96
C MET B 966 -36.86 32.97 20.79
N GLN B 967 -35.92 32.14 20.33
CA GLN B 967 -36.14 30.71 20.06
C GLN B 967 -37.45 30.48 19.32
N ASN B 968 -38.33 29.64 19.86
CA ASN B 968 -39.55 29.27 19.15
C ASN B 968 -40.68 30.24 19.46
N THR B 969 -41.36 30.69 18.39
CA THR B 969 -42.55 31.51 18.51
C THR B 969 -43.72 30.81 17.84
N GLY B 970 -43.96 31.13 16.58
CA GLY B 970 -45.04 30.49 15.82
C GLY B 970 -44.54 29.67 14.65
N LYS C 12 28.06 17.23 -53.26
CA LYS C 12 26.72 16.66 -53.28
C LYS C 12 26.74 15.34 -54.07
N HIS C 13 27.85 15.07 -54.76
CA HIS C 13 27.85 14.16 -55.91
C HIS C 13 28.55 12.84 -55.66
N HIS C 14 29.89 12.81 -55.59
CA HIS C 14 30.61 11.56 -55.79
C HIS C 14 30.87 10.83 -54.47
N SER C 15 31.12 9.53 -54.60
CA SER C 15 31.32 8.62 -53.48
C SER C 15 32.72 8.77 -52.89
N ILE C 16 32.87 8.34 -51.63
CA ILE C 16 34.16 8.46 -50.95
C ILE C 16 35.08 7.28 -51.21
N ASP C 17 34.63 6.27 -51.93
CA ASP C 17 35.42 5.05 -52.05
C ASP C 17 36.63 5.20 -52.97
N ALA C 18 36.62 6.18 -53.89
CA ALA C 18 37.81 6.42 -54.70
C ALA C 18 39.02 6.73 -53.83
N GLN C 19 38.84 7.58 -52.82
CA GLN C 19 39.95 7.93 -51.94
C GLN C 19 40.39 6.74 -51.09
N LEU C 20 39.47 5.81 -50.80
CA LEU C 20 39.83 4.66 -49.99
C LEU C 20 40.63 3.64 -50.79
N ARG C 21 40.24 3.40 -52.04
CA ARG C 21 40.99 2.45 -52.87
C ARG C 21 42.42 2.93 -53.11
N GLN C 22 42.63 4.25 -53.09
CA GLN C 22 43.99 4.77 -53.21
C GLN C 22 44.83 4.45 -51.98
N LEU C 23 44.18 4.21 -50.84
CA LEU C 23 44.92 3.85 -49.63
C LEU C 23 45.25 2.37 -49.61
N VAL C 24 44.26 1.51 -49.86
CA VAL C 24 44.43 0.07 -49.89
C VAL C 24 44.03 -0.43 -51.27
N PRO C 25 44.99 -0.62 -52.17
CA PRO C 25 44.66 -1.03 -53.55
C PRO C 25 43.86 -2.32 -53.62
N GLY C 26 44.41 -3.42 -53.11
CA GLY C 26 43.82 -4.72 -53.31
C GLY C 26 43.02 -5.22 -52.11
N LYS C 27 42.33 -6.34 -52.34
CA LYS C 27 41.59 -7.01 -51.27
C LYS C 27 42.54 -7.90 -50.48
N VAL C 28 42.34 -7.93 -49.15
CA VAL C 28 43.15 -8.79 -48.29
C VAL C 28 42.61 -10.20 -48.21
N SER C 29 41.38 -10.44 -48.68
CA SER C 29 40.84 -11.79 -48.81
C SER C 29 39.72 -11.74 -49.84
N GLU C 30 39.22 -12.93 -50.21
CA GLU C 30 38.16 -13.00 -51.22
C GLU C 30 36.92 -12.24 -50.77
N ASP C 31 36.52 -12.41 -49.51
CA ASP C 31 35.31 -11.80 -48.99
C ASP C 31 35.56 -10.43 -48.37
N ASP C 32 36.66 -9.77 -48.76
CA ASP C 32 36.98 -8.43 -48.25
C ASP C 32 36.05 -7.42 -48.90
N LYS C 33 35.15 -6.83 -48.09
CA LYS C 33 34.24 -5.79 -48.55
C LYS C 33 34.31 -4.56 -47.66
N LEU C 34 35.43 -4.36 -46.95
CA LEU C 34 35.54 -3.28 -45.97
C LEU C 34 35.35 -1.92 -46.62
N ILE C 35 35.99 -1.69 -47.77
CA ILE C 35 35.87 -0.39 -48.42
C ILE C 35 34.44 -0.15 -48.89
N GLU C 36 33.81 -1.17 -49.48
CA GLU C 36 32.41 -1.03 -49.89
C GLU C 36 31.52 -0.72 -48.69
N TYR C 37 31.80 -1.35 -47.54
CA TYR C 37 31.02 -1.05 -46.34
C TYR C 37 31.27 0.38 -45.87
N ASP C 38 32.55 0.79 -45.81
CA ASP C 38 32.89 2.15 -45.43
C ASP C 38 32.21 3.16 -46.34
N ALA C 39 32.18 2.89 -47.65
CA ALA C 39 31.53 3.79 -48.58
C ALA C 39 30.03 3.81 -48.37
N LEU C 40 29.41 2.63 -48.24
CA LEU C 40 27.97 2.54 -47.99
C LEU C 40 27.55 3.45 -46.85
N LEU C 41 28.22 3.32 -45.70
CA LEU C 41 27.83 4.06 -44.51
C LEU C 41 28.08 5.55 -44.67
N VAL C 42 29.29 5.93 -45.08
CA VAL C 42 29.66 7.34 -45.07
C VAL C 42 28.96 8.11 -46.19
N ASP C 43 28.80 7.49 -47.36
CA ASP C 43 28.02 8.15 -48.42
C ASP C 43 26.63 8.50 -47.92
N ARG C 44 25.98 7.55 -47.23
CA ARG C 44 24.64 7.82 -46.70
C ARG C 44 24.68 8.87 -45.59
N PHE C 45 25.74 8.87 -44.78
CA PHE C 45 25.85 9.89 -43.74
C PHE C 45 25.98 11.27 -44.35
N LEU C 46 26.81 11.40 -45.40
CA LEU C 46 27.00 12.71 -46.02
C LEU C 46 25.72 13.23 -46.65
N ASN C 47 24.92 12.32 -47.24
CA ASN C 47 23.64 12.72 -47.79
C ASN C 47 22.69 13.20 -46.68
N ILE C 48 22.77 12.57 -45.51
CA ILE C 48 22.01 13.05 -44.34
C ILE C 48 22.51 14.42 -43.92
N LEU C 49 23.84 14.57 -43.84
CA LEU C 49 24.43 15.85 -43.48
C LEU C 49 23.98 16.95 -44.43
N GLN C 50 23.97 16.66 -45.74
CA GLN C 50 23.57 17.67 -46.72
C GLN C 50 22.11 18.07 -46.54
N ASP C 51 21.21 17.09 -46.41
CA ASP C 51 19.79 17.41 -46.24
C ASP C 51 19.54 18.14 -44.92
N LEU C 52 20.27 17.81 -43.87
CA LEU C 52 20.04 18.47 -42.59
C LEU C 52 20.70 19.84 -42.51
N HIS C 53 21.85 20.04 -43.17
CA HIS C 53 22.62 21.26 -42.99
C HIS C 53 23.07 21.94 -44.28
N GLY C 54 22.68 21.46 -45.44
CA GLY C 54 22.96 22.15 -46.68
C GLY C 54 24.13 21.56 -47.45
N PRO C 55 24.20 21.86 -48.75
CA PRO C 55 25.26 21.25 -49.58
C PRO C 55 26.64 21.81 -49.30
N SER C 56 26.72 23.10 -48.98
CA SER C 56 28.01 23.75 -48.73
C SER C 56 28.80 23.00 -47.65
N LEU C 57 28.15 22.72 -46.53
CA LEU C 57 28.87 22.10 -45.43
C LEU C 57 29.16 20.63 -45.71
N ARG C 58 28.21 19.92 -46.32
CA ARG C 58 28.51 18.57 -46.79
C ARG C 58 29.77 18.57 -47.63
N GLU C 59 29.84 19.50 -48.59
CA GLU C 59 31.00 19.55 -49.47
C GLU C 59 32.26 19.90 -48.71
N PHE C 60 32.16 20.78 -47.71
CA PHE C 60 33.33 21.12 -46.90
C PHE C 60 33.85 19.90 -46.13
N VAL C 61 32.93 19.12 -45.56
CA VAL C 61 33.33 17.96 -44.77
C VAL C 61 33.98 16.90 -45.66
N GLN C 62 33.45 16.71 -46.88
CA GLN C 62 34.02 15.71 -47.76
C GLN C 62 35.38 16.14 -48.30
N GLU C 63 35.55 17.44 -48.54
CA GLU C 63 36.86 17.93 -48.97
C GLU C 63 37.89 17.76 -47.87
N CYS C 64 37.51 17.99 -46.62
CA CYS C 64 38.36 17.64 -45.48
C CYS C 64 38.82 16.19 -45.56
N TYR C 65 37.88 15.29 -45.80
CA TYR C 65 38.20 13.87 -45.88
C TYR C 65 39.11 13.58 -47.07
N GLU C 66 38.89 14.25 -48.20
CA GLU C 66 39.71 14.00 -49.38
C GLU C 66 41.13 14.54 -49.20
N VAL C 67 41.26 15.73 -48.61
CA VAL C 67 42.59 16.29 -48.36
C VAL C 67 43.37 15.35 -47.44
N SER C 68 42.73 14.88 -46.37
CA SER C 68 43.42 14.02 -45.42
C SER C 68 43.79 12.68 -46.05
N ALA C 69 42.90 12.13 -46.87
CA ALA C 69 43.18 10.84 -47.51
C ALA C 69 44.34 10.96 -48.49
N ASP C 70 44.41 12.07 -49.23
CA ASP C 70 45.55 12.28 -50.11
C ASP C 70 46.85 12.40 -49.33
N TYR C 71 46.77 12.87 -48.08
CA TYR C 71 48.00 13.10 -47.31
C TYR C 71 48.71 11.80 -46.98
N GLU C 72 47.96 10.74 -46.67
CA GLU C 72 48.59 9.48 -46.27
C GLU C 72 49.41 8.91 -47.42
N GLY C 73 48.84 8.93 -48.62
CA GLY C 73 49.56 8.43 -49.79
C GLY C 73 50.77 9.25 -50.14
N LYS C 74 50.76 10.56 -49.83
CA LYS C 74 51.81 11.50 -50.25
C LYS C 74 52.16 12.40 -49.05
N GLY C 75 52.93 11.84 -48.11
CA GLY C 75 53.23 12.52 -46.86
C GLY C 75 53.82 13.90 -46.97
N ASP C 76 52.99 14.89 -47.31
CA ASP C 76 53.42 16.26 -47.55
C ASP C 76 52.52 17.20 -46.75
N THR C 77 53.09 17.86 -45.75
CA THR C 77 52.30 18.58 -44.75
C THR C 77 51.65 19.86 -45.28
N THR C 78 52.05 20.35 -46.45
CA THR C 78 51.51 21.61 -46.94
C THR C 78 50.00 21.57 -47.07
N LYS C 79 49.47 20.49 -47.64
CA LYS C 79 48.02 20.39 -47.85
C LYS C 79 47.27 20.38 -46.53
N LEU C 80 47.85 19.76 -45.50
CA LEU C 80 47.26 19.82 -44.16
C LEU C 80 47.21 21.26 -43.66
N GLY C 81 48.25 22.05 -43.95
CA GLY C 81 48.25 23.44 -43.52
C GLY C 81 47.14 24.24 -44.15
N GLU C 82 46.93 24.07 -45.47
CA GLU C 82 45.81 24.73 -46.13
C GLU C 82 44.49 24.33 -45.51
N LEU C 83 44.35 23.03 -45.19
CA LEU C 83 43.14 22.55 -44.53
C LEU C 83 42.93 23.22 -43.18
N GLY C 84 44.01 23.36 -42.41
CA GLY C 84 43.90 24.00 -41.10
C GLY C 84 43.49 25.46 -41.21
N ALA C 85 43.97 26.15 -42.24
CA ALA C 85 43.50 27.52 -42.49
C ALA C 85 42.00 27.55 -42.66
N LYS C 86 41.46 26.69 -43.54
CA LYS C 86 40.02 26.59 -43.73
C LYS C 86 39.30 26.34 -42.42
N LEU C 87 39.79 25.35 -41.64
CA LEU C 87 39.08 24.94 -40.43
C LEU C 87 38.99 26.06 -39.41
N THR C 88 40.10 26.78 -39.19
CA THR C 88 40.07 27.87 -38.22
C THR C 88 39.16 29.01 -38.65
N GLY C 89 38.88 29.15 -39.94
CA GLY C 89 37.99 30.22 -40.34
C GLY C 89 36.54 29.97 -40.00
N LEU C 90 36.17 28.72 -39.73
CA LEU C 90 34.77 28.39 -39.48
C LEU C 90 34.25 29.09 -38.25
N ALA C 91 33.01 29.57 -38.34
CA ALA C 91 32.31 30.11 -37.18
C ALA C 91 32.17 29.02 -36.12
N PRO C 92 31.95 29.40 -34.85
CA PRO C 92 31.92 28.37 -33.79
C PRO C 92 30.93 27.25 -34.04
N ALA C 93 29.69 27.58 -34.42
CA ALA C 93 28.70 26.53 -34.67
C ALA C 93 29.15 25.59 -35.78
N ASP C 94 29.74 26.13 -36.84
CA ASP C 94 30.19 25.29 -37.95
C ASP C 94 31.37 24.41 -37.54
N ALA C 95 32.24 24.91 -36.65
CA ALA C 95 33.40 24.12 -36.22
C ALA C 95 32.95 22.87 -35.46
N ILE C 96 32.03 23.03 -34.51
CA ILE C 96 31.49 21.89 -33.78
C ILE C 96 30.87 20.89 -34.74
N LEU C 97 30.17 21.40 -35.76
CA LEU C 97 29.46 20.48 -36.65
C LEU C 97 30.41 19.72 -37.57
N VAL C 98 31.45 20.37 -38.06
CA VAL C 98 32.43 19.67 -38.91
C VAL C 98 33.19 18.64 -38.09
N ALA C 99 33.68 19.04 -36.91
CA ALA C 99 34.38 18.12 -36.04
C ALA C 99 33.52 16.92 -35.71
N SER C 100 32.26 17.16 -35.33
CA SER C 100 31.35 16.07 -34.98
C SER C 100 31.09 15.17 -36.19
N SER C 101 30.94 15.75 -37.37
CA SER C 101 30.68 14.95 -38.57
C SER C 101 31.85 14.03 -38.88
N ILE C 102 33.09 14.54 -38.72
CA ILE C 102 34.26 13.68 -38.92
C ILE C 102 34.28 12.56 -37.89
N LEU C 103 33.97 12.89 -36.63
CA LEU C 103 33.89 11.88 -35.59
C LEU C 103 32.87 10.81 -35.93
N HIS C 104 31.68 11.22 -36.37
CA HIS C 104 30.63 10.25 -36.68
C HIS C 104 31.03 9.36 -37.86
N MET C 105 31.75 9.91 -38.83
CA MET C 105 32.23 9.09 -39.94
C MET C 105 33.24 8.05 -39.46
N LEU C 106 34.12 8.44 -38.52
CA LEU C 106 35.06 7.48 -37.93
C LEU C 106 34.32 6.35 -37.23
N ASN C 107 33.27 6.70 -36.48
CA ASN C 107 32.45 5.67 -35.83
C ASN C 107 31.89 4.70 -36.87
N LEU C 108 31.35 5.23 -37.97
CA LEU C 108 30.76 4.39 -38.99
C LEU C 108 31.81 3.48 -39.62
N ALA C 109 33.03 3.99 -39.80
CA ALA C 109 34.10 3.15 -40.34
C ALA C 109 34.47 2.04 -39.36
N ASN C 110 34.47 2.35 -38.06
CA ASN C 110 34.73 1.33 -37.06
C ASN C 110 33.67 0.25 -37.09
N LEU C 111 32.39 0.65 -37.20
CA LEU C 111 31.31 -0.32 -37.27
C LEU C 111 31.48 -1.25 -38.47
N ALA C 112 31.86 -0.70 -39.62
CA ALA C 112 32.10 -1.52 -40.79
C ALA C 112 33.27 -2.47 -40.56
N GLU C 113 34.32 -2.00 -39.89
CA GLU C 113 35.45 -2.88 -39.58
C GLU C 113 35.03 -3.99 -38.62
N GLU C 114 34.06 -3.72 -37.74
CA GLU C 114 33.55 -4.76 -36.86
C GLU C 114 32.77 -5.81 -37.64
N VAL C 115 31.88 -5.36 -38.53
CA VAL C 115 31.12 -6.28 -39.37
C VAL C 115 32.07 -7.16 -40.18
N GLN C 116 33.12 -6.56 -40.74
CA GLN C 116 34.05 -7.30 -41.59
C GLN C 116 34.80 -8.35 -40.78
N ILE C 117 35.29 -7.98 -39.59
CA ILE C 117 35.95 -8.97 -38.74
C ILE C 117 34.98 -10.09 -38.39
N ALA C 118 33.75 -9.73 -38.00
CA ALA C 118 32.82 -10.70 -37.43
C ALA C 118 32.41 -11.76 -38.44
N HIS C 119 32.40 -11.42 -39.72
CA HIS C 119 31.85 -12.31 -40.75
C HIS C 119 32.91 -12.75 -41.75
N ARG C 120 34.19 -12.61 -41.42
CA ARG C 120 35.24 -13.04 -42.33
C ARG C 120 35.40 -14.55 -42.25
N ARG C 121 35.28 -15.21 -43.39
CA ARG C 121 35.43 -16.66 -43.46
C ARG C 121 36.83 -17.07 -43.05
N ARG C 122 36.92 -18.01 -42.11
CA ARG C 122 38.22 -18.56 -41.74
C ARG C 122 38.83 -19.27 -42.94
N ASN C 123 40.14 -19.08 -43.13
CA ASN C 123 40.86 -19.63 -44.28
C ASN C 123 42.13 -20.30 -43.76
N SER C 124 42.11 -21.64 -43.66
CA SER C 124 43.23 -22.34 -43.06
C SER C 124 44.47 -22.32 -43.94
N LYS C 125 44.33 -22.03 -45.23
CA LYS C 125 45.51 -21.93 -46.08
C LYS C 125 46.42 -20.78 -45.67
N LEU C 126 45.92 -19.84 -44.86
CA LEU C 126 46.74 -18.75 -44.37
C LEU C 126 47.68 -19.18 -43.26
N LYS C 127 47.45 -20.34 -42.66
CA LYS C 127 48.23 -20.75 -41.50
C LYS C 127 49.61 -21.22 -41.94
N LYS C 128 50.64 -20.78 -41.22
CA LYS C 128 52.01 -21.20 -41.46
C LYS C 128 52.49 -22.25 -40.45
N GLY C 129 51.65 -22.60 -39.47
CA GLY C 129 52.08 -23.43 -38.38
C GLY C 129 52.85 -22.62 -37.35
N GLY C 130 52.99 -23.19 -36.15
CA GLY C 130 53.76 -22.55 -35.10
C GLY C 130 53.02 -21.43 -34.40
N PHE C 131 53.72 -20.83 -33.43
CA PHE C 131 53.07 -19.88 -32.52
C PHE C 131 52.65 -18.60 -33.23
N ALA C 132 53.33 -18.24 -34.33
CA ALA C 132 53.04 -16.98 -34.99
C ALA C 132 51.60 -16.93 -35.50
N ASP C 133 51.03 -18.09 -35.85
CA ASP C 133 49.64 -18.15 -36.27
C ASP C 133 48.70 -17.56 -35.23
N GLU C 134 49.09 -17.61 -33.95
CA GLU C 134 48.23 -17.21 -32.85
C GLU C 134 48.22 -15.71 -32.61
N GLY C 135 48.81 -14.92 -33.49
CA GLY C 135 48.85 -13.48 -33.33
C GLY C 135 47.81 -12.72 -34.12
N SER C 136 46.96 -13.41 -34.88
CA SER C 136 45.95 -12.75 -35.70
C SER C 136 44.71 -13.64 -35.75
N ALA C 137 43.53 -13.01 -35.65
CA ALA C 137 42.29 -13.76 -35.71
C ALA C 137 42.12 -14.50 -37.03
N THR C 138 42.78 -14.04 -38.09
CA THR C 138 42.70 -14.72 -39.38
C THR C 138 43.37 -16.08 -39.38
N THR C 139 44.23 -16.34 -38.40
CA THR C 139 45.02 -17.57 -38.38
C THR C 139 45.00 -18.29 -37.04
N GLU C 140 44.47 -17.68 -35.98
CA GLU C 140 44.54 -18.27 -34.66
C GLU C 140 43.70 -19.54 -34.58
N SER C 141 43.95 -20.33 -33.53
CA SER C 141 43.22 -21.56 -33.29
C SER C 141 41.96 -21.29 -32.48
N ASP C 142 40.87 -21.96 -32.83
CA ASP C 142 39.69 -21.95 -31.97
C ASP C 142 39.88 -22.96 -30.84
N ILE C 143 38.88 -23.09 -29.97
CA ILE C 143 39.06 -23.93 -28.80
C ILE C 143 39.17 -25.40 -29.19
N GLU C 144 38.47 -25.82 -30.26
CA GLU C 144 38.58 -27.21 -30.70
C GLU C 144 39.96 -27.51 -31.24
N GLU C 145 40.49 -26.62 -32.08
CA GLU C 145 41.85 -26.81 -32.60
C GLU C 145 42.87 -26.80 -31.48
N THR C 146 42.64 -26.01 -30.43
CA THR C 146 43.56 -26.00 -29.29
C THR C 146 43.51 -27.32 -28.53
N LEU C 147 42.31 -27.89 -28.37
CA LEU C 147 42.19 -29.16 -27.66
C LEU C 147 42.83 -30.30 -28.46
N LYS C 148 42.68 -30.28 -29.79
CA LYS C 148 43.26 -31.33 -30.61
C LYS C 148 44.78 -31.23 -30.66
N ARG C 149 45.34 -30.02 -30.64
CA ARG C 149 46.79 -29.89 -30.58
C ARG C 149 47.34 -30.43 -29.26
N LEU C 150 46.67 -30.10 -28.15
CA LEU C 150 47.14 -30.52 -26.84
C LEU C 150 47.23 -32.05 -26.73
N VAL C 151 46.30 -32.77 -27.36
CA VAL C 151 46.30 -34.22 -27.22
C VAL C 151 47.18 -34.88 -28.27
N SER C 152 47.15 -34.36 -29.51
CA SER C 152 47.88 -35.03 -30.58
C SER C 152 49.31 -34.54 -30.74
N GLU C 153 49.55 -33.23 -30.64
CA GLU C 153 50.91 -32.73 -30.79
C GLU C 153 51.66 -32.68 -29.46
N VAL C 154 51.01 -32.21 -28.39
CA VAL C 154 51.67 -32.15 -27.09
C VAL C 154 51.58 -33.49 -26.34
N GLY C 155 50.60 -34.32 -26.64
CA GLY C 155 50.51 -35.63 -26.03
C GLY C 155 49.78 -35.69 -24.70
N LYS C 156 48.94 -34.72 -24.40
CA LYS C 156 48.11 -34.81 -23.21
C LYS C 156 46.94 -35.75 -23.47
N SER C 157 46.44 -36.33 -22.40
CA SER C 157 45.26 -37.16 -22.56
C SER C 157 44.01 -36.29 -22.52
N PRO C 158 42.92 -36.72 -23.18
CA PRO C 158 41.67 -35.96 -23.09
C PRO C 158 41.22 -35.65 -21.66
N GLU C 159 41.42 -36.60 -20.74
CA GLU C 159 41.00 -36.35 -19.36
C GLU C 159 41.92 -35.37 -18.65
N GLU C 160 43.20 -35.31 -19.03
CA GLU C 160 44.09 -34.26 -18.53
C GLU C 160 43.61 -32.89 -18.98
N VAL C 161 43.19 -32.77 -20.23
CA VAL C 161 42.68 -31.51 -20.76
C VAL C 161 41.38 -31.14 -20.07
N PHE C 162 40.50 -32.13 -19.88
CA PHE C 162 39.23 -31.92 -19.19
C PHE C 162 39.45 -31.47 -17.76
N GLU C 163 40.47 -32.02 -17.09
CA GLU C 163 40.75 -31.61 -15.72
C GLU C 163 41.33 -30.20 -15.67
N ALA C 164 42.13 -29.83 -16.67
CA ALA C 164 42.67 -28.48 -16.72
C ALA C 164 41.55 -27.45 -16.89
N LEU C 165 40.61 -27.73 -17.81
CA LEU C 165 39.49 -26.82 -18.00
C LEU C 165 38.69 -26.66 -16.72
N LYS C 166 38.42 -27.77 -16.03
CA LYS C 166 37.68 -27.73 -14.77
C LYS C 166 38.33 -26.80 -13.74
N ASN C 167 39.65 -26.62 -13.82
CA ASN C 167 40.38 -25.85 -12.83
C ASN C 167 40.78 -24.46 -13.31
N GLN C 168 40.37 -24.08 -14.51
CA GLN C 168 40.77 -22.81 -15.10
C GLN C 168 39.77 -21.71 -14.76
N THR C 169 40.29 -20.49 -14.56
CA THR C 169 39.43 -19.33 -14.47
C THR C 169 40.17 -18.12 -15.03
N VAL C 170 39.57 -17.48 -16.02
CA VAL C 170 40.08 -16.23 -16.60
C VAL C 170 39.18 -15.11 -16.11
N ASP C 171 39.79 -14.09 -15.49
CA ASP C 171 39.07 -12.98 -14.86
C ASP C 171 39.30 -11.72 -15.70
N LEU C 172 38.24 -11.25 -16.35
CA LEU C 172 38.32 -10.06 -17.19
C LEU C 172 37.80 -8.86 -16.40
N VAL C 173 38.61 -7.80 -16.36
CA VAL C 173 38.36 -6.66 -15.48
C VAL C 173 38.02 -5.45 -16.35
N PHE C 174 36.80 -4.95 -16.21
CA PHE C 174 36.38 -3.75 -16.91
C PHE C 174 36.86 -2.51 -16.18
N THR C 175 37.32 -1.52 -16.94
CA THR C 175 37.75 -0.23 -16.41
C THR C 175 37.14 0.89 -17.23
N ALA C 176 36.96 2.05 -16.59
CA ALA C 176 36.25 3.15 -17.21
C ALA C 176 36.97 3.65 -18.46
N HIS C 177 36.18 4.07 -19.44
CA HIS C 177 36.70 4.59 -20.70
C HIS C 177 37.12 6.04 -20.51
N PRO C 178 38.37 6.40 -20.78
CA PRO C 178 38.83 7.78 -20.49
C PRO C 178 38.04 8.88 -21.18
N THR C 179 37.53 8.67 -22.39
CA THR C 179 36.97 9.76 -23.17
C THR C 179 35.54 9.57 -23.65
N GLN C 180 34.98 8.36 -23.56
CA GLN C 180 33.68 8.07 -24.15
C GLN C 180 32.78 7.45 -23.09
N SER C 181 31.49 7.80 -23.13
CA SER C 181 30.47 7.15 -22.33
C SER C 181 29.61 6.29 -23.25
N ALA C 182 29.54 4.99 -22.97
CA ALA C 182 28.89 4.02 -23.84
C ALA C 182 27.50 3.68 -23.32
N ARG C 183 26.55 4.56 -23.60
CA ARG C 183 25.17 4.33 -23.22
C ARG C 183 24.63 3.10 -23.94
N ARG C 184 23.72 2.39 -23.26
CA ARG C 184 23.17 1.16 -23.82
C ARG C 184 22.29 1.44 -25.04
N SER C 185 21.63 2.59 -25.07
CA SER C 185 20.82 2.93 -26.24
C SER C 185 21.68 3.19 -27.48
N LEU C 186 22.91 3.69 -27.28
CA LEU C 186 23.80 3.89 -28.41
C LEU C 186 24.36 2.57 -28.93
N LEU C 187 24.68 1.64 -28.01
CA LEU C 187 25.12 0.32 -28.43
C LEU C 187 24.07 -0.36 -29.28
N GLN C 188 22.78 -0.14 -28.97
CA GLN C 188 21.72 -0.74 -29.76
C GLN C 188 21.56 -0.06 -31.10
N LYS C 189 21.83 1.25 -31.17
CA LYS C 189 21.88 1.92 -32.47
C LYS C 189 23.02 1.36 -33.32
N ASN C 190 24.19 1.16 -32.71
CA ASN C 190 25.29 0.49 -33.40
C ASN C 190 24.87 -0.87 -33.94
N ALA C 191 24.18 -1.66 -33.11
CA ALA C 191 23.79 -3.01 -33.53
C ALA C 191 22.84 -2.97 -34.72
N ARG C 192 21.93 -2.00 -34.75
CA ARG C 192 20.97 -1.93 -35.85
C ARG C 192 21.64 -1.50 -37.14
N ILE C 193 22.63 -0.61 -37.06
CA ILE C 193 23.40 -0.25 -38.25
C ILE C 193 24.16 -1.46 -38.76
N ARG C 194 24.83 -2.18 -37.86
CA ARG C 194 25.58 -3.36 -38.25
C ARG C 194 24.67 -4.40 -38.88
N ASN C 195 23.50 -4.62 -38.28
CA ASN C 195 22.56 -5.62 -38.80
C ASN C 195 22.06 -5.23 -40.19
N CYS C 196 21.62 -3.98 -40.34
CA CYS C 196 21.24 -3.46 -41.65
C CYS C 196 22.36 -3.73 -42.67
N LEU C 197 23.60 -3.48 -42.27
CA LEU C 197 24.73 -3.62 -43.17
C LEU C 197 24.89 -5.06 -43.66
N THR C 198 24.86 -6.02 -42.72
CA THR C 198 25.02 -7.42 -43.11
C THR C 198 23.82 -7.90 -43.93
N GLN C 199 22.61 -7.53 -43.51
CA GLN C 199 21.41 -7.98 -44.23
C GLN C 199 21.35 -7.39 -45.63
N LEU C 200 21.83 -6.16 -45.78
CA LEU C 200 21.80 -5.50 -47.09
C LEU C 200 22.60 -6.28 -48.12
N ASN C 201 23.73 -6.84 -47.72
CA ASN C 201 24.62 -7.56 -48.62
C ASN C 201 24.51 -9.07 -48.44
N ALA C 202 23.36 -9.54 -47.98
CA ALA C 202 23.01 -10.95 -48.12
C ALA C 202 22.80 -11.25 -49.60
N LYS C 203 23.00 -12.51 -49.98
CA LYS C 203 22.80 -12.88 -51.36
C LYS C 203 21.37 -13.37 -51.58
N ASP C 204 20.85 -13.07 -52.78
CA ASP C 204 19.48 -13.38 -53.17
C ASP C 204 18.48 -12.57 -52.34
N ILE C 205 18.86 -11.33 -52.03
CA ILE C 205 17.96 -10.37 -51.41
C ILE C 205 17.05 -9.79 -52.48
N THR C 206 15.79 -9.55 -52.12
CA THR C 206 14.84 -9.03 -53.09
C THR C 206 14.98 -7.51 -53.21
N ASP C 207 14.42 -6.98 -54.30
CA ASP C 207 14.51 -5.54 -54.55
C ASP C 207 13.81 -4.75 -53.45
N ASP C 208 12.63 -5.20 -53.02
CA ASP C 208 11.89 -4.46 -52.00
C ASP C 208 12.54 -4.61 -50.63
N ASP C 209 13.09 -5.78 -50.33
CA ASP C 209 13.84 -5.95 -49.09
C ASP C 209 15.04 -5.00 -49.05
N LYS C 210 15.80 -4.95 -50.15
CA LYS C 210 16.94 -4.05 -50.24
C LYS C 210 16.51 -2.59 -50.11
N GLN C 211 15.41 -2.23 -50.76
CA GLN C 211 14.88 -0.87 -50.67
C GLN C 211 14.57 -0.51 -49.23
N GLU C 212 13.86 -1.39 -48.52
CA GLU C 212 13.46 -1.09 -47.15
C GLU C 212 14.65 -1.11 -46.19
N LEU C 213 15.57 -2.06 -46.37
CA LEU C 213 16.78 -2.09 -45.55
C LEU C 213 17.60 -0.82 -45.74
N ASP C 214 17.70 -0.34 -46.98
CA ASP C 214 18.43 0.89 -47.26
C ASP C 214 17.84 2.06 -46.46
N GLU C 215 16.51 2.22 -46.51
CA GLU C 215 15.89 3.29 -45.76
C GLU C 215 16.00 3.08 -44.24
N ALA C 216 16.07 1.82 -43.81
CA ALA C 216 16.32 1.55 -42.39
C ALA C 216 17.73 2.00 -42.00
N LEU C 217 18.72 1.69 -42.83
CA LEU C 217 20.09 2.07 -42.53
C LEU C 217 20.27 3.58 -42.49
N GLN C 218 19.74 4.28 -43.50
CA GLN C 218 19.74 5.75 -43.46
C GLN C 218 19.12 6.26 -42.18
N ARG C 219 17.98 5.68 -41.79
CA ARG C 219 17.27 6.11 -40.59
C ARG C 219 18.12 5.93 -39.34
N GLU C 220 18.83 4.80 -39.24
CA GLU C 220 19.60 4.52 -38.03
C GLU C 220 20.84 5.39 -37.96
N ILE C 221 21.46 5.68 -39.11
CA ILE C 221 22.61 6.59 -39.12
C ILE C 221 22.18 7.98 -38.66
N GLN C 222 21.01 8.44 -39.14
CA GLN C 222 20.53 9.76 -38.74
C GLN C 222 20.22 9.79 -37.25
N ALA C 223 19.66 8.71 -36.71
CA ALA C 223 19.36 8.69 -35.28
C ALA C 223 20.61 8.71 -34.43
N ALA C 224 21.71 8.13 -34.93
CA ALA C 224 22.97 8.20 -34.19
C ALA C 224 23.58 9.59 -34.28
N PHE C 225 23.35 10.29 -35.39
CA PHE C 225 23.89 11.63 -35.58
C PHE C 225 23.12 12.68 -34.80
N ARG C 226 21.88 12.38 -34.41
CA ARG C 226 21.01 13.33 -33.73
C ARG C 226 20.90 13.08 -32.23
N THR C 227 21.85 12.38 -31.63
CA THR C 227 21.84 12.14 -30.19
C THR C 227 23.18 12.57 -29.61
N ASP C 228 23.13 13.51 -28.67
CA ASP C 228 24.33 13.95 -27.96
C ASP C 228 23.94 14.80 -26.76
N ARG C 232 26.80 19.03 -21.82
CA ARG C 232 27.52 17.76 -21.71
C ARG C 232 28.42 17.74 -20.48
N ALA C 233 27.79 17.74 -19.31
CA ALA C 233 28.53 17.66 -18.06
C ALA C 233 29.06 16.25 -17.85
N GLN C 234 30.16 16.15 -17.11
CA GLN C 234 30.83 14.87 -16.91
C GLN C 234 29.97 13.93 -16.08
N PRO C 235 29.99 12.63 -16.36
CA PRO C 235 29.15 11.70 -15.60
C PRO C 235 29.70 11.42 -14.21
N THR C 236 28.76 11.16 -13.29
CA THR C 236 29.13 10.70 -11.97
C THR C 236 29.80 9.33 -12.05
N PRO C 237 30.54 8.93 -11.02
CA PRO C 237 31.08 7.56 -11.03
C PRO C 237 29.98 6.51 -11.03
N GLN C 238 28.81 6.83 -10.46
CA GLN C 238 27.66 5.94 -10.57
C GLN C 238 27.25 5.77 -12.02
N ASP C 239 27.07 6.87 -12.74
CA ASP C 239 26.69 6.80 -14.15
C ASP C 239 27.78 6.13 -14.97
N GLU C 240 29.05 6.40 -14.65
CA GLU C 240 30.15 5.78 -15.36
C GLU C 240 30.10 4.26 -15.26
N MET C 241 29.71 3.74 -14.09
CA MET C 241 29.64 2.29 -13.93
C MET C 241 28.43 1.72 -14.67
N ARG C 242 27.31 2.45 -14.69
CA ARG C 242 26.15 1.96 -15.44
C ARG C 242 26.44 1.89 -16.93
N TYR C 243 27.30 2.77 -17.43
CA TYR C 243 27.69 2.74 -18.82
C TYR C 243 28.70 1.63 -19.10
N GLY C 244 29.57 1.32 -18.12
CA GLY C 244 30.49 0.21 -18.27
C GLY C 244 29.83 -1.15 -18.25
N MET C 245 28.65 -1.26 -17.64
CA MET C 245 27.91 -2.51 -17.58
C MET C 245 27.04 -2.75 -18.81
N SER C 246 26.95 -1.78 -19.73
CA SER C 246 26.10 -1.94 -20.90
C SER C 246 26.55 -3.08 -21.80
N TYR C 247 27.87 -3.29 -21.90
CA TYR C 247 28.36 -4.38 -22.74
C TYR C 247 27.99 -5.75 -22.17
N ILE C 248 27.92 -5.86 -20.85
CA ILE C 248 27.48 -7.10 -20.22
C ILE C 248 26.04 -7.40 -20.62
N HIS C 249 25.18 -6.38 -20.55
CA HIS C 249 23.79 -6.56 -20.95
C HIS C 249 23.68 -6.94 -22.42
N GLU C 250 24.49 -6.32 -23.27
CA GLU C 250 24.25 -6.41 -24.72
C GLU C 250 24.83 -7.67 -25.35
N THR C 251 25.99 -8.15 -24.91
CA THR C 251 26.55 -9.35 -25.53
C THR C 251 27.07 -10.38 -24.54
N VAL C 252 27.68 -9.92 -23.44
CA VAL C 252 28.39 -10.86 -22.58
C VAL C 252 27.44 -11.76 -21.82
N TRP C 253 26.27 -11.24 -21.44
CA TRP C 253 25.31 -12.03 -20.67
C TRP C 253 24.86 -13.25 -21.44
N LYS C 254 24.45 -13.06 -22.70
CA LYS C 254 24.08 -14.19 -23.54
C LYS C 254 25.31 -14.95 -24.05
N GLY C 255 26.46 -14.28 -24.16
CA GLY C 255 27.59 -14.86 -24.84
C GLY C 255 28.36 -15.89 -24.05
N VAL C 256 28.42 -15.73 -22.72
CA VAL C 256 29.08 -16.74 -21.89
C VAL C 256 28.45 -18.11 -22.05
N PRO C 257 27.12 -18.28 -21.96
CA PRO C 257 26.55 -19.61 -22.22
C PRO C 257 26.84 -20.13 -23.62
N LYS C 258 26.82 -19.25 -24.63
CA LYS C 258 27.11 -19.69 -25.99
C LYS C 258 28.51 -20.26 -26.10
N PHE C 259 29.50 -19.60 -25.50
CA PHE C 259 30.87 -20.08 -25.61
C PHE C 259 31.06 -21.38 -24.82
N LEU C 260 30.55 -21.43 -23.58
CA LEU C 260 30.68 -22.64 -22.79
C LEU C 260 30.06 -23.83 -23.52
N ARG C 261 28.97 -23.60 -24.25
CA ARG C 261 28.40 -24.66 -25.08
C ARG C 261 29.38 -25.10 -26.15
N ARG C 262 30.16 -24.16 -26.70
CA ARG C 262 31.17 -24.53 -27.68
C ARG C 262 32.30 -25.33 -27.04
N VAL C 263 32.65 -25.00 -25.79
CA VAL C 263 33.61 -25.80 -25.05
C VAL C 263 33.11 -27.24 -24.91
N ASP C 264 31.80 -27.40 -24.67
CA ASP C 264 31.20 -28.73 -24.64
C ASP C 264 31.40 -29.44 -25.97
N THR C 265 31.12 -28.75 -27.08
CA THR C 265 31.27 -29.34 -28.40
C THR C 265 32.71 -29.78 -28.65
N ALA C 266 33.68 -28.95 -28.26
CA ALA C 266 35.07 -29.31 -28.44
C ALA C 266 35.44 -30.56 -27.63
N LEU C 267 35.03 -30.59 -26.36
CA LEU C 267 35.31 -31.75 -25.51
C LEU C 267 34.78 -33.03 -26.13
N LYS C 268 33.56 -32.98 -26.68
CA LYS C 268 33.00 -34.14 -27.35
C LYS C 268 33.89 -34.62 -28.49
N ASN C 269 34.47 -33.68 -29.24
CA ASN C 269 35.25 -34.00 -30.42
C ASN C 269 36.69 -34.39 -30.12
N ILE C 270 37.08 -34.49 -28.84
CA ILE C 270 38.30 -35.18 -28.46
C ILE C 270 38.03 -36.38 -27.57
N GLY C 271 36.76 -36.77 -27.43
CA GLY C 271 36.44 -38.04 -26.79
C GLY C 271 35.88 -37.96 -25.39
N ILE C 272 35.67 -36.77 -24.84
CA ILE C 272 35.04 -36.62 -23.54
C ILE C 272 33.53 -36.57 -23.76
N ASN C 273 32.82 -37.53 -23.19
CA ASN C 273 31.37 -37.62 -23.39
C ASN C 273 30.60 -37.12 -22.18
N GLU C 274 30.98 -35.94 -21.70
CA GLU C 274 30.17 -35.19 -20.76
C GLU C 274 30.44 -33.70 -20.97
N ARG C 275 29.47 -32.88 -20.56
CA ARG C 275 29.64 -31.45 -20.67
C ARG C 275 30.54 -30.94 -19.54
N LEU C 276 31.15 -29.79 -19.77
CA LEU C 276 31.85 -29.10 -18.70
C LEU C 276 30.86 -28.88 -17.57
N PRO C 277 31.15 -29.35 -16.35
CA PRO C 277 30.21 -29.16 -15.24
C PRO C 277 29.76 -27.71 -15.14
N TYR C 278 28.48 -27.51 -14.83
CA TYR C 278 27.96 -26.15 -14.87
C TYR C 278 28.49 -25.30 -13.73
N ASN C 279 29.11 -25.89 -12.70
CA ASN C 279 29.66 -25.13 -11.59
C ASN C 279 31.10 -24.68 -11.83
N VAL C 280 31.65 -24.92 -13.02
CA VAL C 280 32.99 -24.46 -13.36
C VAL C 280 32.91 -23.00 -13.80
N SER C 281 33.60 -22.13 -13.07
CA SER C 281 33.68 -20.71 -13.43
C SER C 281 34.88 -20.52 -14.36
N LEU C 282 34.67 -20.90 -15.63
CA LEU C 282 35.73 -20.77 -16.63
C LEU C 282 36.06 -19.31 -16.91
N ILE C 283 35.07 -18.44 -16.81
CA ILE C 283 35.24 -17.01 -17.07
C ILE C 283 34.51 -16.23 -15.98
N ARG C 284 35.18 -15.22 -15.43
CA ARG C 284 34.60 -14.34 -14.43
C ARG C 284 34.84 -12.89 -14.88
N PHE C 285 34.04 -11.98 -14.33
CA PHE C 285 34.11 -10.58 -14.71
C PHE C 285 34.20 -9.72 -13.47
N SER C 286 35.12 -8.76 -13.49
CA SER C 286 35.33 -7.82 -12.41
C SER C 286 35.22 -6.40 -12.95
N SER C 287 35.24 -5.45 -12.02
CA SER C 287 35.11 -4.04 -12.38
C SER C 287 35.98 -3.20 -11.48
N TRP C 288 36.54 -2.14 -12.04
CA TRP C 288 37.24 -1.12 -11.27
C TRP C 288 36.37 0.09 -10.99
N MET C 289 35.20 0.18 -11.62
CA MET C 289 34.40 1.40 -11.64
C MET C 289 33.65 1.54 -10.32
N GLY C 290 33.98 2.59 -9.57
CA GLY C 290 33.47 2.75 -8.22
C GLY C 290 34.34 2.14 -7.15
N GLY C 291 35.40 1.42 -7.53
CA GLY C 291 36.29 0.82 -6.57
C GLY C 291 37.69 1.41 -6.58
N ASP C 292 38.21 1.66 -7.78
CA ASP C 292 39.51 2.32 -7.91
C ASP C 292 39.39 3.77 -7.46
N ARG C 293 40.15 4.14 -6.43
CA ARG C 293 40.20 5.52 -5.94
C ARG C 293 41.63 6.06 -5.93
N ASP C 294 42.55 5.38 -6.60
CA ASP C 294 43.95 5.81 -6.68
C ASP C 294 44.03 7.19 -7.32
N GLY C 295 44.34 8.21 -6.52
CA GLY C 295 44.42 9.57 -6.99
C GLY C 295 43.13 10.05 -7.64
N ASN C 296 42.00 9.74 -7.01
CA ASN C 296 40.69 9.98 -7.60
C ASN C 296 39.69 10.28 -6.49
N PRO C 297 39.69 11.51 -5.97
CA PRO C 297 38.86 11.82 -4.80
C PRO C 297 37.36 11.79 -5.06
N ARG C 298 36.93 11.72 -6.33
CA ARG C 298 35.51 11.58 -6.64
C ARG C 298 34.95 10.24 -6.20
N VAL C 299 35.80 9.24 -6.00
CA VAL C 299 35.37 7.89 -5.70
C VAL C 299 35.35 7.77 -4.18
N THR C 300 34.21 8.08 -3.59
CA THR C 300 34.03 8.10 -2.14
C THR C 300 33.54 6.76 -1.65
N PRO C 301 33.60 6.52 -0.33
CA PRO C 301 32.92 5.34 0.23
C PRO C 301 31.47 5.19 -0.22
N GLU C 302 30.72 6.30 -0.31
CA GLU C 302 29.33 6.21 -0.77
C GLU C 302 29.24 5.75 -2.21
N VAL C 303 30.17 6.21 -3.06
CA VAL C 303 30.18 5.77 -4.45
C VAL C 303 30.38 4.26 -4.54
N THR C 304 31.21 3.71 -3.65
CA THR C 304 31.46 2.27 -3.66
C THR C 304 30.23 1.51 -3.19
N ARG C 305 29.56 2.00 -2.14
CA ARG C 305 28.32 1.39 -1.70
C ARG C 305 27.25 1.44 -2.80
N ASP C 306 27.23 2.54 -3.56
CA ASP C 306 26.20 2.71 -4.58
C ASP C 306 26.39 1.74 -5.75
N VAL C 307 27.61 1.65 -6.27
CA VAL C 307 27.83 0.79 -7.43
C VAL C 307 27.65 -0.68 -7.07
N CYS C 308 27.86 -1.04 -5.80
CA CYS C 308 27.64 -2.42 -5.39
C CYS C 308 26.16 -2.78 -5.43
N LEU C 309 25.32 -1.88 -4.94
CA LEU C 309 23.88 -2.13 -4.96
C LEU C 309 23.33 -2.03 -6.38
N LEU C 310 23.85 -1.09 -7.18
CA LEU C 310 23.43 -0.98 -8.56
C LEU C 310 23.69 -2.27 -9.33
N ALA C 311 24.87 -2.85 -9.13
CA ALA C 311 25.20 -4.12 -9.78
C ALA C 311 24.21 -5.21 -9.37
N ARG C 312 23.80 -5.24 -8.11
CA ARG C 312 22.88 -6.26 -7.65
C ARG C 312 21.50 -6.09 -8.27
N MET C 313 21.08 -4.84 -8.47
CA MET C 313 19.81 -4.60 -9.16
C MET C 313 19.88 -5.07 -10.60
N MET C 314 20.98 -4.74 -11.29
CA MET C 314 21.15 -5.17 -12.68
C MET C 314 21.13 -6.68 -12.79
N ALA C 315 21.78 -7.38 -11.86
CA ALA C 315 21.79 -8.84 -11.88
C ALA C 315 20.39 -9.40 -11.66
N ALA C 316 19.66 -8.87 -10.69
CA ALA C 316 18.30 -9.34 -10.44
C ALA C 316 17.41 -9.16 -11.66
N ASN C 317 17.55 -8.01 -12.35
CA ASN C 317 16.75 -7.76 -13.54
C ASN C 317 17.07 -8.77 -14.64
N LEU C 318 18.36 -9.01 -14.89
CA LEU C 318 18.75 -9.96 -15.93
C LEU C 318 18.28 -11.37 -15.58
N TYR C 319 18.33 -11.75 -14.30
CA TYR C 319 17.88 -13.07 -13.90
C TYR C 319 16.36 -13.19 -14.01
N ILE C 320 15.62 -12.13 -13.67
CA ILE C 320 14.17 -12.17 -13.76
C ILE C 320 13.73 -12.46 -15.19
N ASP C 321 14.38 -11.81 -16.16
CA ASP C 321 14.04 -12.04 -17.57
C ASP C 321 14.37 -13.47 -17.99
N GLN C 322 15.56 -13.95 -17.62
CA GLN C 322 15.94 -15.32 -17.97
C GLN C 322 14.97 -16.34 -17.37
N ILE C 323 14.57 -16.12 -16.11
CA ILE C 323 13.69 -17.07 -15.45
C ILE C 323 12.31 -17.07 -16.09
N GLU C 324 11.81 -15.89 -16.48
CA GLU C 324 10.49 -15.83 -17.11
C GLU C 324 10.49 -16.52 -18.47
N GLU C 325 11.55 -16.32 -19.25
CA GLU C 325 11.69 -17.05 -20.51
C GLU C 325 11.74 -18.56 -20.26
N LEU C 326 12.42 -18.97 -19.19
CA LEU C 326 12.50 -20.38 -18.86
C LEU C 326 11.15 -20.94 -18.42
N MET C 327 10.40 -20.15 -17.64
CA MET C 327 9.05 -20.56 -17.23
C MET C 327 8.18 -20.85 -18.43
N PHE C 328 8.24 -20.00 -19.45
CA PHE C 328 7.47 -20.21 -20.67
C PHE C 328 7.76 -21.57 -21.28
N GLU C 329 9.03 -21.97 -21.26
CA GLU C 329 9.43 -23.20 -21.95
C GLU C 329 9.12 -24.45 -21.14
N LEU C 330 9.30 -24.40 -19.82
CA LEU C 330 9.22 -25.59 -18.98
C LEU C 330 7.78 -25.82 -18.49
N SER C 331 6.93 -26.22 -19.43
CA SER C 331 5.54 -26.52 -19.12
C SER C 331 5.32 -27.98 -18.77
N MET C 332 6.38 -28.79 -18.70
CA MET C 332 6.27 -30.22 -18.38
C MET C 332 5.47 -30.45 -17.12
N TRP C 333 4.87 -31.65 -17.02
CA TRP C 333 4.22 -32.09 -15.80
C TRP C 333 4.97 -33.21 -15.10
N ARG C 334 5.87 -33.90 -15.78
CA ARG C 334 6.64 -34.99 -15.21
C ARG C 334 7.79 -34.42 -14.37
N CYS C 335 7.84 -34.80 -13.10
CA CYS C 335 8.89 -34.34 -12.20
C CYS C 335 9.20 -35.45 -11.20
N ASN C 336 10.33 -35.33 -10.53
CA ASN C 336 10.65 -36.27 -9.47
C ASN C 336 9.91 -35.89 -8.19
N ASP C 337 10.13 -36.66 -7.14
CA ASP C 337 9.32 -36.50 -5.93
C ASP C 337 9.75 -35.29 -5.12
N GLU C 338 11.06 -35.00 -5.05
CA GLU C 338 11.53 -33.83 -4.33
C GLU C 338 10.89 -32.56 -4.88
N LEU C 339 10.79 -32.44 -6.21
CA LEU C 339 10.20 -31.26 -6.81
C LEU C 339 8.68 -31.24 -6.65
N ARG C 340 8.03 -32.40 -6.82
CA ARG C 340 6.58 -32.48 -6.65
C ARG C 340 6.18 -32.02 -5.25
N VAL C 341 6.91 -32.47 -4.23
CA VAL C 341 6.63 -32.06 -2.86
C VAL C 341 6.85 -30.56 -2.69
N ARG C 342 7.97 -30.05 -3.23
CA ARG C 342 8.24 -28.62 -3.07
C ARG C 342 7.23 -27.78 -3.83
N ALA C 343 6.72 -28.29 -4.96
CA ALA C 343 5.74 -27.54 -5.74
C ALA C 343 4.35 -27.58 -5.13
N GLU C 344 4.03 -28.63 -4.36
CA GLU C 344 2.72 -28.67 -3.70
C GLU C 344 2.69 -27.70 -2.52
N GLU C 345 3.75 -27.69 -1.72
CA GLU C 345 4.06 -26.50 -0.95
C GLU C 345 4.21 -25.34 -1.93
N LEU C 346 4.11 -24.11 -1.41
CA LEU C 346 4.03 -22.88 -2.22
C LEU C 346 2.64 -22.77 -2.85
N ILE C 365 0.97 -20.73 -12.15
CA ILE C 365 -0.19 -20.77 -11.28
C ILE C 365 -0.90 -22.16 -11.21
N PRO C 366 -0.93 -22.94 -12.29
CA PRO C 366 -1.59 -24.26 -12.20
C PRO C 366 -0.67 -25.30 -11.62
N PRO C 367 -1.18 -26.17 -10.74
CA PRO C 367 -0.29 -27.12 -10.04
C PRO C 367 0.23 -28.23 -10.91
N ASN C 368 -0.38 -28.46 -12.08
CA ASN C 368 0.09 -29.43 -13.07
C ASN C 368 1.36 -28.99 -13.78
N GLU C 369 1.87 -27.80 -13.47
CA GLU C 369 3.06 -27.24 -14.10
C GLU C 369 4.09 -26.97 -13.01
N PRO C 370 4.69 -28.02 -12.46
CA PRO C 370 5.49 -27.84 -11.24
C PRO C 370 6.76 -27.01 -11.44
N TYR C 371 7.41 -27.14 -12.60
CA TYR C 371 8.60 -26.33 -12.86
C TYR C 371 8.26 -24.84 -12.86
N ARG C 372 7.07 -24.50 -13.37
CA ARG C 372 6.65 -23.11 -13.34
C ARG C 372 6.35 -22.63 -11.92
N VAL C 373 5.92 -23.56 -11.05
CA VAL C 373 5.66 -23.18 -9.67
C VAL C 373 6.97 -22.85 -8.95
N ILE C 374 7.98 -23.71 -9.11
CA ILE C 374 9.28 -23.46 -8.49
C ILE C 374 9.91 -22.18 -9.03
N LEU C 375 9.97 -22.07 -10.36
CA LEU C 375 10.61 -20.90 -10.97
C LEU C 375 9.83 -19.62 -10.68
N GLY C 376 8.50 -19.71 -10.52
CA GLY C 376 7.73 -18.55 -10.13
C GLY C 376 8.07 -18.06 -8.74
N HIS C 377 8.43 -18.97 -7.83
CA HIS C 377 8.87 -18.56 -6.50
C HIS C 377 10.25 -17.91 -6.56
N VAL C 378 11.15 -18.48 -7.37
CA VAL C 378 12.47 -17.88 -7.57
C VAL C 378 12.33 -16.45 -8.06
N ARG C 379 11.46 -16.24 -9.04
CA ARG C 379 11.25 -14.90 -9.58
C ARG C 379 10.72 -13.95 -8.51
N ASP C 380 9.82 -14.43 -7.66
CA ASP C 380 9.34 -13.61 -6.55
C ASP C 380 10.50 -13.17 -5.65
N LYS C 381 11.37 -14.12 -5.28
CA LYS C 381 12.49 -13.78 -4.42
C LYS C 381 13.52 -12.92 -5.15
N LEU C 382 13.62 -13.06 -6.47
CA LEU C 382 14.50 -12.17 -7.24
C LEU C 382 13.98 -10.73 -7.23
N TYR C 383 12.66 -10.56 -7.41
CA TYR C 383 12.08 -9.22 -7.37
C TYR C 383 12.27 -8.59 -6.00
N ASN C 384 12.12 -9.38 -4.94
CA ASN C 384 12.42 -8.91 -3.58
C ASN C 384 13.89 -8.53 -3.46
N THR C 385 14.78 -9.36 -4.00
CA THR C 385 16.21 -9.05 -3.97
C THR C 385 16.48 -7.71 -4.63
N ARG C 386 15.81 -7.43 -5.75
CA ARG C 386 16.04 -6.15 -6.44
C ARG C 386 15.46 -4.98 -5.64
N GLU C 387 14.22 -5.12 -5.16
CA GLU C 387 13.59 -4.03 -4.42
C GLU C 387 14.38 -3.69 -3.16
N ARG C 388 14.87 -4.72 -2.46
CA ARG C 388 15.69 -4.48 -1.28
C ARG C 388 16.92 -3.65 -1.63
N ALA C 389 17.58 -3.98 -2.75
CA ALA C 389 18.73 -3.21 -3.18
C ALA C 389 18.34 -1.78 -3.53
N ARG C 390 17.19 -1.62 -4.21
CA ARG C 390 16.73 -0.28 -4.57
C ARG C 390 16.46 0.55 -3.33
N HIS C 391 15.87 -0.05 -2.29
CA HIS C 391 15.57 0.68 -1.07
C HIS C 391 16.86 1.09 -0.35
N LEU C 392 17.79 0.14 -0.18
CA LEU C 392 19.08 0.47 0.43
C LEU C 392 19.81 1.54 -0.37
N LEU C 393 19.64 1.56 -1.69
CA LEU C 393 20.31 2.55 -2.52
C LEU C 393 19.75 3.94 -2.25
N ALA C 394 18.43 4.08 -2.20
CA ALA C 394 17.82 5.38 -2.00
C ALA C 394 17.81 5.78 -0.53
N SER C 395 17.26 4.93 0.33
CA SER C 395 17.04 5.27 1.73
C SER C 395 18.23 4.95 2.63
N GLY C 396 19.01 3.95 2.26
CA GLY C 396 20.01 3.39 3.15
C GLY C 396 19.48 2.28 4.03
N VAL C 397 18.20 1.91 3.89
CA VAL C 397 17.59 0.92 4.77
C VAL C 397 16.38 0.33 4.06
N SER C 398 16.05 -0.91 4.44
CA SER C 398 15.03 -1.68 3.70
C SER C 398 14.31 -2.60 4.67
N GLU C 399 12.99 -2.46 4.76
CA GLU C 399 12.18 -3.39 5.53
C GLU C 399 11.86 -4.66 4.78
N ILE C 400 12.35 -4.81 3.56
CA ILE C 400 12.26 -6.09 2.85
C ILE C 400 13.29 -7.03 3.46
N SER C 401 12.81 -8.10 4.08
CA SER C 401 13.69 -8.99 4.83
C SER C 401 14.68 -9.70 3.91
N ALA C 402 15.88 -9.95 4.45
CA ALA C 402 16.87 -10.75 3.72
C ALA C 402 16.39 -12.17 3.51
N GLU C 403 15.46 -12.64 4.35
CA GLU C 403 14.95 -14.00 4.21
C GLU C 403 14.05 -14.12 2.99
N SER C 404 13.22 -13.11 2.72
CA SER C 404 12.33 -13.12 1.57
C SER C 404 13.07 -12.90 0.25
N SER C 405 14.38 -12.73 0.28
CA SER C 405 15.19 -12.47 -0.90
C SER C 405 16.33 -13.48 -0.94
N PHE C 406 17.17 -13.37 -1.97
CA PHE C 406 18.35 -14.22 -2.11
C PHE C 406 19.55 -13.47 -1.55
N THR C 407 20.18 -14.07 -0.53
CA THR C 407 21.35 -13.48 0.12
C THR C 407 22.66 -14.15 -0.25
N SER C 408 22.61 -15.37 -0.75
CA SER C 408 23.81 -16.08 -1.14
C SER C 408 23.58 -16.74 -2.50
N ILE C 409 24.68 -17.09 -3.17
CA ILE C 409 24.56 -17.76 -4.46
C ILE C 409 23.95 -19.14 -4.30
N GLU C 410 24.20 -19.80 -3.16
CA GLU C 410 23.80 -21.20 -3.00
C GLU C 410 22.30 -21.33 -2.78
N GLU C 411 21.68 -20.35 -2.10
CA GLU C 411 20.23 -20.41 -1.93
C GLU C 411 19.49 -20.02 -3.21
N PHE C 412 20.12 -19.24 -4.09
CA PHE C 412 19.59 -19.04 -5.44
C PHE C 412 19.72 -20.31 -6.27
N LEU C 413 20.80 -21.06 -6.06
CA LEU C 413 21.07 -22.23 -6.89
C LEU C 413 20.19 -23.41 -6.53
N GLU C 414 19.84 -23.55 -5.25
CA GLU C 414 19.11 -24.71 -4.73
C GLU C 414 17.88 -25.03 -5.57
N PRO C 415 16.96 -24.09 -5.80
CA PRO C 415 15.78 -24.44 -6.61
C PRO C 415 16.10 -24.71 -8.08
N LEU C 416 17.14 -24.07 -8.63
CA LEU C 416 17.49 -24.33 -10.02
C LEU C 416 18.10 -25.71 -10.20
N GLU C 417 18.98 -26.12 -9.27
CA GLU C 417 19.55 -27.45 -9.34
C GLU C 417 18.52 -28.52 -9.07
N LEU C 418 17.47 -28.19 -8.30
CA LEU C 418 16.37 -29.11 -8.09
C LEU C 418 15.64 -29.37 -9.41
N CYS C 419 15.39 -28.31 -10.17
CA CYS C 419 14.75 -28.46 -11.48
C CYS C 419 15.62 -29.30 -12.40
N TYR C 420 16.93 -29.06 -12.40
CA TYR C 420 17.83 -29.79 -13.29
C TYR C 420 17.85 -31.28 -12.94
N LYS C 421 17.96 -31.59 -11.64
CA LYS C 421 17.94 -32.99 -11.21
C LYS C 421 16.61 -33.65 -11.56
N SER C 422 15.50 -32.94 -11.35
CA SER C 422 14.18 -33.50 -11.63
C SER C 422 14.02 -33.82 -13.11
N LEU C 423 14.44 -32.90 -13.98
CA LEU C 423 14.35 -33.16 -15.42
C LEU C 423 15.21 -34.35 -15.81
N CYS C 424 16.40 -34.47 -15.24
CA CYS C 424 17.27 -35.60 -15.55
C CYS C 424 16.65 -36.90 -15.04
N ASP C 425 16.09 -36.90 -13.83
CA ASP C 425 15.53 -38.12 -13.27
C ASP C 425 14.37 -38.64 -14.11
N CYS C 426 13.71 -37.77 -14.87
CA CYS C 426 12.61 -38.16 -15.75
C CYS C 426 13.07 -38.36 -17.19
N GLY C 427 14.35 -38.61 -17.40
CA GLY C 427 14.86 -38.82 -18.75
C GLY C 427 14.79 -37.61 -19.64
N ASP C 428 14.73 -36.41 -19.06
CA ASP C 428 14.65 -35.17 -19.81
C ASP C 428 15.92 -34.34 -19.70
N LYS C 429 17.08 -35.01 -19.56
CA LYS C 429 18.34 -34.30 -19.44
C LYS C 429 18.61 -33.44 -20.67
N ALA C 430 18.18 -33.91 -21.84
CA ALA C 430 18.34 -33.12 -23.05
C ALA C 430 17.66 -31.76 -22.91
N ILE C 431 16.45 -31.72 -22.36
CA ILE C 431 15.79 -30.45 -22.11
C ILE C 431 16.54 -29.65 -21.05
N ALA C 432 17.00 -30.34 -19.99
CA ALA C 432 17.78 -29.66 -18.95
C ALA C 432 19.01 -29.00 -19.54
N ASP C 433 19.66 -29.65 -20.49
CA ASP C 433 20.90 -29.14 -21.08
C ASP C 433 20.68 -28.02 -22.08
N GLY C 434 19.45 -27.51 -22.20
CA GLY C 434 19.20 -26.33 -22.99
C GLY C 434 19.21 -25.09 -22.14
N SER C 435 18.05 -24.45 -21.98
CA SER C 435 18.01 -23.12 -21.38
C SER C 435 18.34 -23.16 -19.90
N LEU C 436 17.91 -24.21 -19.19
CA LEU C 436 18.19 -24.29 -17.76
C LEU C 436 19.69 -24.41 -17.50
N LEU C 437 20.40 -25.12 -18.39
CA LEU C 437 21.86 -25.20 -18.26
C LEU C 437 22.51 -23.84 -18.49
N ASP C 438 22.03 -23.10 -19.48
CA ASP C 438 22.57 -21.76 -19.72
C ASP C 438 22.38 -20.87 -18.51
N LEU C 439 21.23 -20.97 -17.84
CA LEU C 439 20.98 -20.14 -16.66
C LEU C 439 21.91 -20.51 -15.53
N LEU C 440 22.10 -21.82 -15.29
CA LEU C 440 23.02 -22.27 -14.25
C LEU C 440 24.43 -21.77 -14.53
N ARG C 441 24.86 -21.84 -15.80
CA ARG C 441 26.19 -21.33 -16.14
C ARG C 441 26.27 -19.83 -15.94
N GLN C 442 25.15 -19.12 -16.17
CA GLN C 442 25.13 -17.69 -15.88
C GLN C 442 25.26 -17.43 -14.38
N VAL C 443 24.58 -18.23 -13.55
CA VAL C 443 24.67 -18.03 -12.11
C VAL C 443 26.09 -18.23 -11.63
N PHE C 444 26.77 -19.26 -12.12
CA PHE C 444 28.14 -19.53 -11.68
C PHE C 444 29.15 -18.58 -12.31
N THR C 445 28.76 -17.86 -13.37
CA THR C 445 29.65 -16.90 -14.01
C THR C 445 29.51 -15.50 -13.41
N PHE C 446 28.27 -15.06 -13.18
CA PHE C 446 28.00 -13.69 -12.79
C PHE C 446 27.62 -13.52 -11.33
N GLY C 447 27.15 -14.57 -10.67
CA GLY C 447 26.76 -14.42 -9.29
C GLY C 447 25.55 -13.51 -9.16
N LEU C 448 25.39 -12.96 -7.96
CA LEU C 448 24.30 -12.05 -7.68
C LEU C 448 24.66 -10.58 -7.89
N SER C 449 25.82 -10.29 -8.49
CA SER C 449 26.26 -8.91 -8.68
C SER C 449 26.91 -8.68 -10.04
N LEU C 450 26.78 -9.65 -10.96
CA LEU C 450 27.36 -9.54 -12.30
C LEU C 450 28.88 -9.53 -12.26
N VAL C 451 29.45 -8.57 -11.53
CA VAL C 451 30.90 -8.40 -11.44
C VAL C 451 31.29 -8.26 -9.97
N LYS C 452 32.54 -8.59 -9.69
CA LYS C 452 33.15 -8.35 -8.39
C LYS C 452 34.00 -7.08 -8.47
N LEU C 453 33.90 -6.25 -7.44
CA LEU C 453 34.50 -4.92 -7.45
C LEU C 453 35.90 -4.96 -6.84
N ASP C 454 36.90 -4.58 -7.63
CA ASP C 454 38.24 -4.36 -7.10
C ASP C 454 38.31 -3.00 -6.40
N ILE C 455 39.03 -2.96 -5.29
CA ILE C 455 39.35 -1.72 -4.59
C ILE C 455 40.82 -1.41 -4.83
N ARG C 456 41.13 -0.14 -5.09
CA ARG C 456 42.51 0.27 -5.26
C ARG C 456 42.77 1.60 -4.57
N GLN C 457 43.95 1.69 -3.94
CA GLN C 457 44.39 2.89 -3.24
C GLN C 457 45.91 2.88 -3.21
N GLU C 458 46.50 4.07 -3.10
CA GLU C 458 47.95 4.21 -3.09
C GLU C 458 48.51 3.91 -1.71
N SER C 459 49.70 3.29 -1.67
CA SER C 459 50.26 2.81 -0.42
C SER C 459 50.53 3.95 0.56
N GLU C 460 50.96 5.12 0.05
CA GLU C 460 51.26 6.23 0.96
C GLU C 460 50.02 6.74 1.69
N ARG C 461 48.83 6.57 1.10
CA ARG C 461 47.60 6.93 1.82
C ARG C 461 47.40 6.02 3.02
N HIS C 462 47.78 4.74 2.92
CA HIS C 462 47.72 3.86 4.08
C HIS C 462 48.78 4.23 5.11
N THR C 463 49.98 4.60 4.66
CA THR C 463 51.01 5.06 5.58
C THR C 463 50.53 6.28 6.36
N ASP C 464 49.86 7.21 5.68
CA ASP C 464 49.32 8.39 6.36
C ASP C 464 48.40 7.99 7.50
N VAL C 465 47.54 6.98 7.28
CA VAL C 465 46.60 6.56 8.31
C VAL C 465 47.35 5.98 9.50
N ILE C 466 48.34 5.13 9.25
CA ILE C 466 49.04 4.47 10.34
C ILE C 466 49.90 5.46 11.10
N ASP C 467 50.50 6.43 10.41
CA ASP C 467 51.27 7.46 11.11
C ASP C 467 50.38 8.31 12.00
N ALA C 468 49.14 8.57 11.57
CA ALA C 468 48.21 9.28 12.43
C ALA C 468 47.89 8.47 13.68
N ILE C 469 47.85 7.15 13.54
CA ILE C 469 47.51 6.30 14.68
C ILE C 469 48.69 6.25 15.67
N THR C 470 49.90 6.05 15.15
CA THR C 470 51.04 5.91 16.05
C THR C 470 51.38 7.22 16.76
N THR C 471 51.26 8.35 16.06
CA THR C 471 51.53 9.62 16.73
C THR C 471 50.43 9.94 17.76
N HIS C 472 49.17 9.71 17.39
CA HIS C 472 48.08 9.97 18.34
C HIS C 472 48.21 9.09 19.58
N LEU C 473 48.68 7.85 19.40
CA LEU C 473 48.92 6.95 20.53
C LEU C 473 50.24 7.23 21.22
N GLY C 474 51.07 8.10 20.67
CA GLY C 474 52.31 8.47 21.31
C GLY C 474 53.38 7.40 21.28
N ILE C 475 53.36 6.52 20.27
CA ILE C 475 54.39 5.49 20.13
C ILE C 475 55.38 5.82 19.02
N GLY C 476 55.27 7.00 18.41
CA GLY C 476 56.22 7.45 17.42
C GLY C 476 55.57 7.65 16.07
N SER C 477 56.42 7.81 15.05
CA SER C 477 55.98 8.10 13.69
C SER C 477 56.27 6.87 12.82
N TYR C 478 55.20 6.17 12.43
CA TYR C 478 55.35 5.02 11.53
C TYR C 478 56.00 5.42 10.22
N ARG C 479 55.82 6.67 9.79
CA ARG C 479 56.38 7.11 8.51
C ARG C 479 57.90 7.16 8.56
N GLU C 480 58.47 7.65 9.67
CA GLU C 480 59.91 7.78 9.75
C GLU C 480 60.61 6.44 9.94
N TRP C 481 59.89 5.42 10.41
CA TRP C 481 60.50 4.12 10.65
C TRP C 481 61.01 3.51 9.35
N SER C 482 62.08 2.74 9.46
CA SER C 482 62.60 1.96 8.34
C SER C 482 61.61 0.85 8.00
N GLU C 483 61.84 0.23 6.84
CA GLU C 483 61.00 -0.89 6.43
C GLU C 483 61.02 -2.01 7.46
N ASP C 484 62.21 -2.37 7.95
CA ASP C 484 62.32 -3.45 8.93
C ASP C 484 61.56 -3.13 10.21
N LYS C 485 61.63 -1.88 10.67
CA LYS C 485 60.90 -1.51 11.89
C LYS C 485 59.40 -1.51 11.66
N ARG C 486 58.96 -1.10 10.47
CA ARG C 486 57.54 -1.14 10.15
C ARG C 486 57.02 -2.57 10.19
N GLN C 487 57.73 -3.49 9.55
CA GLN C 487 57.33 -4.89 9.57
C GLN C 487 57.30 -5.43 11.01
N GLU C 488 58.34 -5.13 11.78
CA GLU C 488 58.38 -5.58 13.17
C GLU C 488 57.17 -5.10 13.94
N TRP C 489 56.83 -3.82 13.82
CA TRP C 489 55.69 -3.28 14.56
C TRP C 489 54.37 -3.84 14.03
N LEU C 490 54.19 -3.83 12.71
CA LEU C 490 52.96 -4.35 12.11
C LEU C 490 52.71 -5.78 12.55
N LEU C 491 53.74 -6.62 12.51
CA LEU C 491 53.57 -8.02 12.85
C LEU C 491 53.21 -8.21 14.32
N SER C 492 53.77 -7.39 15.20
CA SER C 492 53.39 -7.49 16.61
C SER C 492 51.94 -7.08 16.82
N GLU C 493 51.43 -6.14 16.01
CA GLU C 493 50.02 -5.77 16.10
C GLU C 493 49.13 -6.84 15.49
N LEU C 494 49.52 -7.39 14.33
CA LEU C 494 48.71 -8.40 13.68
C LEU C 494 48.66 -9.68 14.51
N ARG C 495 49.77 -10.02 15.18
CA ARG C 495 49.80 -11.19 16.05
C ARG C 495 49.16 -10.91 17.41
N GLY C 496 49.13 -9.67 17.85
CA GLY C 496 48.53 -9.34 19.12
C GLY C 496 47.02 -9.52 19.10
N LYS C 497 46.43 -9.40 20.29
CA LYS C 497 45.00 -9.60 20.45
C LYS C 497 44.27 -8.35 20.90
N ARG C 498 44.95 -7.20 20.96
CA ARG C 498 44.33 -5.95 21.42
C ARG C 498 44.10 -5.01 20.25
N PRO C 499 42.91 -4.43 20.15
CA PRO C 499 42.61 -3.54 19.01
C PRO C 499 43.45 -2.27 19.06
N LEU C 500 43.41 -1.53 17.97
CA LEU C 500 44.36 -0.45 17.74
C LEU C 500 43.72 0.88 17.40
N LEU C 501 42.71 0.91 16.53
CA LEU C 501 42.17 2.14 15.99
C LEU C 501 41.28 2.84 17.01
N PRO C 502 41.69 4.00 17.53
CA PRO C 502 40.85 4.70 18.51
C PRO C 502 39.71 5.40 17.80
N PRO C 503 38.50 5.34 18.38
CA PRO C 503 37.35 5.99 17.73
C PRO C 503 37.46 7.50 17.72
N ASP C 504 38.33 8.06 18.55
CA ASP C 504 38.52 9.51 18.66
C ASP C 504 39.61 10.03 17.72
N LEU C 505 40.17 9.17 16.87
CA LEU C 505 41.36 9.53 16.10
C LEU C 505 41.10 10.79 15.27
N PRO C 506 41.93 11.82 15.40
CA PRO C 506 41.80 13.00 14.53
C PRO C 506 42.12 12.64 13.09
N GLN C 507 41.17 12.91 12.20
CA GLN C 507 41.27 12.49 10.81
C GLN C 507 41.20 13.69 9.88
N THR C 508 42.11 13.75 8.93
CA THR C 508 41.99 14.65 7.80
C THR C 508 40.94 14.11 6.82
N GLU C 509 40.62 14.91 5.82
CA GLU C 509 39.70 14.47 4.77
C GLU C 509 40.20 13.20 4.10
N GLU C 510 41.51 13.12 3.83
CA GLU C 510 42.06 11.95 3.15
C GLU C 510 42.06 10.72 4.05
N ILE C 511 42.48 10.89 5.31
CA ILE C 511 42.50 9.76 6.24
C ILE C 511 41.09 9.26 6.49
N ALA C 512 40.13 10.18 6.58
CA ALA C 512 38.74 9.78 6.76
C ALA C 512 38.22 9.00 5.56
N ASP C 513 38.69 9.35 4.34
CA ASP C 513 38.26 8.61 3.16
C ASP C 513 38.76 7.17 3.18
N VAL C 514 40.02 6.97 3.62
CA VAL C 514 40.56 5.62 3.68
C VAL C 514 39.82 4.78 4.71
N ILE C 515 39.70 5.30 5.94
CA ILE C 515 38.96 4.58 6.98
C ILE C 515 37.52 4.37 6.56
N GLY C 516 36.90 5.38 5.93
CA GLY C 516 35.51 5.26 5.54
C GLY C 516 35.30 4.21 4.46
N ALA C 517 36.27 4.07 3.55
CA ALA C 517 36.17 3.02 2.53
C ALA C 517 36.19 1.64 3.18
N PHE C 518 37.12 1.43 4.12
CA PHE C 518 37.18 0.15 4.83
C PHE C 518 35.88 -0.14 5.57
N HIS C 519 35.28 0.89 6.18
CA HIS C 519 34.01 0.70 6.87
C HIS C 519 32.90 0.30 5.90
N VAL C 520 32.94 0.82 4.67
CA VAL C 520 31.95 0.40 3.68
C VAL C 520 32.18 -1.06 3.30
N LEU C 521 33.45 -1.46 3.13
CA LEU C 521 33.76 -2.84 2.82
C LEU C 521 33.27 -3.79 3.92
N ALA C 522 33.38 -3.37 5.18
CA ALA C 522 32.97 -4.23 6.28
C ALA C 522 31.46 -4.44 6.30
N GLU C 523 30.70 -3.48 5.77
CA GLU C 523 29.24 -3.51 5.87
C GLU C 523 28.57 -4.21 4.70
N LEU C 524 29.25 -4.38 3.57
CA LEU C 524 28.66 -4.98 2.39
C LEU C 524 28.96 -6.47 2.33
N PRO C 525 28.21 -7.22 1.52
CA PRO C 525 28.47 -8.67 1.41
C PRO C 525 29.85 -8.95 0.85
N PRO C 526 30.52 -9.97 1.37
CA PRO C 526 31.87 -10.31 0.86
C PRO C 526 31.91 -10.61 -0.63
N ASP C 527 30.85 -11.19 -1.20
CA ASP C 527 30.91 -11.55 -2.62
C ASP C 527 30.72 -10.35 -3.55
N SER C 528 30.56 -9.14 -3.00
CA SER C 528 30.56 -7.94 -3.82
C SER C 528 31.96 -7.54 -4.27
N PHE C 529 33.00 -8.07 -3.63
CA PHE C 529 34.35 -7.57 -3.80
C PHE C 529 35.31 -8.63 -4.30
N GLY C 530 36.34 -8.18 -4.99
CA GLY C 530 37.51 -8.96 -5.24
C GLY C 530 38.65 -8.50 -4.35
N PRO C 531 39.78 -8.16 -4.96
CA PRO C 531 40.95 -7.80 -4.17
C PRO C 531 40.99 -6.33 -3.76
N TYR C 532 41.85 -6.05 -2.79
CA TYR C 532 42.26 -4.69 -2.45
C TYR C 532 43.66 -4.51 -3.03
N ILE C 533 43.78 -3.61 -4.01
CA ILE C 533 45.02 -3.41 -4.76
C ILE C 533 45.74 -2.19 -4.21
N ILE C 534 47.03 -2.33 -3.99
CA ILE C 534 47.88 -1.26 -3.47
C ILE C 534 48.67 -0.68 -4.63
N SER C 535 48.32 0.53 -5.06
CA SER C 535 49.11 1.22 -6.06
C SER C 535 50.45 1.66 -5.46
N MET C 536 51.48 1.62 -6.30
CA MET C 536 52.84 2.04 -5.91
C MET C 536 53.36 1.22 -4.74
N ALA C 537 53.10 -0.09 -4.77
CA ALA C 537 53.61 -0.98 -3.73
C ALA C 537 55.11 -1.19 -3.92
N THR C 538 55.87 -1.08 -2.82
CA THR C 538 57.32 -1.20 -2.88
C THR C 538 57.91 -2.20 -1.91
N ALA C 539 57.19 -2.64 -0.89
CA ALA C 539 57.79 -3.43 0.18
C ALA C 539 56.69 -4.16 0.93
N PRO C 540 57.03 -5.25 1.64
CA PRO C 540 56.00 -6.02 2.35
C PRO C 540 55.14 -5.22 3.32
N SER C 541 55.70 -4.18 3.96
CA SER C 541 54.90 -3.40 4.90
C SER C 541 53.69 -2.76 4.24
N ASP C 542 53.80 -2.44 2.94
CA ASP C 542 52.64 -1.93 2.20
C ASP C 542 51.47 -2.90 2.30
N VAL C 543 51.74 -4.19 2.07
CA VAL C 543 50.69 -5.19 2.13
C VAL C 543 50.23 -5.39 3.57
N LEU C 544 51.18 -5.51 4.50
CA LEU C 544 50.83 -5.78 5.89
C LEU C 544 50.06 -4.62 6.52
N ALA C 545 50.31 -3.39 6.06
CA ALA C 545 49.55 -2.26 6.58
C ALA C 545 48.08 -2.35 6.22
N VAL C 546 47.76 -2.76 4.99
CA VAL C 546 46.37 -2.88 4.59
C VAL C 546 45.69 -4.02 5.35
N GLU C 547 46.42 -5.10 5.63
CA GLU C 547 45.87 -6.18 6.44
C GLU C 547 45.50 -5.68 7.83
N LEU C 548 46.34 -4.83 8.41
CA LEU C 548 46.05 -4.29 9.74
C LEU C 548 44.84 -3.36 9.68
N LEU C 549 44.79 -2.50 8.67
CA LEU C 549 43.69 -1.53 8.59
C LEU C 549 42.36 -2.22 8.33
N GLN C 550 42.36 -3.24 7.46
CA GLN C 550 41.15 -4.03 7.21
C GLN C 550 40.58 -4.57 8.51
N ARG C 551 41.45 -5.14 9.35
CA ARG C 551 40.99 -5.77 10.58
C ARG C 551 40.53 -4.74 11.60
N GLU C 552 41.28 -3.65 11.75
CA GLU C 552 40.92 -2.65 12.76
C GLU C 552 39.73 -1.81 12.34
N CYS C 553 39.37 -1.82 11.06
CA CYS C 553 38.16 -1.17 10.60
C CYS C 553 36.96 -2.11 10.55
N GLY C 554 37.15 -3.38 10.92
CA GLY C 554 36.03 -4.28 11.11
C GLY C 554 35.65 -5.14 9.93
N VAL C 555 36.53 -5.34 8.95
CA VAL C 555 36.22 -6.19 7.81
C VAL C 555 36.36 -7.64 8.27
N ARG C 556 35.22 -8.28 8.50
CA ARG C 556 35.17 -9.61 9.08
C ARG C 556 35.75 -10.66 8.14
N GLN C 557 35.47 -10.54 6.85
CA GLN C 557 36.08 -11.39 5.82
C GLN C 557 37.01 -10.51 4.99
N PRO C 558 38.30 -10.47 5.31
CA PRO C 558 39.18 -9.49 4.64
C PRO C 558 39.30 -9.75 3.16
N LEU C 559 39.58 -8.69 2.43
CA LEU C 559 39.84 -8.82 1.01
C LEU C 559 41.28 -9.28 0.80
N PRO C 560 41.52 -10.10 -0.23
CA PRO C 560 42.91 -10.39 -0.61
C PRO C 560 43.63 -9.12 -1.00
N VAL C 561 44.82 -8.92 -0.44
CA VAL C 561 45.60 -7.72 -0.66
C VAL C 561 46.56 -7.98 -1.82
N VAL C 562 46.61 -7.06 -2.78
CA VAL C 562 47.33 -7.26 -4.03
C VAL C 562 48.27 -6.09 -4.29
N PRO C 563 49.59 -6.29 -4.17
CA PRO C 563 50.52 -5.21 -4.50
C PRO C 563 50.57 -4.97 -5.99
N LEU C 564 50.65 -3.69 -6.37
CA LEU C 564 50.87 -3.27 -7.76
C LEU C 564 52.29 -2.73 -7.83
N PHE C 565 53.19 -3.51 -8.44
CA PHE C 565 54.59 -3.13 -8.56
C PHE C 565 54.74 -2.36 -9.86
N GLU C 566 55.05 -1.07 -9.76
CA GLU C 566 55.01 -0.14 -10.88
C GLU C 566 56.39 0.21 -11.42
N ARG C 567 57.32 0.64 -10.56
CA ARG C 567 58.62 1.06 -11.03
C ARG C 567 59.55 -0.13 -11.20
N LEU C 568 60.61 0.08 -12.00
CA LEU C 568 61.54 -0.99 -12.32
C LEU C 568 62.18 -1.56 -11.06
N ALA C 569 62.53 -0.70 -10.11
CA ALA C 569 63.11 -1.16 -8.86
C ALA C 569 62.11 -1.99 -8.06
N ASP C 570 60.82 -1.62 -8.12
CA ASP C 570 59.80 -2.39 -7.39
C ASP C 570 59.58 -3.75 -8.02
N LEU C 571 59.66 -3.84 -9.34
CA LEU C 571 59.55 -5.13 -10.01
C LEU C 571 60.73 -6.02 -9.65
N GLN C 572 61.93 -5.45 -9.59
CA GLN C 572 63.12 -6.27 -9.38
C GLN C 572 63.23 -6.76 -7.93
N SER C 573 62.66 -6.02 -6.98
CA SER C 573 62.58 -6.48 -5.59
C SER C 573 61.26 -7.17 -5.28
N ALA C 574 60.36 -7.28 -6.25
CA ALA C 574 59.08 -7.96 -6.02
C ALA C 574 59.25 -9.41 -5.55
N PRO C 575 60.11 -10.24 -6.15
CA PRO C 575 60.26 -11.61 -5.62
C PRO C 575 60.70 -11.65 -4.17
N ALA C 576 61.60 -10.74 -3.77
CA ALA C 576 62.05 -10.70 -2.39
C ALA C 576 60.94 -10.21 -1.46
N SER C 577 60.12 -9.27 -1.92
CA SER C 577 59.01 -8.79 -1.11
C SER C 577 57.96 -9.87 -0.93
N VAL C 578 57.66 -10.60 -2.00
CA VAL C 578 56.70 -11.70 -1.91
C VAL C 578 57.26 -12.82 -1.03
N GLU C 579 58.55 -13.12 -1.16
CA GLU C 579 59.16 -14.16 -0.35
C GLU C 579 59.07 -13.85 1.14
N ARG C 580 59.32 -12.59 1.52
CA ARG C 580 59.25 -12.25 2.94
C ARG C 580 57.82 -12.33 3.46
N LEU C 581 56.84 -11.88 2.67
CA LEU C 581 55.44 -12.05 3.05
C LEU C 581 55.12 -13.53 3.27
N PHE C 582 55.48 -14.37 2.30
CA PHE C 582 55.21 -15.80 2.40
C PHE C 582 55.93 -16.46 3.57
N SER C 583 57.01 -15.87 4.07
CA SER C 583 57.77 -16.46 5.17
C SER C 583 57.23 -16.07 6.54
N VAL C 584 56.16 -15.31 6.59
CA VAL C 584 55.58 -14.86 7.85
C VAL C 584 54.39 -15.75 8.18
N ASP C 585 54.41 -16.37 9.36
CA ASP C 585 53.39 -17.34 9.73
C ASP C 585 51.98 -16.73 9.66
N TRP C 586 51.83 -15.51 10.21
CA TRP C 586 50.52 -14.87 10.19
C TRP C 586 50.01 -14.71 8.76
N TYR C 587 50.86 -14.24 7.85
CA TYR C 587 50.40 -13.94 6.51
C TYR C 587 50.10 -15.21 5.72
N MET C 588 50.91 -16.26 5.92
CA MET C 588 50.61 -17.55 5.29
C MET C 588 49.24 -18.06 5.74
N ASP C 589 48.93 -17.91 7.03
CA ASP C 589 47.64 -18.35 7.53
C ASP C 589 46.51 -17.52 6.94
N ARG C 590 46.73 -16.23 6.74
CA ARG C 590 45.70 -15.36 6.18
C ARG C 590 45.39 -15.73 4.75
N ILE C 591 46.41 -15.85 3.90
CA ILE C 591 46.18 -15.99 2.47
C ILE C 591 45.78 -17.40 2.04
N LYS C 592 46.06 -18.41 2.86
CA LYS C 592 45.61 -19.78 2.61
C LYS C 592 46.05 -20.27 1.23
N GLY C 593 47.35 -20.13 0.95
CA GLY C 593 47.94 -20.68 -0.25
C GLY C 593 47.66 -19.93 -1.53
N LYS C 594 47.12 -18.71 -1.45
CA LYS C 594 46.71 -17.96 -2.63
C LYS C 594 47.21 -16.53 -2.52
N GLN C 595 47.87 -16.05 -3.56
CA GLN C 595 48.34 -14.67 -3.62
C GLN C 595 48.15 -14.13 -5.03
N GLN C 596 47.66 -12.90 -5.12
CA GLN C 596 47.52 -12.19 -6.38
C GLN C 596 48.49 -11.02 -6.39
N VAL C 597 49.14 -10.81 -7.54
CA VAL C 597 50.05 -9.69 -7.75
C VAL C 597 49.65 -9.02 -9.06
N MET C 598 49.72 -7.70 -9.07
CA MET C 598 49.39 -6.93 -10.27
C MET C 598 50.66 -6.34 -10.87
N VAL C 599 50.72 -6.33 -12.20
CA VAL C 599 51.83 -5.76 -12.94
C VAL C 599 51.27 -4.79 -13.97
N GLY C 600 51.91 -3.63 -14.11
CA GLY C 600 51.47 -2.61 -15.03
C GLY C 600 52.46 -2.33 -16.14
N TYR C 601 51.99 -2.29 -17.38
CA TYR C 601 52.89 -2.07 -18.51
C TYR C 601 53.11 -0.58 -18.74
N SER C 602 52.02 0.20 -18.80
CA SER C 602 52.16 1.65 -18.96
C SER C 602 52.85 2.27 -17.76
N ASP C 603 52.58 1.74 -16.56
CA ASP C 603 53.24 2.24 -15.36
C ASP C 603 54.75 2.03 -15.44
N SER C 604 55.17 0.78 -15.63
CA SER C 604 56.59 0.46 -15.68
C SER C 604 57.26 1.08 -16.91
N GLY C 605 56.54 1.18 -18.03
CA GLY C 605 57.12 1.80 -19.21
C GLY C 605 57.44 3.27 -19.02
N LYS C 606 56.63 3.97 -18.20
CA LYS C 606 56.92 5.38 -17.96
C LYS C 606 58.18 5.54 -17.11
N ASP C 607 58.51 4.55 -16.29
CA ASP C 607 59.67 4.68 -15.42
C ASP C 607 60.98 4.56 -16.19
N ALA C 608 61.05 3.62 -17.14
CA ALA C 608 62.32 3.32 -17.78
C ALA C 608 62.21 3.03 -19.28
N GLY C 609 61.05 3.19 -19.89
CA GLY C 609 60.89 2.81 -21.27
C GLY C 609 60.36 1.39 -21.40
N ARG C 610 59.77 1.11 -22.56
CA ARG C 610 59.00 -0.11 -22.72
C ARG C 610 59.88 -1.35 -22.79
N LEU C 611 60.98 -1.29 -23.54
CA LEU C 611 61.82 -2.47 -23.70
C LEU C 611 62.39 -2.94 -22.37
N SER C 612 62.84 -2.02 -21.53
CA SER C 612 63.37 -2.39 -20.23
C SER C 612 62.29 -2.89 -19.30
N ALA C 613 61.10 -2.29 -19.36
CA ALA C 613 59.99 -2.77 -18.53
C ALA C 613 59.54 -4.16 -18.95
N ALA C 614 59.46 -4.39 -20.26
CA ALA C 614 59.08 -5.71 -20.77
C ALA C 614 60.01 -6.79 -20.23
N TRP C 615 61.32 -6.55 -20.29
CA TRP C 615 62.26 -7.57 -19.87
C TRP C 615 62.29 -7.74 -18.36
N GLN C 616 62.22 -6.63 -17.62
CA GLN C 616 62.14 -6.72 -16.17
C GLN C 616 60.88 -7.46 -15.74
N LEU C 617 59.78 -7.24 -16.45
CA LEU C 617 58.52 -7.89 -16.10
C LEU C 617 58.63 -9.39 -16.28
N TYR C 618 59.22 -9.83 -17.41
CA TYR C 618 59.42 -11.25 -17.65
C TYR C 618 60.23 -11.88 -16.53
N ARG C 619 61.33 -11.24 -16.12
CA ARG C 619 62.17 -11.80 -15.09
C ARG C 619 61.46 -11.83 -13.74
N ALA C 620 60.73 -10.77 -13.41
CA ALA C 620 60.00 -10.74 -12.15
C ALA C 620 58.90 -11.80 -12.10
N GLN C 621 58.28 -12.10 -13.25
CA GLN C 621 57.28 -13.16 -13.29
C GLN C 621 57.91 -14.53 -13.08
N GLU C 622 59.05 -14.77 -13.75
CA GLU C 622 59.81 -15.99 -13.53
C GLU C 622 60.12 -16.20 -12.06
N GLU C 623 60.64 -15.15 -11.41
CA GLU C 623 61.20 -15.28 -10.08
C GLU C 623 60.12 -15.32 -9.01
N MET C 624 59.03 -14.58 -9.21
CA MET C 624 57.90 -14.68 -8.30
C MET C 624 57.29 -16.07 -8.36
N ALA C 625 57.19 -16.65 -9.56
CA ALA C 625 56.65 -18.01 -9.70
C ALA C 625 57.53 -19.01 -8.95
N GLN C 626 58.85 -18.84 -8.99
CA GLN C 626 59.74 -19.71 -8.23
C GLN C 626 59.50 -19.58 -6.74
N VAL C 627 59.43 -18.34 -6.25
CA VAL C 627 59.15 -18.09 -4.84
C VAL C 627 57.82 -18.74 -4.44
N ALA C 628 56.80 -18.57 -5.28
CA ALA C 628 55.50 -19.15 -4.98
C ALA C 628 55.56 -20.67 -4.92
N LYS C 629 56.35 -21.28 -5.80
CA LYS C 629 56.46 -22.74 -5.82
C LYS C 629 57.16 -23.25 -4.56
N ARG C 630 58.19 -22.55 -4.10
CA ARG C 630 58.91 -22.97 -2.90
C ARG C 630 58.03 -22.88 -1.66
N TYR C 631 57.08 -21.94 -1.64
CA TYR C 631 56.26 -21.71 -0.46
C TYR C 631 54.85 -22.29 -0.59
N GLY C 632 54.59 -23.03 -1.66
CA GLY C 632 53.30 -23.66 -1.82
C GLY C 632 52.14 -22.72 -2.04
N VAL C 633 52.42 -21.54 -2.59
CA VAL C 633 51.39 -20.54 -2.86
C VAL C 633 51.04 -20.57 -4.33
N LYS C 634 49.75 -20.44 -4.63
CA LYS C 634 49.27 -20.32 -6.01
C LYS C 634 49.27 -18.84 -6.37
N LEU C 635 50.12 -18.46 -7.32
CA LEU C 635 50.35 -17.07 -7.65
C LEU C 635 49.58 -16.69 -8.91
N THR C 636 48.62 -15.78 -8.76
CA THR C 636 47.84 -15.27 -9.89
C THR C 636 48.33 -13.87 -10.23
N LEU C 637 48.61 -13.64 -11.51
CA LEU C 637 49.03 -12.33 -11.99
C LEU C 637 47.87 -11.59 -12.63
N PHE C 638 47.76 -10.31 -12.28
CA PHE C 638 46.75 -9.40 -12.80
C PHE C 638 47.46 -8.43 -13.75
N HIS C 639 47.09 -8.45 -15.02
CA HIS C 639 47.80 -7.70 -16.07
C HIS C 639 47.08 -6.38 -16.33
N GLY C 640 47.76 -5.28 -16.02
CA GLY C 640 47.16 -3.96 -16.11
C GLY C 640 47.14 -3.39 -17.52
N ARG C 641 46.81 -2.10 -17.57
CA ARG C 641 46.69 -1.34 -18.80
C ARG C 641 47.97 -1.43 -19.63
N GLY C 642 47.79 -1.28 -20.94
CA GLY C 642 48.92 -1.03 -21.83
C GLY C 642 49.76 -2.23 -22.19
N GLY C 643 49.24 -3.44 -21.98
CA GLY C 643 50.00 -4.64 -22.20
C GLY C 643 49.84 -5.22 -23.59
N THR C 644 50.67 -6.22 -23.87
CA THR C 644 50.41 -7.09 -25.01
C THR C 644 49.22 -7.99 -24.71
N VAL C 645 49.16 -8.54 -23.51
CA VAL C 645 47.94 -9.16 -23.00
C VAL C 645 46.93 -8.05 -22.75
N GLY C 646 45.80 -8.11 -23.45
CA GLY C 646 44.81 -7.06 -23.40
C GLY C 646 44.71 -6.25 -24.67
N ARG C 647 45.55 -6.52 -25.66
CA ARG C 647 45.34 -5.95 -26.98
C ARG C 647 44.02 -6.48 -27.56
N GLY C 648 43.50 -5.75 -28.54
CA GLY C 648 42.28 -6.17 -29.20
C GLY C 648 42.55 -7.23 -30.26
N GLY C 649 41.71 -8.26 -30.28
CA GLY C 649 41.80 -9.28 -31.30
C GLY C 649 42.89 -10.30 -31.03
N GLY C 650 43.34 -10.92 -32.13
CA GLY C 650 44.29 -12.03 -32.06
C GLY C 650 45.53 -11.84 -31.22
N PRO C 651 46.18 -10.66 -31.25
CA PRO C 651 47.46 -10.53 -30.52
C PRO C 651 47.42 -10.95 -29.06
N THR C 652 46.28 -10.86 -28.39
CA THR C 652 46.21 -11.28 -26.99
C THR C 652 46.37 -12.79 -26.87
N HIS C 653 45.90 -13.55 -27.87
CA HIS C 653 46.09 -15.00 -27.88
C HIS C 653 47.57 -15.35 -27.78
N LEU C 654 48.39 -14.79 -28.68
CA LEU C 654 49.82 -15.06 -28.65
C LEU C 654 50.48 -14.45 -27.42
N ALA C 655 50.01 -13.27 -27.00
CA ALA C 655 50.61 -12.60 -25.84
C ALA C 655 50.50 -13.47 -24.60
N ILE C 656 49.37 -14.16 -24.44
CA ILE C 656 49.21 -15.06 -23.30
C ILE C 656 50.11 -16.28 -23.46
N LEU C 657 50.16 -16.84 -24.67
CA LEU C 657 51.04 -17.99 -24.92
C LEU C 657 52.51 -17.64 -24.71
N SER C 658 52.85 -16.36 -24.74
CA SER C 658 54.25 -15.92 -24.60
C SER C 658 54.67 -15.70 -23.15
N GLN C 659 53.74 -15.80 -22.20
CA GLN C 659 54.07 -15.62 -20.79
C GLN C 659 55.16 -16.61 -20.36
N PRO C 660 55.93 -16.27 -19.32
CA PRO C 660 56.96 -17.19 -18.86
C PRO C 660 56.36 -18.51 -18.45
N PRO C 661 57.08 -19.62 -18.66
CA PRO C 661 56.53 -20.93 -18.33
C PRO C 661 56.12 -21.03 -16.86
N ASP C 662 54.97 -21.66 -16.63
CA ASP C 662 54.48 -22.01 -15.30
C ASP C 662 54.15 -20.78 -14.46
N THR C 663 53.69 -19.70 -15.09
CA THR C 663 53.25 -18.53 -14.36
C THR C 663 51.74 -18.30 -14.43
N ILE C 664 51.01 -19.07 -15.23
CA ILE C 664 49.57 -18.91 -15.32
C ILE C 664 48.89 -20.06 -14.58
N ASN C 665 49.16 -21.29 -15.01
CA ASN C 665 48.62 -22.50 -14.40
C ASN C 665 47.12 -22.36 -14.13
N GLY C 666 46.39 -21.93 -15.16
CA GLY C 666 44.94 -21.89 -15.10
C GLY C 666 44.33 -20.72 -14.37
N SER C 667 45.09 -19.69 -14.02
CA SER C 667 44.57 -18.57 -13.25
C SER C 667 45.22 -17.28 -13.71
N ILE C 668 44.41 -16.37 -14.26
CA ILE C 668 44.93 -15.11 -14.80
C ILE C 668 43.84 -14.06 -14.74
N ARG C 669 44.24 -12.81 -14.49
CA ARG C 669 43.37 -11.65 -14.54
C ARG C 669 43.93 -10.66 -15.55
N VAL C 670 43.06 -10.15 -16.43
CA VAL C 670 43.45 -9.24 -17.49
C VAL C 670 42.47 -8.07 -17.48
N THR C 671 43.00 -6.84 -17.56
CA THR C 671 42.13 -5.69 -17.69
C THR C 671 41.68 -5.55 -19.14
N VAL C 672 40.38 -5.34 -19.32
CA VAL C 672 39.83 -4.94 -20.60
C VAL C 672 39.84 -3.41 -20.63
N GLN C 673 40.77 -2.83 -21.40
CA GLN C 673 40.86 -1.38 -21.47
C GLN C 673 39.63 -0.83 -22.18
N GLY C 674 39.12 0.30 -21.67
CA GLY C 674 38.01 0.96 -22.32
C GLY C 674 38.28 1.26 -23.78
N GLU C 675 39.56 1.45 -24.14
CA GLU C 675 39.92 1.75 -25.52
C GLU C 675 39.55 0.63 -26.47
N VAL C 676 39.52 -0.62 -25.99
CA VAL C 676 39.30 -1.77 -26.87
C VAL C 676 38.01 -2.52 -26.56
N ILE C 677 37.22 -2.06 -25.58
CA ILE C 677 36.07 -2.85 -25.15
C ILE C 677 35.04 -2.96 -26.26
N GLU C 678 34.92 -1.93 -27.09
CA GLU C 678 33.95 -1.98 -28.19
C GLU C 678 34.32 -3.06 -29.19
N PHE C 679 35.60 -3.13 -29.57
CA PHE C 679 36.03 -4.12 -30.53
C PHE C 679 36.09 -5.53 -29.94
N CYS C 680 36.10 -5.65 -28.62
CA CYS C 680 36.15 -6.97 -28.00
C CYS C 680 34.77 -7.52 -27.70
N PHE C 681 33.82 -6.66 -27.31
CA PHE C 681 32.53 -7.11 -26.80
C PHE C 681 31.33 -6.41 -27.43
N GLY C 682 31.54 -5.53 -28.42
CA GLY C 682 30.43 -4.76 -28.94
C GLY C 682 29.46 -5.56 -29.78
N GLU C 683 29.93 -6.66 -30.37
CA GLU C 683 29.14 -7.45 -31.29
C GLU C 683 29.26 -8.92 -30.93
N GLU C 684 28.17 -9.66 -31.16
CA GLU C 684 28.05 -11.05 -30.72
C GLU C 684 29.29 -11.88 -31.06
N HIS C 685 29.70 -11.86 -32.33
CA HIS C 685 30.74 -12.76 -32.78
C HIS C 685 32.10 -12.39 -32.20
N LEU C 686 32.38 -11.09 -32.08
CA LEU C 686 33.66 -10.65 -31.50
C LEU C 686 33.71 -10.95 -30.02
N CYS C 687 32.58 -10.80 -29.32
CA CYS C 687 32.49 -11.27 -27.94
C CYS C 687 32.84 -12.74 -27.86
N PHE C 688 32.28 -13.55 -28.76
CA PHE C 688 32.59 -14.97 -28.80
C PHE C 688 34.08 -15.21 -29.01
N GLN C 689 34.66 -14.56 -30.02
CA GLN C 689 36.08 -14.78 -30.30
C GLN C 689 36.97 -14.29 -29.16
N THR C 690 36.53 -13.27 -28.43
CA THR C 690 37.31 -12.77 -27.30
C THR C 690 37.35 -13.78 -26.16
N LEU C 691 36.18 -14.27 -25.76
CA LEU C 691 36.14 -15.29 -24.70
C LEU C 691 36.88 -16.54 -25.14
N GLN C 692 36.75 -16.92 -26.41
CA GLN C 692 37.41 -18.12 -26.91
C GLN C 692 38.92 -18.03 -26.80
N ARG C 693 39.49 -16.90 -27.22
CA ARG C 693 40.95 -16.82 -27.26
C ARG C 693 41.57 -16.68 -25.88
N PHE C 694 40.91 -15.98 -24.95
CA PHE C 694 41.38 -15.96 -23.57
C PHE C 694 41.36 -17.37 -22.97
N THR C 695 40.31 -18.13 -23.27
CA THR C 695 40.18 -19.47 -22.72
C THR C 695 41.20 -20.42 -23.35
N ALA C 696 41.33 -20.36 -24.67
CA ALA C 696 42.23 -21.29 -25.36
C ALA C 696 43.70 -20.98 -25.07
N ALA C 697 44.06 -19.70 -25.08
CA ALA C 697 45.44 -19.32 -24.77
C ALA C 697 45.82 -19.72 -23.35
N THR C 698 44.96 -19.40 -22.38
CA THR C 698 45.23 -19.75 -20.99
C THR C 698 45.40 -21.26 -20.83
N LEU C 699 44.48 -22.03 -21.42
CA LEU C 699 44.53 -23.49 -21.29
C LEU C 699 45.83 -24.03 -21.86
N GLU C 700 46.17 -23.66 -23.09
CA GLU C 700 47.34 -24.21 -23.76
C GLU C 700 48.62 -23.87 -23.01
N HIS C 701 48.73 -22.65 -22.50
CA HIS C 701 49.96 -22.22 -21.83
C HIS C 701 50.32 -23.16 -20.68
N GLY C 702 49.33 -23.59 -19.91
CA GLY C 702 49.60 -24.41 -18.74
C GLY C 702 50.13 -25.79 -19.09
N MET C 703 49.80 -26.29 -20.27
CA MET C 703 50.26 -27.61 -20.70
C MET C 703 51.24 -27.56 -21.86
N HIS C 704 51.51 -26.37 -22.40
CA HIS C 704 52.37 -26.21 -23.57
C HIS C 704 53.07 -24.86 -23.49
N PRO C 705 54.00 -24.71 -22.56
CA PRO C 705 54.63 -23.40 -22.34
C PRO C 705 55.48 -23.00 -23.54
N PRO C 706 55.88 -21.74 -23.64
CA PRO C 706 56.78 -21.32 -24.72
C PRO C 706 58.19 -21.82 -24.47
N VAL C 707 59.03 -21.67 -25.50
CA VAL C 707 60.43 -22.05 -25.37
C VAL C 707 61.07 -21.25 -24.25
N SER C 708 61.98 -21.90 -23.52
CA SER C 708 62.75 -21.18 -22.53
C SER C 708 63.84 -20.37 -23.21
N PRO C 709 64.16 -19.19 -22.70
CA PRO C 709 65.14 -18.32 -23.40
C PRO C 709 66.52 -18.94 -23.40
N LYS C 710 67.17 -18.88 -24.56
CA LYS C 710 68.56 -19.28 -24.65
C LYS C 710 69.43 -18.29 -23.86
N PRO C 711 70.60 -18.73 -23.39
CA PRO C 711 71.47 -17.80 -22.65
C PRO C 711 71.86 -16.56 -23.45
N GLU C 712 72.17 -16.72 -24.73
CA GLU C 712 72.54 -15.57 -25.54
C GLU C 712 71.40 -14.58 -25.66
N TRP C 713 70.15 -15.06 -25.65
CA TRP C 713 69.01 -14.16 -25.67
C TRP C 713 68.92 -13.35 -24.38
N ARG C 714 69.06 -14.02 -23.23
CA ARG C 714 69.01 -13.33 -21.95
C ARG C 714 70.11 -12.28 -21.85
N LYS C 715 71.33 -12.63 -22.25
CA LYS C 715 72.43 -11.68 -22.15
C LYS C 715 72.20 -10.46 -23.03
N LEU C 716 71.61 -10.66 -24.21
CA LEU C 716 71.37 -9.53 -25.10
C LEU C 716 70.23 -8.66 -24.58
N MET C 717 69.20 -9.28 -23.99
CA MET C 717 68.14 -8.50 -23.36
C MET C 717 68.69 -7.68 -22.19
N ASP C 718 69.54 -8.30 -21.38
CA ASP C 718 70.15 -7.58 -20.24
C ASP C 718 70.89 -6.34 -20.71
N GLU C 719 71.71 -6.48 -21.76
CA GLU C 719 72.49 -5.34 -22.25
C GLU C 719 71.59 -4.31 -22.94
N MET C 720 70.66 -4.77 -23.78
CA MET C 720 69.75 -3.84 -24.44
C MET C 720 68.87 -3.10 -23.44
N ALA C 721 68.55 -3.73 -22.31
CA ALA C 721 67.76 -3.05 -21.28
C ALA C 721 68.52 -1.87 -20.69
N VAL C 722 69.83 -2.04 -20.48
CA VAL C 722 70.64 -0.97 -19.90
C VAL C 722 70.69 0.23 -20.85
N VAL C 723 70.94 -0.04 -22.14
CA VAL C 723 71.05 1.05 -23.11
C VAL C 723 69.71 1.75 -23.29
N ALA C 724 68.63 0.98 -23.37
CA ALA C 724 67.31 1.58 -23.60
C ALA C 724 66.90 2.44 -22.40
N THR C 725 67.15 1.96 -21.19
CA THR C 725 66.81 2.72 -19.99
C THR C 725 67.54 4.06 -19.97
N GLU C 726 68.83 4.06 -20.27
CA GLU C 726 69.60 5.30 -20.24
C GLU C 726 69.17 6.25 -21.35
N GLU C 727 68.88 5.72 -22.55
CA GLU C 727 68.37 6.56 -23.63
C GLU C 727 67.03 7.18 -23.26
N TYR C 728 66.13 6.38 -22.68
CA TYR C 728 64.84 6.91 -22.25
C TYR C 728 65.00 7.99 -21.21
N ARG C 729 65.83 7.72 -20.18
CA ARG C 729 65.97 8.68 -19.08
C ARG C 729 66.74 9.93 -19.51
N SER C 730 67.63 9.80 -20.49
CA SER C 730 68.31 10.99 -21.00
C SER C 730 67.34 11.97 -21.64
N VAL C 731 66.28 11.46 -22.27
CA VAL C 731 65.34 12.34 -22.95
C VAL C 731 64.29 12.88 -21.97
N VAL C 732 63.73 12.01 -21.11
CA VAL C 732 62.54 12.42 -20.36
C VAL C 732 62.87 12.92 -18.96
N VAL C 733 63.99 12.49 -18.37
CA VAL C 733 64.33 12.85 -17.00
C VAL C 733 65.46 13.88 -16.95
N LYS C 734 66.56 13.63 -17.66
CA LYS C 734 67.77 14.41 -17.51
C LYS C 734 67.87 15.58 -18.49
N GLU C 735 66.88 15.78 -19.35
CA GLU C 735 66.93 16.81 -20.39
C GLU C 735 66.15 18.04 -19.92
N ALA C 736 66.86 19.16 -19.74
CA ALA C 736 66.23 20.36 -19.24
C ALA C 736 65.13 20.86 -20.18
N ARG C 737 65.27 20.59 -21.47
CA ARG C 737 64.33 21.10 -22.47
C ARG C 737 63.04 20.31 -22.55
N PHE C 738 62.94 19.15 -21.87
CA PHE C 738 61.87 18.20 -22.22
C PHE C 738 60.50 18.68 -21.74
N VAL C 739 60.39 19.12 -20.49
CA VAL C 739 59.07 19.47 -19.96
C VAL C 739 58.42 20.55 -20.80
N GLU C 740 59.17 21.61 -21.10
CA GLU C 740 58.60 22.69 -21.90
C GLU C 740 58.27 22.24 -23.32
N TYR C 741 59.04 21.30 -23.86
CA TYR C 741 58.67 20.73 -25.16
C TYR C 741 57.38 19.94 -25.04
N PHE C 742 57.28 19.11 -24.01
CA PHE C 742 56.10 18.30 -23.78
C PHE C 742 54.84 19.16 -23.65
N ARG C 743 54.95 20.27 -22.92
CA ARG C 743 53.80 21.14 -22.69
C ARG C 743 53.40 21.95 -23.91
N SER C 744 54.22 21.99 -24.95
CA SER C 744 53.90 22.70 -26.18
C SER C 744 53.54 21.77 -27.33
N ALA C 745 54.20 20.61 -27.43
CA ALA C 745 53.99 19.72 -28.56
C ALA C 745 52.77 18.83 -28.41
N THR C 746 52.25 18.66 -27.20
CA THR C 746 51.09 17.84 -26.93
C THR C 746 49.98 18.66 -26.30
N PRO C 747 48.74 18.18 -26.32
CA PRO C 747 47.66 18.90 -25.61
C PRO C 747 47.55 18.55 -24.14
N GLU C 748 48.69 18.27 -23.48
CA GLU C 748 48.65 17.80 -22.10
C GLU C 748 47.97 18.82 -21.18
N THR C 749 48.43 20.07 -21.24
CA THR C 749 47.91 21.09 -20.32
C THR C 749 46.40 21.25 -20.49
N GLU C 750 45.92 21.23 -21.74
CA GLU C 750 44.49 21.36 -21.98
C GLU C 750 43.73 20.14 -21.47
N TYR C 751 44.27 18.94 -21.71
CA TYR C 751 43.65 17.71 -21.23
C TYR C 751 43.42 17.77 -19.71
N GLY C 752 44.36 18.35 -18.98
CA GLY C 752 44.24 18.46 -17.54
C GLY C 752 43.23 19.49 -17.10
N ARG C 753 43.34 20.71 -17.65
CA ARG C 753 42.43 21.79 -17.27
C ARG C 753 40.98 21.45 -17.57
N MET C 754 40.74 20.67 -18.62
CA MET C 754 39.39 20.29 -19.01
C MET C 754 38.92 18.99 -18.36
N ASN C 755 39.74 18.40 -17.50
CA ASN C 755 39.37 17.22 -16.71
C ASN C 755 38.80 16.12 -17.60
N ILE C 756 39.44 15.92 -18.75
CA ILE C 756 38.99 14.89 -19.69
C ILE C 756 39.15 13.49 -19.11
N GLY C 757 40.08 13.31 -18.17
CA GLY C 757 40.26 12.04 -17.50
C GLY C 757 39.41 11.82 -16.27
N SER C 758 38.60 12.81 -15.88
CA SER C 758 37.73 12.73 -14.70
C SER C 758 38.53 12.49 -13.42
N ARG C 759 39.79 12.92 -13.42
CA ARG C 759 40.77 12.54 -12.42
C ARG C 759 42.00 13.42 -12.56
N PRO C 760 42.60 13.87 -11.45
CA PRO C 760 43.81 14.70 -11.56
C PRO C 760 44.90 14.00 -12.36
N ALA C 761 45.64 14.80 -13.13
CA ALA C 761 46.65 14.25 -14.02
C ALA C 761 47.99 13.99 -13.32
N LYS C 762 48.24 14.63 -12.18
CA LYS C 762 49.44 14.39 -11.40
C LYS C 762 49.06 14.02 -9.97
N ARG C 763 50.08 13.63 -9.20
CA ARG C 763 49.91 13.27 -7.80
C ARG C 763 50.23 14.42 -6.86
N ARG C 764 51.29 15.18 -7.15
CA ARG C 764 51.70 16.43 -6.54
C ARG C 764 51.43 17.57 -7.51
N PRO C 765 50.99 18.74 -7.02
CA PRO C 765 50.78 19.88 -7.93
C PRO C 765 52.01 20.28 -8.70
N GLY C 766 53.20 19.79 -8.31
CA GLY C 766 54.43 20.04 -9.01
C GLY C 766 55.15 18.72 -9.28
N GLY C 767 56.47 18.78 -9.20
CA GLY C 767 57.29 17.66 -9.62
C GLY C 767 57.68 17.80 -11.08
N GLY C 768 58.32 16.75 -11.59
CA GLY C 768 58.69 16.68 -12.99
C GLY C 768 57.62 15.98 -13.81
N ILE C 769 58.08 15.28 -14.86
CA ILE C 769 57.26 14.24 -15.45
C ILE C 769 57.13 13.10 -14.44
N THR C 770 58.00 13.11 -13.44
CA THR C 770 57.97 12.19 -12.31
C THR C 770 56.57 11.93 -11.75
N THR C 771 55.78 12.98 -11.63
CA THR C 771 54.54 12.95 -10.87
C THR C 771 53.31 12.83 -11.77
N LEU C 772 53.49 12.94 -13.08
CA LEU C 772 52.42 12.72 -14.03
C LEU C 772 52.04 11.24 -14.05
N ARG C 773 50.75 10.97 -14.18
CA ARG C 773 50.32 9.58 -14.18
C ARG C 773 50.42 8.99 -15.59
N ALA C 774 50.25 7.68 -15.68
CA ALA C 774 50.54 6.97 -16.92
C ALA C 774 49.53 7.28 -18.01
N ILE C 775 48.25 7.38 -17.65
CA ILE C 775 47.20 7.67 -18.63
C ILE C 775 47.50 8.99 -19.34
N PRO C 776 47.69 10.12 -18.64
CA PRO C 776 47.98 11.36 -19.38
C PRO C 776 49.27 11.29 -20.17
N TRP C 777 50.27 10.57 -19.66
CA TRP C 777 51.52 10.38 -20.38
C TRP C 777 51.28 9.73 -21.74
N ILE C 778 50.51 8.64 -21.76
CA ILE C 778 50.21 7.95 -23.01
C ILE C 778 49.26 8.78 -23.86
N PHE C 779 48.25 9.39 -23.23
CA PHE C 779 47.21 10.09 -23.98
C PHE C 779 47.78 11.27 -24.76
N SER C 780 48.58 12.12 -24.09
CA SER C 780 49.07 13.33 -24.72
C SER C 780 49.93 13.03 -25.95
N TRP C 781 50.77 12.00 -25.85
CA TRP C 781 51.65 11.64 -26.97
C TRP C 781 50.94 10.83 -28.03
N THR C 782 49.81 10.21 -27.70
CA THR C 782 49.02 9.51 -28.72
C THR C 782 48.21 10.50 -29.56
N GLN C 783 47.70 11.56 -28.92
CA GLN C 783 46.95 12.58 -29.65
C GLN C 783 47.74 13.14 -30.83
N THR C 784 49.04 13.34 -30.65
CA THR C 784 49.87 13.96 -31.67
C THR C 784 50.40 12.96 -32.70
N ARG C 785 50.03 11.68 -32.59
CA ARG C 785 50.44 10.61 -33.50
C ARG C 785 51.93 10.30 -33.40
N PHE C 786 52.57 10.63 -32.27
CA PHE C 786 54.00 10.45 -32.10
C PHE C 786 54.37 9.25 -31.25
N HIS C 787 53.67 9.04 -30.13
CA HIS C 787 53.75 7.81 -29.34
C HIS C 787 55.11 7.63 -28.68
N LEU C 788 55.78 8.75 -28.35
CA LEU C 788 57.02 8.74 -27.59
C LEU C 788 57.08 7.69 -26.48
N PRO C 789 56.07 7.53 -25.60
CA PRO C 789 56.23 6.57 -24.50
C PRO C 789 56.32 5.11 -24.93
N VAL C 790 55.91 4.76 -26.15
CA VAL C 790 55.88 3.35 -26.52
C VAL C 790 57.22 2.89 -27.05
N TRP C 791 57.93 3.76 -27.81
CA TRP C 791 59.12 3.31 -28.51
C TRP C 791 60.43 3.90 -28.02
N LEU C 792 60.41 4.98 -27.25
CA LEU C 792 61.64 5.68 -26.88
C LEU C 792 62.57 4.75 -26.11
N GLY C 793 63.80 4.58 -26.63
CA GLY C 793 64.81 3.70 -26.06
C GLY C 793 65.04 2.46 -26.89
N VAL C 794 64.02 1.98 -27.61
CA VAL C 794 64.15 0.78 -28.43
C VAL C 794 65.22 0.98 -29.50
N GLY C 795 65.24 2.15 -30.14
CA GLY C 795 66.18 2.39 -31.22
C GLY C 795 67.63 2.34 -30.75
N ALA C 796 67.92 3.00 -29.63
CA ALA C 796 69.27 2.95 -29.10
C ALA C 796 69.69 1.52 -28.78
N ALA C 797 68.78 0.72 -28.24
CA ALA C 797 69.11 -0.65 -27.86
C ALA C 797 69.37 -1.52 -29.09
N PHE C 798 68.52 -1.40 -30.12
CA PHE C 798 68.73 -2.18 -31.34
C PHE C 798 70.00 -1.73 -32.06
N LYS C 799 70.23 -0.41 -32.13
CA LYS C 799 71.46 0.12 -32.70
C LYS C 799 72.68 -0.44 -31.98
N PHE C 800 72.67 -0.36 -30.64
CA PHE C 800 73.81 -0.81 -29.84
C PHE C 800 74.07 -2.30 -30.06
N ALA C 801 73.02 -3.12 -30.06
CA ALA C 801 73.20 -4.56 -30.19
C ALA C 801 73.80 -4.92 -31.54
N ILE C 802 73.27 -4.35 -32.62
CA ILE C 802 73.77 -4.65 -33.95
C ILE C 802 75.21 -4.17 -34.11
N ASP C 803 75.53 -3.00 -33.57
CA ASP C 803 76.86 -2.43 -33.70
C ASP C 803 77.89 -3.07 -32.79
N LYS C 804 77.47 -3.84 -31.78
CA LYS C 804 78.43 -4.43 -30.85
C LYS C 804 79.13 -5.65 -31.45
N ASP C 805 78.45 -6.39 -32.32
CA ASP C 805 78.97 -7.66 -32.81
C ASP C 805 78.18 -8.04 -34.06
N VAL C 806 78.89 -8.46 -35.11
CA VAL C 806 78.24 -8.68 -36.41
C VAL C 806 77.24 -9.83 -36.40
N ARG C 807 77.33 -10.75 -35.44
CA ARG C 807 76.36 -11.84 -35.42
C ARG C 807 75.11 -11.49 -34.63
N ASN C 808 75.12 -10.36 -33.92
CA ASN C 808 73.98 -10.01 -33.09
C ASN C 808 72.73 -9.74 -33.92
N PHE C 809 72.89 -9.14 -35.09
CA PHE C 809 71.72 -8.88 -35.93
C PHE C 809 71.00 -10.18 -36.29
N GLN C 810 71.76 -11.22 -36.62
CA GLN C 810 71.14 -12.51 -36.89
C GLN C 810 70.49 -13.10 -35.63
N VAL C 811 71.05 -12.81 -34.46
CA VAL C 811 70.47 -13.32 -33.22
C VAL C 811 69.15 -12.61 -32.92
N LEU C 812 69.07 -11.31 -33.21
CA LEU C 812 67.82 -10.58 -33.00
C LEU C 812 66.73 -11.10 -33.94
N LYS C 813 67.08 -11.35 -35.21
CA LYS C 813 66.11 -11.92 -36.15
C LYS C 813 65.63 -13.28 -35.68
N GLU C 814 66.50 -14.09 -35.10
CA GLU C 814 66.10 -15.39 -34.60
C GLU C 814 65.18 -15.26 -33.39
N MET C 815 65.52 -14.35 -32.46
CA MET C 815 64.64 -14.09 -31.33
C MET C 815 63.25 -13.69 -31.79
N TYR C 816 63.17 -12.86 -32.84
CA TYR C 816 61.85 -12.45 -33.34
C TYR C 816 61.07 -13.63 -33.89
N ASN C 817 61.75 -14.61 -34.48
CA ASN C 817 61.08 -15.75 -35.10
C ASN C 817 60.88 -16.94 -34.17
N GLU C 818 61.62 -17.00 -33.06
CA GLU C 818 61.60 -18.19 -32.21
C GLU C 818 61.20 -17.92 -30.77
N TRP C 819 61.27 -16.68 -30.32
CA TRP C 819 60.99 -16.35 -28.92
C TRP C 819 59.68 -15.57 -28.85
N PRO C 820 58.58 -16.19 -28.41
CA PRO C 820 57.29 -15.48 -28.38
C PRO C 820 57.33 -14.17 -27.59
N PHE C 821 58.04 -14.12 -26.46
CA PHE C 821 58.14 -12.87 -25.70
C PHE C 821 58.66 -11.73 -26.58
N PHE C 822 59.78 -11.96 -27.25
CA PHE C 822 60.36 -10.93 -28.10
C PHE C 822 59.44 -10.59 -29.26
N ARG C 823 58.88 -11.61 -29.90
CA ARG C 823 57.95 -11.39 -31.01
C ARG C 823 56.75 -10.55 -30.56
N VAL C 824 56.19 -10.89 -29.40
CA VAL C 824 54.99 -10.22 -28.92
C VAL C 824 55.30 -8.77 -28.54
N THR C 825 56.45 -8.53 -27.91
CA THR C 825 56.84 -7.18 -27.55
C THR C 825 57.01 -6.31 -28.79
N LEU C 826 57.70 -6.83 -29.81
CA LEU C 826 57.99 -6.02 -30.99
C LEU C 826 56.76 -5.82 -31.87
N ASP C 827 55.83 -6.79 -31.86
CA ASP C 827 54.60 -6.64 -32.63
C ASP C 827 53.76 -5.47 -32.10
N LEU C 828 53.76 -5.29 -30.77
CA LEU C 828 53.10 -4.14 -30.18
C LEU C 828 53.67 -2.84 -30.75
N LEU C 829 55.01 -2.73 -30.77
CA LEU C 829 55.65 -1.54 -31.32
C LEU C 829 55.27 -1.33 -32.79
N GLU C 830 55.27 -2.42 -33.57
CA GLU C 830 54.94 -2.31 -34.99
C GLU C 830 53.51 -1.79 -35.17
N MET C 831 52.58 -2.26 -34.35
CA MET C 831 51.21 -1.77 -34.42
C MET C 831 51.16 -0.27 -34.11
N VAL C 832 51.91 0.18 -33.11
CA VAL C 832 51.88 1.58 -32.71
C VAL C 832 52.49 2.46 -33.80
N PHE C 833 53.53 1.96 -34.47
CA PHE C 833 54.12 2.74 -35.56
C PHE C 833 53.17 2.84 -36.75
N ALA C 834 52.34 1.82 -36.97
CA ALA C 834 51.30 1.93 -38.00
C ALA C 834 50.33 3.05 -37.68
N LYS C 835 50.06 3.28 -36.41
CA LYS C 835 49.19 4.35 -35.97
C LYS C 835 49.91 5.68 -35.84
N GLY C 836 51.23 5.72 -36.00
CA GLY C 836 51.96 6.96 -35.89
C GLY C 836 52.18 7.65 -37.23
N ASP C 837 52.57 8.92 -37.15
CA ASP C 837 52.81 9.72 -38.35
C ASP C 837 53.69 10.90 -37.97
N PRO C 838 54.99 10.84 -38.28
CA PRO C 838 55.91 11.94 -37.91
C PRO C 838 55.55 13.26 -38.57
N GLY C 839 54.94 13.24 -39.76
CA GLY C 839 54.49 14.47 -40.37
C GLY C 839 53.51 15.22 -39.49
N ILE C 840 52.46 14.52 -39.04
CA ILE C 840 51.47 15.12 -38.15
C ILE C 840 52.16 15.66 -36.89
N ALA C 841 53.06 14.87 -36.31
CA ALA C 841 53.78 15.31 -35.11
C ALA C 841 54.57 16.57 -35.38
N GLY C 842 55.25 16.64 -36.53
CA GLY C 842 55.97 17.85 -36.89
C GLY C 842 55.04 19.01 -37.16
N LEU C 843 53.81 18.73 -37.56
CA LEU C 843 52.82 19.81 -37.72
C LEU C 843 52.50 20.46 -36.38
N TYR C 844 52.29 19.65 -35.33
CA TYR C 844 52.11 20.21 -34.00
C TYR C 844 53.32 21.03 -33.58
N ASP C 845 54.52 20.55 -33.92
CA ASP C 845 55.75 21.28 -33.62
C ASP C 845 55.75 22.65 -34.28
N GLU C 846 55.55 22.69 -35.61
CA GLU C 846 55.62 23.93 -36.36
C GLU C 846 54.67 24.97 -35.79
N LEU C 847 53.48 24.56 -35.38
CA LEU C 847 52.47 25.51 -34.92
C LEU C 847 52.67 25.89 -33.45
N LEU C 848 53.15 24.98 -32.61
CA LEU C 848 53.04 25.15 -31.17
C LEU C 848 54.35 25.22 -30.40
N VAL C 849 55.49 25.00 -31.04
CA VAL C 849 56.77 24.90 -30.35
C VAL C 849 57.61 26.13 -30.67
N ALA C 850 58.15 26.75 -29.62
CA ALA C 850 59.05 27.87 -29.80
C ALA C 850 60.27 27.45 -30.61
N GLU C 851 60.81 28.39 -31.39
CA GLU C 851 61.91 28.05 -32.29
C GLU C 851 63.13 27.55 -31.52
N GLU C 852 63.30 27.99 -30.27
CA GLU C 852 64.40 27.48 -29.45
C GLU C 852 64.33 25.98 -29.26
N LEU C 853 63.11 25.41 -29.27
CA LEU C 853 62.91 24.00 -29.00
C LEU C 853 62.64 23.19 -30.26
N LYS C 854 62.55 23.84 -31.43
CA LYS C 854 62.30 23.09 -32.66
C LYS C 854 63.43 22.11 -33.01
N PRO C 855 64.72 22.43 -32.81
CA PRO C 855 65.74 21.39 -33.02
C PRO C 855 65.58 20.17 -32.13
N PHE C 856 65.11 20.35 -30.89
CA PHE C 856 64.88 19.21 -30.01
C PHE C 856 63.82 18.28 -30.59
N GLY C 857 62.73 18.84 -31.12
CA GLY C 857 61.72 18.02 -31.75
C GLY C 857 62.25 17.27 -32.95
N LYS C 858 63.09 17.94 -33.77
CA LYS C 858 63.69 17.25 -34.91
C LYS C 858 64.59 16.10 -34.45
N GLN C 859 65.25 16.23 -33.31
CA GLN C 859 66.04 15.13 -32.77
C GLN C 859 65.16 13.97 -32.33
N LEU C 860 63.98 14.28 -31.76
CA LEU C 860 63.07 13.22 -31.34
C LEU C 860 62.46 12.50 -32.52
N ARG C 861 62.14 13.23 -33.59
CA ARG C 861 61.63 12.58 -34.79
C ARG C 861 62.71 11.78 -35.48
N ASP C 862 63.98 12.18 -35.33
CA ASP C 862 65.08 11.35 -35.81
C ASP C 862 65.11 10.02 -35.06
N LYS C 863 64.97 10.07 -33.73
CA LYS C 863 64.90 8.84 -32.95
C LYS C 863 63.74 7.97 -33.37
N TYR C 864 62.60 8.58 -33.68
CA TYR C 864 61.43 7.85 -34.18
C TYR C 864 61.78 7.08 -35.45
N VAL C 865 62.30 7.79 -36.46
CA VAL C 865 62.58 7.18 -37.75
C VAL C 865 63.61 6.07 -37.62
N GLU C 866 64.59 6.25 -36.75
CA GLU C 866 65.63 5.23 -36.59
C GLU C 866 65.08 4.00 -35.87
N THR C 867 64.24 4.21 -34.85
CA THR C 867 63.63 3.08 -34.16
C THR C 867 62.75 2.26 -35.11
N GLN C 868 61.97 2.95 -35.96
CA GLN C 868 61.09 2.25 -36.88
C GLN C 868 61.88 1.49 -37.94
N GLN C 869 62.97 2.08 -38.43
CA GLN C 869 63.77 1.40 -39.46
C GLN C 869 64.42 0.13 -38.90
N LEU C 870 64.96 0.20 -37.68
CA LEU C 870 65.59 -0.96 -37.09
C LEU C 870 64.56 -2.03 -36.73
N LEU C 871 63.40 -1.61 -36.23
CA LEU C 871 62.33 -2.56 -35.94
C LEU C 871 61.95 -3.37 -37.16
N LEU C 872 61.85 -2.72 -38.32
CA LEU C 872 61.47 -3.42 -39.53
C LEU C 872 62.56 -4.36 -40.01
N GLN C 873 63.83 -4.02 -39.78
CA GLN C 873 64.92 -4.91 -40.17
C GLN C 873 64.89 -6.19 -39.36
N ILE C 874 64.74 -6.07 -38.03
CA ILE C 874 64.75 -7.24 -37.17
C ILE C 874 63.55 -8.15 -37.47
N ALA C 875 62.41 -7.56 -37.82
CA ALA C 875 61.23 -8.34 -38.17
C ALA C 875 61.30 -8.88 -39.60
N GLY C 876 62.26 -8.44 -40.41
CA GLY C 876 62.33 -8.87 -41.79
C GLY C 876 61.21 -8.31 -42.64
N HIS C 877 60.79 -7.08 -42.36
CA HIS C 877 59.67 -6.46 -43.04
C HIS C 877 60.12 -5.26 -43.86
N LYS C 878 59.60 -5.15 -45.08
CA LYS C 878 59.82 -3.93 -45.87
C LYS C 878 58.90 -2.81 -45.41
N ASP C 879 57.64 -3.14 -45.12
CA ASP C 879 56.64 -2.16 -44.71
C ASP C 879 56.13 -2.48 -43.31
N ILE C 880 55.58 -1.45 -42.67
CA ILE C 880 54.95 -1.63 -41.37
C ILE C 880 53.78 -2.59 -41.50
N LEU C 881 53.69 -3.54 -40.57
CA LEU C 881 52.57 -4.47 -40.46
C LEU C 881 52.40 -5.32 -41.73
N GLU C 882 53.49 -5.54 -42.45
CA GLU C 882 53.46 -6.44 -43.60
C GLU C 882 53.14 -7.86 -43.18
N GLY C 883 53.36 -8.20 -41.91
CA GLY C 883 52.98 -9.51 -41.38
C GLY C 883 51.51 -9.67 -41.03
N ASP C 884 50.74 -8.59 -41.06
CA ASP C 884 49.31 -8.63 -40.77
C ASP C 884 48.58 -7.67 -41.70
N PRO C 885 48.38 -8.06 -42.96
CA PRO C 885 47.71 -7.16 -43.91
C PRO C 885 46.27 -6.84 -43.52
N PHE C 886 45.64 -7.68 -42.71
CA PHE C 886 44.28 -7.39 -42.26
C PHE C 886 44.27 -6.25 -41.26
N LEU C 887 45.20 -6.27 -40.30
CA LEU C 887 45.31 -5.18 -39.35
C LEU C 887 45.76 -3.89 -40.04
N LYS C 888 46.69 -4.00 -40.99
CA LYS C 888 47.15 -2.83 -41.72
C LYS C 888 46.01 -2.12 -42.43
N GLN C 889 45.20 -2.88 -43.17
CA GLN C 889 44.07 -2.28 -43.89
C GLN C 889 43.07 -1.65 -42.92
N GLY C 890 42.78 -2.33 -41.81
CA GLY C 890 41.86 -1.78 -40.84
C GLY C 890 42.33 -0.46 -40.27
N LEU C 891 43.62 -0.36 -39.95
CA LEU C 891 44.14 0.84 -39.31
C LEU C 891 44.26 2.01 -40.28
N VAL C 892 44.61 1.75 -41.54
CA VAL C 892 44.82 2.87 -42.47
C VAL C 892 43.49 3.49 -42.91
N LEU C 893 42.40 2.71 -42.91
CA LEU C 893 41.12 3.27 -43.32
C LEU C 893 40.52 4.19 -42.26
N ARG C 894 41.08 4.21 -41.05
CA ARG C 894 40.67 5.18 -40.04
C ARG C 894 41.39 6.52 -40.21
N ASN C 895 42.57 6.51 -40.83
CA ASN C 895 43.43 7.68 -40.82
C ASN C 895 42.83 8.93 -41.45
N PRO C 896 42.06 8.88 -42.55
CA PRO C 896 41.47 10.13 -43.08
C PRO C 896 40.69 10.92 -42.05
N TYR C 897 39.92 10.25 -41.19
CA TYR C 897 39.17 10.96 -40.17
C TYR C 897 40.07 11.40 -39.01
N ILE C 898 41.00 10.53 -38.59
CA ILE C 898 41.91 10.91 -37.51
C ILE C 898 42.77 12.10 -37.91
N THR C 899 43.33 12.05 -39.12
CA THR C 899 44.24 13.11 -39.56
C THR C 899 43.52 14.45 -39.63
N THR C 900 42.30 14.46 -40.18
CA THR C 900 41.50 15.68 -40.20
C THR C 900 41.38 16.29 -38.82
N LEU C 901 41.14 15.45 -37.81
CA LEU C 901 41.01 15.96 -36.44
C LEU C 901 42.36 16.38 -35.87
N ASN C 902 43.44 15.73 -36.28
CA ASN C 902 44.78 16.18 -35.87
C ASN C 902 45.03 17.61 -36.31
N VAL C 903 44.79 17.89 -37.60
CA VAL C 903 44.91 19.25 -38.11
C VAL C 903 44.02 20.20 -37.32
N PHE C 904 42.75 19.83 -37.18
CA PHE C 904 41.80 20.65 -36.42
C PHE C 904 42.30 20.91 -35.01
N GLN C 905 42.90 19.90 -34.38
CA GLN C 905 43.34 20.05 -32.99
C GLN C 905 44.56 20.95 -32.89
N ALA C 906 45.56 20.75 -33.76
CA ALA C 906 46.77 21.56 -33.71
C ALA C 906 46.44 23.04 -33.85
N TYR C 907 45.63 23.39 -34.84
CA TYR C 907 45.28 24.78 -35.05
C TYR C 907 44.40 25.31 -33.94
N THR C 908 43.55 24.46 -33.35
CA THR C 908 42.72 24.90 -32.24
C THR C 908 43.57 25.21 -31.01
N LEU C 909 44.62 24.42 -30.78
CA LEU C 909 45.55 24.73 -29.69
C LEU C 909 46.30 26.02 -29.95
N LYS C 910 46.62 26.31 -31.22
CA LYS C 910 47.27 27.57 -31.54
C LYS C 910 46.37 28.75 -31.18
N ARG C 911 45.08 28.65 -31.47
CA ARG C 911 44.16 29.73 -31.14
C ARG C 911 43.95 29.83 -29.64
N ILE C 912 43.84 28.69 -28.96
CA ILE C 912 43.60 28.71 -27.52
C ILE C 912 44.78 29.35 -26.81
N ARG C 913 45.99 29.17 -27.34
CA ARG C 913 47.19 29.55 -26.61
C ARG C 913 47.78 30.92 -26.95
N ASP C 914 47.51 31.48 -28.12
CA ASP C 914 48.04 32.82 -28.40
C ASP C 914 46.97 33.76 -28.95
N PRO C 915 46.68 34.82 -28.21
CA PRO C 915 45.72 35.84 -28.69
C PRO C 915 46.11 36.51 -29.99
N ASN C 916 47.39 36.42 -30.39
CA ASN C 916 47.86 37.14 -31.56
C ASN C 916 47.68 36.38 -32.86
N PHE C 917 47.58 35.06 -32.81
CA PHE C 917 47.31 34.26 -34.00
C PHE C 917 45.96 34.64 -34.57
N LYS C 918 45.94 35.18 -35.80
CA LYS C 918 44.72 35.70 -36.38
C LYS C 918 44.20 34.79 -37.48
N VAL C 919 42.87 34.79 -37.63
CA VAL C 919 42.15 33.93 -38.56
C VAL C 919 41.24 34.81 -39.40
N THR C 920 41.01 34.39 -40.64
CA THR C 920 40.08 35.11 -41.51
C THR C 920 38.69 34.49 -41.37
N PRO C 921 37.77 35.12 -40.62
CA PRO C 921 36.47 34.49 -40.36
C PRO C 921 35.63 34.33 -41.63
N GLN C 922 35.38 33.07 -42.04
CA GLN C 922 34.57 32.85 -43.24
C GLN C 922 33.09 32.76 -42.89
N PRO C 923 32.22 33.11 -43.83
CA PRO C 923 30.77 33.16 -43.56
C PRO C 923 30.22 31.79 -43.18
N PRO C 924 29.03 31.74 -42.59
CA PRO C 924 28.50 30.48 -42.08
C PRO C 924 28.16 29.48 -43.19
N LEU C 925 27.84 28.27 -42.77
CA LEU C 925 27.60 27.14 -43.68
C LEU C 925 26.42 26.30 -43.19
N SER C 926 25.32 26.95 -42.85
CA SER C 926 24.14 26.21 -42.37
C SER C 926 22.84 26.93 -42.71
N TYR C 947 37.78 29.56 -22.27
CA TYR C 947 38.38 29.74 -23.57
C TYR C 947 37.43 30.48 -24.53
N PRO C 948 37.98 31.09 -25.58
CA PRO C 948 37.15 31.82 -26.56
C PRO C 948 36.07 30.94 -27.18
N PRO C 949 35.11 31.54 -27.87
CA PRO C 949 33.92 30.78 -28.28
C PRO C 949 34.23 29.61 -29.20
N GLY C 950 33.61 28.47 -28.91
CA GLY C 950 33.67 27.29 -29.75
C GLY C 950 34.92 26.46 -29.57
N LEU C 951 36.01 27.08 -29.11
CA LEU C 951 37.31 26.43 -29.13
C LEU C 951 37.36 25.22 -28.20
N GLU C 952 36.83 25.34 -26.98
CA GLU C 952 36.91 24.22 -26.04
C GLU C 952 36.10 23.02 -26.53
N ASP C 953 34.90 23.27 -27.08
CA ASP C 953 34.09 22.18 -27.60
C ASP C 953 34.78 21.50 -28.78
N THR C 954 35.34 22.30 -29.69
CA THR C 954 36.09 21.73 -30.81
C THR C 954 37.24 20.88 -30.30
N LEU C 955 37.98 21.37 -29.31
CA LEU C 955 39.14 20.64 -28.80
C LEU C 955 38.72 19.31 -28.16
N ILE C 956 37.66 19.32 -27.35
CA ILE C 956 37.20 18.09 -26.75
C ILE C 956 36.74 17.11 -27.81
N LEU C 957 36.10 17.61 -28.87
CA LEU C 957 35.66 16.75 -29.96
C LEU C 957 36.86 16.08 -30.65
N THR C 958 37.92 16.85 -30.90
CA THR C 958 39.10 16.28 -31.53
C THR C 958 39.74 15.22 -30.64
N MET C 959 39.89 15.52 -29.35
CA MET C 959 40.48 14.56 -28.41
C MET C 959 39.68 13.26 -28.39
N LYS C 960 38.35 13.38 -28.32
CA LYS C 960 37.50 12.19 -28.37
C LYS C 960 37.72 11.42 -29.66
N GLY C 961 37.77 12.13 -30.79
CA GLY C 961 37.84 11.45 -32.08
C GLY C 961 39.17 10.80 -32.34
N ILE C 962 40.27 11.51 -32.01
CA ILE C 962 41.59 10.92 -32.15
C ILE C 962 41.72 9.69 -31.26
N ALA C 963 41.29 9.81 -30.00
CA ALA C 963 41.35 8.68 -29.08
C ALA C 963 40.53 7.50 -29.60
N ALA C 964 39.36 7.79 -30.17
CA ALA C 964 38.53 6.72 -30.73
C ALA C 964 39.26 5.99 -31.85
N GLY C 965 39.99 6.73 -32.69
CA GLY C 965 40.69 6.10 -33.79
C GLY C 965 41.98 5.41 -33.39
N MET C 966 42.62 5.88 -32.31
CA MET C 966 43.91 5.32 -31.92
C MET C 966 43.75 4.10 -31.02
N GLN C 967 42.65 4.02 -30.28
CA GLN C 967 42.32 2.90 -29.39
C GLN C 967 43.54 2.64 -28.50
N ASN C 968 44.06 1.42 -28.43
CA ASN C 968 45.16 1.08 -27.54
C ASN C 968 46.51 1.33 -28.20
N THR C 969 47.40 2.00 -27.46
CA THR C 969 48.78 2.14 -27.90
C THR C 969 49.70 1.58 -26.82
N GLY C 970 50.16 2.45 -25.92
CA GLY C 970 51.00 2.02 -24.82
C GLY C 970 50.30 2.13 -23.49
N LYS D 12 15.06 -49.28 -35.37
CA LYS D 12 16.03 -48.40 -34.73
C LYS D 12 16.96 -47.79 -35.78
N HIS D 13 16.85 -48.26 -37.02
CA HIS D 13 17.93 -48.14 -37.98
C HIS D 13 17.65 -47.14 -39.10
N HIS D 14 16.75 -47.42 -40.03
CA HIS D 14 16.73 -46.67 -41.28
C HIS D 14 15.80 -45.44 -41.21
N SER D 15 16.05 -44.51 -42.12
CA SER D 15 15.33 -43.24 -42.21
C SER D 15 13.97 -43.44 -42.88
N ILE D 16 13.09 -42.44 -42.72
CA ILE D 16 11.73 -42.54 -43.22
C ILE D 16 11.63 -41.92 -44.61
N ASP D 17 12.75 -41.49 -45.18
CA ASP D 17 12.65 -40.73 -46.42
C ASP D 17 12.48 -41.62 -47.64
N ALA D 18 12.84 -42.90 -47.57
CA ALA D 18 12.57 -43.80 -48.69
C ALA D 18 11.07 -43.90 -48.95
N GLN D 19 10.28 -44.03 -47.89
CA GLN D 19 8.83 -44.11 -48.05
C GLN D 19 8.25 -42.82 -48.61
N LEU D 20 8.88 -41.68 -48.31
CA LEU D 20 8.37 -40.42 -48.82
C LEU D 20 8.68 -40.24 -50.30
N ARG D 21 9.88 -40.66 -50.72
CA ARG D 21 10.24 -40.54 -52.13
C ARG D 21 9.36 -41.42 -53.00
N GLN D 22 8.80 -42.49 -52.43
CA GLN D 22 7.84 -43.29 -53.18
C GLN D 22 6.55 -42.50 -53.40
N LEU D 23 6.19 -41.64 -52.45
CA LEU D 23 4.96 -40.87 -52.57
C LEU D 23 5.12 -39.74 -53.59
N VAL D 24 6.20 -38.98 -53.51
CA VAL D 24 6.46 -37.90 -54.45
C VAL D 24 7.83 -38.11 -55.09
N PRO D 25 7.94 -38.85 -56.17
CA PRO D 25 9.20 -38.90 -56.90
C PRO D 25 9.47 -37.59 -57.63
N GLY D 26 10.45 -36.83 -57.18
CA GLY D 26 10.85 -35.66 -57.93
C GLY D 26 10.54 -34.36 -57.20
N LYS D 27 11.38 -33.36 -57.44
CA LYS D 27 11.22 -32.05 -56.83
C LYS D 27 10.22 -31.21 -57.63
N VAL D 28 9.39 -30.44 -56.91
CA VAL D 28 8.47 -29.53 -57.57
C VAL D 28 9.14 -28.20 -57.90
N SER D 29 10.30 -27.91 -57.30
CA SER D 29 11.08 -26.74 -57.66
C SER D 29 12.54 -27.04 -57.38
N GLU D 30 13.41 -26.11 -57.79
CA GLU D 30 14.85 -26.30 -57.56
C GLU D 30 15.17 -26.35 -56.08
N ASP D 31 14.54 -25.47 -55.29
CA ASP D 31 14.78 -25.35 -53.86
C ASP D 31 13.85 -26.23 -53.03
N ASP D 32 13.19 -27.21 -53.66
CA ASP D 32 12.32 -28.13 -52.94
C ASP D 32 13.16 -29.01 -52.03
N LYS D 33 12.98 -28.86 -50.72
CA LYS D 33 13.68 -29.68 -49.74
C LYS D 33 12.70 -30.33 -48.76
N LEU D 34 11.41 -30.39 -49.13
CA LEU D 34 10.36 -30.76 -48.17
C LEU D 34 10.58 -32.16 -47.61
N ILE D 35 10.96 -33.11 -48.47
CA ILE D 35 11.15 -34.49 -47.99
C ILE D 35 12.40 -34.57 -47.12
N GLU D 36 13.45 -33.81 -47.48
CA GLU D 36 14.62 -33.71 -46.61
C GLU D 36 14.24 -33.18 -45.23
N TYR D 37 13.38 -32.16 -45.20
CA TYR D 37 12.96 -31.58 -43.93
C TYR D 37 12.12 -32.56 -43.13
N ASP D 38 11.13 -33.19 -43.78
CA ASP D 38 10.30 -34.17 -43.09
C ASP D 38 11.15 -35.28 -42.48
N ALA D 39 12.13 -35.79 -43.24
CA ALA D 39 13.00 -36.84 -42.73
C ALA D 39 13.83 -36.35 -41.55
N LEU D 40 14.44 -35.17 -41.70
CA LEU D 40 15.21 -34.58 -40.61
C LEU D 40 14.44 -34.59 -39.31
N LEU D 41 13.21 -34.07 -39.34
CA LEU D 41 12.42 -33.94 -38.12
C LEU D 41 11.99 -35.31 -37.58
N VAL D 42 11.41 -36.14 -38.44
CA VAL D 42 10.79 -37.37 -37.94
C VAL D 42 11.83 -38.38 -37.49
N ASP D 43 12.93 -38.52 -38.26
CA ASP D 43 14.02 -39.38 -37.82
C ASP D 43 14.50 -39.00 -36.44
N ARG D 44 14.64 -37.69 -36.18
CA ARG D 44 15.06 -37.24 -34.87
C ARG D 44 13.99 -37.50 -33.81
N PHE D 45 12.73 -37.31 -34.16
CA PHE D 45 11.66 -37.65 -33.22
C PHE D 45 11.69 -39.14 -32.89
N LEU D 46 11.81 -39.98 -33.91
CA LEU D 46 11.79 -41.43 -33.68
C LEU D 46 12.94 -41.85 -32.77
N ASN D 47 14.11 -41.23 -32.94
CA ASN D 47 15.24 -41.53 -32.06
C ASN D 47 14.95 -41.12 -30.63
N ILE D 48 14.29 -39.97 -30.45
CA ILE D 48 13.84 -39.57 -29.13
C ILE D 48 12.84 -40.57 -28.58
N LEU D 49 11.90 -40.99 -29.42
CA LEU D 49 10.91 -41.99 -29.01
C LEU D 49 11.57 -43.27 -28.50
N GLN D 50 12.62 -43.71 -29.19
CA GLN D 50 13.30 -44.94 -28.77
C GLN D 50 14.07 -44.74 -27.48
N ASP D 51 14.75 -43.61 -27.34
CA ASP D 51 15.52 -43.36 -26.12
C ASP D 51 14.61 -43.25 -24.90
N LEU D 52 13.38 -42.77 -25.07
CA LEU D 52 12.45 -42.60 -23.97
C LEU D 52 11.60 -43.83 -23.71
N HIS D 53 11.24 -44.59 -24.75
CA HIS D 53 10.28 -45.66 -24.60
C HIS D 53 10.74 -47.02 -25.12
N GLY D 54 11.97 -47.13 -25.62
CA GLY D 54 12.48 -48.42 -26.03
C GLY D 54 12.42 -48.66 -27.52
N PRO D 55 13.23 -49.60 -28.02
CA PRO D 55 13.29 -49.83 -29.47
C PRO D 55 12.02 -50.45 -30.02
N SER D 56 11.39 -51.37 -29.28
CA SER D 56 10.18 -52.03 -29.76
C SER D 56 9.13 -51.02 -30.19
N LEU D 57 8.81 -50.08 -29.31
CA LEU D 57 7.75 -49.14 -29.61
C LEU D 57 8.12 -48.21 -30.77
N ARG D 58 9.38 -47.77 -30.83
CA ARG D 58 9.82 -46.99 -31.98
C ARG D 58 9.63 -47.79 -33.27
N GLU D 59 10.03 -49.07 -33.25
CA GLU D 59 9.87 -49.90 -34.43
C GLU D 59 8.41 -50.09 -34.79
N PHE D 60 7.54 -50.18 -33.78
CA PHE D 60 6.10 -50.30 -34.05
C PHE D 60 5.56 -49.02 -34.70
N VAL D 61 5.95 -47.86 -34.18
CA VAL D 61 5.45 -46.60 -34.74
C VAL D 61 5.96 -46.41 -36.16
N GLN D 62 7.23 -46.77 -36.41
CA GLN D 62 7.76 -46.61 -37.77
C GLN D 62 7.09 -47.58 -38.73
N GLU D 63 6.82 -48.81 -38.28
CA GLU D 63 6.15 -49.76 -39.17
C GLU D 63 4.72 -49.33 -39.48
N CYS D 64 4.03 -48.71 -38.52
CA CYS D 64 2.75 -48.07 -38.82
C CYS D 64 2.91 -47.04 -39.92
N TYR D 65 3.93 -46.19 -39.80
CA TYR D 65 4.22 -45.20 -40.83
C TYR D 65 4.46 -45.86 -42.18
N GLU D 66 5.26 -46.93 -42.19
CA GLU D 66 5.61 -47.57 -43.46
C GLU D 66 4.41 -48.22 -44.11
N VAL D 67 3.57 -48.91 -43.32
CA VAL D 67 2.39 -49.56 -43.87
C VAL D 67 1.47 -48.53 -44.54
N SER D 68 1.17 -47.45 -43.83
CA SER D 68 0.27 -46.43 -44.38
C SER D 68 0.88 -45.74 -45.59
N ALA D 69 2.21 -45.59 -45.62
CA ALA D 69 2.85 -44.97 -46.78
C ALA D 69 2.78 -45.88 -48.00
N ASP D 70 2.94 -47.19 -47.79
CA ASP D 70 2.78 -48.13 -48.89
C ASP D 70 1.37 -48.12 -49.43
N TYR D 71 0.37 -47.86 -48.58
CA TYR D 71 -1.01 -47.94 -49.00
C TYR D 71 -1.34 -46.88 -50.04
N GLU D 72 -0.81 -45.67 -49.86
CA GLU D 72 -1.10 -44.59 -50.80
C GLU D 72 -0.67 -44.95 -52.22
N GLY D 73 0.48 -45.61 -52.35
CA GLY D 73 0.96 -45.99 -53.68
C GLY D 73 0.23 -47.19 -54.26
N LYS D 74 -0.29 -48.06 -53.39
CA LYS D 74 -0.96 -49.30 -53.83
C LYS D 74 -2.26 -49.46 -53.03
N GLY D 75 -3.29 -48.71 -53.40
CA GLY D 75 -4.55 -48.69 -52.66
C GLY D 75 -5.21 -50.03 -52.42
N ASP D 76 -4.67 -50.79 -51.46
CA ASP D 76 -5.14 -52.14 -51.16
C ASP D 76 -5.45 -52.23 -49.68
N THR D 77 -6.73 -52.43 -49.35
CA THR D 77 -7.21 -52.28 -47.97
C THR D 77 -6.59 -53.30 -47.01
N THR D 78 -6.22 -54.48 -47.51
CA THR D 78 -6.02 -55.63 -46.61
C THR D 78 -4.88 -55.42 -45.61
N LYS D 79 -3.80 -54.75 -45.99
CA LYS D 79 -2.73 -54.55 -45.01
C LYS D 79 -3.02 -53.39 -44.08
N LEU D 80 -3.94 -52.48 -44.45
CA LEU D 80 -4.54 -51.60 -43.46
C LEU D 80 -5.26 -52.41 -42.39
N GLY D 81 -5.94 -53.48 -42.81
CA GLY D 81 -6.61 -54.34 -41.86
C GLY D 81 -5.64 -55.07 -40.96
N GLU D 82 -4.54 -55.57 -41.52
CA GLU D 82 -3.49 -56.17 -40.70
C GLU D 82 -2.98 -55.18 -39.67
N LEU D 83 -2.81 -53.91 -40.08
CA LEU D 83 -2.33 -52.89 -39.16
C LEU D 83 -3.33 -52.64 -38.04
N GLY D 84 -4.63 -52.58 -38.37
CA GLY D 84 -5.63 -52.38 -37.33
C GLY D 84 -5.66 -53.50 -36.31
N ALA D 85 -5.42 -54.74 -36.77
CA ALA D 85 -5.29 -55.86 -35.85
C ALA D 85 -4.21 -55.59 -34.82
N LYS D 86 -3.02 -55.19 -35.29
CA LYS D 86 -1.92 -54.89 -34.38
C LYS D 86 -2.28 -53.74 -33.44
N LEU D 87 -2.95 -52.72 -33.96
CA LEU D 87 -3.27 -51.54 -33.15
C LEU D 87 -4.23 -51.88 -32.01
N THR D 88 -5.28 -52.63 -32.31
CA THR D 88 -6.23 -53.01 -31.27
C THR D 88 -5.60 -53.88 -30.21
N GLY D 89 -4.54 -54.61 -30.57
CA GLY D 89 -3.87 -55.46 -29.59
C GLY D 89 -3.10 -54.70 -28.53
N LEU D 90 -2.82 -53.42 -28.77
CA LEU D 90 -2.00 -52.65 -27.85
C LEU D 90 -2.71 -52.43 -26.52
N ALA D 91 -1.94 -52.54 -25.44
CA ALA D 91 -2.43 -52.16 -24.12
C ALA D 91 -2.84 -50.69 -24.12
N PRO D 92 -3.68 -50.27 -23.16
CA PRO D 92 -4.15 -48.88 -23.16
C PRO D 92 -3.04 -47.84 -23.22
N ALA D 93 -2.05 -47.93 -22.32
CA ALA D 93 -0.98 -46.94 -22.29
C ALA D 93 -0.21 -46.92 -23.60
N ASP D 94 0.02 -48.10 -24.20
CA ASP D 94 0.71 -48.15 -25.48
C ASP D 94 -0.13 -47.54 -26.60
N ALA D 95 -1.45 -47.71 -26.55
CA ALA D 95 -2.31 -47.17 -27.60
C ALA D 95 -2.23 -45.65 -27.63
N ILE D 96 -2.32 -45.01 -26.46
CA ILE D 96 -2.24 -43.54 -26.41
C ILE D 96 -0.89 -43.07 -26.91
N LEU D 97 0.18 -43.79 -26.59
CA LEU D 97 1.51 -43.31 -26.94
C LEU D 97 1.81 -43.51 -28.42
N VAL D 98 1.24 -44.54 -29.05
CA VAL D 98 1.39 -44.69 -30.50
C VAL D 98 0.57 -43.64 -31.23
N ALA D 99 -0.69 -43.46 -30.80
CA ALA D 99 -1.55 -42.46 -31.43
C ALA D 99 -0.94 -41.06 -31.30
N SER D 100 -0.50 -40.70 -30.09
CA SER D 100 0.08 -39.38 -29.90
C SER D 100 1.40 -39.23 -30.64
N SER D 101 2.15 -40.32 -30.81
CA SER D 101 3.39 -40.25 -31.57
C SER D 101 3.11 -39.95 -33.04
N ILE D 102 2.14 -40.64 -33.63
CA ILE D 102 1.75 -40.36 -35.00
C ILE D 102 1.29 -38.92 -35.13
N LEU D 103 0.57 -38.42 -34.13
CA LEU D 103 0.09 -37.05 -34.15
C LEU D 103 1.25 -36.07 -34.16
N HIS D 104 2.24 -36.30 -33.29
CA HIS D 104 3.40 -35.41 -33.24
C HIS D 104 4.21 -35.45 -34.53
N MET D 105 4.25 -36.61 -35.20
CA MET D 105 4.94 -36.69 -36.48
C MET D 105 4.20 -35.87 -37.54
N LEU D 106 2.87 -35.92 -37.53
CA LEU D 106 2.09 -35.07 -38.42
C LEU D 106 2.38 -33.60 -38.16
N ASN D 107 2.41 -33.21 -36.87
CA ASN D 107 2.78 -31.84 -36.51
C ASN D 107 4.13 -31.47 -37.11
N LEU D 108 5.13 -32.32 -36.91
CA LEU D 108 6.46 -32.06 -37.45
C LEU D 108 6.43 -31.94 -38.97
N ALA D 109 5.58 -32.72 -39.64
CA ALA D 109 5.49 -32.62 -41.10
C ALA D 109 4.84 -31.30 -41.53
N ASN D 110 3.88 -30.80 -40.75
CA ASN D 110 3.27 -29.51 -41.08
C ASN D 110 4.26 -28.37 -40.88
N LEU D 111 5.10 -28.46 -39.83
CA LEU D 111 6.10 -27.43 -39.60
C LEU D 111 7.08 -27.34 -40.76
N ALA D 112 7.54 -28.49 -41.26
CA ALA D 112 8.44 -28.49 -42.41
C ALA D 112 7.75 -27.93 -43.65
N GLU D 113 6.47 -28.27 -43.83
CA GLU D 113 5.69 -27.67 -44.91
C GLU D 113 5.64 -26.16 -44.77
N GLU D 114 5.53 -25.66 -43.55
CA GLU D 114 5.50 -24.22 -43.31
C GLU D 114 6.84 -23.58 -43.68
N VAL D 115 7.94 -24.16 -43.20
CA VAL D 115 9.27 -23.66 -43.55
C VAL D 115 9.45 -23.62 -45.06
N GLN D 116 9.00 -24.67 -45.75
CA GLN D 116 9.20 -24.77 -47.19
C GLN D 116 8.43 -23.68 -47.93
N ILE D 117 7.17 -23.46 -47.57
CA ILE D 117 6.39 -22.38 -48.20
C ILE D 117 7.06 -21.04 -47.93
N ALA D 118 7.46 -20.80 -46.68
CA ALA D 118 7.96 -19.48 -46.27
C ALA D 118 9.20 -19.09 -47.07
N HIS D 119 10.08 -20.05 -47.35
CA HIS D 119 11.37 -19.76 -47.94
C HIS D 119 11.48 -20.18 -49.40
N ARG D 120 10.38 -20.57 -50.03
CA ARG D 120 10.42 -20.89 -51.46
C ARG D 120 10.68 -19.63 -52.26
N ARG D 121 11.71 -19.65 -53.11
CA ARG D 121 12.00 -18.47 -53.93
C ARG D 121 10.98 -18.35 -55.06
N ARG D 122 10.44 -17.14 -55.21
CA ARG D 122 9.48 -16.86 -56.27
C ARG D 122 10.14 -17.07 -57.62
N ASN D 123 9.40 -17.69 -58.54
CA ASN D 123 9.91 -18.05 -59.86
C ASN D 123 8.89 -17.58 -60.90
N SER D 124 9.18 -16.42 -61.52
CA SER D 124 8.23 -15.81 -62.44
C SER D 124 8.02 -16.64 -63.70
N LYS D 125 8.94 -17.56 -64.02
CA LYS D 125 8.73 -18.43 -65.16
C LYS D 125 7.48 -19.29 -65.02
N LEU D 126 7.01 -19.49 -63.79
CA LEU D 126 5.81 -20.30 -63.56
C LEU D 126 4.52 -19.57 -63.94
N LYS D 127 4.57 -18.25 -64.15
CA LYS D 127 3.36 -17.49 -64.43
C LYS D 127 2.90 -17.74 -65.87
N LYS D 128 1.59 -17.95 -66.02
CA LYS D 128 0.97 -18.10 -67.33
C LYS D 128 0.18 -16.86 -67.75
N GLY D 129 0.13 -15.85 -66.90
CA GLY D 129 -0.72 -14.70 -67.15
C GLY D 129 -2.18 -14.99 -66.83
N GLY D 130 -2.95 -13.92 -66.65
CA GLY D 130 -4.36 -14.06 -66.39
C GLY D 130 -4.68 -14.40 -64.95
N PHE D 131 -5.97 -14.57 -64.68
CA PHE D 131 -6.42 -14.70 -63.30
C PHE D 131 -5.96 -16.01 -62.66
N ALA D 132 -5.72 -17.04 -63.47
CA ALA D 132 -5.39 -18.34 -62.89
C ALA D 132 -4.09 -18.32 -62.11
N ASP D 133 -3.20 -17.37 -62.42
CA ASP D 133 -1.95 -17.25 -61.67
C ASP D 133 -2.20 -16.94 -60.20
N GLU D 134 -3.34 -16.34 -59.88
CA GLU D 134 -3.63 -15.87 -58.53
C GLU D 134 -4.18 -16.97 -57.62
N GLY D 135 -4.21 -18.22 -58.08
CA GLY D 135 -4.69 -19.32 -57.27
C GLY D 135 -3.67 -20.03 -56.43
N SER D 136 -2.38 -19.66 -56.55
CA SER D 136 -1.32 -20.33 -55.82
C SER D 136 -0.26 -19.31 -55.43
N ALA D 137 0.34 -19.50 -54.25
CA ALA D 137 1.38 -18.60 -53.79
C ALA D 137 2.64 -18.69 -54.64
N THR D 138 2.81 -19.77 -55.41
CA THR D 138 3.95 -19.85 -56.30
C THR D 138 3.83 -18.93 -57.51
N THR D 139 2.62 -18.46 -57.81
CA THR D 139 2.39 -17.66 -59.01
C THR D 139 1.64 -16.36 -58.78
N GLU D 140 1.07 -16.13 -57.59
CA GLU D 140 0.23 -14.95 -57.38
C GLU D 140 1.06 -13.67 -57.44
N SER D 141 0.36 -12.55 -57.55
CA SER D 141 0.99 -11.24 -57.59
C SER D 141 1.12 -10.68 -56.18
N ASP D 142 2.28 -10.09 -55.88
CA ASP D 142 2.42 -9.35 -54.63
C ASP D 142 1.80 -7.97 -54.81
N ILE D 143 1.86 -7.15 -53.75
CA ILE D 143 1.15 -5.88 -53.78
C ILE D 143 1.71 -4.95 -54.84
N GLU D 144 3.04 -4.97 -55.02
CA GLU D 144 3.65 -4.10 -56.02
C GLU D 144 3.27 -4.53 -57.43
N GLU D 145 3.29 -5.84 -57.71
CA GLU D 145 2.86 -6.32 -59.02
C GLU D 145 1.40 -5.99 -59.28
N THR D 146 0.57 -6.04 -58.23
CA THR D 146 -0.83 -5.68 -58.38
C THR D 146 -0.98 -4.20 -58.71
N LEU D 147 -0.26 -3.33 -57.98
CA LEU D 147 -0.31 -1.90 -58.27
C LEU D 147 0.10 -1.62 -59.71
N LYS D 148 1.17 -2.27 -60.17
CA LYS D 148 1.65 -2.01 -61.52
C LYS D 148 0.65 -2.47 -62.58
N ARG D 149 -0.05 -3.59 -62.33
CA ARG D 149 -1.07 -4.03 -63.28
C ARG D 149 -2.24 -3.04 -63.32
N LEU D 150 -2.64 -2.53 -62.15
CA LEU D 150 -3.75 -1.59 -62.11
C LEU D 150 -3.41 -0.33 -62.89
N VAL D 151 -2.16 0.11 -62.85
CA VAL D 151 -1.77 1.34 -63.51
C VAL D 151 -1.64 1.12 -65.02
N SER D 152 -0.95 0.06 -65.42
CA SER D 152 -0.54 -0.14 -66.81
C SER D 152 -1.49 -1.00 -67.61
N GLU D 153 -2.00 -2.09 -67.04
CA GLU D 153 -2.91 -2.95 -67.78
C GLU D 153 -4.35 -2.45 -67.71
N VAL D 154 -4.81 -2.08 -66.52
CA VAL D 154 -6.19 -1.61 -66.36
C VAL D 154 -6.33 -0.13 -66.67
N GLY D 155 -5.26 0.66 -66.49
CA GLY D 155 -5.29 2.05 -66.89
C GLY D 155 -5.72 3.04 -65.83
N LYS D 156 -5.64 2.69 -64.56
CA LYS D 156 -5.96 3.64 -63.50
C LYS D 156 -4.73 4.42 -63.11
N SER D 157 -4.94 5.64 -62.63
CA SER D 157 -3.85 6.52 -62.27
C SER D 157 -3.27 6.13 -60.91
N PRO D 158 -2.00 6.44 -60.66
CA PRO D 158 -1.43 6.21 -59.32
C PRO D 158 -2.25 6.80 -58.19
N GLU D 159 -2.82 8.00 -58.35
CA GLU D 159 -3.58 8.59 -57.25
C GLU D 159 -4.97 7.98 -57.12
N GLU D 160 -5.53 7.43 -58.22
CA GLU D 160 -6.72 6.60 -58.09
C GLU D 160 -6.44 5.41 -57.19
N VAL D 161 -5.36 4.69 -57.48
CA VAL D 161 -4.98 3.52 -56.68
C VAL D 161 -4.69 3.93 -55.24
N PHE D 162 -3.97 5.04 -55.06
CA PHE D 162 -3.66 5.55 -53.73
C PHE D 162 -4.94 5.88 -52.96
N GLU D 163 -5.95 6.42 -53.64
CA GLU D 163 -7.20 6.76 -52.97
C GLU D 163 -7.97 5.51 -52.59
N ALA D 164 -7.95 4.49 -53.45
CA ALA D 164 -8.63 3.23 -53.12
C ALA D 164 -8.02 2.59 -51.88
N LEU D 165 -6.69 2.58 -51.78
CA LEU D 165 -6.03 2.03 -50.60
C LEU D 165 -6.42 2.79 -49.34
N LYS D 166 -6.50 4.12 -49.44
CA LYS D 166 -6.91 4.92 -48.29
C LYS D 166 -8.31 4.56 -47.82
N ASN D 167 -9.16 4.09 -48.73
CA ASN D 167 -10.56 3.80 -48.43
C ASN D 167 -10.83 2.31 -48.19
N GLN D 168 -9.79 1.48 -48.20
CA GLN D 168 -9.96 0.04 -48.10
C GLN D 168 -9.87 -0.42 -46.66
N THR D 169 -10.70 -1.41 -46.32
CA THR D 169 -10.55 -2.13 -45.07
C THR D 169 -10.90 -3.60 -45.28
N VAL D 170 -9.97 -4.48 -44.92
CA VAL D 170 -10.22 -5.92 -44.87
C VAL D 170 -10.25 -6.32 -43.40
N ASP D 171 -11.34 -6.97 -43.00
CA ASP D 171 -11.59 -7.36 -41.62
C ASP D 171 -11.45 -8.88 -41.53
N LEU D 172 -10.45 -9.34 -40.79
CA LEU D 172 -10.22 -10.76 -40.59
C LEU D 172 -10.75 -11.16 -39.22
N VAL D 173 -11.56 -12.22 -39.17
CA VAL D 173 -12.31 -12.58 -37.99
C VAL D 173 -11.83 -13.94 -37.50
N PHE D 174 -11.23 -13.94 -36.31
CA PHE D 174 -10.77 -15.18 -35.68
C PHE D 174 -11.93 -15.91 -35.03
N THR D 175 -11.98 -17.23 -35.23
CA THR D 175 -12.96 -18.09 -34.59
C THR D 175 -12.25 -19.29 -33.98
N ALA D 176 -12.84 -19.83 -32.92
CA ALA D 176 -12.19 -20.85 -32.11
C ALA D 176 -11.90 -22.10 -32.93
N HIS D 177 -10.81 -22.77 -32.58
CA HIS D 177 -10.41 -24.01 -33.24
C HIS D 177 -11.19 -25.18 -32.64
N PRO D 178 -11.94 -25.94 -33.45
CA PRO D 178 -12.75 -27.03 -32.88
C PRO D 178 -11.98 -28.04 -32.07
N THR D 179 -10.72 -28.31 -32.41
CA THR D 179 -10.02 -29.47 -31.86
C THR D 179 -8.67 -29.20 -31.21
N GLN D 180 -8.09 -28.02 -31.38
CA GLN D 180 -6.70 -27.79 -30.99
C GLN D 180 -6.58 -26.46 -30.26
N SER D 181 -5.75 -26.45 -29.20
CA SER D 181 -5.70 -25.32 -28.28
C SER D 181 -4.89 -24.15 -28.83
N ALA D 182 -3.62 -24.40 -29.15
CA ALA D 182 -2.67 -23.40 -29.63
C ALA D 182 -2.28 -22.40 -28.54
N ARG D 183 -1.74 -22.90 -27.43
CA ARG D 183 -1.25 -22.02 -26.37
C ARG D 183 0.10 -21.42 -26.79
N ARG D 184 0.41 -20.26 -26.21
CA ARG D 184 1.52 -19.45 -26.71
C ARG D 184 2.86 -20.16 -26.55
N SER D 185 3.04 -20.91 -25.47
CA SER D 185 4.29 -21.63 -25.28
C SER D 185 4.49 -22.69 -26.37
N LEU D 186 3.41 -23.25 -26.89
CA LEU D 186 3.52 -24.21 -27.98
C LEU D 186 3.91 -23.52 -29.28
N LEU D 187 3.32 -22.36 -29.57
CA LEU D 187 3.69 -21.63 -30.78
C LEU D 187 5.17 -21.25 -30.77
N GLN D 188 5.75 -21.05 -29.59
CA GLN D 188 7.15 -20.68 -29.51
C GLN D 188 8.06 -21.89 -29.64
N LYS D 189 7.62 -23.06 -29.17
CA LYS D 189 8.34 -24.29 -29.47
C LYS D 189 8.34 -24.55 -30.98
N ASN D 190 7.19 -24.37 -31.62
CA ASN D 190 7.10 -24.45 -33.08
C ASN D 190 8.14 -23.55 -33.74
N ALA D 191 8.17 -22.28 -33.34
CA ALA D 191 9.09 -21.32 -33.97
C ALA D 191 10.54 -21.76 -33.82
N ARG D 192 10.90 -22.30 -32.65
CA ARG D 192 12.29 -22.71 -32.45
C ARG D 192 12.64 -23.93 -33.29
N ILE D 193 11.68 -24.84 -33.50
CA ILE D 193 11.92 -25.96 -34.40
C ILE D 193 12.11 -25.47 -35.83
N ARG D 194 11.24 -24.56 -36.29
CA ARG D 194 11.36 -24.02 -37.63
C ARG D 194 12.68 -23.27 -37.81
N ASN D 195 13.08 -22.48 -36.81
CA ASN D 195 14.32 -21.71 -36.92
C ASN D 195 15.54 -22.62 -36.95
N CYS D 196 15.57 -23.65 -36.10
CA CYS D 196 16.66 -24.62 -36.13
C CYS D 196 16.75 -25.29 -37.51
N LEU D 197 15.59 -25.55 -38.12
CA LEU D 197 15.56 -26.26 -39.39
C LEU D 197 16.16 -25.40 -40.51
N THR D 198 15.74 -24.13 -40.60
CA THR D 198 16.28 -23.26 -41.65
C THR D 198 17.76 -22.96 -41.40
N GLN D 199 18.15 -22.76 -40.14
CA GLN D 199 19.54 -22.44 -39.85
C GLN D 199 20.45 -23.63 -40.11
N LEU D 200 19.94 -24.85 -39.87
CA LEU D 200 20.71 -26.05 -40.16
C LEU D 200 21.05 -26.15 -41.63
N ASN D 201 20.14 -25.71 -42.50
CA ASN D 201 20.31 -25.82 -43.94
C ASN D 201 20.78 -24.51 -44.56
N ALA D 202 21.48 -23.69 -43.78
CA ALA D 202 22.13 -22.51 -44.32
C ALA D 202 23.40 -22.90 -45.06
N LYS D 203 23.78 -22.08 -46.03
CA LYS D 203 24.99 -22.31 -46.81
C LYS D 203 26.22 -21.86 -46.04
N ASP D 204 27.31 -22.62 -46.19
CA ASP D 204 28.60 -22.30 -45.56
C ASP D 204 28.48 -22.33 -44.03
N ILE D 205 27.83 -23.36 -43.50
CA ILE D 205 27.66 -23.50 -42.05
C ILE D 205 28.83 -24.31 -41.49
N THR D 206 29.29 -23.91 -40.30
CA THR D 206 30.40 -24.59 -39.65
C THR D 206 29.97 -25.96 -39.14
N ASP D 207 30.95 -26.87 -39.03
CA ASP D 207 30.67 -28.18 -38.44
C ASP D 207 30.20 -28.06 -37.01
N ASP D 208 30.81 -27.16 -36.24
CA ASP D 208 30.41 -27.00 -34.84
C ASP D 208 29.08 -26.27 -34.73
N ASP D 209 28.83 -25.29 -35.59
CA ASP D 209 27.52 -24.64 -35.64
C ASP D 209 26.43 -25.65 -35.96
N LYS D 210 26.68 -26.54 -36.93
CA LYS D 210 25.69 -27.53 -37.31
C LYS D 210 25.51 -28.58 -36.21
N GLN D 211 26.62 -28.94 -35.53
CA GLN D 211 26.54 -29.87 -34.41
C GLN D 211 25.63 -29.34 -33.31
N GLU D 212 25.83 -28.08 -32.91
CA GLU D 212 25.05 -27.51 -31.83
C GLU D 212 23.61 -27.22 -32.24
N LEU D 213 23.39 -26.84 -33.50
CA LEU D 213 22.03 -26.67 -33.99
C LEU D 213 21.28 -28.00 -34.00
N ASP D 214 21.97 -29.09 -34.37
CA ASP D 214 21.37 -30.41 -34.35
C ASP D 214 20.94 -30.79 -32.93
N GLU D 215 21.83 -30.58 -31.96
CA GLU D 215 21.48 -30.82 -30.56
C GLU D 215 20.29 -29.96 -30.13
N ALA D 216 20.25 -28.71 -30.61
CA ALA D 216 19.13 -27.84 -30.27
C ALA D 216 17.83 -28.34 -30.88
N LEU D 217 17.88 -28.79 -32.14
CA LEU D 217 16.67 -29.27 -32.81
C LEU D 217 16.11 -30.52 -32.14
N GLN D 218 16.99 -31.47 -31.79
CA GLN D 218 16.53 -32.63 -31.03
C GLN D 218 15.92 -32.21 -29.70
N ARG D 219 16.52 -31.21 -29.05
CA ARG D 219 16.05 -30.74 -27.76
C ARG D 219 14.66 -30.11 -27.85
N GLU D 220 14.40 -29.37 -28.92
CA GLU D 220 13.10 -28.72 -29.07
C GLU D 220 12.01 -29.70 -29.48
N ILE D 221 12.36 -30.73 -30.27
CA ILE D 221 11.39 -31.77 -30.59
C ILE D 221 10.98 -32.51 -29.34
N GLN D 222 11.96 -32.86 -28.49
CA GLN D 222 11.66 -33.58 -27.26
C GLN D 222 10.80 -32.75 -26.32
N ALA D 223 11.04 -31.44 -26.28
CA ALA D 223 10.25 -30.59 -25.39
C ALA D 223 8.81 -30.45 -25.87
N ALA D 224 8.58 -30.57 -27.18
CA ALA D 224 7.22 -30.53 -27.70
C ALA D 224 6.49 -31.85 -27.50
N PHE D 225 7.24 -32.95 -27.45
CA PHE D 225 6.66 -34.27 -27.22
C PHE D 225 6.29 -34.47 -25.76
N ARG D 226 6.94 -33.74 -24.85
CA ARG D 226 6.82 -33.98 -23.42
C ARG D 226 6.01 -32.91 -22.70
N THR D 227 5.16 -32.19 -23.43
CA THR D 227 4.21 -31.30 -22.81
C THR D 227 2.80 -31.81 -23.10
N ASP D 228 2.58 -33.09 -22.85
CA ASP D 228 1.33 -33.78 -23.18
C ASP D 228 0.97 -33.60 -24.64
N ALA D 233 -9.64 -31.82 -19.24
CA ALA D 233 -10.75 -30.88 -19.17
C ALA D 233 -10.75 -29.93 -20.37
N GLN D 234 -11.93 -29.69 -20.93
CA GLN D 234 -12.08 -28.68 -21.97
C GLN D 234 -11.80 -27.29 -21.38
N PRO D 235 -11.19 -26.39 -22.14
CA PRO D 235 -11.07 -25.00 -21.67
C PRO D 235 -12.37 -24.22 -21.55
N THR D 236 -12.34 -23.29 -20.61
CA THR D 236 -13.38 -22.30 -20.49
C THR D 236 -13.36 -21.37 -21.70
N PRO D 237 -14.50 -20.74 -22.03
CA PRO D 237 -14.48 -19.79 -23.15
C PRO D 237 -13.47 -18.67 -22.97
N GLN D 238 -13.14 -18.32 -21.73
CA GLN D 238 -12.11 -17.33 -21.48
C GLN D 238 -10.75 -17.83 -21.92
N ASP D 239 -10.37 -19.04 -21.49
CA ASP D 239 -9.11 -19.62 -21.91
C ASP D 239 -9.08 -19.84 -23.41
N GLU D 240 -10.19 -20.34 -23.98
CA GLU D 240 -10.28 -20.53 -25.42
C GLU D 240 -10.03 -19.23 -26.17
N MET D 241 -10.38 -18.09 -25.56
CA MET D 241 -10.11 -16.80 -26.18
C MET D 241 -8.64 -16.43 -26.04
N ARG D 242 -8.08 -16.65 -24.84
CA ARG D 242 -6.67 -16.34 -24.62
C ARG D 242 -5.78 -17.10 -25.59
N TYR D 243 -6.07 -18.38 -25.80
CA TYR D 243 -5.47 -19.10 -26.91
C TYR D 243 -6.13 -18.61 -28.20
N GLY D 244 -5.33 -18.46 -29.26
CA GLY D 244 -5.89 -17.85 -30.45
C GLY D 244 -6.00 -16.34 -30.40
N MET D 245 -5.68 -15.73 -29.27
CA MET D 245 -5.04 -14.42 -29.28
C MET D 245 -3.53 -14.57 -29.39
N SER D 246 -3.04 -15.80 -29.21
CA SER D 246 -1.60 -16.07 -29.24
C SER D 246 -1.00 -15.76 -30.61
N TYR D 247 -1.73 -16.02 -31.69
CA TYR D 247 -1.21 -15.70 -33.01
C TYR D 247 -1.05 -14.20 -33.19
N ILE D 248 -1.87 -13.39 -32.52
CA ILE D 248 -1.71 -11.95 -32.58
C ILE D 248 -0.41 -11.55 -31.87
N HIS D 249 -0.15 -12.15 -30.70
CA HIS D 249 1.09 -11.85 -30.00
C HIS D 249 2.31 -12.27 -30.80
N GLU D 250 2.23 -13.43 -31.48
CA GLU D 250 3.41 -14.05 -32.06
C GLU D 250 3.77 -13.51 -33.43
N THR D 251 2.80 -13.25 -34.30
CA THR D 251 3.16 -12.76 -35.63
C THR D 251 2.41 -11.51 -36.05
N VAL D 252 1.11 -11.44 -35.78
CA VAL D 252 0.29 -10.39 -36.41
C VAL D 252 0.66 -9.02 -35.85
N TRP D 253 1.00 -8.94 -34.57
CA TRP D 253 1.25 -7.65 -33.93
C TRP D 253 2.37 -6.89 -34.62
N LYS D 254 3.52 -7.54 -34.81
CA LYS D 254 4.60 -6.93 -35.55
C LYS D 254 4.48 -7.13 -37.05
N GLY D 255 3.59 -8.01 -37.51
CA GLY D 255 3.46 -8.24 -38.94
C GLY D 255 2.71 -7.13 -39.64
N VAL D 256 1.73 -6.53 -38.96
CA VAL D 256 0.97 -5.41 -39.54
C VAL D 256 1.87 -4.27 -40.00
N PRO D 257 2.77 -3.73 -39.17
CA PRO D 257 3.66 -2.68 -39.65
C PRO D 257 4.60 -3.18 -40.75
N LYS D 258 5.06 -4.42 -40.68
CA LYS D 258 5.88 -4.99 -41.75
C LYS D 258 5.20 -4.84 -43.09
N PHE D 259 3.94 -5.27 -43.18
CA PHE D 259 3.26 -5.26 -44.46
C PHE D 259 2.90 -3.84 -44.89
N LEU D 260 2.44 -3.01 -43.95
CA LEU D 260 2.12 -1.64 -44.31
C LEU D 260 3.33 -0.91 -44.86
N ARG D 261 4.52 -1.21 -44.35
CA ARG D 261 5.74 -0.63 -44.91
C ARG D 261 5.96 -1.10 -46.34
N ARG D 262 5.61 -2.36 -46.62
CA ARG D 262 5.72 -2.85 -48.00
C ARG D 262 4.74 -2.13 -48.91
N VAL D 263 3.55 -1.79 -48.39
CA VAL D 263 2.61 -1.00 -49.17
C VAL D 263 3.22 0.35 -49.52
N ASP D 264 3.92 0.97 -48.57
CA ASP D 264 4.64 2.20 -48.85
C ASP D 264 5.64 2.00 -49.98
N THR D 265 6.44 0.93 -49.90
CA THR D 265 7.43 0.67 -50.93
C THR D 265 6.78 0.50 -52.30
N ALA D 266 5.66 -0.22 -52.36
CA ALA D 266 4.95 -0.40 -53.62
C ALA D 266 4.45 0.95 -54.15
N LEU D 267 3.85 1.77 -53.29
CA LEU D 267 3.34 3.07 -53.72
C LEU D 267 4.44 3.94 -54.32
N LYS D 268 5.62 3.97 -53.69
CA LYS D 268 6.72 4.75 -54.25
C LYS D 268 7.10 4.25 -55.63
N ASN D 269 7.11 2.92 -55.83
CA ASN D 269 7.52 2.36 -57.10
C ASN D 269 6.47 2.48 -58.20
N ILE D 270 5.32 3.11 -57.95
CA ILE D 270 4.43 3.51 -59.03
C ILE D 270 4.27 5.03 -59.09
N GLY D 271 5.07 5.78 -58.35
CA GLY D 271 5.12 7.22 -58.49
C GLY D 271 4.46 8.02 -57.39
N ILE D 272 3.94 7.38 -56.35
CA ILE D 272 3.37 8.09 -55.21
C ILE D 272 4.50 8.42 -54.24
N ASN D 273 4.69 9.71 -53.97
CA ASN D 273 5.80 10.16 -53.13
C ASN D 273 5.33 10.51 -51.72
N GLU D 274 4.51 9.62 -51.14
CA GLU D 274 4.12 9.74 -49.74
C GLU D 274 3.72 8.35 -49.26
N ARG D 275 3.99 8.08 -47.99
CA ARG D 275 3.53 6.84 -47.40
C ARG D 275 2.01 6.86 -47.26
N LEU D 276 1.43 5.67 -47.14
CA LEU D 276 0.00 5.59 -46.87
C LEU D 276 -0.24 6.15 -45.47
N PRO D 277 -1.15 7.11 -45.32
CA PRO D 277 -1.31 7.80 -44.02
C PRO D 277 -1.50 6.79 -42.89
N TYR D 278 -0.87 7.07 -41.75
CA TYR D 278 -0.89 6.10 -40.66
C TYR D 278 -2.27 5.89 -40.05
N ASN D 279 -3.24 6.77 -40.34
CA ASN D 279 -4.60 6.62 -39.83
C ASN D 279 -5.49 5.79 -40.74
N VAL D 280 -4.92 5.11 -41.73
CA VAL D 280 -5.67 4.25 -42.64
C VAL D 280 -5.76 2.86 -42.02
N SER D 281 -6.99 2.39 -41.81
CA SER D 281 -7.23 1.05 -41.25
C SER D 281 -7.37 0.07 -42.41
N LEU D 282 -6.21 -0.26 -43.00
CA LEU D 282 -6.20 -1.16 -44.16
C LEU D 282 -6.59 -2.57 -43.77
N ILE D 283 -6.18 -3.01 -42.58
CA ILE D 283 -6.51 -4.33 -42.05
C ILE D 283 -6.98 -4.15 -40.61
N ARG D 284 -8.04 -4.86 -40.26
CA ARG D 284 -8.52 -4.90 -38.88
C ARG D 284 -8.81 -6.35 -38.51
N PHE D 285 -8.97 -6.60 -37.21
CA PHE D 285 -9.10 -7.95 -36.71
C PHE D 285 -10.25 -8.03 -35.71
N SER D 286 -11.10 -9.04 -35.90
CA SER D 286 -12.26 -9.26 -35.05
C SER D 286 -12.18 -10.67 -34.45
N SER D 287 -13.10 -10.93 -33.53
CA SER D 287 -13.11 -12.19 -32.80
C SER D 287 -14.54 -12.62 -32.53
N TRP D 288 -14.79 -13.92 -32.64
CA TRP D 288 -16.06 -14.51 -32.24
C TRP D 288 -15.99 -15.16 -30.87
N MET D 289 -14.81 -15.23 -30.27
CA MET D 289 -14.58 -16.02 -29.06
C MET D 289 -15.10 -15.24 -27.86
N GLY D 290 -16.17 -15.76 -27.25
CA GLY D 290 -16.86 -15.06 -26.20
C GLY D 290 -18.03 -14.22 -26.67
N GLY D 291 -18.22 -14.06 -27.98
CA GLY D 291 -19.33 -13.32 -28.52
C GLY D 291 -20.36 -14.21 -29.19
N ASP D 292 -19.89 -15.18 -29.97
CA ASP D 292 -20.78 -16.15 -30.58
C ASP D 292 -21.39 -17.04 -29.51
N ARG D 293 -22.71 -16.98 -29.36
CA ARG D 293 -23.44 -17.84 -28.44
C ARG D 293 -24.54 -18.62 -29.15
N ASP D 294 -24.54 -18.63 -30.49
CA ASP D 294 -25.49 -19.41 -31.28
C ASP D 294 -25.43 -20.88 -30.91
N GLY D 295 -26.46 -21.37 -30.21
CA GLY D 295 -26.48 -22.74 -29.75
C GLY D 295 -25.27 -23.09 -28.92
N ASN D 296 -24.93 -22.21 -27.97
CA ASN D 296 -23.74 -22.36 -27.14
C ASN D 296 -24.02 -21.73 -25.79
N PRO D 297 -24.73 -22.45 -24.90
CA PRO D 297 -25.08 -21.87 -23.59
C PRO D 297 -23.89 -21.63 -22.69
N ARG D 298 -22.72 -22.18 -23.00
CA ARG D 298 -21.50 -21.87 -22.25
C ARG D 298 -21.15 -20.39 -22.32
N VAL D 299 -21.59 -19.70 -23.37
CA VAL D 299 -21.16 -18.33 -23.63
C VAL D 299 -22.18 -17.41 -22.98
N THR D 300 -21.92 -17.07 -21.73
CA THR D 300 -22.83 -16.28 -20.89
C THR D 300 -22.52 -14.80 -21.05
N PRO D 301 -23.41 -13.93 -20.55
CA PRO D 301 -23.05 -12.50 -20.50
C PRO D 301 -21.76 -12.22 -19.75
N GLU D 302 -21.48 -12.96 -18.67
CA GLU D 302 -20.24 -12.75 -17.92
C GLU D 302 -19.02 -13.12 -18.75
N VAL D 303 -19.11 -14.22 -19.52
CA VAL D 303 -18.02 -14.59 -20.42
C VAL D 303 -17.72 -13.44 -21.38
N THR D 304 -18.77 -12.80 -21.89
CA THR D 304 -18.59 -11.73 -22.87
C THR D 304 -17.91 -10.51 -22.24
N ARG D 305 -18.27 -10.15 -21.01
CA ARG D 305 -17.59 -9.06 -20.34
C ARG D 305 -16.15 -9.44 -20.02
N ASP D 306 -15.92 -10.71 -19.71
CA ASP D 306 -14.58 -11.18 -19.35
C ASP D 306 -13.62 -11.07 -20.54
N VAL D 307 -14.01 -11.59 -21.71
CA VAL D 307 -13.10 -11.57 -22.84
C VAL D 307 -12.89 -10.16 -23.37
N CYS D 308 -13.83 -9.24 -23.12
CA CYS D 308 -13.61 -7.85 -23.49
C CYS D 308 -12.52 -7.22 -22.64
N LEU D 309 -12.53 -7.50 -21.33
CA LEU D 309 -11.51 -6.92 -20.45
C LEU D 309 -10.17 -7.64 -20.60
N LEU D 310 -10.19 -8.93 -20.92
CA LEU D 310 -8.94 -9.62 -21.18
C LEU D 310 -8.25 -9.05 -22.41
N ALA D 311 -9.02 -8.78 -23.46
CA ALA D 311 -8.46 -8.19 -24.67
C ALA D 311 -7.85 -6.82 -24.39
N ARG D 312 -8.48 -6.04 -23.51
CA ARG D 312 -7.94 -4.73 -23.18
C ARG D 312 -6.66 -4.83 -22.38
N MET D 313 -6.53 -5.87 -21.55
CA MET D 313 -5.29 -6.09 -20.83
C MET D 313 -4.16 -6.52 -21.77
N MET D 314 -4.45 -7.43 -22.70
CA MET D 314 -3.45 -7.88 -23.65
C MET D 314 -2.95 -6.72 -24.51
N ALA D 315 -3.86 -5.84 -24.94
CA ALA D 315 -3.47 -4.69 -25.75
C ALA D 315 -2.55 -3.76 -24.94
N ALA D 316 -2.92 -3.47 -23.70
CA ALA D 316 -2.11 -2.61 -22.85
C ALA D 316 -0.71 -3.18 -22.67
N ASN D 317 -0.61 -4.49 -22.44
CA ASN D 317 0.70 -5.13 -22.28
C ASN D 317 1.54 -4.96 -23.54
N LEU D 318 0.95 -5.18 -24.71
CA LEU D 318 1.71 -5.08 -25.96
C LEU D 318 2.14 -3.64 -26.23
N TYR D 319 1.27 -2.67 -25.93
CA TYR D 319 1.64 -1.27 -26.13
C TYR D 319 2.75 -0.86 -25.17
N ILE D 320 2.67 -1.30 -23.90
CA ILE D 320 3.71 -0.94 -22.94
C ILE D 320 5.08 -1.37 -23.43
N ASP D 321 5.18 -2.58 -23.99
CA ASP D 321 6.45 -3.06 -24.50
C ASP D 321 6.92 -2.23 -25.69
N GLN D 322 6.02 -1.99 -26.66
CA GLN D 322 6.38 -1.15 -27.80
C GLN D 322 6.85 0.22 -27.35
N ILE D 323 6.17 0.82 -26.39
CA ILE D 323 6.50 2.18 -25.96
C ILE D 323 7.86 2.21 -25.28
N GLU D 324 8.14 1.22 -24.44
CA GLU D 324 9.44 1.18 -23.75
C GLU D 324 10.58 0.97 -24.74
N GLU D 325 10.38 0.11 -25.75
CA GLU D 325 11.39 -0.04 -26.78
C GLU D 325 11.57 1.25 -27.56
N LEU D 326 10.48 2.00 -27.77
CA LEU D 326 10.57 3.28 -28.46
C LEU D 326 11.21 4.34 -27.57
N MET D 327 10.99 4.27 -26.25
CA MET D 327 11.66 5.20 -25.34
C MET D 327 13.17 5.04 -25.41
N PHE D 328 13.65 3.80 -25.43
CA PHE D 328 15.07 3.54 -25.62
C PHE D 328 15.61 4.28 -26.84
N GLU D 329 14.89 4.18 -27.96
CA GLU D 329 15.37 4.74 -29.22
C GLU D 329 15.42 6.26 -29.19
N LEU D 330 14.34 6.90 -28.75
CA LEU D 330 14.15 8.33 -28.97
C LEU D 330 14.78 9.15 -27.85
N SER D 331 16.11 9.20 -27.89
CA SER D 331 16.91 9.93 -26.91
C SER D 331 17.23 11.35 -27.34
N MET D 332 16.81 11.77 -28.54
CA MET D 332 17.19 13.08 -29.04
C MET D 332 16.62 14.18 -28.15
N TRP D 333 17.23 15.36 -28.25
CA TRP D 333 16.84 16.51 -27.44
C TRP D 333 16.13 17.60 -28.23
N ARG D 334 16.21 17.57 -29.55
CA ARG D 334 15.57 18.57 -30.39
C ARG D 334 14.07 18.27 -30.51
N CYS D 335 13.23 19.21 -30.13
CA CYS D 335 11.79 19.07 -30.27
C CYS D 335 11.19 20.42 -30.65
N ASN D 336 9.92 20.40 -31.03
CA ASN D 336 9.21 21.64 -31.32
C ASN D 336 8.67 22.25 -30.02
N ASP D 337 7.93 23.34 -30.15
CA ASP D 337 7.55 24.11 -28.97
C ASP D 337 6.48 23.39 -28.15
N GLU D 338 5.47 22.84 -28.83
N GLU D 338 5.45 22.83 -28.81
CA GLU D 338 4.35 22.20 -28.14
CA GLU D 338 4.36 22.22 -28.06
C GLU D 338 4.82 21.04 -27.27
C GLU D 338 4.85 21.04 -27.23
N LEU D 339 5.76 20.23 -27.78
CA LEU D 339 6.25 19.09 -27.02
C LEU D 339 7.19 19.54 -25.89
N ARG D 340 8.00 20.57 -26.13
CA ARG D 340 8.87 21.06 -25.06
C ARG D 340 8.05 21.59 -23.89
N VAL D 341 6.95 22.28 -24.20
CA VAL D 341 6.09 22.80 -23.15
C VAL D 341 5.44 21.66 -22.37
N ARG D 342 4.86 20.70 -23.08
CA ARG D 342 4.21 19.59 -22.38
C ARG D 342 5.23 18.75 -21.61
N ALA D 343 6.44 18.58 -22.16
CA ALA D 343 7.48 17.87 -21.42
C ALA D 343 7.82 18.58 -20.12
N GLU D 344 7.87 19.92 -20.17
CA GLU D 344 8.08 20.69 -18.94
C GLU D 344 6.94 20.48 -17.96
N GLU D 345 5.71 20.43 -18.47
CA GLU D 345 4.54 20.26 -17.61
C GLU D 345 4.60 18.96 -16.82
N LEU D 346 5.18 17.92 -17.39
CA LEU D 346 5.30 16.61 -16.72
C LEU D 346 6.66 16.55 -16.05
N HIS D 347 6.73 17.13 -14.86
CA HIS D 347 7.97 17.18 -14.08
C HIS D 347 7.68 17.64 -12.65
N ILE D 365 13.54 10.07 -17.54
CA ILE D 365 13.69 10.80 -16.29
C ILE D 365 14.40 12.18 -16.43
N PRO D 366 15.40 12.33 -17.28
CA PRO D 366 16.05 13.64 -17.42
C PRO D 366 15.26 14.53 -18.34
N PRO D 367 15.12 15.82 -18.01
CA PRO D 367 14.25 16.71 -18.80
C PRO D 367 14.81 17.10 -20.15
N ASN D 368 16.06 16.80 -20.45
CA ASN D 368 16.62 17.06 -21.77
C ASN D 368 16.40 15.90 -22.74
N GLU D 369 15.56 14.94 -22.38
CA GLU D 369 15.16 13.83 -23.24
C GLU D 369 13.65 13.87 -23.38
N PRO D 370 13.11 14.90 -24.05
CA PRO D 370 11.67 15.16 -23.95
C PRO D 370 10.78 14.06 -24.51
N TYR D 371 11.17 13.42 -25.61
CA TYR D 371 10.38 12.31 -26.13
C TYR D 371 10.25 11.19 -25.12
N ARG D 372 11.26 10.98 -24.28
CA ARG D 372 11.16 9.97 -23.24
C ARG D 372 10.25 10.42 -22.11
N VAL D 373 10.11 11.73 -21.91
CA VAL D 373 9.22 12.23 -20.86
C VAL D 373 7.76 12.00 -21.26
N ILE D 374 7.42 12.31 -22.51
CA ILE D 374 6.06 12.12 -22.98
C ILE D 374 5.69 10.65 -23.02
N LEU D 375 6.58 9.82 -23.59
CA LEU D 375 6.27 8.41 -23.71
C LEU D 375 6.25 7.72 -22.35
N GLY D 376 7.02 8.21 -21.38
CA GLY D 376 6.94 7.68 -20.03
C GLY D 376 5.59 7.94 -19.39
N HIS D 377 5.00 9.11 -19.68
CA HIS D 377 3.64 9.38 -19.22
C HIS D 377 2.64 8.49 -19.93
N VAL D 378 2.80 8.31 -21.24
CA VAL D 378 1.95 7.37 -21.97
C VAL D 378 2.04 5.99 -21.36
N ARG D 379 3.25 5.55 -21.00
CA ARG D 379 3.40 4.21 -20.44
C ARG D 379 2.65 4.06 -19.12
N ASP D 380 2.74 5.07 -18.25
CA ASP D 380 2.09 4.95 -16.96
C ASP D 380 0.57 4.96 -17.09
N LYS D 381 0.03 5.79 -17.99
CA LYS D 381 -1.41 5.73 -18.25
C LYS D 381 -1.81 4.40 -18.87
N LEU D 382 -0.92 3.78 -19.64
CA LEU D 382 -1.17 2.43 -20.15
C LEU D 382 -1.16 1.41 -19.02
N TYR D 383 -0.23 1.56 -18.07
CA TYR D 383 -0.23 0.68 -16.91
C TYR D 383 -1.53 0.79 -16.12
N ASN D 384 -2.01 2.03 -15.94
CA ASN D 384 -3.29 2.23 -15.26
C ASN D 384 -4.43 1.59 -16.05
N THR D 385 -4.43 1.79 -17.37
CA THR D 385 -5.47 1.20 -18.22
C THR D 385 -5.56 -0.31 -18.01
N ARG D 386 -4.42 -0.98 -17.85
CA ARG D 386 -4.45 -2.42 -17.67
C ARG D 386 -4.88 -2.80 -16.26
N GLU D 387 -4.37 -2.10 -15.24
CA GLU D 387 -4.73 -2.45 -13.87
C GLU D 387 -6.21 -2.20 -13.61
N ARG D 388 -6.77 -1.14 -14.20
CA ARG D 388 -8.21 -0.92 -14.12
C ARG D 388 -8.97 -2.10 -14.68
N ALA D 389 -8.57 -2.57 -15.87
CA ALA D 389 -9.23 -3.72 -16.48
C ALA D 389 -9.06 -4.97 -15.63
N ARG D 390 -7.86 -5.19 -15.07
CA ARG D 390 -7.65 -6.34 -14.20
C ARG D 390 -8.57 -6.30 -12.99
N HIS D 391 -8.79 -5.10 -12.44
CA HIS D 391 -9.63 -4.98 -11.26
C HIS D 391 -11.09 -5.26 -11.60
N LEU D 392 -11.61 -4.63 -12.66
CA LEU D 392 -12.99 -4.90 -13.08
C LEU D 392 -13.17 -6.35 -13.50
N LEU D 393 -12.09 -7.03 -13.87
CA LEU D 393 -12.18 -8.46 -14.18
C LEU D 393 -12.34 -9.28 -12.91
N ALA D 394 -11.57 -8.96 -11.88
CA ALA D 394 -11.51 -9.78 -10.67
C ALA D 394 -12.70 -9.51 -9.77
N SER D 395 -12.77 -8.30 -9.21
CA SER D 395 -14.01 -7.81 -8.64
C SER D 395 -14.87 -7.29 -9.79
N GLY D 396 -15.91 -6.54 -9.49
CA GLY D 396 -16.67 -5.89 -10.54
C GLY D 396 -16.30 -4.43 -10.73
N VAL D 397 -15.22 -3.97 -10.12
CA VAL D 397 -15.12 -2.58 -9.71
C VAL D 397 -13.64 -2.19 -9.61
N SER D 398 -13.36 -0.90 -9.85
CA SER D 398 -11.98 -0.41 -9.82
C SER D 398 -11.97 1.04 -9.35
N GLU D 399 -11.24 1.29 -8.26
CA GLU D 399 -10.99 2.65 -7.81
C GLU D 399 -9.93 3.36 -8.65
N ILE D 400 -9.37 2.70 -9.65
CA ILE D 400 -8.48 3.38 -10.59
C ILE D 400 -9.33 4.24 -11.51
N SER D 401 -9.11 5.55 -11.45
CA SER D 401 -9.94 6.50 -12.19
C SER D 401 -9.75 6.36 -13.70
N ALA D 402 -10.84 6.55 -14.45
CA ALA D 402 -10.76 6.53 -15.90
C ALA D 402 -9.94 7.70 -16.44
N GLU D 403 -9.82 8.79 -15.67
CA GLU D 403 -9.01 9.90 -16.12
C GLU D 403 -7.52 9.55 -16.07
N SER D 404 -7.10 8.80 -15.06
CA SER D 404 -5.71 8.36 -14.97
C SER D 404 -5.37 7.28 -15.96
N SER D 405 -6.28 6.91 -16.86
CA SER D 405 -6.08 5.87 -17.84
C SER D 405 -6.54 6.36 -19.20
N PHE D 406 -6.34 5.52 -20.22
CA PHE D 406 -6.79 5.83 -21.57
C PHE D 406 -8.18 5.23 -21.78
N THR D 407 -9.16 6.09 -22.06
CA THR D 407 -10.54 5.64 -22.28
C THR D 407 -10.95 5.61 -23.74
N SER D 408 -10.30 6.40 -24.59
CA SER D 408 -10.59 6.41 -26.01
C SER D 408 -9.29 6.24 -26.80
N ILE D 409 -9.45 5.89 -28.08
CA ILE D 409 -8.28 5.80 -28.95
C ILE D 409 -7.71 7.20 -29.21
N GLU D 410 -8.56 8.23 -29.19
CA GLU D 410 -8.12 9.57 -29.55
C GLU D 410 -7.18 10.16 -28.52
N GLU D 411 -7.38 9.87 -27.23
CA GLU D 411 -6.50 10.41 -26.20
C GLU D 411 -5.22 9.61 -26.04
N PHE D 412 -5.21 8.34 -26.44
CA PHE D 412 -3.96 7.60 -26.60
C PHE D 412 -3.15 8.18 -27.75
N LEU D 413 -3.82 8.59 -28.82
CA LEU D 413 -3.13 9.04 -30.02
C LEU D 413 -2.53 10.44 -29.86
N GLU D 414 -3.15 11.27 -29.03
CA GLU D 414 -2.74 12.67 -28.93
C GLU D 414 -1.26 12.84 -28.59
N PRO D 415 -0.70 12.19 -27.57
CA PRO D 415 0.74 12.35 -27.32
C PRO D 415 1.62 11.70 -28.38
N LEU D 416 1.17 10.58 -28.98
CA LEU D 416 1.99 9.94 -30.00
C LEU D 416 2.08 10.79 -31.26
N GLU D 417 0.96 11.35 -31.71
CA GLU D 417 0.99 12.24 -32.87
C GLU D 417 1.73 13.53 -32.58
N LEU D 418 1.75 13.97 -31.31
CA LEU D 418 2.57 15.12 -30.95
C LEU D 418 4.05 14.79 -31.15
N CYS D 419 4.47 13.60 -30.71
CA CYS D 419 5.85 13.18 -30.94
C CYS D 419 6.17 13.13 -32.42
N TYR D 420 5.24 12.60 -33.22
CA TYR D 420 5.48 12.49 -34.66
C TYR D 420 5.64 13.86 -35.30
N LYS D 421 4.73 14.79 -34.96
CA LYS D 421 4.82 16.13 -35.53
C LYS D 421 6.10 16.83 -35.10
N SER D 422 6.47 16.69 -33.82
CA SER D 422 7.70 17.31 -33.33
C SER D 422 8.92 16.83 -34.11
N LEU D 423 9.04 15.51 -34.28
CA LEU D 423 10.19 14.97 -34.99
C LEU D 423 10.23 15.48 -36.43
N CYS D 424 9.07 15.64 -37.06
CA CYS D 424 9.03 16.15 -38.43
C CYS D 424 9.39 17.64 -38.47
N ASP D 425 8.90 18.41 -37.49
CA ASP D 425 9.20 19.84 -37.46
C ASP D 425 10.69 20.11 -37.34
N CYS D 426 11.44 19.18 -36.75
CA CYS D 426 12.87 19.34 -36.54
C CYS D 426 13.70 18.68 -37.63
N GLY D 427 13.09 18.30 -38.75
CA GLY D 427 13.83 17.65 -39.81
C GLY D 427 14.18 16.19 -39.55
N ASP D 428 13.51 15.55 -38.59
CA ASP D 428 13.77 14.16 -38.25
C ASP D 428 12.60 13.26 -38.66
N LYS D 429 11.90 13.62 -39.75
CA LYS D 429 10.82 12.79 -40.26
C LYS D 429 11.30 11.38 -40.55
N ALA D 430 12.56 11.24 -40.97
CA ALA D 430 13.11 9.93 -41.26
C ALA D 430 13.08 9.03 -40.03
N ILE D 431 13.44 9.59 -38.87
CA ILE D 431 13.35 8.83 -37.62
C ILE D 431 11.90 8.56 -37.27
N ALA D 432 11.02 9.55 -37.46
CA ALA D 432 9.60 9.38 -37.16
C ALA D 432 9.01 8.25 -37.97
N ASP D 433 9.42 8.10 -39.23
CA ASP D 433 8.90 7.07 -40.11
C ASP D 433 9.47 5.68 -39.80
N GLY D 434 10.19 5.53 -38.70
CA GLY D 434 10.68 4.22 -38.30
C GLY D 434 9.78 3.56 -37.27
N SER D 435 10.27 3.47 -36.03
CA SER D 435 9.53 2.75 -35.00
C SER D 435 8.23 3.45 -34.65
N LEU D 436 8.25 4.79 -34.52
CA LEU D 436 7.07 5.50 -34.08
C LEU D 436 5.93 5.37 -35.07
N LEU D 437 6.24 5.40 -36.38
CA LEU D 437 5.19 5.18 -37.38
C LEU D 437 4.66 3.76 -37.32
N ASP D 438 5.53 2.78 -37.01
CA ASP D 438 5.05 1.43 -36.75
C ASP D 438 4.03 1.42 -35.62
N LEU D 439 4.32 2.15 -34.54
CA LEU D 439 3.43 2.17 -33.39
C LEU D 439 2.09 2.81 -33.75
N LEU D 440 2.13 3.96 -34.42
CA LEU D 440 0.89 4.62 -34.83
C LEU D 440 0.05 3.70 -35.71
N ARG D 441 0.69 2.96 -36.61
CA ARG D 441 -0.05 2.02 -37.45
C ARG D 441 -0.64 0.89 -36.62
N GLN D 442 0.03 0.51 -35.53
CA GLN D 442 -0.55 -0.49 -34.64
C GLN D 442 -1.76 0.05 -33.90
N VAL D 443 -1.70 1.30 -33.45
CA VAL D 443 -2.83 1.90 -32.75
C VAL D 443 -4.05 1.94 -33.66
N PHE D 444 -3.86 2.37 -34.91
CA PHE D 444 -4.98 2.45 -35.84
C PHE D 444 -5.42 1.10 -36.36
N THR D 445 -4.62 0.05 -36.17
CA THR D 445 -5.03 -1.29 -36.56
C THR D 445 -5.70 -2.04 -35.42
N PHE D 446 -5.12 -1.96 -34.21
CA PHE D 446 -5.54 -2.79 -33.10
C PHE D 446 -6.35 -2.05 -32.04
N GLY D 447 -6.25 -0.72 -32.00
CA GLY D 447 -7.04 -0.03 -31.01
C GLY D 447 -6.60 -0.40 -29.59
N LEU D 448 -7.51 -0.18 -28.65
CA LEU D 448 -7.25 -0.47 -27.25
C LEU D 448 -7.68 -1.87 -26.83
N SER D 449 -8.18 -2.68 -27.76
CA SER D 449 -8.70 -4.00 -27.43
C SER D 449 -8.18 -5.09 -28.34
N LEU D 450 -7.21 -4.78 -29.20
CA LEU D 450 -6.68 -5.71 -30.20
C LEU D 450 -7.74 -6.08 -31.23
N VAL D 451 -8.84 -6.69 -30.78
CA VAL D 451 -9.90 -7.17 -31.65
C VAL D 451 -11.23 -6.61 -31.19
N LYS D 452 -12.13 -6.43 -32.14
CA LYS D 452 -13.53 -6.10 -31.85
C LYS D 452 -14.36 -7.38 -31.86
N LEU D 453 -15.21 -7.53 -30.86
CA LEU D 453 -15.98 -8.76 -30.68
C LEU D 453 -17.29 -8.70 -31.45
N ASP D 454 -17.54 -9.73 -32.25
CA ASP D 454 -18.86 -9.95 -32.85
C ASP D 454 -19.75 -10.70 -31.88
N ILE D 455 -21.01 -10.30 -31.80
CA ILE D 455 -22.03 -11.02 -31.05
C ILE D 455 -22.92 -11.75 -32.05
N ARG D 456 -23.28 -12.99 -31.72
CA ARG D 456 -24.16 -13.78 -32.58
C ARG D 456 -25.12 -14.61 -31.75
N GLN D 457 -26.38 -14.61 -32.18
CA GLN D 457 -27.46 -15.30 -31.50
C GLN D 457 -28.51 -15.66 -32.53
N GLU D 458 -29.20 -16.78 -32.31
CA GLU D 458 -30.21 -17.24 -33.25
C GLU D 458 -31.47 -16.38 -33.17
N SER D 459 -32.14 -16.26 -34.33
CA SER D 459 -33.29 -15.34 -34.42
C SER D 459 -34.44 -15.79 -33.54
N GLU D 460 -34.64 -17.11 -33.40
CA GLU D 460 -35.77 -17.58 -32.61
C GLU D 460 -35.60 -17.28 -31.12
N ARG D 461 -34.36 -17.12 -30.64
CA ARG D 461 -34.17 -16.71 -29.25
C ARG D 461 -34.66 -15.28 -29.02
N HIS D 462 -34.54 -14.42 -30.03
CA HIS D 462 -35.09 -13.07 -29.94
C HIS D 462 -36.60 -13.10 -30.00
N THR D 463 -37.16 -13.96 -30.85
CA THR D 463 -38.60 -14.12 -30.92
C THR D 463 -39.17 -14.60 -29.58
N ASP D 464 -38.43 -15.47 -28.89
CA ASP D 464 -38.85 -15.93 -27.56
C ASP D 464 -38.98 -14.77 -26.59
N VAL D 465 -38.03 -13.84 -26.62
CA VAL D 465 -38.05 -12.72 -25.69
C VAL D 465 -39.22 -11.78 -25.99
N ILE D 466 -39.40 -11.44 -27.27
CA ILE D 466 -40.48 -10.53 -27.63
C ILE D 466 -41.84 -11.15 -27.34
N ASP D 467 -42.00 -12.44 -27.65
CA ASP D 467 -43.24 -13.12 -27.30
C ASP D 467 -43.50 -13.06 -25.80
N ALA D 468 -42.46 -13.24 -24.99
CA ALA D 468 -42.62 -13.13 -23.55
C ALA D 468 -43.08 -11.74 -23.15
N ILE D 469 -42.56 -10.71 -23.82
CA ILE D 469 -42.98 -9.35 -23.53
C ILE D 469 -44.45 -9.13 -23.90
N THR D 470 -44.82 -9.48 -25.13
CA THR D 470 -46.17 -9.21 -25.59
C THR D 470 -47.20 -10.02 -24.81
N THR D 471 -46.89 -11.27 -24.50
CA THR D 471 -47.78 -12.07 -23.65
C THR D 471 -47.99 -11.40 -22.30
N HIS D 472 -46.90 -11.03 -21.64
CA HIS D 472 -46.98 -10.47 -20.29
C HIS D 472 -47.73 -9.13 -20.30
N LEU D 473 -47.55 -8.34 -21.36
CA LEU D 473 -48.25 -7.06 -21.49
C LEU D 473 -49.68 -7.22 -21.98
N GLY D 474 -50.07 -8.41 -22.42
CA GLY D 474 -51.44 -8.61 -22.88
C GLY D 474 -51.72 -8.09 -24.27
N ILE D 475 -50.68 -7.85 -25.08
CA ILE D 475 -50.89 -7.43 -26.46
C ILE D 475 -51.10 -8.61 -27.40
N GLY D 476 -50.92 -9.83 -26.92
CA GLY D 476 -51.00 -11.01 -27.75
C GLY D 476 -49.66 -11.71 -27.85
N SER D 477 -49.56 -12.58 -28.86
CA SER D 477 -48.39 -13.44 -29.05
C SER D 477 -47.65 -13.00 -30.31
N TYR D 478 -46.45 -12.43 -30.12
CA TYR D 478 -45.61 -12.06 -31.25
C TYR D 478 -45.23 -13.28 -32.10
N ARG D 479 -45.18 -14.47 -31.50
CA ARG D 479 -44.83 -15.65 -32.28
C ARG D 479 -45.97 -16.04 -33.22
N GLU D 480 -47.21 -15.87 -32.77
CA GLU D 480 -48.38 -16.09 -33.63
C GLU D 480 -48.28 -15.28 -34.92
N TRP D 481 -47.75 -14.07 -34.83
CA TRP D 481 -48.00 -13.07 -35.86
C TRP D 481 -47.26 -13.39 -37.15
N SER D 482 -47.95 -13.11 -38.26
CA SER D 482 -47.33 -13.15 -39.57
C SER D 482 -46.15 -12.18 -39.63
N GLU D 483 -45.31 -12.36 -40.65
CA GLU D 483 -44.17 -11.48 -40.82
C GLU D 483 -44.61 -10.02 -40.96
N ASP D 484 -45.64 -9.77 -41.76
CA ASP D 484 -46.08 -8.40 -41.97
C ASP D 484 -46.66 -7.79 -40.71
N LYS D 485 -47.36 -8.58 -39.89
CA LYS D 485 -47.86 -8.07 -38.62
C LYS D 485 -46.70 -7.79 -37.66
N ARG D 486 -45.68 -8.66 -37.66
CA ARG D 486 -44.50 -8.42 -36.84
C ARG D 486 -43.84 -7.11 -37.20
N GLN D 487 -43.61 -6.87 -38.50
CA GLN D 487 -43.00 -5.62 -38.95
C GLN D 487 -43.84 -4.43 -38.54
N GLU D 488 -45.15 -4.50 -38.76
CA GLU D 488 -46.05 -3.40 -38.40
C GLU D 488 -45.94 -3.06 -36.92
N TRP D 489 -45.92 -4.08 -36.06
CA TRP D 489 -45.83 -3.84 -34.62
C TRP D 489 -44.46 -3.30 -34.23
N LEU D 490 -43.40 -3.99 -34.68
CA LEU D 490 -42.04 -3.56 -34.34
C LEU D 490 -41.79 -2.11 -34.77
N LEU D 491 -42.31 -1.72 -35.92
CA LEU D 491 -42.08 -0.37 -36.41
C LEU D 491 -42.84 0.67 -35.60
N SER D 492 -44.05 0.34 -35.13
CA SER D 492 -44.76 1.28 -34.27
C SER D 492 -44.06 1.43 -32.92
N GLU D 493 -43.41 0.36 -32.44
CA GLU D 493 -42.64 0.47 -31.21
C GLU D 493 -41.35 1.25 -31.44
N LEU D 494 -40.66 0.96 -32.54
CA LEU D 494 -39.40 1.67 -32.83
C LEU D 494 -39.64 3.14 -33.11
N ARG D 495 -40.78 3.49 -33.70
CA ARG D 495 -41.12 4.89 -33.94
C ARG D 495 -41.72 5.56 -32.71
N GLY D 496 -42.30 4.79 -31.79
CA GLY D 496 -42.87 5.36 -30.59
C GLY D 496 -41.81 5.92 -29.65
N LYS D 497 -42.29 6.62 -28.62
CA LYS D 497 -41.41 7.22 -27.63
C LYS D 497 -41.55 6.57 -26.27
N ARG D 498 -42.33 5.49 -26.15
CA ARG D 498 -42.60 4.88 -24.86
C ARG D 498 -41.88 3.56 -24.71
N PRO D 499 -41.19 3.33 -23.60
CA PRO D 499 -40.46 2.07 -23.44
C PRO D 499 -41.39 0.87 -23.39
N LEU D 500 -40.78 -0.29 -23.36
CA LEU D 500 -41.52 -1.53 -23.57
C LEU D 500 -41.22 -2.61 -22.55
N LEU D 501 -39.94 -2.83 -22.25
CA LEU D 501 -39.51 -3.96 -21.43
C LEU D 501 -39.80 -3.72 -19.96
N PRO D 502 -40.74 -4.44 -19.37
CA PRO D 502 -41.07 -4.23 -17.95
C PRO D 502 -40.01 -4.84 -17.06
N PRO D 503 -39.62 -4.15 -15.99
CA PRO D 503 -38.64 -4.74 -15.06
C PRO D 503 -39.18 -5.97 -14.35
N ASP D 504 -40.50 -6.16 -14.36
CA ASP D 504 -41.17 -7.29 -13.72
C ASP D 504 -41.19 -8.54 -14.58
N LEU D 505 -40.66 -8.48 -15.80
CA LEU D 505 -40.88 -9.52 -16.79
C LEU D 505 -40.44 -10.88 -16.29
N PRO D 506 -41.34 -11.87 -16.22
CA PRO D 506 -40.92 -13.23 -15.90
C PRO D 506 -40.07 -13.82 -17.02
N GLN D 507 -38.88 -14.30 -16.66
CA GLN D 507 -37.89 -14.72 -17.64
C GLN D 507 -37.52 -16.17 -17.42
N THR D 508 -37.46 -16.93 -18.51
CA THR D 508 -36.80 -18.22 -18.48
C THR D 508 -35.29 -18.01 -18.44
N GLU D 509 -34.55 -19.10 -18.22
N GLU D 509 -34.58 -19.12 -18.22
CA GLU D 509 -33.10 -18.99 -18.24
CA GLU D 509 -33.13 -19.13 -18.24
C GLU D 509 -32.61 -18.53 -19.59
C GLU D 509 -32.60 -18.60 -19.57
N GLU D 510 -33.24 -19.00 -20.68
CA GLU D 510 -32.81 -18.57 -22.01
C GLU D 510 -33.12 -17.10 -22.25
N ILE D 511 -34.33 -16.66 -21.90
CA ILE D 511 -34.69 -15.26 -22.11
C ILE D 511 -33.80 -14.36 -21.25
N ALA D 512 -33.47 -14.83 -20.05
CA ALA D 512 -32.59 -14.05 -19.18
C ALA D 512 -31.22 -13.87 -19.81
N ASP D 513 -30.71 -14.93 -20.47
CA ASP D 513 -29.39 -14.83 -21.09
C ASP D 513 -29.40 -13.82 -22.24
N VAL D 514 -30.46 -13.79 -23.03
CA VAL D 514 -30.54 -12.83 -24.12
C VAL D 514 -30.59 -11.41 -23.57
N ILE D 515 -31.49 -11.16 -22.61
CA ILE D 515 -31.59 -9.84 -22.01
C ILE D 515 -30.29 -9.49 -21.29
N GLY D 516 -29.71 -10.45 -20.57
CA GLY D 516 -28.46 -10.19 -19.89
C GLY D 516 -27.32 -9.86 -20.84
N ALA D 517 -27.26 -10.56 -21.98
CA ALA D 517 -26.24 -10.26 -22.97
C ALA D 517 -26.37 -8.81 -23.45
N PHE D 518 -27.59 -8.39 -23.79
CA PHE D 518 -27.79 -7.00 -24.20
C PHE D 518 -27.42 -6.04 -23.09
N HIS D 519 -27.70 -6.40 -21.84
CA HIS D 519 -27.31 -5.54 -20.72
C HIS D 519 -25.80 -5.38 -20.65
N VAL D 520 -25.04 -6.46 -20.89
CA VAL D 520 -23.59 -6.37 -20.87
C VAL D 520 -23.09 -5.45 -21.99
N LEU D 521 -23.72 -5.54 -23.17
CA LEU D 521 -23.33 -4.66 -24.28
C LEU D 521 -23.55 -3.20 -23.91
N ALA D 522 -24.64 -2.89 -23.22
CA ALA D 522 -24.93 -1.52 -22.82
C ALA D 522 -23.90 -0.98 -21.82
N GLU D 523 -23.24 -1.86 -21.07
CA GLU D 523 -22.32 -1.43 -20.02
C GLU D 523 -20.89 -1.26 -20.50
N LEU D 524 -20.50 -1.95 -21.56
CA LEU D 524 -19.10 -1.91 -22.02
C LEU D 524 -18.89 -0.80 -23.04
N PRO D 525 -17.63 -0.41 -23.27
CA PRO D 525 -17.35 0.64 -24.25
C PRO D 525 -17.72 0.21 -25.66
N PRO D 526 -18.30 1.12 -26.46
CA PRO D 526 -18.74 0.75 -27.81
C PRO D 526 -17.63 0.21 -28.70
N ASP D 527 -16.38 0.63 -28.52
CA ASP D 527 -15.33 0.15 -29.40
C ASP D 527 -14.84 -1.24 -29.05
N SER D 528 -15.45 -1.92 -28.07
CA SER D 528 -15.18 -3.32 -27.82
C SER D 528 -15.88 -4.23 -28.83
N PHE D 529 -16.92 -3.74 -29.50
CA PHE D 529 -17.80 -4.61 -30.26
C PHE D 529 -17.79 -4.27 -31.75
N GLY D 530 -18.14 -5.27 -32.54
CA GLY D 530 -18.47 -5.08 -33.93
C GLY D 530 -19.97 -5.25 -34.12
N PRO D 531 -20.35 -6.14 -35.01
CA PRO D 531 -21.78 -6.33 -35.30
C PRO D 531 -22.45 -7.28 -34.32
N TYR D 532 -23.78 -7.21 -34.32
CA TYR D 532 -24.65 -8.22 -33.72
C TYR D 532 -25.22 -9.04 -34.87
N ILE D 533 -24.81 -10.31 -34.96
CA ILE D 533 -25.15 -11.18 -36.07
C ILE D 533 -26.33 -12.05 -35.67
N ILE D 534 -27.32 -12.15 -36.55
CA ILE D 534 -28.50 -12.97 -36.31
C ILE D 534 -28.35 -14.26 -37.13
N SER D 535 -28.08 -15.35 -36.44
CA SER D 535 -28.09 -16.65 -37.08
C SER D 535 -29.51 -17.01 -37.50
N MET D 536 -29.62 -17.72 -38.62
CA MET D 536 -30.90 -18.20 -39.14
C MET D 536 -31.86 -17.04 -39.40
N ALA D 537 -31.32 -15.93 -39.91
CA ALA D 537 -32.16 -14.81 -40.31
C ALA D 537 -32.92 -15.18 -41.57
N THR D 538 -34.21 -14.84 -41.60
CA THR D 538 -35.08 -15.19 -42.73
C THR D 538 -35.93 -14.05 -43.24
N ALA D 539 -36.01 -12.92 -42.53
CA ALA D 539 -37.00 -11.90 -42.84
C ALA D 539 -36.62 -10.62 -42.10
N PRO D 540 -37.09 -9.47 -42.59
CA PRO D 540 -36.75 -8.19 -41.93
C PRO D 540 -37.05 -8.14 -40.45
N SER D 541 -38.12 -8.79 -39.99
CA SER D 541 -38.49 -8.73 -38.59
C SER D 541 -37.39 -9.28 -37.68
N ASP D 542 -36.59 -10.22 -38.18
CA ASP D 542 -35.48 -10.73 -37.40
C ASP D 542 -34.48 -9.61 -37.08
N VAL D 543 -34.28 -8.70 -38.02
CA VAL D 543 -33.36 -7.58 -37.81
C VAL D 543 -34.00 -6.51 -36.93
N LEU D 544 -35.25 -6.15 -37.23
CA LEU D 544 -35.94 -5.12 -36.46
C LEU D 544 -36.17 -5.55 -35.02
N ALA D 545 -36.38 -6.85 -34.79
CA ALA D 545 -36.54 -7.33 -33.42
C ALA D 545 -35.30 -7.07 -32.59
N VAL D 546 -34.12 -7.22 -33.19
CA VAL D 546 -32.87 -7.01 -32.46
C VAL D 546 -32.64 -5.52 -32.20
N GLU D 547 -33.03 -4.67 -33.16
CA GLU D 547 -32.93 -3.24 -32.95
C GLU D 547 -33.82 -2.79 -31.78
N LEU D 548 -35.01 -3.40 -31.65
CA LEU D 548 -35.88 -3.05 -30.55
C LEU D 548 -35.31 -3.53 -29.22
N LEU D 549 -34.76 -4.75 -29.18
CA LEU D 549 -34.24 -5.29 -27.93
C LEU D 549 -32.97 -4.55 -27.49
N GLN D 550 -32.14 -4.15 -28.46
CA GLN D 550 -30.97 -3.35 -28.14
C GLN D 550 -31.35 -2.07 -27.41
N ARG D 551 -32.35 -1.36 -27.94
CA ARG D 551 -32.77 -0.10 -27.34
C ARG D 551 -33.42 -0.33 -25.98
N GLU D 552 -34.38 -1.25 -25.92
CA GLU D 552 -35.13 -1.47 -24.69
C GLU D 552 -34.26 -2.05 -23.58
N CYS D 553 -33.10 -2.59 -23.90
CA CYS D 553 -32.15 -3.05 -22.89
C CYS D 553 -31.06 -2.03 -22.61
N GLY D 554 -31.11 -0.85 -23.24
CA GLY D 554 -30.28 0.26 -22.82
C GLY D 554 -28.98 0.45 -23.56
N VAL D 555 -28.78 -0.22 -24.70
CA VAL D 555 -27.57 -0.04 -25.50
C VAL D 555 -27.71 1.31 -26.22
N ARG D 556 -27.02 2.33 -25.72
CA ARG D 556 -27.23 3.68 -26.24
C ARG D 556 -26.45 3.96 -27.50
N GLN D 557 -25.35 3.24 -27.76
CA GLN D 557 -24.72 3.21 -29.08
C GLN D 557 -24.94 1.82 -29.66
N PRO D 558 -26.01 1.60 -30.42
CA PRO D 558 -26.37 0.24 -30.80
C PRO D 558 -25.36 -0.38 -31.76
N LEU D 559 -25.24 -1.70 -31.66
CA LEU D 559 -24.41 -2.43 -32.60
C LEU D 559 -25.11 -2.51 -33.95
N PRO D 560 -24.37 -2.52 -35.05
CA PRO D 560 -24.98 -2.82 -36.34
C PRO D 560 -25.52 -4.23 -36.36
N VAL D 561 -26.72 -4.39 -36.91
CA VAL D 561 -27.40 -5.67 -36.95
C VAL D 561 -27.14 -6.33 -38.30
N VAL D 562 -26.67 -7.58 -38.26
CA VAL D 562 -26.24 -8.28 -39.47
C VAL D 562 -26.99 -9.61 -39.59
N PRO D 563 -27.84 -9.76 -40.60
CA PRO D 563 -28.48 -11.06 -40.82
C PRO D 563 -27.49 -12.07 -41.35
N LEU D 564 -27.61 -13.32 -40.89
CA LEU D 564 -26.89 -14.44 -41.46
C LEU D 564 -27.93 -15.29 -42.20
N PHE D 565 -27.90 -15.21 -43.53
CA PHE D 565 -28.83 -15.96 -44.37
C PHE D 565 -28.19 -17.31 -44.67
N GLU D 566 -28.80 -18.38 -44.15
CA GLU D 566 -28.18 -19.70 -44.16
C GLU D 566 -28.75 -20.64 -45.22
N ARG D 567 -30.08 -20.80 -45.26
CA ARG D 567 -30.66 -21.74 -46.21
C ARG D 567 -30.80 -21.11 -47.58
N LEU D 568 -30.98 -21.97 -48.60
CA LEU D 568 -31.11 -21.50 -49.96
C LEU D 568 -32.30 -20.57 -50.13
N ALA D 569 -33.42 -20.90 -49.48
CA ALA D 569 -34.59 -20.03 -49.54
C ALA D 569 -34.30 -18.66 -48.93
N ASP D 570 -33.53 -18.63 -47.84
CA ASP D 570 -33.20 -17.35 -47.21
C ASP D 570 -32.27 -16.52 -48.08
N LEU D 571 -31.36 -17.18 -48.81
CA LEU D 571 -30.53 -16.46 -49.78
C LEU D 571 -31.38 -15.95 -50.94
N GLN D 572 -32.32 -16.77 -51.41
CA GLN D 572 -33.23 -16.37 -52.48
C GLN D 572 -33.95 -15.08 -52.13
N SER D 573 -34.43 -14.95 -50.89
CA SER D 573 -35.21 -13.81 -50.45
C SER D 573 -34.39 -12.73 -49.76
N ALA D 574 -33.08 -12.94 -49.60
CA ALA D 574 -32.22 -11.93 -49.01
C ALA D 574 -32.30 -10.56 -49.71
N PRO D 575 -32.30 -10.47 -51.05
CA PRO D 575 -32.41 -9.12 -51.66
C PRO D 575 -33.72 -8.44 -51.34
N ALA D 576 -34.82 -9.19 -51.30
CA ALA D 576 -36.10 -8.61 -50.90
C ALA D 576 -36.08 -8.17 -49.44
N SER D 577 -35.43 -8.96 -48.58
CA SER D 577 -35.35 -8.61 -47.16
C SER D 577 -34.63 -7.30 -46.96
N VAL D 578 -33.44 -7.15 -47.55
CA VAL D 578 -32.70 -5.90 -47.36
C VAL D 578 -33.40 -4.76 -48.08
N GLU D 579 -34.13 -5.02 -49.16
CA GLU D 579 -34.86 -3.95 -49.82
C GLU D 579 -35.98 -3.43 -48.93
N ARG D 580 -36.68 -4.33 -48.23
N ARG D 580 -36.69 -4.32 -48.23
CA ARG D 580 -37.73 -3.89 -47.31
CA ARG D 580 -37.73 -3.87 -47.31
C ARG D 580 -37.13 -3.08 -46.16
C ARG D 580 -37.12 -3.06 -46.17
N LEU D 581 -36.02 -3.55 -45.59
CA LEU D 581 -35.34 -2.81 -44.53
C LEU D 581 -34.90 -1.44 -45.00
N PHE D 582 -34.28 -1.37 -46.18
CA PHE D 582 -33.84 -0.09 -46.73
C PHE D 582 -34.99 0.84 -47.08
N SER D 583 -36.22 0.33 -47.18
CA SER D 583 -37.38 1.16 -47.48
C SER D 583 -38.08 1.69 -46.24
N VAL D 584 -37.55 1.40 -45.05
CA VAL D 584 -38.14 1.82 -43.80
C VAL D 584 -37.39 3.03 -43.29
N ASP D 585 -38.10 4.16 -43.13
CA ASP D 585 -37.46 5.41 -42.76
C ASP D 585 -36.65 5.28 -41.48
N TRP D 586 -37.21 4.60 -40.48
CA TRP D 586 -36.51 4.44 -39.21
C TRP D 586 -35.19 3.71 -39.39
N TYR D 587 -35.19 2.63 -40.19
CA TYR D 587 -34.00 1.82 -40.32
C TYR D 587 -32.92 2.52 -41.12
N MET D 588 -33.30 3.29 -42.14
CA MET D 588 -32.31 4.07 -42.89
C MET D 588 -31.67 5.12 -41.99
N ASP D 589 -32.46 5.76 -41.12
CA ASP D 589 -31.88 6.69 -40.16
C ASP D 589 -30.90 6.01 -39.23
N ARG D 590 -31.16 4.75 -38.88
CA ARG D 590 -30.31 4.04 -37.93
C ARG D 590 -28.98 3.64 -38.57
N ILE D 591 -29.02 3.04 -39.76
CA ILE D 591 -27.80 2.48 -40.34
C ILE D 591 -26.92 3.51 -41.02
N LYS D 592 -27.48 4.66 -41.42
CA LYS D 592 -26.71 5.78 -41.95
C LYS D 592 -25.84 5.38 -43.14
N GLY D 593 -26.46 4.68 -44.10
CA GLY D 593 -25.82 4.36 -45.35
C GLY D 593 -24.88 3.16 -45.32
N LYS D 594 -24.92 2.35 -44.27
CA LYS D 594 -24.04 1.21 -44.14
C LYS D 594 -24.83 -0.01 -43.68
N GLN D 595 -24.63 -1.13 -44.37
CA GLN D 595 -25.27 -2.39 -43.99
C GLN D 595 -24.29 -3.52 -44.20
N GLN D 596 -24.24 -4.43 -43.23
CA GLN D 596 -23.45 -5.64 -43.32
C GLN D 596 -24.38 -6.84 -43.43
N VAL D 597 -24.04 -7.77 -44.30
CA VAL D 597 -24.75 -9.04 -44.45
C VAL D 597 -23.75 -10.17 -44.36
N MET D 598 -24.13 -11.25 -43.70
CA MET D 598 -23.25 -12.40 -43.57
C MET D 598 -23.73 -13.54 -44.44
N VAL D 599 -22.76 -14.23 -45.06
CA VAL D 599 -23.01 -15.35 -45.92
C VAL D 599 -22.34 -16.57 -45.33
N GLY D 600 -22.96 -17.74 -45.51
CA GLY D 600 -22.42 -18.99 -45.01
C GLY D 600 -22.30 -20.07 -46.05
N TYR D 601 -21.10 -20.62 -46.23
CA TYR D 601 -20.91 -21.64 -47.25
C TYR D 601 -21.26 -23.03 -46.73
N SER D 602 -20.70 -23.43 -45.60
CA SER D 602 -21.02 -24.72 -45.02
C SER D 602 -22.50 -24.81 -44.65
N ASP D 603 -23.08 -23.71 -44.18
CA ASP D 603 -24.50 -23.71 -43.82
C ASP D 603 -25.38 -23.90 -45.05
N SER D 604 -25.17 -23.09 -46.08
CA SER D 604 -25.96 -23.21 -47.30
C SER D 604 -25.71 -24.55 -48.00
N GLY D 605 -24.48 -25.07 -47.95
CA GLY D 605 -24.18 -26.32 -48.59
C GLY D 605 -24.88 -27.52 -47.96
N LYS D 606 -25.12 -27.47 -46.65
CA LYS D 606 -25.85 -28.55 -46.01
C LYS D 606 -27.34 -28.52 -46.37
N ASP D 607 -27.85 -27.37 -46.80
CA ASP D 607 -29.24 -27.27 -47.20
C ASP D 607 -29.48 -27.95 -48.55
N ALA D 608 -28.62 -27.68 -49.52
CA ALA D 608 -28.90 -28.12 -50.89
C ALA D 608 -27.68 -28.64 -51.64
N GLY D 609 -26.56 -28.90 -50.98
CA GLY D 609 -25.36 -29.26 -51.69
C GLY D 609 -24.54 -28.05 -52.11
N ARG D 610 -23.24 -28.29 -52.32
CA ARG D 610 -22.31 -27.18 -52.45
C ARG D 610 -22.48 -26.43 -53.76
N LEU D 611 -22.78 -27.14 -54.86
CA LEU D 611 -22.91 -26.46 -56.14
C LEU D 611 -24.10 -25.50 -56.15
N SER D 612 -25.27 -25.98 -55.73
CA SER D 612 -26.45 -25.12 -55.69
C SER D 612 -26.25 -23.93 -54.76
N ALA D 613 -25.53 -24.13 -53.65
CA ALA D 613 -25.28 -23.02 -52.73
C ALA D 613 -24.33 -22.00 -53.34
N ALA D 614 -23.30 -22.48 -54.04
CA ALA D 614 -22.36 -21.56 -54.68
C ALA D 614 -23.09 -20.64 -55.66
N TRP D 615 -23.97 -21.21 -56.48
CA TRP D 615 -24.66 -20.43 -57.49
C TRP D 615 -25.73 -19.53 -56.87
N GLN D 616 -26.43 -20.02 -55.84
CA GLN D 616 -27.37 -19.17 -55.13
C GLN D 616 -26.65 -18.02 -54.44
N LEU D 617 -25.48 -18.31 -53.87
CA LEU D 617 -24.71 -17.25 -53.21
C LEU D 617 -24.28 -16.18 -54.21
N TYR D 618 -23.82 -16.60 -55.39
CA TYR D 618 -23.39 -15.62 -56.39
C TYR D 618 -24.54 -14.69 -56.76
N ARG D 619 -25.71 -15.25 -57.04
CA ARG D 619 -26.85 -14.42 -57.44
C ARG D 619 -27.30 -13.51 -56.30
N ALA D 620 -27.30 -14.03 -55.07
CA ALA D 620 -27.75 -13.22 -53.94
C ALA D 620 -26.84 -12.03 -53.71
N GLN D 621 -25.53 -12.20 -53.91
CA GLN D 621 -24.60 -11.08 -53.76
C GLN D 621 -24.81 -10.05 -54.86
N GLU D 622 -24.91 -10.52 -56.11
CA GLU D 622 -25.30 -9.67 -57.22
C GLU D 622 -26.50 -8.79 -56.89
N GLU D 623 -27.57 -9.43 -56.45
CA GLU D 623 -28.85 -8.75 -56.29
C GLU D 623 -28.89 -7.87 -55.05
N MET D 624 -28.18 -8.27 -53.99
CA MET D 624 -28.10 -7.42 -52.81
C MET D 624 -27.30 -6.15 -53.11
N ALA D 625 -26.22 -6.27 -53.89
CA ALA D 625 -25.43 -5.09 -54.26
C ALA D 625 -26.23 -4.11 -55.09
N GLN D 626 -27.13 -4.61 -55.95
CA GLN D 626 -27.96 -3.70 -56.75
C GLN D 626 -29.01 -3.02 -55.90
N VAL D 627 -29.61 -3.75 -54.96
CA VAL D 627 -30.55 -3.13 -54.02
C VAL D 627 -29.83 -2.05 -53.21
N ALA D 628 -28.62 -2.35 -52.75
CA ALA D 628 -27.85 -1.37 -51.99
C ALA D 628 -27.52 -0.15 -52.84
N LYS D 629 -27.16 -0.37 -54.11
CA LYS D 629 -26.80 0.75 -54.97
C LYS D 629 -27.98 1.67 -55.22
N ARG D 630 -29.17 1.10 -55.41
CA ARG D 630 -30.36 1.91 -55.64
C ARG D 630 -30.70 2.77 -54.42
N TYR D 631 -30.42 2.28 -53.22
CA TYR D 631 -30.79 2.95 -51.98
C TYR D 631 -29.64 3.73 -51.36
N GLY D 632 -28.49 3.81 -52.05
CA GLY D 632 -27.37 4.57 -51.53
C GLY D 632 -26.66 3.94 -50.36
N VAL D 633 -26.84 2.63 -50.14
CA VAL D 633 -26.29 1.94 -48.99
C VAL D 633 -25.00 1.24 -49.39
N LYS D 634 -23.98 1.35 -48.54
CA LYS D 634 -22.71 0.68 -48.75
C LYS D 634 -22.77 -0.69 -48.07
N LEU D 635 -22.83 -1.74 -48.89
CA LEU D 635 -23.10 -3.09 -48.41
C LEU D 635 -21.80 -3.86 -48.25
N THR D 636 -21.54 -4.35 -47.05
CA THR D 636 -20.33 -5.10 -46.73
C THR D 636 -20.70 -6.55 -46.46
N LEU D 637 -20.07 -7.46 -47.18
CA LEU D 637 -20.33 -8.89 -46.98
C LEU D 637 -19.30 -9.49 -46.04
N PHE D 638 -19.78 -10.38 -45.17
CA PHE D 638 -18.98 -11.11 -44.20
C PHE D 638 -19.03 -12.58 -44.59
N HIS D 639 -17.89 -13.15 -44.93
CA HIS D 639 -17.84 -14.51 -45.45
C HIS D 639 -17.57 -15.48 -44.30
N GLY D 640 -18.50 -16.43 -44.10
CA GLY D 640 -18.36 -17.40 -43.04
C GLY D 640 -17.48 -18.57 -43.43
N ARG D 641 -17.40 -19.53 -42.51
CA ARG D 641 -16.52 -20.68 -42.67
C ARG D 641 -16.95 -21.53 -43.87
N GLY D 642 -16.01 -22.33 -44.36
CA GLY D 642 -16.29 -23.25 -45.44
C GLY D 642 -16.23 -22.67 -46.83
N GLY D 643 -15.71 -21.45 -46.98
CA GLY D 643 -15.73 -20.79 -48.27
C GLY D 643 -14.47 -20.98 -49.08
N THR D 644 -14.55 -20.57 -50.33
CA THR D 644 -13.36 -20.39 -51.15
C THR D 644 -12.55 -19.21 -50.64
N VAL D 645 -13.23 -18.10 -50.34
CA VAL D 645 -12.63 -17.03 -49.55
C VAL D 645 -12.44 -17.56 -48.14
N GLY D 646 -11.19 -17.59 -47.68
CA GLY D 646 -10.86 -18.17 -46.39
C GLY D 646 -10.08 -19.45 -46.46
N ARG D 647 -9.82 -19.98 -47.65
CA ARG D 647 -8.88 -21.07 -47.80
C ARG D 647 -7.48 -20.59 -47.47
N GLY D 648 -6.64 -21.53 -47.05
CA GLY D 648 -5.27 -21.17 -46.72
C GLY D 648 -4.45 -20.89 -47.96
N GLY D 649 -3.66 -19.83 -47.90
CA GLY D 649 -2.70 -19.56 -48.95
C GLY D 649 -3.32 -18.93 -50.20
N GLY D 650 -2.67 -19.21 -51.34
CA GLY D 650 -3.03 -18.57 -52.59
C GLY D 650 -4.49 -18.61 -53.00
N PRO D 651 -5.19 -19.76 -52.85
CA PRO D 651 -6.59 -19.82 -53.33
C PRO D 651 -7.46 -18.66 -52.88
N THR D 652 -7.23 -18.10 -51.69
CA THR D 652 -8.03 -16.96 -51.23
C THR D 652 -7.83 -15.75 -52.14
N HIS D 653 -6.63 -15.57 -52.70
CA HIS D 653 -6.38 -14.48 -53.64
C HIS D 653 -7.33 -14.54 -54.82
N LEU D 654 -7.40 -15.70 -55.48
CA LEU D 654 -8.29 -15.86 -56.63
C LEU D 654 -9.75 -15.83 -56.20
N ALA D 655 -10.06 -16.42 -55.04
CA ALA D 655 -11.44 -16.44 -54.56
C ALA D 655 -12.00 -15.04 -54.42
N ILE D 656 -11.21 -14.11 -53.87
CA ILE D 656 -11.67 -12.74 -53.71
C ILE D 656 -11.82 -12.07 -55.06
N LEU D 657 -10.87 -12.29 -55.98
CA LEU D 657 -10.98 -11.71 -57.31
C LEU D 657 -12.20 -12.23 -58.07
N SER D 658 -12.74 -13.38 -57.68
CA SER D 658 -13.84 -14.01 -58.37
C SER D 658 -15.22 -13.54 -57.91
N GLN D 659 -15.29 -12.74 -56.84
CA GLN D 659 -16.56 -12.26 -56.34
C GLN D 659 -17.32 -11.50 -57.42
N PRO D 660 -18.64 -11.45 -57.35
CA PRO D 660 -19.41 -10.74 -58.37
C PRO D 660 -19.01 -9.27 -58.42
N PRO D 661 -19.03 -8.66 -59.60
CA PRO D 661 -18.59 -7.27 -59.72
C PRO D 661 -19.34 -6.33 -58.77
N ASP D 662 -18.61 -5.33 -58.28
CA ASP D 662 -19.19 -4.24 -57.49
C ASP D 662 -19.85 -4.76 -56.21
N THR D 663 -19.28 -5.80 -55.61
CA THR D 663 -19.77 -6.31 -54.34
C THR D 663 -18.78 -6.18 -53.20
N ILE D 664 -17.57 -5.70 -53.47
CA ILE D 664 -16.57 -5.46 -52.42
C ILE D 664 -16.37 -3.97 -52.18
N ASN D 665 -15.96 -3.24 -53.22
CA ASN D 665 -15.76 -1.79 -53.17
C ASN D 665 -15.02 -1.37 -51.90
N GLY D 666 -13.93 -2.08 -51.62
CA GLY D 666 -13.02 -1.72 -50.55
C GLY D 666 -13.38 -2.23 -49.17
N SER D 667 -14.46 -2.99 -49.02
CA SER D 667 -14.96 -3.37 -47.69
C SER D 667 -15.36 -4.84 -47.71
N ILE D 668 -14.67 -5.65 -46.90
CA ILE D 668 -14.94 -7.08 -46.85
C ILE D 668 -14.56 -7.60 -45.46
N ARG D 669 -15.31 -8.58 -44.99
CA ARG D 669 -15.01 -9.31 -43.77
C ARG D 669 -14.91 -10.79 -44.09
N VAL D 670 -13.87 -11.46 -43.56
CA VAL D 670 -13.60 -12.85 -43.87
C VAL D 670 -13.34 -13.62 -42.58
N THR D 671 -13.85 -14.85 -42.51
CA THR D 671 -13.57 -15.74 -41.39
C THR D 671 -12.21 -16.39 -41.56
N VAL D 672 -11.36 -16.27 -40.55
CA VAL D 672 -10.12 -17.04 -40.49
C VAL D 672 -10.45 -18.30 -39.70
N GLN D 673 -10.70 -19.39 -40.42
CA GLN D 673 -11.05 -20.65 -39.78
C GLN D 673 -9.89 -21.13 -38.91
N GLY D 674 -10.23 -21.68 -37.76
CA GLY D 674 -9.22 -22.27 -36.91
C GLY D 674 -8.43 -23.36 -37.61
N GLU D 675 -9.06 -24.02 -38.59
CA GLU D 675 -8.39 -25.10 -39.30
C GLU D 675 -7.19 -24.61 -40.10
N VAL D 676 -7.20 -23.34 -40.53
CA VAL D 676 -6.14 -22.79 -41.35
C VAL D 676 -5.32 -21.74 -40.65
N ILE D 677 -5.64 -21.40 -39.40
CA ILE D 677 -5.00 -20.24 -38.77
C ILE D 677 -3.51 -20.47 -38.57
N GLU D 678 -3.09 -21.72 -38.33
CA GLU D 678 -1.67 -22.00 -38.14
C GLU D 678 -0.90 -21.74 -39.42
N PHE D 679 -1.42 -22.17 -40.57
CA PHE D 679 -0.73 -21.97 -41.83
C PHE D 679 -0.82 -20.53 -42.31
N CYS D 680 -1.82 -19.77 -41.86
CA CYS D 680 -1.92 -18.39 -42.33
C CYS D 680 -1.10 -17.43 -41.47
N PHE D 681 -0.96 -17.72 -40.18
CA PHE D 681 -0.37 -16.75 -39.26
C PHE D 681 0.66 -17.35 -38.31
N GLY D 682 0.99 -18.62 -38.42
CA GLY D 682 1.92 -19.20 -37.46
C GLY D 682 3.36 -18.77 -37.66
N GLU D 683 3.71 -18.33 -38.86
CA GLU D 683 5.09 -18.01 -39.20
C GLU D 683 5.15 -16.65 -39.91
N GLU D 684 6.16 -15.86 -39.51
CA GLU D 684 6.37 -14.50 -39.99
C GLU D 684 6.02 -14.29 -41.46
N HIS D 685 6.68 -15.05 -42.35
CA HIS D 685 6.48 -14.84 -43.78
C HIS D 685 5.10 -15.27 -44.23
N LEU D 686 4.54 -16.31 -43.59
CA LEU D 686 3.20 -16.74 -43.93
C LEU D 686 2.18 -15.68 -43.53
N CYS D 687 2.35 -15.08 -42.35
CA CYS D 687 1.53 -13.93 -41.98
C CYS D 687 1.62 -12.83 -43.02
N PHE D 688 2.85 -12.45 -43.40
CA PHE D 688 3.05 -11.40 -44.39
C PHE D 688 2.31 -11.70 -45.69
N GLN D 689 2.44 -12.93 -46.19
CA GLN D 689 1.79 -13.28 -47.45
C GLN D 689 0.28 -13.31 -47.30
N THR D 690 -0.21 -13.66 -46.11
CA THR D 690 -1.66 -13.66 -45.88
C THR D 690 -2.22 -12.25 -45.92
N LEU D 691 -1.62 -11.32 -45.18
CA LEU D 691 -2.06 -9.93 -45.22
C LEU D 691 -1.93 -9.36 -46.61
N GLN D 692 -0.90 -9.76 -47.35
CA GLN D 692 -0.66 -9.17 -48.67
C GLN D 692 -1.72 -9.59 -49.67
N ARG D 693 -2.09 -10.87 -49.69
CA ARG D 693 -3.02 -11.33 -50.71
C ARG D 693 -4.43 -10.83 -50.44
N PHE D 694 -4.83 -10.76 -49.17
CA PHE D 694 -6.12 -10.15 -48.85
C PHE D 694 -6.16 -8.69 -49.30
N THR D 695 -5.06 -7.96 -49.08
CA THR D 695 -5.03 -6.55 -49.44
C THR D 695 -5.02 -6.38 -50.96
N ALA D 696 -4.15 -7.13 -51.64
CA ALA D 696 -4.03 -6.99 -53.10
C ALA D 696 -5.32 -7.40 -53.79
N ALA D 697 -5.88 -8.56 -53.43
CA ALA D 697 -7.06 -9.07 -54.10
C ALA D 697 -8.26 -8.13 -53.91
N THR D 698 -8.45 -7.63 -52.69
CA THR D 698 -9.54 -6.70 -52.45
C THR D 698 -9.37 -5.43 -53.26
N LEU D 699 -8.15 -4.87 -53.26
CA LEU D 699 -7.88 -3.63 -53.99
C LEU D 699 -8.14 -3.80 -55.47
N GLU D 700 -7.66 -4.90 -56.05
CA GLU D 700 -7.81 -5.10 -57.49
C GLU D 700 -9.27 -5.30 -57.88
N HIS D 701 -10.01 -6.07 -57.09
CA HIS D 701 -11.40 -6.38 -57.43
C HIS D 701 -12.22 -5.11 -57.64
N GLY D 702 -12.01 -4.10 -56.81
CA GLY D 702 -12.81 -2.89 -56.92
C GLY D 702 -12.53 -2.09 -58.18
N MET D 703 -11.35 -2.26 -58.75
CA MET D 703 -10.96 -1.54 -59.96
C MET D 703 -10.80 -2.46 -61.16
N HIS D 704 -10.93 -3.78 -60.98
CA HIS D 704 -10.71 -4.74 -62.07
C HIS D 704 -11.57 -5.96 -61.80
N PRO D 705 -12.89 -5.83 -61.92
CA PRO D 705 -13.79 -6.94 -61.59
C PRO D 705 -13.62 -8.09 -62.55
N PRO D 706 -14.04 -9.29 -62.18
CA PRO D 706 -13.99 -10.42 -63.12
C PRO D 706 -14.97 -10.21 -64.26
N VAL D 707 -14.91 -11.13 -65.23
CA VAL D 707 -15.81 -11.04 -66.37
C VAL D 707 -17.25 -11.30 -65.90
N SER D 708 -18.19 -10.63 -66.54
CA SER D 708 -19.59 -10.89 -66.24
C SER D 708 -20.04 -12.19 -66.93
N PRO D 709 -20.82 -13.01 -66.25
CA PRO D 709 -21.17 -14.33 -66.82
C PRO D 709 -21.96 -14.20 -68.10
N LYS D 710 -21.57 -14.97 -69.11
CA LYS D 710 -22.34 -15.05 -70.33
C LYS D 710 -23.70 -15.69 -70.05
N PRO D 711 -24.74 -15.30 -70.80
CA PRO D 711 -26.06 -15.92 -70.59
C PRO D 711 -26.06 -17.43 -70.66
N GLU D 712 -25.26 -18.01 -71.57
CA GLU D 712 -25.15 -19.46 -71.64
C GLU D 712 -24.70 -20.04 -70.30
N TRP D 713 -23.74 -19.37 -69.64
CA TRP D 713 -23.23 -19.87 -68.38
C TRP D 713 -24.30 -19.83 -67.29
N ARG D 714 -25.00 -18.70 -67.21
CA ARG D 714 -26.08 -18.56 -66.23
C ARG D 714 -27.13 -19.64 -66.40
N LYS D 715 -27.64 -19.80 -67.62
CA LYS D 715 -28.65 -20.82 -67.89
C LYS D 715 -28.15 -22.20 -67.49
N LEU D 716 -26.89 -22.52 -67.81
CA LEU D 716 -26.34 -23.82 -67.45
C LEU D 716 -26.24 -23.98 -65.93
N MET D 717 -25.81 -22.92 -65.24
CA MET D 717 -25.78 -22.97 -63.78
C MET D 717 -27.17 -23.17 -63.19
N ASP D 718 -28.17 -22.47 -63.74
CA ASP D 718 -29.53 -22.62 -63.26
C ASP D 718 -30.00 -24.07 -63.38
N GLU D 719 -29.78 -24.68 -64.55
CA GLU D 719 -30.22 -26.05 -64.77
C GLU D 719 -29.44 -27.04 -63.93
N MET D 720 -28.12 -26.86 -63.83
CA MET D 720 -27.30 -27.77 -63.02
C MET D 720 -27.64 -27.65 -61.54
N ALA D 721 -27.99 -26.45 -61.06
CA ALA D 721 -28.35 -26.29 -59.66
C ALA D 721 -29.60 -27.08 -59.32
N VAL D 722 -30.59 -27.11 -60.21
CA VAL D 722 -31.76 -27.95 -60.02
C VAL D 722 -31.34 -29.40 -59.83
N VAL D 723 -30.56 -29.92 -60.78
CA VAL D 723 -30.19 -31.33 -60.76
C VAL D 723 -29.32 -31.66 -59.55
N ALA D 724 -28.42 -30.74 -59.19
CA ALA D 724 -27.54 -30.98 -58.06
C ALA D 724 -28.33 -31.05 -56.76
N THR D 725 -29.20 -30.06 -56.54
CA THR D 725 -30.07 -30.08 -55.37
C THR D 725 -30.84 -31.39 -55.29
N GLU D 726 -31.50 -31.77 -56.38
CA GLU D 726 -32.27 -32.99 -56.41
C GLU D 726 -31.43 -34.21 -56.04
N GLU D 727 -30.21 -34.29 -56.59
CA GLU D 727 -29.33 -35.40 -56.24
C GLU D 727 -28.90 -35.35 -54.78
N TYR D 728 -28.61 -34.16 -54.27
CA TYR D 728 -28.18 -34.03 -52.88
C TYR D 728 -29.27 -34.47 -51.92
N ARG D 729 -30.51 -34.01 -52.15
CA ARG D 729 -31.58 -34.33 -51.21
C ARG D 729 -32.10 -35.74 -51.38
N SER D 730 -31.97 -36.34 -52.58
CA SER D 730 -32.35 -37.74 -52.73
C SER D 730 -31.53 -38.65 -51.84
N VAL D 731 -30.32 -38.22 -51.47
CA VAL D 731 -29.45 -39.01 -50.61
C VAL D 731 -29.65 -38.65 -49.13
N VAL D 732 -29.67 -37.36 -48.79
CA VAL D 732 -29.66 -36.96 -47.39
C VAL D 732 -31.06 -36.69 -46.83
N VAL D 733 -32.05 -36.43 -47.67
CA VAL D 733 -33.39 -36.10 -47.21
C VAL D 733 -34.38 -37.23 -47.49
N LYS D 734 -34.36 -37.77 -48.70
CA LYS D 734 -35.40 -38.69 -49.17
C LYS D 734 -35.01 -40.17 -49.04
N GLU D 735 -33.90 -40.49 -48.39
CA GLU D 735 -33.40 -41.86 -48.34
C GLU D 735 -33.59 -42.42 -46.94
N ALA D 736 -34.43 -43.46 -46.83
CA ALA D 736 -34.75 -44.03 -45.53
C ALA D 736 -33.51 -44.57 -44.83
N ARG D 737 -32.50 -44.98 -45.59
CA ARG D 737 -31.31 -45.62 -45.03
C ARG D 737 -30.27 -44.63 -44.52
N PHE D 738 -30.43 -43.33 -44.77
CA PHE D 738 -29.29 -42.44 -44.65
C PHE D 738 -28.91 -42.16 -43.20
N VAL D 739 -29.89 -41.90 -42.33
CA VAL D 739 -29.56 -41.60 -40.95
C VAL D 739 -28.83 -42.77 -40.29
N GLU D 740 -29.33 -43.99 -40.54
CA GLU D 740 -28.70 -45.18 -39.99
C GLU D 740 -27.28 -45.36 -40.54
N TYR D 741 -27.09 -45.10 -41.83
CA TYR D 741 -25.77 -45.19 -42.42
C TYR D 741 -24.83 -44.15 -41.84
N PHE D 742 -25.29 -42.90 -41.78
CA PHE D 742 -24.47 -41.79 -41.27
C PHE D 742 -23.98 -42.06 -39.86
N ARG D 743 -24.83 -42.59 -39.00
CA ARG D 743 -24.45 -42.82 -37.61
C ARG D 743 -23.59 -44.08 -37.44
N SER D 744 -23.41 -44.88 -38.49
CA SER D 744 -22.50 -46.02 -38.44
C SER D 744 -21.20 -45.77 -39.18
N ALA D 745 -21.24 -45.08 -40.32
CA ALA D 745 -20.08 -44.92 -41.17
C ALA D 745 -19.16 -43.79 -40.74
N THR D 746 -19.60 -42.91 -39.85
CA THR D 746 -18.83 -41.79 -39.34
C THR D 746 -18.78 -41.86 -37.82
N PRO D 747 -17.89 -41.10 -37.18
CA PRO D 747 -17.88 -41.04 -35.72
C PRO D 747 -18.78 -39.94 -35.17
N GLU D 748 -19.92 -39.71 -35.82
CA GLU D 748 -20.81 -38.62 -35.44
C GLU D 748 -21.23 -38.73 -33.97
N THR D 749 -21.86 -39.85 -33.61
CA THR D 749 -22.35 -40.03 -32.24
C THR D 749 -21.26 -39.78 -31.21
N GLU D 750 -20.08 -40.35 -31.44
CA GLU D 750 -18.99 -40.20 -30.49
C GLU D 750 -18.54 -38.75 -30.39
N TYR D 751 -18.42 -38.06 -31.53
CA TYR D 751 -18.02 -36.66 -31.50
C TYR D 751 -18.97 -35.80 -30.66
N GLY D 752 -20.26 -36.14 -30.64
CA GLY D 752 -21.22 -35.42 -29.84
C GLY D 752 -21.14 -35.75 -28.36
N ARG D 753 -21.18 -37.06 -28.05
CA ARG D 753 -21.12 -37.49 -26.65
C ARG D 753 -19.85 -37.00 -25.97
N MET D 754 -18.75 -36.90 -26.69
CA MET D 754 -17.49 -36.46 -26.10
C MET D 754 -17.34 -34.95 -26.10
N ASN D 755 -18.31 -34.20 -26.62
CA ASN D 755 -18.28 -32.73 -26.57
C ASN D 755 -17.00 -32.17 -27.18
N ILE D 756 -16.55 -32.77 -28.28
CA ILE D 756 -15.33 -32.31 -28.93
C ILE D 756 -15.55 -30.94 -29.56
N GLY D 757 -16.80 -30.62 -29.91
CA GLY D 757 -17.10 -29.30 -30.43
C GLY D 757 -17.33 -28.24 -29.39
N SER D 758 -17.27 -28.59 -28.10
CA SER D 758 -17.47 -27.63 -27.00
C SER D 758 -18.85 -27.01 -27.04
N ARG D 759 -19.78 -27.70 -27.65
CA ARG D 759 -20.99 -27.08 -28.14
C ARG D 759 -21.96 -28.18 -28.55
N PRO D 760 -23.26 -28.04 -28.28
CA PRO D 760 -24.21 -29.04 -28.76
C PRO D 760 -24.14 -29.21 -30.27
N ALA D 761 -24.22 -30.47 -30.71
CA ALA D 761 -24.14 -30.77 -32.13
C ALA D 761 -25.47 -30.57 -32.84
N LYS D 762 -26.57 -30.46 -32.12
CA LYS D 762 -27.90 -30.30 -32.71
C LYS D 762 -28.60 -29.08 -32.16
N ARG D 763 -29.71 -28.72 -32.81
CA ARG D 763 -30.54 -27.60 -32.40
C ARG D 763 -31.55 -28.05 -31.34
N ARG D 764 -32.29 -29.10 -31.64
CA ARG D 764 -33.32 -29.88 -30.97
C ARG D 764 -32.74 -31.21 -30.52
N PRO D 765 -33.14 -31.73 -29.35
CA PRO D 765 -32.59 -33.03 -28.91
C PRO D 765 -33.07 -34.20 -29.76
N GLY D 766 -32.85 -34.11 -31.07
CA GLY D 766 -33.31 -35.09 -32.03
C GLY D 766 -33.74 -34.40 -33.31
N GLY D 767 -34.35 -35.17 -34.20
CA GLY D 767 -34.77 -34.65 -35.49
C GLY D 767 -34.15 -35.43 -36.64
N GLY D 768 -34.14 -34.83 -37.82
CA GLY D 768 -33.47 -35.41 -38.97
C GLY D 768 -32.01 -35.02 -38.99
N ILE D 769 -31.43 -35.00 -40.20
CA ILE D 769 -30.14 -34.35 -40.39
C ILE D 769 -30.31 -32.85 -40.44
N THR D 770 -31.54 -32.37 -40.68
CA THR D 770 -31.83 -30.95 -40.73
C THR D 770 -31.62 -30.25 -39.39
N THR D 771 -31.63 -30.98 -38.28
CA THR D 771 -31.36 -30.40 -36.97
C THR D 771 -29.88 -30.34 -36.64
N LEU D 772 -29.04 -31.10 -37.36
CA LEU D 772 -27.62 -31.13 -37.11
C LEU D 772 -26.94 -29.88 -37.64
N ARG D 773 -25.94 -29.39 -36.91
CA ARG D 773 -25.27 -28.16 -37.30
C ARG D 773 -24.18 -28.45 -38.34
N ALA D 774 -23.69 -27.38 -38.98
CA ALA D 774 -22.82 -27.54 -40.14
C ALA D 774 -21.47 -28.14 -39.76
N ILE D 775 -20.90 -27.67 -38.64
CA ILE D 775 -19.58 -28.17 -38.22
C ILE D 775 -19.58 -29.67 -37.99
N PRO D 776 -20.51 -30.24 -37.22
CA PRO D 776 -20.52 -31.70 -37.10
C PRO D 776 -20.76 -32.42 -38.41
N TRP D 777 -21.59 -31.84 -39.30
CA TRP D 777 -21.82 -32.41 -40.62
C TRP D 777 -20.52 -32.54 -41.40
N ILE D 778 -19.75 -31.45 -41.47
CA ILE D 778 -18.47 -31.50 -42.18
C ILE D 778 -17.46 -32.34 -41.42
N PHE D 779 -17.40 -32.20 -40.10
CA PHE D 779 -16.40 -32.90 -39.31
C PHE D 779 -16.52 -34.41 -39.48
N SER D 780 -17.72 -34.96 -39.33
CA SER D 780 -17.88 -36.40 -39.31
C SER D 780 -17.53 -37.03 -40.65
N TRP D 781 -17.93 -36.40 -41.76
CA TRP D 781 -17.59 -36.94 -43.06
C TRP D 781 -16.14 -36.67 -43.46
N THR D 782 -15.49 -35.69 -42.84
CA THR D 782 -14.08 -35.45 -43.10
C THR D 782 -13.20 -36.46 -42.39
N GLN D 783 -13.65 -36.96 -41.23
CA GLN D 783 -12.85 -37.91 -40.46
C GLN D 783 -12.67 -39.24 -41.20
N THR D 784 -13.66 -39.66 -41.98
CA THR D 784 -13.60 -40.91 -42.73
C THR D 784 -13.04 -40.72 -44.12
N ARG D 785 -12.49 -39.55 -44.43
CA ARG D 785 -11.84 -39.24 -45.71
C ARG D 785 -12.80 -39.32 -46.89
N PHE D 786 -14.10 -39.13 -46.66
CA PHE D 786 -15.11 -39.28 -47.71
C PHE D 786 -15.67 -37.95 -48.19
N HIS D 787 -15.91 -37.01 -47.28
CA HIS D 787 -16.18 -35.61 -47.64
C HIS D 787 -17.50 -35.43 -48.41
N LEU D 788 -18.45 -36.34 -48.24
CA LEU D 788 -19.74 -36.26 -48.92
C LEU D 788 -20.36 -34.87 -48.97
N PRO D 789 -20.39 -34.07 -47.89
CA PRO D 789 -21.06 -32.75 -47.99
C PRO D 789 -20.45 -31.82 -49.02
N VAL D 790 -19.19 -32.00 -49.39
CA VAL D 790 -18.54 -31.04 -50.27
C VAL D 790 -18.89 -31.29 -51.73
N TRP D 791 -18.98 -32.56 -52.14
CA TRP D 791 -19.10 -32.88 -53.56
C TRP D 791 -20.45 -33.45 -53.96
N LEU D 792 -21.24 -33.99 -53.04
CA LEU D 792 -22.49 -34.65 -53.40
C LEU D 792 -23.40 -33.71 -54.19
N GLY D 793 -23.80 -34.15 -55.39
CA GLY D 793 -24.64 -33.37 -56.28
C GLY D 793 -23.89 -32.82 -57.49
N VAL D 794 -22.59 -32.61 -57.36
CA VAL D 794 -21.80 -32.11 -58.49
C VAL D 794 -21.79 -33.11 -59.63
N GLY D 795 -21.64 -34.41 -59.31
CA GLY D 795 -21.57 -35.42 -60.35
C GLY D 795 -22.83 -35.49 -61.18
N ALA D 796 -24.00 -35.47 -60.52
CA ALA D 796 -25.26 -35.50 -61.24
C ALA D 796 -25.40 -34.30 -62.16
N ALA D 797 -24.96 -33.12 -61.71
CA ALA D 797 -25.11 -31.91 -62.51
C ALA D 797 -24.23 -31.94 -63.75
N PHE D 798 -22.97 -32.37 -63.61
CA PHE D 798 -22.09 -32.44 -64.76
C PHE D 798 -22.56 -33.51 -65.75
N LYS D 799 -22.88 -34.70 -65.23
CA LYS D 799 -23.49 -35.73 -66.08
C LYS D 799 -24.69 -35.18 -66.84
N PHE D 800 -25.64 -34.59 -66.11
CA PHE D 800 -26.84 -34.05 -66.75
C PHE D 800 -26.49 -33.07 -67.86
N ALA D 801 -25.58 -32.13 -67.57
CA ALA D 801 -25.24 -31.10 -68.55
C ALA D 801 -24.62 -31.72 -69.80
N ILE D 802 -23.72 -32.69 -69.62
CA ILE D 802 -23.09 -33.33 -70.77
C ILE D 802 -24.10 -34.22 -71.50
N ASP D 803 -25.00 -34.86 -70.75
CA ASP D 803 -26.00 -35.74 -71.33
C ASP D 803 -27.08 -35.01 -72.10
N LYS D 804 -27.34 -33.74 -71.76
CA LYS D 804 -28.40 -32.97 -72.40
C LYS D 804 -27.98 -32.46 -73.78
N ASP D 805 -26.68 -32.27 -74.00
CA ASP D 805 -26.11 -31.85 -75.27
C ASP D 805 -24.60 -31.98 -75.13
N VAL D 806 -23.96 -32.64 -76.09
CA VAL D 806 -22.54 -32.96 -75.97
C VAL D 806 -21.67 -31.71 -75.94
N ARG D 807 -22.13 -30.63 -76.60
CA ARG D 807 -21.35 -29.40 -76.63
C ARG D 807 -21.29 -28.71 -75.28
N ASN D 808 -22.15 -29.09 -74.34
CA ASN D 808 -22.07 -28.53 -72.99
C ASN D 808 -20.76 -28.90 -72.32
N PHE D 809 -20.16 -30.03 -72.68
CA PHE D 809 -18.87 -30.41 -72.12
C PHE D 809 -17.81 -29.37 -72.42
N GLN D 810 -17.77 -28.88 -73.66
CA GLN D 810 -16.82 -27.82 -73.97
C GLN D 810 -17.19 -26.52 -73.27
N VAL D 811 -18.50 -26.25 -73.12
CA VAL D 811 -18.92 -25.04 -72.41
C VAL D 811 -18.45 -25.08 -70.96
N LEU D 812 -18.52 -26.26 -70.34
CA LEU D 812 -18.03 -26.39 -68.96
C LEU D 812 -16.52 -26.19 -68.88
N LYS D 813 -15.79 -26.69 -69.87
CA LYS D 813 -14.34 -26.47 -69.90
C LYS D 813 -14.02 -24.99 -70.01
N GLU D 814 -14.75 -24.27 -70.87
CA GLU D 814 -14.49 -22.84 -71.06
C GLU D 814 -14.86 -22.04 -69.81
N MET D 815 -15.95 -22.41 -69.14
CA MET D 815 -16.25 -21.79 -67.85
C MET D 815 -15.11 -21.99 -66.87
N TYR D 816 -14.56 -23.20 -66.82
CA TYR D 816 -13.42 -23.46 -65.93
C TYR D 816 -12.22 -22.59 -66.27
N ASN D 817 -12.06 -22.22 -67.55
CA ASN D 817 -10.90 -21.45 -67.98
C ASN D 817 -11.15 -19.95 -68.06
N GLU D 818 -12.41 -19.51 -68.06
CA GLU D 818 -12.70 -18.10 -68.31
C GLU D 818 -13.55 -17.45 -67.22
N TRP D 819 -14.23 -18.23 -66.38
CA TRP D 819 -15.11 -17.67 -65.36
C TRP D 819 -14.51 -17.94 -63.98
N PRO D 820 -13.89 -16.93 -63.34
CA PRO D 820 -13.25 -17.19 -62.04
C PRO D 820 -14.18 -17.80 -60.99
N PHE D 821 -15.46 -17.44 -60.97
CA PHE D 821 -16.39 -18.07 -60.04
C PHE D 821 -16.38 -19.58 -60.20
N PHE D 822 -16.52 -20.06 -61.43
CA PHE D 822 -16.61 -21.50 -61.67
C PHE D 822 -15.30 -22.20 -61.35
N ARG D 823 -14.17 -21.62 -61.76
CA ARG D 823 -12.89 -22.24 -61.48
C ARG D 823 -12.63 -22.32 -59.99
N VAL D 824 -12.91 -21.22 -59.28
CA VAL D 824 -12.72 -21.16 -57.84
C VAL D 824 -13.57 -22.23 -57.15
N THR D 825 -14.82 -22.36 -57.59
CA THR D 825 -15.71 -23.36 -57.01
C THR D 825 -15.18 -24.78 -57.21
N LEU D 826 -14.67 -25.07 -58.40
CA LEU D 826 -14.23 -26.44 -58.71
C LEU D 826 -12.84 -26.72 -58.15
N ASP D 827 -12.00 -25.69 -57.98
CA ASP D 827 -10.69 -25.90 -57.39
C ASP D 827 -10.80 -26.36 -55.94
N LEU D 828 -11.79 -25.85 -55.21
CA LEU D 828 -12.03 -26.33 -53.85
C LEU D 828 -12.41 -27.80 -53.85
N LEU D 829 -13.30 -28.20 -54.76
CA LEU D 829 -13.65 -29.62 -54.88
C LEU D 829 -12.42 -30.47 -55.16
N GLU D 830 -11.54 -29.98 -56.04
CA GLU D 830 -10.33 -30.73 -56.38
C GLU D 830 -9.43 -30.90 -55.17
N MET D 831 -9.28 -29.83 -54.37
CA MET D 831 -8.46 -29.91 -53.17
C MET D 831 -9.06 -30.90 -52.18
N VAL D 832 -10.38 -30.90 -52.05
CA VAL D 832 -11.02 -31.83 -51.12
C VAL D 832 -10.87 -33.27 -51.59
N PHE D 833 -10.94 -33.50 -52.91
CA PHE D 833 -10.76 -34.84 -53.43
C PHE D 833 -9.33 -35.33 -53.23
N ALA D 834 -8.35 -34.41 -53.25
CA ALA D 834 -6.97 -34.79 -52.92
C ALA D 834 -6.85 -35.27 -51.49
N LYS D 835 -7.72 -34.76 -50.61
CA LYS D 835 -7.75 -35.16 -49.22
C LYS D 835 -8.64 -36.37 -48.98
N GLY D 836 -9.32 -36.88 -50.01
CA GLY D 836 -10.21 -38.00 -49.86
C GLY D 836 -9.57 -39.33 -50.23
N ASP D 837 -10.21 -40.40 -49.78
CA ASP D 837 -9.71 -41.76 -50.03
C ASP D 837 -10.86 -42.75 -49.90
N PRO D 838 -11.46 -43.18 -51.02
CA PRO D 838 -12.59 -44.11 -50.93
C PRO D 838 -12.25 -45.43 -50.26
N GLY D 839 -11.01 -45.89 -50.39
CA GLY D 839 -10.62 -47.11 -49.69
C GLY D 839 -10.76 -46.97 -48.18
N ILE D 840 -10.26 -45.86 -47.63
CA ILE D 840 -10.40 -45.61 -46.21
C ILE D 840 -11.87 -45.54 -45.81
N ALA D 841 -12.67 -44.83 -46.60
CA ALA D 841 -14.10 -44.72 -46.30
C ALA D 841 -14.76 -46.08 -46.30
N GLY D 842 -14.39 -46.95 -47.25
CA GLY D 842 -14.93 -48.30 -47.26
C GLY D 842 -14.43 -49.14 -46.09
N LEU D 843 -13.25 -48.81 -45.57
CA LEU D 843 -12.78 -49.49 -44.37
C LEU D 843 -13.72 -49.24 -43.20
N TYR D 844 -14.09 -47.98 -42.97
CA TYR D 844 -15.10 -47.66 -41.98
C TYR D 844 -16.39 -48.46 -42.23
N ASP D 845 -16.83 -48.49 -43.49
CA ASP D 845 -18.01 -49.27 -43.86
C ASP D 845 -17.85 -50.73 -43.47
N GLU D 846 -16.74 -51.34 -43.89
CA GLU D 846 -16.49 -52.76 -43.61
C GLU D 846 -16.62 -53.08 -42.13
N LEU D 847 -16.07 -52.21 -41.28
CA LEU D 847 -16.02 -52.49 -39.85
C LEU D 847 -17.35 -52.16 -39.16
N LEU D 848 -17.99 -51.07 -39.55
CA LEU D 848 -18.99 -50.44 -38.71
C LEU D 848 -20.40 -50.45 -39.26
N VAL D 849 -20.60 -50.79 -40.53
CA VAL D 849 -21.91 -50.71 -41.17
C VAL D 849 -22.49 -52.11 -41.28
N ALA D 850 -23.79 -52.23 -41.00
CA ALA D 850 -24.48 -53.50 -41.12
C ALA D 850 -24.50 -53.97 -42.57
N GLU D 851 -24.60 -55.29 -42.75
CA GLU D 851 -24.56 -55.87 -44.09
C GLU D 851 -25.66 -55.31 -44.98
N GLU D 852 -26.83 -55.03 -44.40
CA GLU D 852 -27.95 -54.54 -45.20
C GLU D 852 -27.67 -53.15 -45.77
N LEU D 853 -26.82 -52.37 -45.10
CA LEU D 853 -26.54 -51.01 -45.55
C LEU D 853 -25.26 -50.91 -46.39
N LYS D 854 -24.45 -51.96 -46.43
CA LYS D 854 -23.20 -51.89 -47.19
C LYS D 854 -23.39 -51.60 -48.68
N PRO D 855 -24.40 -52.16 -49.37
CA PRO D 855 -24.62 -51.72 -50.76
C PRO D 855 -24.93 -50.24 -50.90
N PHE D 856 -25.64 -49.65 -49.94
CA PHE D 856 -25.85 -48.20 -49.97
C PHE D 856 -24.53 -47.45 -49.96
N GLY D 857 -23.62 -47.84 -49.05
CA GLY D 857 -22.31 -47.22 -49.02
C GLY D 857 -21.55 -47.40 -50.32
N LYS D 858 -21.70 -48.57 -50.96
CA LYS D 858 -21.08 -48.78 -52.25
C LYS D 858 -21.64 -47.84 -53.30
N GLN D 859 -22.94 -47.55 -53.23
CA GLN D 859 -23.55 -46.60 -54.17
C GLN D 859 -22.99 -45.20 -53.97
N LEU D 860 -22.75 -44.81 -52.71
CA LEU D 860 -22.21 -43.48 -52.46
C LEU D 860 -20.78 -43.37 -52.95
N ARG D 861 -19.99 -44.44 -52.79
CA ARG D 861 -18.62 -44.40 -53.28
C ARG D 861 -18.59 -44.39 -54.80
N ASP D 862 -19.57 -45.03 -55.45
CA ASP D 862 -19.72 -44.87 -56.90
C ASP D 862 -19.93 -43.41 -57.26
N LYS D 863 -20.85 -42.73 -56.56
CA LYS D 863 -21.07 -41.30 -56.79
C LYS D 863 -19.79 -40.51 -56.59
N TYR D 864 -18.95 -40.93 -55.62
CA TYR D 864 -17.70 -40.24 -55.36
C TYR D 864 -16.78 -40.28 -56.57
N VAL D 865 -16.45 -41.48 -57.05
CA VAL D 865 -15.47 -41.57 -58.12
C VAL D 865 -16.02 -41.02 -59.43
N GLU D 866 -17.34 -41.08 -59.63
CA GLU D 866 -17.88 -40.53 -60.87
C GLU D 866 -17.87 -39.01 -60.82
N THR D 867 -18.11 -38.43 -59.64
CA THR D 867 -17.96 -36.98 -59.51
C THR D 867 -16.51 -36.57 -59.74
N GLN D 868 -15.56 -37.32 -59.16
CA GLN D 868 -14.15 -36.98 -59.30
C GLN D 868 -13.69 -37.10 -60.75
N GLN D 869 -14.14 -38.15 -61.44
CA GLN D 869 -13.76 -38.31 -62.85
C GLN D 869 -14.32 -37.17 -63.70
N LEU D 870 -15.56 -36.77 -63.44
CA LEU D 870 -16.15 -35.68 -64.22
C LEU D 870 -15.46 -34.34 -63.93
N LEU D 871 -15.09 -34.10 -62.66
CA LEU D 871 -14.39 -32.88 -62.32
C LEU D 871 -13.06 -32.79 -63.05
N LEU D 872 -12.30 -33.88 -63.06
CA LEU D 872 -11.00 -33.88 -63.71
C LEU D 872 -11.13 -33.63 -65.20
N GLN D 873 -12.19 -34.16 -65.83
CA GLN D 873 -12.39 -33.93 -67.26
C GLN D 873 -12.63 -32.46 -67.56
N ILE D 874 -13.48 -31.81 -66.77
CA ILE D 874 -13.80 -30.40 -67.01
C ILE D 874 -12.59 -29.52 -66.74
N ALA D 875 -11.79 -29.89 -65.73
CA ALA D 875 -10.56 -29.15 -65.44
C ALA D 875 -9.43 -29.49 -66.39
N GLY D 876 -9.61 -30.46 -67.28
CA GLY D 876 -8.53 -30.84 -68.18
C GLY D 876 -7.34 -31.44 -67.47
N HIS D 877 -7.58 -32.23 -66.44
CA HIS D 877 -6.53 -32.81 -65.62
C HIS D 877 -6.56 -34.33 -65.71
N LYS D 878 -5.39 -34.93 -65.90
CA LYS D 878 -5.27 -36.38 -65.79
C LYS D 878 -5.29 -36.81 -64.33
N ASP D 879 -4.64 -36.04 -63.46
CA ASP D 879 -4.49 -36.38 -62.05
C ASP D 879 -5.03 -35.24 -61.18
N ILE D 880 -5.43 -35.61 -59.96
CA ILE D 880 -5.93 -34.63 -59.00
C ILE D 880 -4.84 -33.61 -58.69
N LEU D 881 -5.21 -32.33 -58.75
CA LEU D 881 -4.32 -31.23 -58.38
C LEU D 881 -3.09 -31.14 -59.27
N GLU D 882 -3.21 -31.64 -60.51
CA GLU D 882 -2.11 -31.49 -61.45
C GLU D 882 -1.89 -30.04 -61.83
N GLY D 883 -2.86 -29.17 -61.54
CA GLY D 883 -2.67 -27.74 -61.76
C GLY D 883 -1.84 -27.07 -60.69
N ASP D 884 -1.67 -27.71 -59.53
CA ASP D 884 -0.85 -27.16 -58.45
C ASP D 884 -0.04 -28.28 -57.82
N PRO D 885 1.11 -28.61 -58.41
CA PRO D 885 1.95 -29.69 -57.84
C PRO D 885 2.52 -29.37 -56.47
N PHE D 886 2.62 -28.09 -56.10
CA PHE D 886 3.10 -27.74 -54.77
C PHE D 886 2.06 -28.11 -53.70
N LEU D 887 0.79 -27.82 -53.96
CA LEU D 887 -0.27 -28.24 -53.03
C LEU D 887 -0.40 -29.76 -53.00
N LYS D 888 -0.35 -30.39 -54.17
CA LYS D 888 -0.44 -31.85 -54.25
C LYS D 888 0.62 -32.52 -53.41
N GLN D 889 1.88 -32.11 -53.57
CA GLN D 889 2.97 -32.68 -52.78
C GLN D 889 2.75 -32.44 -51.28
N GLY D 890 2.35 -31.22 -50.93
CA GLY D 890 2.15 -30.91 -49.52
C GLY D 890 1.07 -31.76 -48.87
N LEU D 891 -0.03 -32.00 -49.59
CA LEU D 891 -1.13 -32.77 -49.02
C LEU D 891 -0.78 -34.24 -48.89
N VAL D 892 -0.06 -34.80 -49.87
CA VAL D 892 0.16 -36.24 -49.86
C VAL D 892 1.16 -36.64 -48.77
N LEU D 893 2.13 -35.78 -48.46
CA LEU D 893 3.10 -36.09 -47.42
C LEU D 893 2.46 -36.14 -46.03
N ARG D 894 1.24 -35.63 -45.87
CA ARG D 894 0.52 -35.78 -44.61
C ARG D 894 -0.13 -37.16 -44.48
N ASN D 895 -0.46 -37.78 -45.62
CA ASN D 895 -1.34 -38.95 -45.59
C ASN D 895 -0.83 -40.14 -44.79
N PRO D 896 0.47 -40.47 -44.76
CA PRO D 896 0.90 -41.61 -43.92
C PRO D 896 0.46 -41.48 -42.47
N TYR D 897 0.53 -40.28 -41.90
CA TYR D 897 0.10 -40.09 -40.52
C TYR D 897 -1.42 -40.09 -40.40
N ILE D 898 -2.11 -39.42 -41.33
CA ILE D 898 -3.57 -39.40 -41.29
C ILE D 898 -4.13 -40.81 -41.45
N THR D 899 -3.66 -41.53 -42.46
CA THR D 899 -4.18 -42.88 -42.73
C THR D 899 -3.95 -43.81 -41.55
N THR D 900 -2.80 -43.70 -40.90
CA THR D 900 -2.55 -44.50 -39.69
C THR D 900 -3.63 -44.24 -38.66
N LEU D 901 -3.99 -42.98 -38.44
CA LEU D 901 -5.02 -42.66 -37.46
C LEU D 901 -6.41 -43.07 -37.93
N ASN D 902 -6.66 -43.04 -39.23
CA ASN D 902 -7.94 -43.51 -39.76
C ASN D 902 -8.16 -44.98 -39.40
N VAL D 903 -7.16 -45.82 -39.67
CA VAL D 903 -7.24 -47.23 -39.29
C VAL D 903 -7.44 -47.37 -37.79
N PHE D 904 -6.61 -46.67 -37.01
CA PHE D 904 -6.76 -46.67 -35.56
C PHE D 904 -8.16 -46.24 -35.14
N GLN D 905 -8.73 -45.25 -35.83
CA GLN D 905 -10.04 -44.75 -35.45
C GLN D 905 -11.13 -45.77 -35.73
N ALA D 906 -11.17 -46.29 -36.97
CA ALA D 906 -12.23 -47.24 -37.34
C ALA D 906 -12.29 -48.42 -36.39
N TYR D 907 -11.13 -48.99 -36.05
CA TYR D 907 -11.12 -50.15 -35.17
C TYR D 907 -11.40 -49.76 -33.72
N THR D 908 -11.08 -48.52 -33.33
CA THR D 908 -11.43 -48.07 -31.99
C THR D 908 -12.94 -47.90 -31.84
N LEU D 909 -13.61 -47.44 -32.90
CA LEU D 909 -15.07 -47.34 -32.88
C LEU D 909 -15.72 -48.72 -32.81
N LYS D 910 -15.15 -49.69 -33.55
CA LYS D 910 -15.67 -51.04 -33.49
C LYS D 910 -15.64 -51.59 -32.07
N ARG D 911 -14.55 -51.32 -31.34
CA ARG D 911 -14.45 -51.79 -29.97
C ARG D 911 -15.37 -51.01 -29.04
N ILE D 912 -15.50 -49.70 -29.27
CA ILE D 912 -16.36 -48.87 -28.43
C ILE D 912 -17.81 -49.30 -28.57
N ARG D 913 -18.22 -49.72 -29.77
CA ARG D 913 -19.63 -49.94 -30.07
C ARG D 913 -20.08 -51.39 -29.86
N ASP D 914 -19.19 -52.37 -29.92
CA ASP D 914 -19.61 -53.78 -29.85
C ASP D 914 -18.79 -54.52 -28.81
N PRO D 915 -19.43 -55.01 -27.75
CA PRO D 915 -18.71 -55.82 -26.74
C PRO D 915 -18.25 -57.18 -27.26
N ASN D 916 -18.80 -57.67 -28.38
CA ASN D 916 -18.46 -59.00 -28.88
C ASN D 916 -17.22 -59.03 -29.77
N PHE D 917 -16.87 -57.91 -30.41
CA PHE D 917 -15.63 -57.83 -31.16
C PHE D 917 -14.45 -58.00 -30.22
N LYS D 918 -13.66 -59.04 -30.42
CA LYS D 918 -12.61 -59.37 -29.47
C LYS D 918 -11.25 -59.35 -30.14
N VAL D 919 -10.24 -59.05 -29.32
CA VAL D 919 -8.88 -58.82 -29.79
C VAL D 919 -7.91 -59.57 -28.88
N THR D 920 -6.74 -59.90 -29.42
CA THR D 920 -5.68 -60.56 -28.67
C THR D 920 -4.85 -59.50 -27.95
N PRO D 921 -5.03 -59.33 -26.63
CA PRO D 921 -4.23 -58.31 -25.93
C PRO D 921 -2.75 -58.66 -25.91
N GLN D 922 -1.95 -57.87 -26.63
CA GLN D 922 -0.52 -58.04 -26.77
C GLN D 922 0.20 -57.49 -25.54
N PRO D 923 1.36 -58.06 -25.20
CA PRO D 923 2.12 -57.56 -24.04
C PRO D 923 2.65 -56.16 -24.27
N PRO D 924 2.98 -55.43 -23.20
CA PRO D 924 3.33 -54.01 -23.35
C PRO D 924 4.63 -53.80 -24.10
N LEU D 925 4.88 -52.53 -24.44
CA LEU D 925 6.06 -52.11 -25.20
C LEU D 925 6.64 -50.82 -24.62
N SER D 926 6.99 -50.85 -23.34
CA SER D 926 7.65 -49.71 -22.70
C SER D 926 8.54 -50.15 -21.55
N GLU D 946 -17.58 -43.95 -18.51
CA GLU D 946 -16.98 -43.57 -19.78
C GLU D 946 -17.19 -44.67 -20.83
N TYR D 947 -16.11 -44.97 -21.51
CA TYR D 947 -15.93 -46.14 -22.35
C TYR D 947 -14.85 -47.03 -21.73
N PRO D 948 -14.66 -48.24 -22.25
CA PRO D 948 -13.61 -49.13 -21.71
C PRO D 948 -12.23 -48.47 -21.68
N PRO D 949 -11.26 -49.06 -20.98
CA PRO D 949 -10.01 -48.34 -20.70
C PRO D 949 -9.24 -47.96 -21.96
N GLY D 950 -8.85 -46.69 -22.03
CA GLY D 950 -8.01 -46.18 -23.11
C GLY D 950 -8.73 -45.83 -24.39
N LEU D 951 -9.91 -46.40 -24.64
CA LEU D 951 -10.59 -46.20 -25.92
C LEU D 951 -11.00 -44.76 -26.12
N GLU D 952 -11.50 -44.10 -25.08
CA GLU D 952 -11.87 -42.69 -25.19
C GLU D 952 -10.68 -41.82 -25.57
N ASP D 953 -9.58 -41.95 -24.82
CA ASP D 953 -8.39 -41.16 -25.11
C ASP D 953 -7.87 -41.42 -26.51
N THR D 954 -7.83 -42.69 -26.91
CA THR D 954 -7.37 -43.01 -28.27
C THR D 954 -8.26 -42.36 -29.32
N LEU D 955 -9.59 -42.43 -29.13
CA LEU D 955 -10.50 -41.86 -30.13
C LEU D 955 -10.34 -40.35 -30.23
N ILE D 956 -10.23 -39.67 -29.08
CA ILE D 956 -10.00 -38.23 -29.09
C ILE D 956 -8.72 -37.90 -29.82
N LEU D 957 -7.68 -38.71 -29.62
CA LEU D 957 -6.40 -38.47 -30.29
C LEU D 957 -6.51 -38.64 -31.79
N THR D 958 -7.23 -39.68 -32.24
CA THR D 958 -7.41 -39.85 -33.69
C THR D 958 -8.22 -38.70 -34.29
N MET D 959 -9.25 -38.24 -33.58
CA MET D 959 -10.05 -37.13 -34.08
C MET D 959 -9.21 -35.87 -34.20
N LYS D 960 -8.41 -35.57 -33.18
CA LYS D 960 -7.51 -34.42 -33.24
C LYS D 960 -6.55 -34.53 -34.41
N GLY D 961 -5.93 -35.70 -34.57
CA GLY D 961 -4.90 -35.85 -35.59
C GLY D 961 -5.44 -35.78 -37.01
N ILE D 962 -6.55 -36.49 -37.28
CA ILE D 962 -7.16 -36.44 -38.60
C ILE D 962 -7.57 -35.01 -38.94
N ALA D 963 -8.17 -34.31 -37.97
CA ALA D 963 -8.57 -32.92 -38.20
C ALA D 963 -7.35 -32.04 -38.46
N ALA D 964 -6.26 -32.29 -37.75
CA ALA D 964 -5.04 -31.51 -37.96
C ALA D 964 -4.50 -31.71 -39.37
N GLY D 965 -4.59 -32.94 -39.89
CA GLY D 965 -4.10 -33.21 -41.23
C GLY D 965 -5.05 -32.79 -42.33
N MET D 966 -6.36 -32.81 -42.06
CA MET D 966 -7.34 -32.48 -43.07
C MET D 966 -7.59 -30.97 -43.20
N GLN D 967 -7.40 -30.22 -42.12
CA GLN D 967 -7.54 -28.75 -42.09
C GLN D 967 -8.90 -28.38 -42.69
N ASN D 968 -8.97 -27.45 -43.63
CA ASN D 968 -10.24 -27.01 -44.18
C ASN D 968 -10.67 -27.93 -45.32
N THR D 969 -11.94 -28.36 -45.29
CA THR D 969 -12.56 -29.02 -46.42
C THR D 969 -13.74 -28.19 -46.90
N GLY D 970 -14.92 -28.50 -46.38
CA GLY D 970 -16.12 -27.77 -46.75
C GLY D 970 -16.70 -26.94 -45.61
C1 MLT E . 2.16 2.06 55.48
O1 MLT E . 3.37 2.30 55.28
O2 MLT E . 1.53 2.73 56.33
C2 MLT E . 1.46 0.97 54.72
O3 MLT E . 1.37 1.33 53.35
C3 MLT E . 0.08 0.73 55.31
C4 MLT E . -0.68 -0.30 54.49
O4 MLT E . -0.24 -1.48 54.38
O5 MLT E . -1.75 0.00 53.92
S SO4 F . 15.98 -5.68 44.79
O1 SO4 F . 16.20 -6.94 45.49
O2 SO4 F . 16.86 -4.68 45.38
O3 SO4 F . 16.32 -5.87 43.38
O4 SO4 F . 14.59 -5.26 44.90
S SO4 G . 20.12 -9.02 47.27
O1 SO4 G . 20.51 -10.18 48.08
O2 SO4 G . 20.83 -9.04 46.00
O3 SO4 G . 18.68 -9.05 47.03
O4 SO4 G . 20.44 -7.80 47.99
C1 MLT H . -38.16 28.97 25.59
O1 MLT H . -37.20 28.91 26.39
O2 MLT H . -38.24 29.93 24.78
C2 MLT H . -39.21 27.91 25.60
O3 MLT H . -38.88 26.90 24.65
C3 MLT H . -40.59 28.45 25.30
C4 MLT H . -41.55 27.28 25.35
O4 MLT H . -41.96 26.85 26.45
O5 MLT H . -41.93 26.72 24.31
S SO4 I . -41.35 24.47 6.32
O1 SO4 I . -40.71 24.08 7.57
O2 SO4 I . -40.31 24.78 5.34
O3 SO4 I . -42.17 23.39 5.81
O4 SO4 I . -42.17 25.66 6.55
S SO4 J . -15.77 22.45 13.79
O1 SO4 J . -15.22 21.34 13.00
O2 SO4 J . -15.92 22.02 15.17
O3 SO4 J . -17.07 22.84 13.26
O4 SO4 J . -14.85 23.58 13.72
S SO4 K . -44.95 27.27 2.91
O1 SO4 K . -44.68 26.26 1.89
O2 SO4 K . -43.70 27.67 3.55
O3 SO4 K . -45.86 26.71 3.90
O4 SO4 K . -45.57 28.44 2.28
C1 MLT L . 45.51 -4.24 -31.59
O1 MLT L . 46.27 -4.36 -30.61
O2 MLT L . 45.60 -5.04 -32.55
C2 MLT L . 44.51 -3.13 -31.62
O3 MLT L . 43.37 -3.49 -30.86
C3 MLT L . 44.11 -2.80 -33.06
C4 MLT L . 43.17 -1.61 -33.05
O4 MLT L . 43.56 -0.51 -32.59
O5 MLT L . 42.01 -1.70 -33.50
S SO4 M . 20.62 5.08 -21.65
O1 SO4 M . 22.04 4.77 -21.50
O2 SO4 M . 19.81 3.95 -21.16
O3 SO4 M . 20.31 5.32 -23.05
O4 SO4 M . 20.29 6.27 -20.88
S SO4 N . 46.33 3.34 -14.02
O1 SO4 N . 47.32 2.70 -13.16
O2 SO4 N . 46.90 4.53 -14.62
O3 SO4 N . 45.94 2.41 -15.08
O4 SO4 N . 45.16 3.70 -13.22
S SO4 O . 50.58 5.86 -12.35
O1 SO4 O . 50.28 4.60 -11.66
O2 SO4 O . 51.88 5.75 -13.00
O3 SO4 O . 49.56 6.14 -13.35
O4 SO4 O . 50.61 6.95 -11.37
C1 MLT P . -6.28 -24.91 -49.06
O1 MLT P . -5.50 -24.87 -50.04
O2 MLT P . -7.37 -24.33 -49.12
C2 MLT P . -5.88 -25.67 -47.83
O3 MLT P . -5.65 -24.76 -46.78
C3 MLT P . -4.61 -26.48 -48.10
C4 MLT P . -4.21 -27.23 -46.85
O4 MLT P . -3.08 -27.04 -46.36
O5 MLT P . -4.98 -28.04 -46.30
S SO4 Q . -21.19 -21.89 -37.72
O1 SO4 Q . -19.91 -21.21 -37.80
O2 SO4 Q . -21.32 -22.50 -36.40
O3 SO4 Q . -22.30 -20.95 -37.86
O4 SO4 Q . -21.28 -22.83 -38.83
S SO4 R . -25.64 -24.22 -38.58
O1 SO4 R . -24.32 -24.74 -38.25
O2 SO4 R . -26.66 -25.11 -38.03
O3 SO4 R . -25.77 -24.17 -40.04
O4 SO4 R . -25.80 -22.88 -38.02
S SO4 S . 0.80 -21.04 -21.93
O1 SO4 S . 1.03 -22.47 -22.03
O2 SO4 S . 1.13 -20.57 -20.59
O3 SO4 S . 1.65 -20.35 -22.89
O4 SO4 S . -0.60 -20.75 -22.22
C1 GOL T . -3.93 -23.14 -59.68
O1 GOL T . -3.58 -21.80 -59.49
C2 GOL T . -5.46 -23.18 -59.82
O2 GOL T . -5.99 -21.95 -60.15
C3 GOL T . -5.73 -24.25 -60.91
O3 GOL T . -5.37 -25.48 -60.38
#